data_8XXF
#
_entry.id   8XXF
#
_cell.length_a   108.490
_cell.length_b   131.760
_cell.length_c   207.240
_cell.angle_alpha   90.00
_cell.angle_beta   90.00
_cell.angle_gamma   90.00
#
_symmetry.space_group_name_H-M   'P 21 21 21'
#
loop_
_entity.id
_entity.type
_entity.pdbx_description
1 polymer 'Citrate synthase'
2 non-polymer 'OXALOACETATE ION'
3 non-polymer 'ACETYL COENZYME *A'
4 non-polymer 'COENZYME A'
5 water water
#
_entity_poly.entity_id   1
_entity_poly.type   'polypeptide(L)'
_entity_poly.pdbx_seq_one_letter_code
;MKLKERLAELIPQWRAEVAEIRKKYGNRKTMDCTIGHAYGGMRGLKALVCDTSEVFPDEGVKFRGYTIPELREGPHKLPT
AEGGFEPLPEGLWYLLLTGELPTEEDVKEISAEFTKRMQNVPQYVFDVLRAMPVDTHPMTMFAAGILAMQRESVFAKRYE
EGMRREEHWEAMLEDSLNMLAALPVIAAYIYRRKYKGDTHIAPDPNLDWSANLAHMMGFDDFEVYELFRLYMFLHSDHEG
GNVSAHTNLLVNSAYSDIYRSFSAAMNGLAGPLHGLANQEVLRWIQMLYKKFGGVPTKEQLERFAWDTLNSGQVIPGYGH
AVLRVTDPRYVAQRDFALKHLPDDELFKIVSLCYEVIPEVLKKHGKAKNPWPNVDAHSGVLLWHYGIREYDFYTVLFGVS
RALGCTAQAILVRGYMLPIERPKSITTRWVKEVAESLPVAGSKLAAALE
;
_entity_poly.pdbx_strand_id   A,B,C,D,E,F
#
loop_
_chem_comp.id
_chem_comp.type
_chem_comp.name
_chem_comp.formula
ACO non-polymer 'ACETYL COENZYME *A' 'C23 H38 N7 O17 P3 S'
COA non-polymer 'COENZYME A' 'C21 H36 N7 O16 P3 S'
OAA non-polymer 'OXALOACETATE ION' 'C4 H3 O5 -1'
#
# COMPACT_ATOMS: atom_id res chain seq x y z
N MET A 1 -38.77 2.54 11.34
CA MET A 1 -38.19 2.59 12.71
C MET A 1 -39.03 3.56 13.54
N LYS A 2 -39.49 3.10 14.69
CA LYS A 2 -40.27 3.92 15.62
C LYS A 2 -39.57 5.24 15.88
N LEU A 3 -38.27 5.21 16.18
CA LEU A 3 -37.54 6.40 16.56
C LEU A 3 -37.77 7.52 15.54
N LYS A 4 -37.68 7.23 14.24
CA LYS A 4 -37.81 8.26 13.24
C LYS A 4 -39.23 8.79 13.19
N GLU A 5 -40.21 7.89 13.28
CA GLU A 5 -41.63 8.26 13.18
C GLU A 5 -41.97 9.29 14.25
N ARG A 6 -41.49 9.04 15.46
CA ARG A 6 -41.73 9.88 16.63
C ARG A 6 -41.02 11.22 16.46
N LEU A 7 -39.81 11.20 15.90
CA LEU A 7 -39.11 12.43 15.59
C LEU A 7 -39.85 13.22 14.50
N ALA A 8 -40.44 12.51 13.51
CA ALA A 8 -41.14 13.14 12.39
C ALA A 8 -42.38 13.91 12.88
N GLU A 9 -42.91 13.51 14.04
CA GLU A 9 -43.92 14.28 14.74
C GLU A 9 -43.29 15.35 15.63
N LEU A 10 -42.31 14.97 16.45
CA LEU A 10 -41.88 15.82 17.53
C LEU A 10 -41.12 17.04 17.01
N ILE A 11 -40.23 16.86 16.03
CA ILE A 11 -39.29 17.91 15.64
C ILE A 11 -39.99 19.15 15.07
N PRO A 12 -40.93 19.00 14.09
CA PRO A 12 -41.74 20.15 13.68
C PRO A 12 -42.40 20.93 14.82
N GLN A 13 -42.86 20.25 15.87
CA GLN A 13 -43.47 20.97 16.99
C GLN A 13 -42.42 21.76 17.76
N TRP A 14 -41.30 21.08 18.06
CA TRP A 14 -40.21 21.73 18.76
C TRP A 14 -39.72 22.94 17.98
N ARG A 15 -39.53 22.78 16.67
CA ARG A 15 -39.15 23.88 15.81
C ARG A 15 -40.08 25.08 16.03
N ALA A 16 -41.39 24.83 15.95
CA ALA A 16 -42.38 25.90 16.08
C ALA A 16 -42.37 26.51 17.48
N GLU A 17 -42.16 25.70 18.51
CA GLU A 17 -42.03 26.17 19.87
C GLU A 17 -40.79 27.06 20.01
N VAL A 18 -39.71 26.68 19.33
CA VAL A 18 -38.44 27.40 19.45
C VAL A 18 -38.57 28.77 18.77
N ALA A 19 -39.13 28.81 17.53
CA ALA A 19 -39.37 30.07 16.81
C ALA A 19 -40.21 31.05 17.64
N GLU A 20 -41.22 30.54 18.34
CA GLU A 20 -42.07 31.31 19.26
C GLU A 20 -41.24 31.81 20.44
N ILE A 21 -40.37 30.97 20.98
CA ILE A 21 -39.56 31.38 22.11
C ILE A 21 -38.57 32.46 21.66
N ARG A 22 -38.03 32.34 20.45
CA ARG A 22 -37.05 33.31 19.96
C ARG A 22 -37.68 34.68 19.68
N LYS A 23 -38.91 34.69 19.14
CA LYS A 23 -39.62 35.90 18.77
C LYS A 23 -40.21 36.62 19.99
N LYS A 24 -40.78 35.87 20.95
CA LYS A 24 -41.53 36.45 22.07
C LYS A 24 -40.67 36.78 23.28
N TYR A 25 -39.60 35.99 23.51
CA TYR A 25 -38.83 36.04 24.75
C TYR A 25 -37.33 36.17 24.49
N GLY A 26 -36.91 36.35 23.21
CA GLY A 26 -35.51 36.56 22.87
C GLY A 26 -34.85 37.68 23.70
N ASN A 27 -35.62 38.71 24.04
CA ASN A 27 -35.06 39.86 24.73
C ASN A 27 -35.12 39.66 26.25
N ARG A 28 -35.47 38.46 26.71
CA ARG A 28 -35.52 38.22 28.15
C ARG A 28 -34.09 38.02 28.68
N LYS A 29 -33.75 38.80 29.71
CA LYS A 29 -32.43 38.75 30.32
C LYS A 29 -32.33 37.56 31.27
N THR A 30 -31.22 36.82 31.21
CA THR A 30 -30.97 35.68 32.09
C THR A 30 -29.87 36.02 33.10
N MET A 31 -28.92 36.87 32.72
CA MET A 31 -27.83 37.21 33.60
C MET A 31 -27.01 38.31 32.94
N ASP A 32 -26.03 38.83 33.71
CA ASP A 32 -25.06 39.79 33.23
C ASP A 32 -23.90 39.03 32.60
N CYS A 33 -23.51 39.47 31.40
CA CYS A 33 -22.25 39.09 30.81
C CYS A 33 -21.21 40.10 31.33
N THR A 34 -20.07 39.58 31.82
CA THR A 34 -19.01 40.35 32.48
C THR A 34 -17.68 40.12 31.77
N ILE A 35 -16.66 40.86 32.21
CA ILE A 35 -15.33 40.77 31.63
C ILE A 35 -14.70 39.45 32.03
N GLY A 36 -15.04 39.00 33.27
CA GLY A 36 -14.66 37.70 33.80
C GLY A 36 -15.03 36.54 32.87
N HIS A 37 -16.29 36.50 32.39
CA HIS A 37 -16.73 35.51 31.43
C HIS A 37 -15.81 35.41 30.19
N ALA A 38 -15.32 36.54 29.64
CA ALA A 38 -14.47 36.53 28.45
C ALA A 38 -13.09 35.94 28.71
N TYR A 39 -12.49 36.32 29.86
CA TYR A 39 -11.17 35.85 30.30
C TYR A 39 -11.26 34.55 31.15
N GLY A 40 -12.48 34.08 31.48
CA GLY A 40 -12.64 32.93 32.35
C GLY A 40 -13.41 31.79 31.69
N GLY A 41 -13.21 31.64 30.37
CA GLY A 41 -13.74 30.52 29.61
C GLY A 41 -15.26 30.42 29.71
N MET A 42 -15.94 31.57 29.84
CA MET A 42 -17.40 31.63 29.84
C MET A 42 -18.04 30.92 31.04
N ARG A 43 -17.32 30.69 32.15
CA ARG A 43 -17.86 29.93 33.26
C ARG A 43 -19.16 30.55 33.73
N GLY A 44 -20.24 29.75 33.72
CA GLY A 44 -21.52 30.19 34.27
C GLY A 44 -22.38 30.96 33.26
N LEU A 45 -21.80 31.30 32.09
CA LEU A 45 -22.50 32.11 31.10
C LEU A 45 -23.50 31.24 30.35
N LYS A 46 -24.77 31.67 30.30
CA LYS A 46 -25.87 30.89 29.77
C LYS A 46 -25.99 31.12 28.27
N ALA A 47 -25.07 30.51 27.52
CA ALA A 47 -24.80 30.88 26.15
C ALA A 47 -25.26 29.82 25.16
N LEU A 48 -25.82 28.70 25.66
CA LEU A 48 -26.05 27.52 24.85
C LEU A 48 -27.37 26.88 25.19
N VAL A 49 -27.99 26.26 24.19
CA VAL A 49 -29.17 25.45 24.38
C VAL A 49 -28.79 23.97 24.24
N CYS A 50 -29.29 23.16 25.18
CA CYS A 50 -29.23 21.72 25.10
C CYS A 50 -30.46 21.12 25.79
N ASP A 51 -31.18 20.25 25.07
CA ASP A 51 -32.37 19.62 25.62
C ASP A 51 -32.16 18.15 25.95
N THR A 52 -30.97 17.58 25.64
CA THR A 52 -30.69 16.18 25.91
C THR A 52 -30.45 15.96 27.41
N SER A 53 -29.73 16.84 28.08
CA SER A 53 -29.52 16.66 29.50
C SER A 53 -29.25 18.00 30.20
N GLU A 54 -29.35 17.97 31.53
CA GLU A 54 -29.15 19.12 32.39
C GLU A 54 -28.32 18.70 33.61
N VAL A 55 -27.21 19.40 33.87
CA VAL A 55 -26.39 19.18 35.05
C VAL A 55 -26.80 20.17 36.13
N PHE A 56 -27.47 19.65 37.17
CA PHE A 56 -27.78 20.44 38.35
C PHE A 56 -26.57 20.34 39.28
N PRO A 57 -25.94 21.47 39.70
CA PRO A 57 -24.89 21.40 40.72
C PRO A 57 -25.13 20.58 42.00
N ASP A 58 -26.38 20.53 42.50
CA ASP A 58 -26.70 19.88 43.75
C ASP A 58 -27.27 18.47 43.58
N GLU A 59 -27.55 18.03 42.33
CA GLU A 59 -28.14 16.72 42.08
C GLU A 59 -27.36 15.86 41.08
N GLY A 60 -26.64 16.48 40.14
CA GLY A 60 -25.90 15.77 39.10
C GLY A 60 -26.61 15.90 37.75
N VAL A 61 -26.15 15.13 36.76
CA VAL A 61 -26.76 15.15 35.43
C VAL A 61 -28.11 14.42 35.45
N LYS A 62 -29.08 14.99 34.71
CA LYS A 62 -30.38 14.39 34.49
C LYS A 62 -30.63 14.32 32.99
N PHE A 63 -30.97 13.13 32.50
CA PHE A 63 -31.14 12.89 31.08
C PHE A 63 -32.62 13.01 30.71
N ARG A 64 -33.00 14.11 30.03
CA ARG A 64 -34.39 14.43 29.74
C ARG A 64 -35.21 14.34 31.03
N GLY A 65 -34.66 14.89 32.12
CA GLY A 65 -35.42 15.01 33.36
C GLY A 65 -35.31 13.78 34.28
N TYR A 66 -34.78 12.65 33.78
CA TYR A 66 -34.61 11.46 34.62
C TYR A 66 -33.23 11.40 35.28
N THR A 67 -33.21 10.93 36.53
CA THR A 67 -31.97 10.69 37.27
C THR A 67 -31.40 9.34 36.84
N ILE A 68 -30.08 9.16 37.04
CA ILE A 68 -29.39 7.92 36.73
C ILE A 68 -29.99 6.76 37.56
N PRO A 69 -30.20 6.90 38.89
CA PRO A 69 -30.94 5.87 39.64
C PRO A 69 -32.29 5.53 39.01
N GLU A 70 -33.02 6.54 38.58
CA GLU A 70 -34.33 6.29 37.98
C GLU A 70 -34.17 5.32 36.80
N LEU A 71 -33.16 5.56 35.95
CA LEU A 71 -33.08 4.86 34.68
C LEU A 71 -32.43 3.49 34.84
N ARG A 72 -31.55 3.36 35.84
CA ARG A 72 -30.74 2.17 36.02
C ARG A 72 -31.44 1.16 36.95
N GLU A 73 -32.07 1.66 38.02
CA GLU A 73 -32.64 0.83 39.08
C GLU A 73 -34.17 0.82 39.06
N GLY A 74 -34.79 1.78 38.36
CA GLY A 74 -36.20 2.13 38.51
C GLY A 74 -36.37 3.39 39.36
N PRO A 75 -37.56 4.02 39.42
CA PRO A 75 -38.78 3.47 38.85
C PRO A 75 -39.06 3.79 37.38
N HIS A 76 -38.05 4.22 36.61
CA HIS A 76 -38.23 4.37 35.18
C HIS A 76 -37.07 3.71 34.43
N LYS A 77 -36.97 2.38 34.58
CA LYS A 77 -35.81 1.64 34.16
C LYS A 77 -35.78 1.43 32.65
N LEU A 78 -34.63 1.74 32.04
CA LEU A 78 -34.44 1.51 30.62
C LEU A 78 -34.28 0.01 30.33
N PRO A 79 -34.67 -0.46 29.13
CA PRO A 79 -34.39 -1.83 28.68
C PRO A 79 -32.92 -2.21 28.80
N THR A 80 -32.71 -3.50 29.09
CA THR A 80 -31.40 -4.10 29.31
C THR A 80 -31.18 -5.20 28.28
N ALA A 81 -30.00 -5.84 28.32
CA ALA A 81 -29.83 -7.06 27.52
C ALA A 81 -30.59 -8.21 28.19
N GLU A 82 -30.90 -9.27 27.42
CA GLU A 82 -31.49 -10.47 27.95
C GLU A 82 -30.63 -11.05 29.10
N GLY A 83 -31.20 -11.11 30.31
CA GLY A 83 -30.51 -11.70 31.44
C GLY A 83 -29.70 -10.68 32.23
N GLY A 84 -29.80 -9.41 31.80
CA GLY A 84 -28.85 -8.36 32.18
C GLY A 84 -29.53 -7.30 33.03
N PHE A 85 -28.74 -6.49 33.73
CA PHE A 85 -29.31 -5.47 34.59
C PHE A 85 -28.97 -4.07 34.07
N GLU A 86 -27.79 -3.88 33.45
CA GLU A 86 -27.34 -2.53 33.14
C GLU A 86 -28.09 -1.98 31.92
N PRO A 87 -28.47 -0.69 31.94
CA PRO A 87 -29.24 -0.10 30.85
C PRO A 87 -28.45 -0.09 29.54
N LEU A 88 -29.12 -0.50 28.46
CA LEU A 88 -28.52 -0.43 27.15
C LEU A 88 -28.41 1.04 26.71
N PRO A 89 -27.23 1.46 26.20
CA PRO A 89 -27.10 2.80 25.59
C PRO A 89 -28.04 3.07 24.42
N GLU A 90 -28.36 2.03 23.62
CA GLU A 90 -29.32 2.21 22.53
C GLU A 90 -30.60 2.87 23.04
N GLY A 91 -31.12 2.42 24.20
CA GLY A 91 -32.34 2.96 24.80
C GLY A 91 -32.20 4.39 25.34
N LEU A 92 -31.11 4.68 26.05
CA LEU A 92 -30.80 6.04 26.43
C LEU A 92 -30.82 6.95 25.20
N TRP A 93 -30.30 6.45 24.07
CA TRP A 93 -30.22 7.25 22.87
C TRP A 93 -31.62 7.66 22.39
N TYR A 94 -32.59 6.74 22.51
CA TYR A 94 -33.97 7.04 22.17
C TYR A 94 -34.48 8.14 23.08
N LEU A 95 -34.19 8.03 24.37
CA LEU A 95 -34.67 8.99 25.36
C LEU A 95 -34.11 10.38 25.02
N LEU A 96 -32.79 10.48 24.80
CA LEU A 96 -32.15 11.74 24.41
C LEU A 96 -32.88 12.41 23.24
N LEU A 97 -33.21 11.64 22.21
CA LEU A 97 -33.81 12.22 21.03
C LEU A 97 -35.31 12.56 21.18
N THR A 98 -36.11 11.73 21.86
CA THR A 98 -37.56 11.89 21.89
C THR A 98 -38.09 12.49 23.20
N GLY A 99 -37.28 12.44 24.24
CA GLY A 99 -37.75 12.81 25.56
C GLY A 99 -38.65 11.74 26.13
N GLU A 100 -38.71 10.57 25.46
CA GLU A 100 -39.70 9.55 25.80
C GLU A 100 -38.97 8.24 26.10
N LEU A 101 -39.48 7.48 27.08
CA LEU A 101 -38.89 6.20 27.43
C LEU A 101 -39.22 5.18 26.35
N PRO A 102 -38.22 4.42 25.85
CA PRO A 102 -38.44 3.40 24.83
C PRO A 102 -38.97 2.09 25.39
N THR A 103 -39.65 1.33 24.52
CA THR A 103 -39.99 -0.05 24.80
C THR A 103 -38.79 -0.94 24.45
N GLU A 104 -38.85 -2.20 24.89
CA GLU A 104 -37.97 -3.24 24.39
C GLU A 104 -37.83 -3.16 22.88
N GLU A 105 -38.98 -3.11 22.16
CA GLU A 105 -39.00 -3.13 20.70
C GLU A 105 -38.31 -1.90 20.10
N ASP A 106 -38.49 -0.74 20.76
CA ASP A 106 -37.85 0.50 20.30
C ASP A 106 -36.34 0.34 20.34
N VAL A 107 -35.84 -0.34 21.40
CA VAL A 107 -34.41 -0.50 21.60
C VAL A 107 -33.86 -1.52 20.59
N LYS A 108 -34.54 -2.64 20.40
CA LYS A 108 -34.07 -3.64 19.46
C LYS A 108 -34.07 -3.08 18.03
N GLU A 109 -34.94 -2.10 17.71
CA GLU A 109 -34.91 -1.50 16.37
C GLU A 109 -33.59 -0.78 16.14
N ILE A 110 -33.08 -0.14 17.19
CA ILE A 110 -31.88 0.68 17.14
C ILE A 110 -30.68 -0.26 17.12
N SER A 111 -30.70 -1.27 17.98
CA SER A 111 -29.66 -2.29 17.99
C SER A 111 -29.53 -2.96 16.61
N ALA A 112 -30.67 -3.28 15.98
CA ALA A 112 -30.69 -3.87 14.65
C ALA A 112 -30.03 -2.96 13.62
N GLU A 113 -30.29 -1.65 13.76
CA GLU A 113 -29.86 -0.67 12.79
C GLU A 113 -28.35 -0.50 12.89
N PHE A 114 -27.82 -0.44 14.13
CA PHE A 114 -26.40 -0.36 14.40
C PHE A 114 -25.69 -1.60 13.88
N THR A 115 -26.26 -2.78 14.13
CA THR A 115 -25.65 -4.05 13.78
C THR A 115 -25.56 -4.19 12.26
N LYS A 116 -26.62 -3.84 11.53
CA LYS A 116 -26.61 -3.86 10.07
C LYS A 116 -25.60 -2.85 9.50
N ARG A 117 -25.44 -1.69 10.15
CA ARG A 117 -24.59 -0.64 9.60
C ARG A 117 -23.12 -0.74 10.04
N MET A 118 -22.78 -1.60 11.01
CA MET A 118 -21.37 -1.73 11.35
C MET A 118 -20.65 -2.52 10.26
N GLN A 119 -21.42 -3.11 9.34
CA GLN A 119 -20.85 -3.88 8.24
C GLN A 119 -20.49 -2.93 7.10
N ASN A 120 -20.76 -1.62 7.30
CA ASN A 120 -20.66 -0.62 6.25
C ASN A 120 -19.53 0.39 6.50
N VAL A 121 -18.50 0.03 7.29
CA VAL A 121 -17.35 0.91 7.41
C VAL A 121 -16.52 0.82 6.14
N PRO A 122 -16.34 1.91 5.39
CA PRO A 122 -15.62 1.82 4.12
C PRO A 122 -14.22 1.20 4.29
N GLN A 123 -13.75 0.46 3.28
CA GLN A 123 -12.41 -0.11 3.28
C GLN A 123 -11.36 1.00 3.45
N TYR A 124 -11.56 2.18 2.84
CA TYR A 124 -10.52 3.19 2.83
C TYR A 124 -10.24 3.73 4.24
N VAL A 125 -11.24 3.70 5.12
CA VAL A 125 -11.07 4.10 6.51
C VAL A 125 -9.99 3.24 7.17
N PHE A 126 -10.06 1.93 6.93
CA PHE A 126 -9.06 1.02 7.43
C PHE A 126 -7.71 1.37 6.80
N ASP A 127 -7.71 1.71 5.51
CA ASP A 127 -6.48 2.12 4.84
C ASP A 127 -5.89 3.33 5.55
N VAL A 128 -6.73 4.32 5.87
CA VAL A 128 -6.30 5.50 6.61
C VAL A 128 -5.75 5.06 7.98
N LEU A 129 -6.52 4.29 8.75
CA LEU A 129 -6.03 3.88 10.07
C LEU A 129 -4.66 3.24 9.96
N ARG A 130 -4.40 2.44 8.92
CA ARG A 130 -3.14 1.72 8.84
C ARG A 130 -2.01 2.61 8.31
N ALA A 131 -2.33 3.68 7.59
CA ALA A 131 -1.27 4.55 7.08
C ALA A 131 -0.63 5.31 8.23
N MET A 132 -1.32 5.41 9.36
CA MET A 132 -0.81 6.10 10.52
C MET A 132 0.16 5.19 11.25
N PRO A 133 1.32 5.68 11.74
CA PRO A 133 2.27 4.82 12.43
C PRO A 133 1.55 4.27 13.65
N VAL A 134 1.84 3.03 14.06
CA VAL A 134 1.06 2.37 15.10
C VAL A 134 1.30 3.01 16.47
N ASP A 135 2.40 3.77 16.64
CA ASP A 135 2.67 4.49 17.88
C ASP A 135 1.93 5.84 17.98
N THR A 136 1.09 6.18 16.98
CA THR A 136 0.20 7.34 17.04
C THR A 136 -0.79 7.19 18.20
N HIS A 137 -1.08 8.30 18.90
CA HIS A 137 -2.00 8.27 20.03
C HIS A 137 -3.36 7.76 19.53
N PRO A 138 -4.11 6.99 20.35
CA PRO A 138 -5.36 6.43 19.87
C PRO A 138 -6.48 7.40 19.52
N MET A 139 -6.58 8.50 20.26
CA MET A 139 -7.54 9.56 19.97
C MET A 139 -7.22 10.30 18.65
N THR A 140 -5.95 10.38 18.25
CA THR A 140 -5.62 10.91 16.93
C THR A 140 -6.10 9.93 15.85
N MET A 141 -5.80 8.63 16.03
CA MET A 141 -6.26 7.59 15.12
C MET A 141 -7.79 7.60 15.05
N PHE A 142 -8.44 7.57 16.21
CA PHE A 142 -9.89 7.55 16.23
C PHE A 142 -10.50 8.73 15.45
N ALA A 143 -10.14 9.95 15.83
CA ALA A 143 -10.66 11.15 15.20
C ALA A 143 -10.37 11.13 13.69
N ALA A 144 -9.18 10.67 13.27
CA ALA A 144 -8.80 10.67 11.86
C ALA A 144 -9.65 9.68 11.07
N GLY A 145 -9.97 8.55 11.70
CA GLY A 145 -10.78 7.54 11.04
C GLY A 145 -12.20 8.02 10.80
N ILE A 146 -12.77 8.64 11.83
CA ILE A 146 -14.09 9.23 11.73
C ILE A 146 -14.12 10.28 10.62
N LEU A 147 -13.10 11.15 10.64
CA LEU A 147 -13.01 12.25 9.69
C LEU A 147 -12.96 11.70 8.26
N ALA A 148 -12.23 10.60 8.00
CA ALA A 148 -12.09 10.13 6.63
C ALA A 148 -13.43 9.68 6.08
N MET A 149 -14.30 9.18 6.96
CA MET A 149 -15.62 8.67 6.58
C MET A 149 -16.59 9.80 6.19
N GLN A 150 -16.22 11.06 6.42
CA GLN A 150 -16.97 12.20 5.93
C GLN A 150 -17.42 12.01 4.48
N ARG A 151 -16.66 11.25 3.69
CA ARG A 151 -16.96 11.13 2.27
C ARG A 151 -18.35 10.56 2.10
N GLU A 152 -18.83 9.77 3.07
CA GLU A 152 -20.12 9.11 2.99
C GLU A 152 -21.20 9.95 3.66
N SER A 153 -20.97 11.26 3.85
CA SER A 153 -21.94 12.06 4.58
C SER A 153 -23.15 12.33 3.70
N VAL A 154 -24.30 11.87 4.18
CA VAL A 154 -25.57 12.09 3.52
C VAL A 154 -25.91 13.57 3.61
N PHE A 155 -25.68 14.13 4.80
CA PHE A 155 -25.98 15.54 5.04
C PHE A 155 -25.17 16.39 4.07
N ALA A 156 -23.87 16.10 3.89
CA ALA A 156 -23.08 16.98 3.04
C ALA A 156 -23.57 16.87 1.61
N LYS A 157 -23.81 15.65 1.14
CA LYS A 157 -24.25 15.43 -0.23
C LYS A 157 -25.62 16.08 -0.45
N ARG A 158 -26.61 15.80 0.42
CA ARG A 158 -27.96 16.33 0.24
C ARG A 158 -27.90 17.86 0.25
N TYR A 159 -27.13 18.45 1.15
CA TYR A 159 -26.98 19.90 1.19
C TYR A 159 -26.45 20.44 -0.13
N GLU A 160 -25.43 19.79 -0.67
CA GLU A 160 -24.78 20.25 -1.90
C GLU A 160 -25.77 20.17 -3.07
N GLU A 161 -26.58 19.11 -3.14
CA GLU A 161 -27.60 18.97 -4.18
C GLU A 161 -28.63 20.10 -4.07
N GLY A 162 -28.99 20.43 -2.82
CA GLY A 162 -30.00 21.39 -2.48
C GLY A 162 -31.12 20.68 -1.76
N MET A 163 -31.33 20.98 -0.48
CA MET A 163 -32.38 20.32 0.27
C MET A 163 -33.03 21.37 1.17
N ARG A 164 -34.31 21.18 1.49
CA ARG A 164 -35.02 22.10 2.36
C ARG A 164 -34.48 21.97 3.77
N ARG A 165 -34.57 23.04 4.56
CA ARG A 165 -34.02 23.04 5.92
C ARG A 165 -34.75 22.01 6.79
N GLU A 166 -36.00 21.67 6.41
CA GLU A 166 -36.84 20.71 7.10
C GLU A 166 -36.32 19.26 6.96
N GLU A 167 -35.41 19.04 6.01
CA GLU A 167 -34.83 17.73 5.80
C GLU A 167 -33.54 17.55 6.59
N HIS A 168 -33.06 18.62 7.24
CA HIS A 168 -31.75 18.62 7.89
C HIS A 168 -31.68 17.52 8.93
N TRP A 169 -32.66 17.47 9.84
CA TRP A 169 -32.60 16.50 10.93
C TRP A 169 -32.57 15.08 10.35
N GLU A 170 -33.19 14.88 9.18
CA GLU A 170 -33.32 13.54 8.60
C GLU A 170 -31.96 13.01 8.15
N ALA A 171 -31.21 13.84 7.44
CA ALA A 171 -29.86 13.48 7.01
C ALA A 171 -28.93 13.43 8.22
N MET A 172 -29.18 14.24 9.25
CA MET A 172 -28.39 14.19 10.45
C MET A 172 -28.54 12.83 11.12
N LEU A 173 -29.77 12.35 11.17
CA LEU A 173 -30.09 11.07 11.81
C LEU A 173 -29.46 9.92 11.03
N GLU A 174 -29.61 9.92 9.70
CA GLU A 174 -29.04 8.89 8.86
C GLU A 174 -27.52 8.84 9.05
N ASP A 175 -26.84 9.98 8.93
CA ASP A 175 -25.42 10.06 9.19
C ASP A 175 -25.12 9.52 10.59
N SER A 176 -25.93 9.86 11.60
CA SER A 176 -25.63 9.48 12.97
C SER A 176 -25.78 7.97 13.13
N LEU A 177 -26.76 7.38 12.46
CA LEU A 177 -26.92 5.94 12.53
C LEU A 177 -25.66 5.25 12.00
N ASN A 178 -25.18 5.70 10.84
CA ASN A 178 -24.00 5.12 10.25
C ASN A 178 -22.76 5.33 11.14
N MET A 179 -22.60 6.55 11.66
CA MET A 179 -21.36 6.89 12.35
C MET A 179 -21.30 6.14 13.68
N LEU A 180 -22.41 6.11 14.42
CA LEU A 180 -22.43 5.35 15.65
C LEU A 180 -22.11 3.88 15.37
N ALA A 181 -22.61 3.33 14.26
CA ALA A 181 -22.39 1.93 13.97
C ALA A 181 -20.90 1.68 13.75
N ALA A 182 -20.24 2.66 13.10
CA ALA A 182 -18.83 2.56 12.76
C ALA A 182 -17.92 2.71 13.98
N LEU A 183 -18.35 3.40 15.04
CA LEU A 183 -17.39 3.82 16.06
C LEU A 183 -16.76 2.61 16.78
N PRO A 184 -17.53 1.62 17.27
CA PRO A 184 -16.92 0.48 17.93
C PRO A 184 -15.96 -0.25 16.99
N VAL A 185 -16.31 -0.31 15.71
CA VAL A 185 -15.47 -1.03 14.77
C VAL A 185 -14.10 -0.32 14.64
N ILE A 186 -14.12 1.03 14.67
CA ILE A 186 -12.95 1.87 14.47
C ILE A 186 -12.10 1.84 15.74
N ALA A 187 -12.80 1.88 16.88
CA ALA A 187 -12.17 1.80 18.19
C ALA A 187 -11.52 0.45 18.38
N ALA A 188 -12.25 -0.63 18.05
CA ALA A 188 -11.72 -1.99 18.16
C ALA A 188 -10.49 -2.13 17.29
N TYR A 189 -10.55 -1.57 16.09
CA TYR A 189 -9.48 -1.78 15.13
C TYR A 189 -8.20 -1.20 15.74
N ILE A 190 -8.36 -0.01 16.32
CA ILE A 190 -7.25 0.73 16.90
C ILE A 190 -6.65 -0.06 18.07
N TYR A 191 -7.52 -0.61 18.91
CA TYR A 191 -7.10 -1.41 20.06
C TYR A 191 -6.37 -2.68 19.64
N ARG A 192 -6.99 -3.44 18.73
CA ARG A 192 -6.42 -4.70 18.30
C ARG A 192 -5.04 -4.42 17.73
N ARG A 193 -4.94 -3.40 16.86
CA ARG A 193 -3.69 -3.13 16.15
C ARG A 193 -2.56 -2.72 17.10
N LYS A 194 -2.85 -1.74 17.93
CA LYS A 194 -1.84 -1.18 18.84
C LYS A 194 -1.43 -2.17 19.92
N TYR A 195 -2.41 -2.84 20.54
CA TYR A 195 -2.19 -3.50 21.82
C TYR A 195 -2.42 -5.01 21.77
N LYS A 196 -3.05 -5.58 20.72
CA LYS A 196 -3.34 -7.02 20.72
C LYS A 196 -2.75 -7.78 19.54
N GLY A 197 -1.60 -7.38 19.01
CA GLY A 197 -0.90 -8.19 18.03
C GLY A 197 -1.48 -8.09 16.61
N ASP A 198 -2.23 -7.01 16.32
CA ASP A 198 -2.73 -6.72 14.98
C ASP A 198 -3.54 -7.91 14.44
N THR A 199 -4.36 -8.53 15.32
CA THR A 199 -5.34 -9.52 14.88
C THR A 199 -6.74 -8.97 15.15
N HIS A 200 -7.65 -9.25 14.21
CA HIS A 200 -8.92 -8.56 14.10
C HIS A 200 -10.12 -9.50 14.29
N ILE A 201 -11.10 -9.04 15.07
CA ILE A 201 -12.31 -9.79 15.39
C ILE A 201 -13.49 -9.06 14.74
N ALA A 202 -14.31 -9.82 14.01
CA ALA A 202 -15.47 -9.31 13.31
C ALA A 202 -16.59 -8.97 14.29
N PRO A 203 -17.48 -8.01 13.90
CA PRO A 203 -18.71 -7.76 14.62
C PRO A 203 -19.45 -9.07 14.78
N ASP A 204 -20.04 -9.26 15.96
CA ASP A 204 -21.04 -10.29 16.17
C ASP A 204 -22.40 -9.70 15.78
N PRO A 205 -23.10 -10.25 14.77
CA PRO A 205 -24.45 -9.77 14.43
C PRO A 205 -25.55 -9.89 15.49
N ASN A 206 -25.30 -10.61 16.60
CA ASN A 206 -26.35 -10.87 17.58
C ASN A 206 -26.11 -10.15 18.89
N LEU A 207 -25.03 -9.36 18.99
CA LEU A 207 -24.71 -8.63 20.20
C LEU A 207 -25.20 -7.20 20.04
N ASP A 208 -25.57 -6.61 21.16
CA ASP A 208 -25.89 -5.20 21.21
C ASP A 208 -24.59 -4.40 21.10
N TRP A 209 -24.73 -3.07 20.99
CA TRP A 209 -23.71 -2.15 20.50
C TRP A 209 -22.49 -2.11 21.42
N SER A 210 -22.72 -2.00 22.74
CA SER A 210 -21.68 -1.96 23.75
C SER A 210 -20.92 -3.29 23.81
N ALA A 211 -21.67 -4.39 23.83
CA ALA A 211 -21.11 -5.72 23.94
C ALA A 211 -20.20 -6.00 22.75
N ASN A 212 -20.66 -5.64 21.55
CA ASN A 212 -19.87 -5.81 20.33
C ASN A 212 -18.53 -5.09 20.48
N LEU A 213 -18.54 -3.94 21.17
CA LEU A 213 -17.31 -3.19 21.37
C LEU A 213 -16.35 -4.10 22.14
N ALA A 214 -16.84 -4.63 23.28
CA ALA A 214 -16.04 -5.51 24.10
C ALA A 214 -15.54 -6.67 23.24
N HIS A 215 -16.45 -7.31 22.48
CA HIS A 215 -16.16 -8.52 21.72
C HIS A 215 -15.07 -8.25 20.70
N MET A 216 -15.14 -7.15 19.96
CA MET A 216 -14.16 -6.88 18.91
C MET A 216 -12.80 -6.50 19.50
N MET A 217 -12.79 -6.08 20.79
CA MET A 217 -11.56 -5.78 21.53
C MET A 217 -10.96 -7.06 22.12
N GLY A 218 -11.79 -8.09 22.28
CA GLY A 218 -11.34 -9.43 22.63
C GLY A 218 -11.85 -9.87 24.01
N PHE A 219 -12.94 -9.29 24.50
CA PHE A 219 -13.46 -9.58 25.84
C PHE A 219 -14.93 -9.99 25.75
N ASP A 220 -15.28 -11.18 26.28
CA ASP A 220 -16.60 -11.74 26.10
C ASP A 220 -17.29 -12.17 27.41
N ASP A 221 -16.68 -11.94 28.57
CA ASP A 221 -17.40 -12.23 29.81
C ASP A 221 -18.63 -11.36 29.86
N PHE A 222 -19.74 -11.91 30.33
CA PHE A 222 -20.96 -11.14 30.57
C PHE A 222 -20.70 -9.89 31.43
N GLU A 223 -19.86 -10.04 32.46
CA GLU A 223 -19.63 -8.95 33.39
C GLU A 223 -19.05 -7.75 32.63
N VAL A 224 -18.27 -8.06 31.57
CA VAL A 224 -17.63 -7.04 30.75
C VAL A 224 -18.69 -6.40 29.86
N TYR A 225 -19.49 -7.23 29.19
CA TYR A 225 -20.64 -6.75 28.42
C TYR A 225 -21.44 -5.79 29.30
N GLU A 226 -21.63 -6.17 30.57
CA GLU A 226 -22.41 -5.33 31.47
C GLU A 226 -21.67 -4.05 31.82
N LEU A 227 -20.37 -4.14 32.11
CA LEU A 227 -19.62 -2.93 32.41
C LEU A 227 -19.69 -1.96 31.22
N PHE A 228 -19.48 -2.48 29.99
CA PHE A 228 -19.50 -1.66 28.80
C PHE A 228 -20.85 -0.98 28.62
N ARG A 229 -21.94 -1.70 28.92
CA ARG A 229 -23.26 -1.10 28.77
C ARG A 229 -23.43 0.08 29.72
N LEU A 230 -23.10 -0.11 30.98
CA LEU A 230 -23.09 0.97 31.96
C LEU A 230 -22.12 2.08 31.55
N TYR A 231 -20.91 1.72 31.14
CA TYR A 231 -19.94 2.74 30.84
C TYR A 231 -20.48 3.67 29.74
N MET A 232 -21.07 3.08 28.69
CA MET A 232 -21.60 3.81 27.54
C MET A 232 -22.81 4.67 27.96
N PHE A 233 -23.60 4.13 28.88
CA PHE A 233 -24.74 4.88 29.35
C PHE A 233 -24.24 6.14 30.05
N LEU A 234 -23.25 5.96 30.94
CA LEU A 234 -22.87 6.96 31.94
C LEU A 234 -22.13 8.15 31.33
N HIS A 235 -21.37 7.91 30.26
CA HIS A 235 -20.49 8.91 29.66
C HIS A 235 -21.15 9.53 28.43
N SER A 236 -22.44 9.20 28.23
CA SER A 236 -23.15 9.50 26.99
C SER A 236 -23.27 11.01 26.78
N ASP A 237 -23.54 11.76 27.87
CA ASP A 237 -23.95 13.13 27.71
C ASP A 237 -23.81 13.87 29.04
N HIS A 238 -23.40 15.13 28.96
CA HIS A 238 -23.31 15.97 30.15
C HIS A 238 -23.53 17.43 29.76
N GLU A 239 -24.76 17.75 29.29
CA GLU A 239 -25.13 19.09 28.83
C GLU A 239 -24.45 19.43 27.50
N GLY A 240 -24.71 20.67 27.05
CA GLY A 240 -24.14 21.23 25.83
C GLY A 240 -22.81 21.98 26.01
N GLY A 241 -22.35 22.21 27.25
CA GLY A 241 -21.30 23.20 27.50
C GLY A 241 -19.88 22.65 27.62
N ASN A 242 -19.74 21.33 27.83
CA ASN A 242 -18.42 20.71 27.94
C ASN A 242 -17.70 20.84 26.59
N VAL A 243 -16.37 20.75 26.60
CA VAL A 243 -15.57 21.04 25.41
C VAL A 243 -16.00 20.15 24.24
N SER A 244 -16.21 18.86 24.48
CA SER A 244 -16.47 17.94 23.37
C SER A 244 -17.85 18.23 22.81
N ALA A 245 -18.87 18.30 23.69
CA ALA A 245 -20.25 18.60 23.28
C ALA A 245 -20.34 19.96 22.56
N HIS A 246 -19.64 20.96 23.09
CA HIS A 246 -19.69 22.32 22.59
C HIS A 246 -18.98 22.40 21.24
N THR A 247 -17.81 21.77 21.10
CA THR A 247 -17.09 21.74 19.83
C THR A 247 -18.00 21.11 18.77
N ASN A 248 -18.74 20.07 19.17
CA ASN A 248 -19.70 19.42 18.28
C ASN A 248 -20.75 20.43 17.82
N LEU A 249 -21.25 21.23 18.76
CA LEU A 249 -22.35 22.15 18.44
C LEU A 249 -21.85 23.26 17.54
N LEU A 250 -20.63 23.73 17.84
CA LEU A 250 -20.01 24.84 17.15
C LEU A 250 -19.76 24.46 15.69
N VAL A 251 -19.16 23.29 15.44
CA VAL A 251 -18.85 22.97 14.07
C VAL A 251 -20.16 22.62 13.37
N ASN A 252 -21.08 22.04 14.13
CA ASN A 252 -22.38 21.71 13.55
C ASN A 252 -23.07 22.98 13.05
N SER A 253 -23.00 24.06 13.83
CA SER A 253 -23.68 25.33 13.51
C SER A 253 -23.32 25.92 12.14
N ALA A 254 -22.15 25.57 11.58
CA ALA A 254 -21.73 26.04 10.27
C ALA A 254 -22.27 25.15 9.17
N TYR A 255 -23.10 24.18 9.55
CA TYR A 255 -23.62 23.15 8.67
C TYR A 255 -22.52 22.16 8.28
N SER A 256 -21.50 21.97 9.12
CA SER A 256 -20.60 20.86 8.90
C SER A 256 -21.26 19.59 9.44
N ASP A 257 -21.08 18.48 8.71
CA ASP A 257 -21.73 17.20 8.99
C ASP A 257 -21.16 16.54 10.24
N ILE A 258 -21.76 15.46 10.69
CA ILE A 258 -21.41 14.86 11.97
C ILE A 258 -20.00 14.28 11.98
N TYR A 259 -19.48 13.83 10.82
CA TYR A 259 -18.13 13.30 10.78
C TYR A 259 -17.12 14.40 11.15
N ARG A 260 -17.41 15.62 10.69
CA ARG A 260 -16.53 16.75 10.87
C ARG A 260 -16.73 17.32 12.28
N SER A 261 -17.98 17.33 12.74
CA SER A 261 -18.33 17.95 14.01
C SER A 261 -17.91 17.07 15.17
N PHE A 262 -17.98 15.75 14.96
CA PHE A 262 -17.65 14.83 16.03
C PHE A 262 -16.14 14.55 16.09
N SER A 263 -15.48 14.39 14.93
CA SER A 263 -14.05 14.24 14.94
C SER A 263 -13.45 15.47 15.61
N ALA A 264 -14.01 16.67 15.28
CA ALA A 264 -13.54 17.90 15.90
C ALA A 264 -13.73 17.81 17.40
N ALA A 265 -14.89 17.31 17.79
CA ALA A 265 -15.19 17.10 19.21
C ALA A 265 -14.18 16.14 19.84
N MET A 266 -13.78 15.10 19.11
CA MET A 266 -12.86 14.11 19.66
C MET A 266 -11.48 14.74 19.87
N ASN A 267 -11.13 15.69 18.98
CA ASN A 267 -9.92 16.45 19.14
C ASN A 267 -9.89 17.21 20.46
N GLY A 268 -11.04 17.75 20.88
CA GLY A 268 -11.14 18.44 22.16
C GLY A 268 -11.16 17.46 23.32
N LEU A 269 -11.92 16.37 23.18
CA LEU A 269 -12.00 15.33 24.20
C LEU A 269 -10.59 14.82 24.49
N ALA A 270 -9.72 14.83 23.46
CA ALA A 270 -8.36 14.32 23.60
C ALA A 270 -7.52 15.18 24.54
N GLY A 271 -8.00 16.38 24.88
CA GLY A 271 -7.23 17.33 25.64
C GLY A 271 -7.10 16.92 27.10
N PRO A 272 -5.89 17.09 27.68
CA PRO A 272 -5.65 16.71 29.09
C PRO A 272 -6.69 17.11 30.13
N LEU A 273 -7.35 18.25 29.94
CA LEU A 273 -8.27 18.76 30.96
C LEU A 273 -9.68 18.29 30.63
N HIS A 274 -9.88 17.59 29.52
CA HIS A 274 -11.23 17.17 29.17
C HIS A 274 -11.39 15.67 29.29
N GLY A 275 -10.43 14.85 28.84
CA GLY A 275 -10.71 13.43 28.69
C GLY A 275 -9.58 12.50 29.15
N LEU A 276 -8.73 12.96 30.07
CA LEU A 276 -7.56 12.20 30.48
C LEU A 276 -7.63 11.82 31.96
N ALA A 277 -8.62 12.33 32.69
CA ALA A 277 -8.56 12.26 34.14
C ALA A 277 -8.88 10.86 34.67
N ASN A 278 -9.55 10.02 33.86
CA ASN A 278 -9.80 8.61 34.16
C ASN A 278 -8.49 7.91 34.52
N GLN A 279 -7.51 8.06 33.62
CA GLN A 279 -6.22 7.42 33.69
C GLN A 279 -5.44 7.92 34.90
N GLU A 280 -5.55 9.24 35.07
CA GLU A 280 -4.77 9.94 36.06
C GLU A 280 -5.20 9.46 37.45
N VAL A 281 -6.50 9.24 37.66
CA VAL A 281 -6.97 8.68 38.92
C VAL A 281 -6.42 7.27 39.10
N LEU A 282 -6.49 6.45 38.04
CA LEU A 282 -5.99 5.09 38.14
C LEU A 282 -4.50 5.10 38.51
N ARG A 283 -3.66 5.92 37.83
CA ARG A 283 -2.22 5.91 38.02
C ARG A 283 -1.84 6.22 39.47
N TRP A 284 -2.62 7.16 40.04
CA TRP A 284 -2.57 7.68 41.40
C TRP A 284 -2.93 6.59 42.43
N ILE A 285 -4.00 5.81 42.15
CA ILE A 285 -4.45 4.75 43.05
C ILE A 285 -3.43 3.60 43.02
N GLN A 286 -2.72 3.42 41.90
CA GLN A 286 -1.74 2.34 41.79
C GLN A 286 -0.42 2.76 42.43
N MET A 287 -0.12 4.06 42.43
CA MET A 287 1.07 4.62 43.05
C MET A 287 0.95 4.52 44.58
N LEU A 288 -0.30 4.54 45.10
CA LEU A 288 -0.61 4.39 46.53
C LEU A 288 -0.53 2.93 47.02
N TYR A 289 -0.81 1.98 46.13
CA TYR A 289 -0.81 0.56 46.44
C TYR A 289 0.64 0.07 46.51
N LYS A 290 1.49 0.62 45.63
CA LYS A 290 2.89 0.28 45.52
C LYS A 290 3.69 0.85 46.69
N LYS A 291 3.21 2.00 47.20
CA LYS A 291 3.91 2.75 48.22
C LYS A 291 3.64 2.12 49.58
N PHE A 292 2.44 1.57 49.77
CA PHE A 292 1.96 1.14 51.07
C PHE A 292 1.93 -0.40 51.19
N GLY A 293 2.46 -1.10 50.19
CA GLY A 293 2.56 -2.57 50.20
C GLY A 293 1.20 -3.25 50.35
N GLY A 294 0.14 -2.61 49.85
CA GLY A 294 -1.21 -3.13 49.99
C GLY A 294 -2.23 -1.98 50.06
N VAL A 295 -3.37 -2.25 50.70
CA VAL A 295 -4.41 -1.27 50.94
C VAL A 295 -4.03 -0.42 52.16
N PRO A 296 -3.83 0.91 52.02
CA PRO A 296 -3.46 1.74 53.17
C PRO A 296 -4.59 1.74 54.21
N THR A 297 -4.26 2.22 55.42
CA THR A 297 -5.21 2.31 56.51
C THR A 297 -5.70 3.75 56.61
N LYS A 298 -6.88 3.94 57.22
CA LYS A 298 -7.55 5.23 57.30
C LYS A 298 -6.50 6.31 57.53
N GLU A 299 -5.56 6.01 58.44
CA GLU A 299 -4.61 6.98 58.95
C GLU A 299 -3.53 7.30 57.91
N GLN A 300 -3.01 6.28 57.20
CA GLN A 300 -1.91 6.45 56.26
C GLN A 300 -2.33 7.24 55.02
N LEU A 301 -3.56 6.94 54.55
CA LEU A 301 -4.18 7.67 53.46
C LEU A 301 -4.27 9.13 53.87
N GLU A 302 -4.87 9.35 55.05
CA GLU A 302 -5.21 10.69 55.55
C GLU A 302 -3.96 11.57 55.65
N ARG A 303 -2.87 11.00 56.18
CA ARG A 303 -1.60 11.72 56.26
C ARG A 303 -1.07 11.98 54.84
N PHE A 304 -1.19 10.97 53.95
CA PHE A 304 -0.75 11.11 52.57
C PHE A 304 -1.58 12.19 51.84
N ALA A 305 -2.86 12.32 52.21
CA ALA A 305 -3.76 13.27 51.60
C ALA A 305 -3.42 14.71 52.01
N TRP A 306 -3.08 14.90 53.30
CA TRP A 306 -2.70 16.21 53.82
C TRP A 306 -1.40 16.71 53.20
N ASP A 307 -0.47 15.78 52.94
CA ASP A 307 0.85 16.09 52.39
C ASP A 307 0.75 16.54 50.93
N THR A 308 -0.05 15.83 50.11
CA THR A 308 -0.21 16.16 48.71
C THR A 308 -0.85 17.55 48.60
N LEU A 309 -1.82 17.86 49.48
CA LEU A 309 -2.47 19.16 49.51
C LEU A 309 -1.49 20.24 49.98
N ASN A 310 -0.80 19.99 51.10
CA ASN A 310 0.08 20.98 51.70
C ASN A 310 1.23 21.37 50.75
N SER A 311 1.47 20.58 49.69
CA SER A 311 2.57 20.85 48.76
C SER A 311 2.08 21.58 47.50
N GLY A 312 0.76 21.80 47.37
CA GLY A 312 0.18 22.49 46.22
C GLY A 312 -0.14 21.55 45.05
N GLN A 313 -0.84 20.45 45.37
CA GLN A 313 -1.26 19.46 44.40
C GLN A 313 -2.77 19.24 44.55
N VAL A 314 -3.38 18.53 43.57
CA VAL A 314 -4.80 18.23 43.53
C VAL A 314 -5.01 16.73 43.84
N ILE A 315 -6.09 16.39 44.57
CA ILE A 315 -6.52 14.99 44.77
C ILE A 315 -7.35 14.52 43.57
N PRO A 316 -6.80 13.71 42.62
CA PRO A 316 -7.50 13.43 41.35
C PRO A 316 -8.91 12.88 41.52
N GLY A 317 -9.80 13.30 40.59
CA GLY A 317 -11.16 12.79 40.50
C GLY A 317 -12.10 13.39 41.54
N TYR A 318 -11.69 14.50 42.16
CA TYR A 318 -12.51 15.18 43.16
C TYR A 318 -12.67 16.64 42.72
N GLY A 319 -13.91 17.16 42.68
CA GLY A 319 -14.16 18.56 42.33
C GLY A 319 -14.33 18.78 40.82
N HIS A 320 -15.11 19.80 40.43
CA HIS A 320 -15.57 19.93 39.06
C HIS A 320 -15.88 21.38 38.67
N ALA A 321 -16.29 21.56 37.40
CA ALA A 321 -16.56 22.87 36.78
C ALA A 321 -17.98 23.38 37.02
N VAL A 322 -18.90 22.48 37.47
CA VAL A 322 -20.31 22.78 37.73
C VAL A 322 -20.81 21.97 38.94
N LEU A 323 -20.31 20.73 39.14
CA LEU A 323 -20.75 19.84 40.21
C LEU A 323 -20.38 20.40 41.58
N ARG A 324 -21.08 19.92 42.62
CA ARG A 324 -20.79 20.28 44.00
C ARG A 324 -21.18 19.14 44.96
N VAL A 325 -21.95 18.14 44.51
CA VAL A 325 -22.18 16.94 45.30
C VAL A 325 -21.43 15.76 44.67
N THR A 326 -21.63 14.56 45.23
CA THR A 326 -21.09 13.31 44.69
C THR A 326 -21.74 13.06 43.33
N ASP A 327 -20.91 13.01 42.27
CA ASP A 327 -21.39 12.65 40.95
C ASP A 327 -22.26 11.39 41.05
N PRO A 328 -23.47 11.36 40.45
CA PRO A 328 -24.26 10.12 40.46
C PRO A 328 -23.74 9.07 39.48
N ARG A 329 -22.79 9.48 38.65
CA ARG A 329 -22.04 8.59 37.78
C ARG A 329 -20.98 7.82 38.59
N TYR A 330 -20.38 8.48 39.58
CA TYR A 330 -19.49 7.82 40.52
C TYR A 330 -20.29 6.83 41.35
N VAL A 331 -21.46 7.24 41.84
CA VAL A 331 -22.26 6.35 42.68
C VAL A 331 -22.61 5.09 41.91
N ALA A 332 -23.03 5.25 40.66
CA ALA A 332 -23.44 4.14 39.82
C ALA A 332 -22.29 3.14 39.60
N GLN A 333 -21.05 3.65 39.48
CA GLN A 333 -19.89 2.81 39.24
C GLN A 333 -19.44 2.07 40.51
N ARG A 334 -19.48 2.78 41.64
CA ARG A 334 -19.39 2.17 42.96
C ARG A 334 -20.37 0.99 43.09
N ASP A 335 -21.66 1.20 42.81
CA ASP A 335 -22.63 0.12 42.91
C ASP A 335 -22.11 -1.09 42.15
N PHE A 336 -21.55 -0.83 40.96
CA PHE A 336 -21.07 -1.88 40.06
C PHE A 336 -19.94 -2.64 40.73
N ALA A 337 -18.95 -1.94 41.31
CA ALA A 337 -17.82 -2.57 41.99
C ALA A 337 -18.27 -3.43 43.18
N LEU A 338 -19.07 -2.86 44.10
CA LEU A 338 -19.52 -3.56 45.30
C LEU A 338 -20.26 -4.85 44.94
N LYS A 339 -20.89 -4.86 43.77
CA LYS A 339 -21.68 -6.01 43.36
C LYS A 339 -20.80 -6.99 42.58
N HIS A 340 -19.79 -6.52 41.82
CA HIS A 340 -19.10 -7.36 40.85
C HIS A 340 -17.63 -7.60 41.19
N LEU A 341 -16.97 -6.71 41.94
CA LEU A 341 -15.56 -6.91 42.28
C LEU A 341 -15.20 -6.27 43.62
N PRO A 342 -15.81 -6.70 44.75
CA PRO A 342 -15.60 -6.01 46.03
C PRO A 342 -14.21 -6.18 46.64
N ASP A 343 -13.52 -7.28 46.30
CA ASP A 343 -12.24 -7.63 46.91
C ASP A 343 -11.05 -7.16 46.06
N ASP A 344 -11.34 -6.47 44.95
CA ASP A 344 -10.30 -5.94 44.08
C ASP A 344 -9.55 -4.89 44.88
N GLU A 345 -8.23 -5.01 44.92
CA GLU A 345 -7.43 -4.24 45.87
C GLU A 345 -7.46 -2.76 45.51
N LEU A 346 -7.47 -2.45 44.19
CA LEU A 346 -7.46 -1.07 43.72
C LEU A 346 -8.84 -0.45 43.96
N PHE A 347 -9.91 -1.25 43.87
CA PHE A 347 -11.24 -0.76 44.22
C PHE A 347 -11.23 -0.36 45.70
N LYS A 348 -10.64 -1.22 46.54
CA LYS A 348 -10.66 -1.04 47.98
C LYS A 348 -10.05 0.31 48.37
N ILE A 349 -9.14 0.84 47.54
CA ILE A 349 -8.53 2.15 47.72
C ILE A 349 -9.48 3.27 47.29
N VAL A 350 -10.27 3.05 46.22
CA VAL A 350 -11.21 4.05 45.75
C VAL A 350 -12.38 4.10 46.73
N SER A 351 -12.63 2.95 47.39
CA SER A 351 -13.70 2.75 48.37
C SER A 351 -13.34 3.41 49.70
N LEU A 352 -12.04 3.36 50.04
CA LEU A 352 -11.50 4.08 51.19
C LEU A 352 -11.40 5.56 50.87
N CYS A 353 -11.08 5.92 49.60
CA CYS A 353 -10.93 7.31 49.18
C CYS A 353 -12.26 8.09 49.28
N TYR A 354 -13.40 7.37 49.20
CA TYR A 354 -14.74 7.95 49.24
C TYR A 354 -15.12 8.39 50.65
N GLU A 355 -14.60 7.64 51.64
CA GLU A 355 -14.90 7.85 53.06
C GLU A 355 -13.96 8.90 53.67
N VAL A 356 -12.72 8.97 53.18
CA VAL A 356 -11.68 9.74 53.84
C VAL A 356 -11.50 11.10 53.17
N ILE A 357 -11.44 11.14 51.83
CA ILE A 357 -11.02 12.34 51.12
C ILE A 357 -12.07 13.45 51.22
N PRO A 358 -13.40 13.19 51.31
CA PRO A 358 -14.37 14.27 51.51
C PRO A 358 -14.22 15.11 52.78
N GLU A 359 -13.91 14.46 53.91
CA GLU A 359 -13.68 15.15 55.18
C GLU A 359 -12.40 15.98 55.12
N VAL A 360 -11.40 15.50 54.36
CA VAL A 360 -10.07 16.11 54.23
C VAL A 360 -10.10 17.30 53.28
N LEU A 361 -11.08 17.33 52.35
CA LEU A 361 -11.24 18.45 51.44
C LEU A 361 -12.26 19.46 52.00
N LYS A 362 -13.03 19.07 53.03
CA LYS A 362 -13.83 20.00 53.82
C LYS A 362 -12.91 20.86 54.69
N LYS A 363 -12.12 20.21 55.56
CA LYS A 363 -11.31 20.92 56.54
C LYS A 363 -10.24 21.78 55.85
N HIS A 364 -9.74 21.34 54.68
CA HIS A 364 -9.06 22.23 53.76
C HIS A 364 -10.09 23.21 53.18
N PRO A 370 -16.72 19.02 47.39
CA PRO A 370 -15.85 18.17 48.20
C PRO A 370 -16.06 16.67 47.95
N TRP A 371 -16.56 16.36 46.77
CA TRP A 371 -17.01 15.02 46.47
C TRP A 371 -16.42 14.55 45.14
N PRO A 372 -16.44 13.23 44.83
CA PRO A 372 -15.86 12.72 43.58
C PRO A 372 -16.72 12.87 42.32
N ASN A 373 -16.01 12.93 41.17
CA ASN A 373 -16.62 12.91 39.84
C ASN A 373 -16.51 11.50 39.27
N VAL A 374 -16.84 11.37 37.97
CA VAL A 374 -17.00 10.09 37.29
C VAL A 374 -15.64 9.42 37.08
N ASP A 375 -14.60 10.23 36.78
CA ASP A 375 -13.32 9.74 36.31
C ASP A 375 -12.50 9.12 37.47
N ALA A 376 -12.99 9.30 38.70
CA ALA A 376 -12.35 8.74 39.89
C ALA A 376 -12.52 7.22 39.98
N HIS A 377 -13.48 6.70 39.21
CA HIS A 377 -13.99 5.35 39.44
C HIS A 377 -13.89 4.46 38.19
N SER A 378 -13.77 5.04 37.00
CA SER A 378 -13.93 4.26 35.79
C SER A 378 -12.67 3.44 35.54
N GLY A 379 -11.51 4.00 35.89
CA GLY A 379 -10.23 3.35 35.63
C GLY A 379 -10.19 1.95 36.23
N VAL A 380 -10.65 1.84 37.47
CA VAL A 380 -10.42 0.63 38.23
C VAL A 380 -11.31 -0.45 37.68
N LEU A 381 -12.48 -0.05 37.18
CA LEU A 381 -13.42 -1.02 36.63
C LEU A 381 -12.79 -1.68 35.40
N LEU A 382 -12.33 -0.84 34.46
CA LEU A 382 -11.65 -1.31 33.27
C LEU A 382 -10.43 -2.17 33.58
N TRP A 383 -9.58 -1.71 34.50
CA TRP A 383 -8.33 -2.38 34.80
C TRP A 383 -8.61 -3.78 35.33
N HIS A 384 -9.66 -3.89 36.16
CA HIS A 384 -10.01 -5.11 36.83
C HIS A 384 -10.23 -6.23 35.82
N TYR A 385 -10.81 -5.91 34.67
CA TYR A 385 -11.21 -6.92 33.71
C TYR A 385 -10.18 -7.04 32.61
N GLY A 386 -9.03 -6.41 32.79
CA GLY A 386 -7.91 -6.58 31.86
C GLY A 386 -7.87 -5.57 30.72
N ILE A 387 -8.66 -4.48 30.77
CA ILE A 387 -8.47 -3.35 29.88
C ILE A 387 -7.49 -2.39 30.59
N ARG A 388 -6.20 -2.43 30.22
CA ARG A 388 -5.13 -1.83 31.01
C ARG A 388 -4.38 -0.73 30.26
N GLU A 389 -4.84 -0.41 29.05
CA GLU A 389 -4.19 0.54 28.15
C GLU A 389 -4.72 1.96 28.36
N TYR A 390 -4.12 2.68 29.33
CA TYR A 390 -4.61 3.96 29.80
C TYR A 390 -5.04 4.88 28.64
N ASP A 391 -4.18 5.03 27.64
CA ASP A 391 -4.39 5.98 26.55
C ASP A 391 -5.69 5.70 25.78
N PHE A 392 -6.06 4.42 25.72
CA PHE A 392 -7.28 4.01 25.03
C PHE A 392 -8.53 4.36 25.84
N TYR A 393 -8.40 4.63 27.14
CA TYR A 393 -9.58 4.91 27.95
C TYR A 393 -10.41 6.08 27.38
N THR A 394 -9.74 7.05 26.75
CA THR A 394 -10.39 8.23 26.22
C THR A 394 -11.15 7.88 24.94
N VAL A 395 -10.75 6.80 24.27
CA VAL A 395 -11.46 6.37 23.08
C VAL A 395 -12.80 5.76 23.51
N LEU A 396 -12.81 5.01 24.60
CA LEU A 396 -14.05 4.51 25.18
C LEU A 396 -14.97 5.69 25.52
N PHE A 397 -14.44 6.71 26.21
CA PHE A 397 -15.22 7.91 26.50
C PHE A 397 -15.78 8.45 25.20
N GLY A 398 -14.94 8.50 24.15
CA GLY A 398 -15.38 9.03 22.87
C GLY A 398 -16.60 8.28 22.33
N VAL A 399 -16.56 6.96 22.37
CA VAL A 399 -17.59 6.18 21.73
C VAL A 399 -18.92 6.48 22.40
N SER A 400 -18.88 6.60 23.73
CA SER A 400 -20.05 6.85 24.55
C SER A 400 -20.62 8.24 24.28
N ARG A 401 -19.74 9.24 24.21
CA ARG A 401 -20.15 10.62 24.10
C ARG A 401 -20.69 10.93 22.70
N ALA A 402 -20.46 10.03 21.73
CA ALA A 402 -21.08 10.13 20.42
C ALA A 402 -22.60 10.03 20.55
N LEU A 403 -23.07 9.35 21.62
CA LEU A 403 -24.50 9.20 21.79
C LEU A 403 -25.12 10.58 21.99
N GLY A 404 -24.55 11.34 22.93
CA GLY A 404 -24.99 12.68 23.25
C GLY A 404 -24.79 13.66 22.09
N CYS A 405 -23.59 13.62 21.48
CA CYS A 405 -23.24 14.56 20.44
C CYS A 405 -24.21 14.40 19.27
N THR A 406 -24.57 13.16 18.94
CA THR A 406 -25.41 12.94 17.76
C THR A 406 -26.84 13.41 18.02
N ALA A 407 -27.35 13.12 19.23
CA ALA A 407 -28.68 13.56 19.59
C ALA A 407 -28.80 15.08 19.48
N GLN A 408 -27.88 15.80 20.13
CA GLN A 408 -27.85 17.25 20.14
C GLN A 408 -27.80 17.81 18.72
N ALA A 409 -26.87 17.31 17.89
CA ALA A 409 -26.73 17.78 16.53
C ALA A 409 -28.01 17.53 15.71
N ILE A 410 -28.63 16.36 15.88
CA ILE A 410 -29.90 16.12 15.23
C ILE A 410 -30.94 17.16 15.68
N LEU A 411 -31.13 17.31 17.00
CA LEU A 411 -32.20 18.14 17.54
C LEU A 411 -32.02 19.61 17.12
N VAL A 412 -30.79 20.09 17.25
CA VAL A 412 -30.50 21.49 16.97
C VAL A 412 -30.66 21.83 15.49
N ARG A 413 -30.33 20.91 14.59
CA ARG A 413 -30.58 21.14 13.17
C ARG A 413 -32.06 20.99 12.90
N GLY A 414 -32.73 20.19 13.76
CA GLY A 414 -34.18 20.10 13.76
C GLY A 414 -34.80 21.47 14.04
N TYR A 415 -34.25 22.13 15.06
CA TYR A 415 -34.76 23.39 15.57
C TYR A 415 -34.38 24.53 14.62
N MET A 416 -33.30 24.34 13.85
CA MET A 416 -32.76 25.35 12.93
C MET A 416 -32.14 26.52 13.70
N LEU A 417 -31.39 26.19 14.76
CA LEU A 417 -30.55 27.17 15.44
C LEU A 417 -29.47 27.64 14.46
N PRO A 418 -29.13 28.95 14.48
CA PRO A 418 -28.14 29.47 13.54
C PRO A 418 -26.72 29.26 14.04
N ILE A 419 -25.78 29.83 13.28
CA ILE A 419 -24.33 29.71 13.45
C ILE A 419 -23.89 30.30 14.78
N GLU A 420 -22.88 29.67 15.40
CA GLU A 420 -22.26 30.19 16.60
C GLU A 420 -21.20 31.22 16.19
N ARG A 421 -21.41 32.48 16.59
CA ARG A 421 -20.44 33.56 16.41
C ARG A 421 -20.54 34.52 17.59
N PRO A 422 -19.97 34.19 18.77
CA PRO A 422 -19.84 35.17 19.84
C PRO A 422 -18.91 36.27 19.35
N LYS A 423 -18.82 37.33 20.14
CA LYS A 423 -17.98 38.46 19.86
C LYS A 423 -16.77 38.36 20.76
N SER A 424 -15.57 38.44 20.18
CA SER A 424 -14.33 38.53 20.94
C SER A 424 -13.97 39.99 21.22
N ILE A 425 -13.31 40.20 22.36
CA ILE A 425 -12.91 41.52 22.78
C ILE A 425 -11.40 41.51 22.95
N THR A 426 -10.80 42.71 22.85
CA THR A 426 -9.39 42.90 23.05
C THR A 426 -9.19 43.38 24.48
N THR A 427 -7.99 43.09 25.00
CA THR A 427 -7.49 43.63 26.24
C THR A 427 -7.41 45.16 26.07
N ARG A 428 -6.95 45.62 24.90
CA ARG A 428 -6.88 47.06 24.66
C ARG A 428 -8.20 47.69 25.08
N TRP A 429 -9.32 47.15 24.56
CA TRP A 429 -10.65 47.69 24.75
C TRP A 429 -11.00 47.69 26.22
N VAL A 430 -10.71 46.57 26.89
CA VAL A 430 -10.97 46.42 28.31
C VAL A 430 -10.25 47.48 29.14
N LYS A 431 -8.94 47.64 28.96
CA LYS A 431 -8.19 48.71 29.61
C LYS A 431 -8.85 50.07 29.38
N GLU A 432 -9.31 50.33 28.15
CA GLU A 432 -9.92 51.60 27.77
C GLU A 432 -11.21 51.83 28.56
N VAL A 433 -12.15 50.86 28.57
CA VAL A 433 -13.51 51.12 29.01
C VAL A 433 -13.76 50.61 30.43
N ALA A 434 -12.86 49.80 30.98
CA ALA A 434 -13.16 49.01 32.16
C ALA A 434 -13.71 49.86 33.30
N GLU A 435 -13.10 51.04 33.50
CA GLU A 435 -13.41 51.93 34.62
C GLU A 435 -14.84 52.43 34.48
N SER A 436 -15.26 52.72 33.25
CA SER A 436 -16.54 53.34 32.96
C SER A 436 -17.70 52.33 33.01
N LEU A 437 -17.37 51.04 33.04
CA LEU A 437 -18.38 49.99 33.08
C LEU A 437 -18.96 49.90 34.47
N PRO A 438 -20.28 49.59 34.59
CA PRO A 438 -20.86 49.25 35.89
C PRO A 438 -20.38 47.90 36.40
N VAL A 439 -20.66 47.62 37.69
CA VAL A 439 -20.34 46.36 38.33
C VAL A 439 -21.62 45.55 38.47
N ALA A 440 -21.57 44.26 38.10
CA ALA A 440 -22.77 43.43 38.14
C ALA A 440 -23.42 43.52 39.53
N MET B 1 16.38 33.14 17.66
CA MET B 1 15.23 33.69 16.89
C MET B 1 14.61 34.87 17.65
N LYS B 2 14.68 36.06 17.04
CA LYS B 2 14.24 37.30 17.68
C LYS B 2 12.83 37.13 18.23
N LEU B 3 11.95 36.58 17.38
CA LEU B 3 10.55 36.43 17.71
C LEU B 3 10.41 35.74 19.07
N LYS B 4 11.16 34.65 19.30
CA LYS B 4 11.04 33.88 20.54
C LYS B 4 11.61 34.69 21.71
N GLU B 5 12.74 35.37 21.46
CA GLU B 5 13.36 36.22 22.47
C GLU B 5 12.35 37.28 22.93
N ARG B 6 11.73 37.95 21.96
CA ARG B 6 10.81 39.03 22.21
C ARG B 6 9.55 38.52 22.93
N LEU B 7 9.08 37.33 22.54
CA LEU B 7 7.95 36.72 23.22
C LEU B 7 8.34 36.36 24.66
N ALA B 8 9.60 35.95 24.87
CA ALA B 8 10.10 35.53 26.19
C ALA B 8 10.02 36.65 27.24
N GLU B 9 10.18 37.91 26.76
CA GLU B 9 10.05 39.15 27.53
C GLU B 9 8.58 39.57 27.74
N LEU B 10 7.78 39.47 26.67
CA LEU B 10 6.45 40.07 26.57
C LEU B 10 5.38 39.20 27.24
N ILE B 11 5.47 37.88 27.04
CA ILE B 11 4.44 36.97 27.49
C ILE B 11 4.33 37.02 29.02
N PRO B 12 5.42 36.87 29.79
CA PRO B 12 5.34 37.07 31.25
C PRO B 12 4.65 38.34 31.76
N GLN B 13 4.88 39.48 31.10
CA GLN B 13 4.18 40.71 31.48
C GLN B 13 2.69 40.63 31.13
N TRP B 14 2.37 40.08 29.95
CA TRP B 14 0.98 40.01 29.51
C TRP B 14 0.20 39.12 30.46
N ARG B 15 0.83 38.00 30.79
CA ARG B 15 0.25 37.05 31.74
C ARG B 15 -0.12 37.78 33.03
N ALA B 16 0.83 38.60 33.53
CA ALA B 16 0.63 39.36 34.77
C ALA B 16 -0.49 40.38 34.58
N GLU B 17 -0.49 41.05 33.41
CA GLU B 17 -1.51 42.04 33.09
C GLU B 17 -2.87 41.36 33.12
N VAL B 18 -2.98 40.20 32.46
CA VAL B 18 -4.27 39.53 32.36
C VAL B 18 -4.75 39.10 33.75
N ALA B 19 -3.83 38.58 34.57
CA ALA B 19 -4.18 38.18 35.94
C ALA B 19 -4.81 39.34 36.68
N GLU B 20 -4.20 40.53 36.51
CA GLU B 20 -4.63 41.77 37.14
C GLU B 20 -6.04 42.16 36.71
N ILE B 21 -6.30 42.04 35.40
CA ILE B 21 -7.57 42.48 34.85
C ILE B 21 -8.68 41.61 35.42
N ARG B 22 -8.39 40.31 35.50
CA ARG B 22 -9.38 39.36 35.99
C ARG B 22 -9.72 39.64 37.45
N LYS B 23 -8.69 39.94 38.25
CA LYS B 23 -8.84 40.18 39.67
C LYS B 23 -9.55 41.52 39.89
N LYS B 24 -9.10 42.57 39.19
CA LYS B 24 -9.56 43.93 39.39
C LYS B 24 -10.90 44.14 38.68
N TYR B 25 -11.02 43.71 37.42
CA TYR B 25 -12.12 44.13 36.55
C TYR B 25 -13.05 42.98 36.15
N GLY B 26 -12.94 41.84 36.83
CA GLY B 26 -13.70 40.64 36.48
C GLY B 26 -15.21 40.80 36.62
N ASN B 27 -15.66 41.53 37.64
CA ASN B 27 -17.08 41.67 37.92
C ASN B 27 -17.71 42.82 37.12
N ARG B 28 -16.94 43.45 36.20
CA ARG B 28 -17.45 44.55 35.38
C ARG B 28 -18.34 43.97 34.28
N LYS B 29 -19.56 44.48 34.17
CA LYS B 29 -20.54 44.04 33.19
C LYS B 29 -20.29 44.73 31.86
N THR B 30 -20.36 43.97 30.76
CA THR B 30 -20.23 44.48 29.40
C THR B 30 -21.60 44.56 28.73
N MET B 31 -22.53 43.66 29.08
CA MET B 31 -23.83 43.61 28.41
C MET B 31 -24.76 42.65 29.16
N ASP B 32 -26.04 42.64 28.75
CA ASP B 32 -26.99 41.63 29.17
C ASP B 32 -26.77 40.32 28.39
N CYS B 33 -27.01 39.17 29.06
CA CYS B 33 -27.14 37.86 28.43
C CYS B 33 -28.62 37.51 28.34
N THR B 34 -29.08 37.12 27.16
CA THR B 34 -30.51 36.97 26.94
C THR B 34 -30.80 35.56 26.45
N ILE B 35 -32.07 35.16 26.58
CA ILE B 35 -32.59 33.93 26.00
C ILE B 35 -32.21 33.88 24.52
N GLY B 36 -32.25 35.03 23.84
CA GLY B 36 -32.00 35.09 22.40
C GLY B 36 -30.55 34.75 22.04
N HIS B 37 -29.61 35.17 22.90
CA HIS B 37 -28.21 34.77 22.81
C HIS B 37 -28.13 33.24 22.71
N ALA B 38 -28.84 32.55 23.62
CA ALA B 38 -28.69 31.11 23.74
C ALA B 38 -29.21 30.40 22.50
N TYR B 39 -30.34 30.87 21.96
CA TYR B 39 -30.96 30.26 20.79
C TYR B 39 -30.41 30.89 19.51
N GLY B 40 -29.54 31.91 19.63
CA GLY B 40 -29.21 32.74 18.48
C GLY B 40 -27.70 32.72 18.21
N GLY B 41 -27.05 31.68 18.71
CA GLY B 41 -25.64 31.43 18.42
C GLY B 41 -24.71 32.47 19.06
N MET B 42 -25.10 32.95 20.25
CA MET B 42 -24.28 33.92 20.97
C MET B 42 -24.04 35.23 20.19
N ARG B 43 -24.84 35.52 19.14
CA ARG B 43 -24.59 36.69 18.31
C ARG B 43 -24.40 37.92 19.17
N GLY B 44 -23.18 38.49 19.14
CA GLY B 44 -22.86 39.72 19.84
C GLY B 44 -22.44 39.53 21.31
N LEU B 45 -22.49 38.30 21.84
CA LEU B 45 -22.15 38.09 23.24
C LEU B 45 -20.63 38.19 23.39
N LYS B 46 -20.19 38.91 24.42
CA LYS B 46 -18.77 39.18 24.60
C LYS B 46 -18.18 38.15 25.55
N ALA B 47 -17.77 36.99 24.99
CA ALA B 47 -17.48 35.79 25.77
C ALA B 47 -16.13 35.17 25.40
N LEU B 48 -15.34 35.89 24.59
CA LEU B 48 -14.02 35.45 24.13
C LEU B 48 -13.03 36.62 24.19
N VAL B 49 -11.75 36.31 24.41
CA VAL B 49 -10.70 37.30 24.27
C VAL B 49 -9.92 37.01 23.00
N CYS B 50 -9.61 38.05 22.21
CA CYS B 50 -8.68 37.96 21.10
C CYS B 50 -7.95 39.30 20.94
N ASP B 51 -6.61 39.23 20.93
CA ASP B 51 -5.74 40.40 20.85
C ASP B 51 -4.94 40.46 19.55
N THR B 52 -5.03 39.46 18.69
CA THR B 52 -4.35 39.58 17.41
C THR B 52 -5.00 40.65 16.53
N SER B 53 -6.33 40.77 16.57
CA SER B 53 -7.01 41.68 15.66
C SER B 53 -8.35 42.10 16.25
N GLU B 54 -8.90 43.17 15.66
CA GLU B 54 -10.08 43.86 16.18
C GLU B 54 -10.79 44.55 15.02
N VAL B 55 -12.11 44.35 14.95
CA VAL B 55 -12.91 44.87 13.85
C VAL B 55 -13.61 46.13 14.33
N PHE B 56 -13.34 47.27 13.70
CA PHE B 56 -14.06 48.50 14.01
C PHE B 56 -15.21 48.67 13.02
N PRO B 57 -16.49 48.69 13.49
CA PRO B 57 -17.63 48.88 12.59
C PRO B 57 -17.49 50.07 11.64
N ASP B 58 -16.66 51.06 12.00
CA ASP B 58 -16.51 52.26 11.18
C ASP B 58 -15.22 52.25 10.35
N GLU B 59 -14.36 51.25 10.48
CA GLU B 59 -13.05 51.30 9.83
C GLU B 59 -12.68 49.99 9.16
N GLY B 60 -13.13 48.88 9.75
CA GLY B 60 -12.73 47.56 9.31
C GLY B 60 -11.80 46.93 10.33
N VAL B 61 -11.14 45.85 9.92
CA VAL B 61 -10.26 45.13 10.82
C VAL B 61 -8.91 45.85 10.87
N LYS B 62 -8.30 45.88 12.05
CA LYS B 62 -6.91 46.25 12.22
C LYS B 62 -6.14 45.07 12.84
N PHE B 63 -4.85 44.97 12.48
CA PHE B 63 -3.93 43.98 13.03
C PHE B 63 -3.03 44.63 14.05
N ARG B 64 -3.29 44.36 15.33
CA ARG B 64 -2.50 44.90 16.41
C ARG B 64 -2.52 46.43 16.39
N GLY B 65 -3.70 47.01 16.11
CA GLY B 65 -3.90 48.44 16.06
C GLY B 65 -3.52 49.09 14.72
N TYR B 66 -2.96 48.33 13.77
CA TYR B 66 -2.51 48.88 12.50
C TYR B 66 -3.52 48.55 11.40
N THR B 67 -3.73 49.51 10.50
CA THR B 67 -4.66 49.36 9.40
C THR B 67 -3.95 48.62 8.28
N ILE B 68 -4.75 48.07 7.37
CA ILE B 68 -4.21 47.35 6.23
C ILE B 68 -3.38 48.28 5.36
N PRO B 69 -3.87 49.48 5.00
CA PRO B 69 -3.03 50.48 4.31
C PRO B 69 -1.74 50.85 5.06
N GLU B 70 -1.83 51.03 6.39
CA GLU B 70 -0.66 51.29 7.21
C GLU B 70 0.41 50.24 6.91
N LEU B 71 0.01 48.94 6.81
CA LEU B 71 0.93 47.82 6.64
C LEU B 71 1.31 47.51 5.18
N ARG B 72 0.45 47.88 4.25
CA ARG B 72 0.69 47.54 2.86
C ARG B 72 1.26 48.72 2.09
N GLU B 73 1.00 49.96 2.55
CA GLU B 73 1.26 51.16 1.74
C GLU B 73 2.21 52.12 2.46
N GLY B 74 1.98 52.32 3.75
CA GLY B 74 2.84 53.17 4.55
C GLY B 74 2.01 53.81 5.65
N PRO B 75 2.64 54.52 6.63
CA PRO B 75 4.10 54.70 6.65
C PRO B 75 4.88 53.56 7.35
N HIS B 76 4.14 52.59 7.88
CA HIS B 76 4.68 51.50 8.70
C HIS B 76 4.73 50.19 7.89
N LYS B 77 5.07 50.26 6.61
CA LYS B 77 4.81 49.18 5.67
C LYS B 77 5.67 47.96 6.00
N LEU B 78 5.10 46.76 5.93
CA LEU B 78 5.83 45.53 6.25
C LEU B 78 6.81 45.14 5.15
N PRO B 79 7.82 44.32 5.48
CA PRO B 79 8.74 43.82 4.47
C PRO B 79 8.05 43.01 3.38
N THR B 80 8.69 43.05 2.20
CA THR B 80 8.18 42.42 1.00
C THR B 80 9.19 41.36 0.58
N ALA B 81 8.89 40.62 -0.47
CA ALA B 81 9.94 39.89 -1.16
C ALA B 81 10.83 40.91 -1.85
N GLU B 82 12.02 40.45 -2.24
CA GLU B 82 12.95 41.27 -2.99
C GLU B 82 12.27 41.58 -4.33
N GLY B 83 12.13 42.88 -4.62
CA GLY B 83 11.54 43.34 -5.86
C GLY B 83 10.01 43.30 -5.87
N GLY B 84 9.40 43.11 -4.68
CA GLY B 84 7.97 42.96 -4.55
C GLY B 84 7.35 44.20 -3.95
N PHE B 85 6.03 44.22 -3.93
CA PHE B 85 5.30 45.28 -3.25
C PHE B 85 4.45 44.73 -2.11
N GLU B 86 3.81 43.55 -2.28
CA GLU B 86 2.83 43.09 -1.32
C GLU B 86 3.50 42.62 -0.03
N PRO B 87 2.90 42.87 1.14
CA PRO B 87 3.52 42.47 2.41
C PRO B 87 3.63 40.96 2.50
N LEU B 88 4.71 40.49 3.16
CA LEU B 88 4.88 39.07 3.44
C LEU B 88 4.14 38.71 4.71
N PRO B 89 3.30 37.64 4.68
CA PRO B 89 2.65 37.14 5.88
C PRO B 89 3.60 36.76 7.04
N GLU B 90 4.81 36.34 6.69
CA GLU B 90 5.82 36.09 7.71
C GLU B 90 5.91 37.32 8.62
N GLY B 91 6.08 38.47 7.98
CA GLY B 91 6.09 39.73 8.70
C GLY B 91 4.79 39.95 9.44
N LEU B 92 3.64 39.70 8.80
CA LEU B 92 2.40 39.91 9.51
C LEU B 92 2.35 39.05 10.78
N TRP B 93 2.75 37.77 10.66
CA TRP B 93 2.72 36.83 11.77
C TRP B 93 3.52 37.37 12.95
N TYR B 94 4.73 37.89 12.67
CA TYR B 94 5.55 38.54 13.68
C TYR B 94 4.72 39.60 14.43
N LEU B 95 4.06 40.47 13.66
CA LEU B 95 3.23 41.53 14.22
C LEU B 95 2.13 40.95 15.10
N LEU B 96 1.36 39.98 14.61
CA LEU B 96 0.25 39.44 15.38
C LEU B 96 0.71 38.98 16.77
N LEU B 97 1.87 38.31 16.81
CA LEU B 97 2.38 37.68 18.02
C LEU B 97 2.95 38.70 19.01
N THR B 98 3.80 39.65 18.54
CA THR B 98 4.50 40.58 19.43
C THR B 98 3.74 41.88 19.67
N GLY B 99 2.93 42.30 18.70
CA GLY B 99 2.29 43.61 18.73
C GLY B 99 3.23 44.70 18.21
N GLU B 100 4.35 44.27 17.61
CA GLU B 100 5.43 45.15 17.21
C GLU B 100 5.74 44.86 15.76
N LEU B 101 6.22 45.86 15.04
CA LEU B 101 6.53 45.71 13.63
C LEU B 101 7.88 45.00 13.45
N PRO B 102 7.98 44.01 12.56
CA PRO B 102 9.26 43.35 12.32
C PRO B 102 10.23 44.17 11.49
N THR B 103 11.55 44.02 11.79
CA THR B 103 12.63 44.47 10.93
C THR B 103 12.76 43.52 9.74
N GLU B 104 13.62 43.88 8.78
CA GLU B 104 13.80 43.04 7.61
C GLU B 104 14.34 41.67 8.05
N GLU B 105 15.16 41.67 9.10
CA GLU B 105 15.88 40.48 9.53
C GLU B 105 14.94 39.55 10.31
N ASP B 106 14.12 40.11 11.20
CA ASP B 106 13.08 39.33 11.84
C ASP B 106 12.34 38.47 10.82
N VAL B 107 12.06 39.06 9.64
CA VAL B 107 11.26 38.44 8.61
C VAL B 107 12.07 37.32 7.96
N LYS B 108 13.38 37.51 7.74
CA LYS B 108 14.14 36.49 7.02
C LYS B 108 14.40 35.31 7.92
N GLU B 109 14.37 35.51 9.25
CA GLU B 109 14.49 34.41 10.20
C GLU B 109 13.24 33.53 10.17
N ILE B 110 12.07 34.18 10.08
CA ILE B 110 10.81 33.45 9.96
C ILE B 110 10.75 32.75 8.60
N SER B 111 11.08 33.45 7.52
CA SER B 111 11.13 32.81 6.21
C SER B 111 12.07 31.62 6.23
N ALA B 112 13.16 31.67 7.00
CA ALA B 112 14.15 30.59 6.99
C ALA B 112 13.66 29.42 7.86
N GLU B 113 13.00 29.73 8.98
CA GLU B 113 12.49 28.68 9.84
C GLU B 113 11.44 27.87 9.09
N PHE B 114 10.63 28.55 8.26
CA PHE B 114 9.57 27.89 7.54
C PHE B 114 10.17 27.05 6.42
N THR B 115 11.19 27.58 5.74
CA THR B 115 11.78 26.92 4.59
C THR B 115 12.49 25.62 5.02
N LYS B 116 13.19 25.67 6.15
CA LYS B 116 13.76 24.49 6.75
C LYS B 116 12.66 23.46 7.02
N ARG B 117 11.61 23.85 7.74
CA ARG B 117 10.70 22.90 8.37
C ARG B 117 9.68 22.40 7.36
N MET B 118 9.76 22.95 6.15
CA MET B 118 8.91 22.58 5.04
C MET B 118 9.46 21.32 4.39
N GLN B 119 10.70 20.94 4.74
CA GLN B 119 11.29 19.68 4.30
C GLN B 119 11.00 18.57 5.32
N ASN B 120 10.33 18.88 6.45
CA ASN B 120 10.14 17.93 7.54
C ASN B 120 8.70 17.41 7.64
N VAL B 121 7.98 17.30 6.52
CA VAL B 121 6.65 16.71 6.55
C VAL B 121 6.83 15.20 6.55
N PRO B 122 6.38 14.48 7.61
CA PRO B 122 6.47 13.02 7.66
C PRO B 122 5.94 12.39 6.40
N GLN B 123 6.61 11.31 5.99
CA GLN B 123 6.20 10.49 4.86
C GLN B 123 4.81 9.92 5.13
N TYR B 124 4.54 9.54 6.38
CA TYR B 124 3.26 8.92 6.68
C TYR B 124 2.12 9.89 6.42
N VAL B 125 2.34 11.21 6.59
CA VAL B 125 1.28 12.17 6.33
C VAL B 125 0.82 12.02 4.87
N PHE B 126 1.76 11.88 3.94
CA PHE B 126 1.40 11.61 2.56
C PHE B 126 0.67 10.27 2.42
N ASP B 127 1.16 9.23 3.11
CA ASP B 127 0.51 7.91 3.11
C ASP B 127 -0.97 8.09 3.45
N VAL B 128 -1.22 8.87 4.49
CA VAL B 128 -2.56 9.08 4.97
C VAL B 128 -3.37 9.83 3.91
N LEU B 129 -2.82 10.90 3.36
CA LEU B 129 -3.50 11.61 2.29
C LEU B 129 -3.84 10.64 1.15
N ARG B 130 -2.88 9.79 0.70
CA ARG B 130 -3.14 8.94 -0.46
C ARG B 130 -4.18 7.86 -0.13
N ALA B 131 -4.30 7.47 1.15
CA ALA B 131 -5.28 6.46 1.56
C ALA B 131 -6.69 6.99 1.41
N MET B 132 -6.87 8.32 1.40
CA MET B 132 -8.19 8.89 1.21
C MET B 132 -8.55 8.81 -0.29
N PRO B 133 -9.80 8.43 -0.67
CA PRO B 133 -10.18 8.39 -2.10
C PRO B 133 -9.98 9.77 -2.67
N VAL B 134 -9.57 9.85 -3.94
CA VAL B 134 -9.16 11.14 -4.49
C VAL B 134 -10.36 12.05 -4.64
N ASP B 135 -11.58 11.51 -4.48
CA ASP B 135 -12.77 12.31 -4.66
C ASP B 135 -13.18 12.89 -3.32
N THR B 136 -12.39 12.64 -2.24
CA THR B 136 -12.71 13.21 -0.93
C THR B 136 -12.64 14.76 -1.01
N HIS B 137 -13.55 15.45 -0.31
CA HIS B 137 -13.54 16.90 -0.34
C HIS B 137 -12.16 17.35 0.12
N PRO B 138 -11.58 18.37 -0.53
CA PRO B 138 -10.22 18.80 -0.17
C PRO B 138 -10.03 19.36 1.24
N MET B 139 -11.08 19.87 1.85
CA MET B 139 -11.01 20.35 3.23
C MET B 139 -11.05 19.17 4.21
N THR B 140 -11.65 18.06 3.80
CA THR B 140 -11.51 16.80 4.54
C THR B 140 -10.08 16.25 4.43
N MET B 141 -9.51 16.27 3.23
CA MET B 141 -8.14 15.83 3.07
C MET B 141 -7.20 16.69 3.95
N PHE B 142 -7.40 18.02 3.92
CA PHE B 142 -6.55 18.99 4.59
C PHE B 142 -6.60 18.80 6.09
N ALA B 143 -7.80 18.77 6.65
CA ALA B 143 -7.92 18.56 8.08
C ALA B 143 -7.28 17.24 8.53
N ALA B 144 -7.46 16.18 7.71
CA ALA B 144 -6.99 14.86 8.05
C ALA B 144 -5.46 14.82 7.98
N GLY B 145 -4.87 15.49 6.97
CA GLY B 145 -3.42 15.56 6.87
C GLY B 145 -2.82 16.18 8.14
N ILE B 146 -3.40 17.30 8.56
CA ILE B 146 -2.91 18.07 9.68
C ILE B 146 -2.99 17.23 10.95
N LEU B 147 -4.16 16.62 11.18
CA LEU B 147 -4.39 15.77 12.35
C LEU B 147 -3.35 14.64 12.45
N ALA B 148 -3.00 14.03 11.31
CA ALA B 148 -2.11 12.87 11.37
C ALA B 148 -0.76 13.31 11.93
N MET B 149 -0.43 14.58 11.66
CA MET B 149 0.87 15.11 12.03
C MET B 149 0.94 15.36 13.53
N GLN B 150 -0.18 15.22 14.24
CA GLN B 150 -0.20 15.41 15.68
C GLN B 150 0.77 14.47 16.38
N ARG B 151 1.10 13.35 15.73
CA ARG B 151 2.11 12.48 16.28
C ARG B 151 3.36 13.29 16.65
N GLU B 152 3.65 14.32 15.83
CA GLU B 152 4.87 15.12 15.97
C GLU B 152 4.74 16.28 16.97
N SER B 153 3.60 16.38 17.66
CA SER B 153 3.38 17.46 18.62
C SER B 153 4.45 17.49 19.71
N VAL B 154 5.21 18.57 19.76
CA VAL B 154 6.08 18.84 20.90
C VAL B 154 5.24 19.19 22.15
N PHE B 155 4.20 20.00 21.99
CA PHE B 155 3.37 20.33 23.14
C PHE B 155 2.92 19.03 23.79
N ALA B 156 2.31 18.11 23.01
CA ALA B 156 1.68 16.91 23.55
C ALA B 156 2.69 16.02 24.26
N LYS B 157 3.85 15.84 23.63
CA LYS B 157 4.98 15.14 24.23
C LYS B 157 5.41 15.80 25.54
N ARG B 158 5.67 17.12 25.51
CA ARG B 158 6.19 17.81 26.67
C ARG B 158 5.15 17.75 27.80
N TYR B 159 3.87 17.75 27.47
CA TYR B 159 2.86 17.71 28.53
C TYR B 159 2.92 16.35 29.23
N GLU B 160 3.08 15.27 28.46
CA GLU B 160 3.06 13.93 29.02
C GLU B 160 4.25 13.81 29.99
N GLU B 161 5.45 14.27 29.56
CA GLU B 161 6.66 14.22 30.37
C GLU B 161 6.51 15.05 31.65
N GLY B 162 5.86 16.20 31.56
CA GLY B 162 5.71 17.11 32.67
C GLY B 162 6.26 18.47 32.26
N MET B 163 5.40 19.48 32.28
CA MET B 163 5.84 20.84 32.00
C MET B 163 4.93 21.84 32.74
N ARG B 164 5.59 22.88 33.25
CA ARG B 164 4.91 23.97 33.92
C ARG B 164 4.12 24.75 32.87
N ARG B 165 3.00 25.35 33.30
CA ARG B 165 2.16 26.14 32.41
C ARG B 165 2.95 27.23 31.69
N GLU B 166 4.09 27.67 32.26
CA GLU B 166 4.90 28.75 31.72
C GLU B 166 5.57 28.37 30.40
N GLU B 167 5.79 27.08 30.15
CA GLU B 167 6.47 26.69 28.91
C GLU B 167 5.45 26.39 27.82
N HIS B 168 4.15 26.33 28.18
CA HIS B 168 3.08 26.02 27.24
C HIS B 168 3.30 26.79 25.94
N TRP B 169 3.52 28.11 26.02
CA TRP B 169 3.64 28.95 24.82
C TRP B 169 4.87 28.59 23.98
N GLU B 170 5.96 28.14 24.62
CA GLU B 170 7.19 27.77 23.93
C GLU B 170 6.92 26.59 22.99
N ALA B 171 6.29 25.53 23.54
CA ALA B 171 5.87 24.35 22.80
C ALA B 171 4.84 24.69 21.73
N MET B 172 3.89 25.55 22.09
CA MET B 172 2.90 25.99 21.14
C MET B 172 3.61 26.63 19.95
N LEU B 173 4.69 27.36 20.20
CA LEU B 173 5.36 28.07 19.13
C LEU B 173 6.15 27.09 18.28
N GLU B 174 6.78 26.12 18.94
CA GLU B 174 7.57 25.13 18.23
C GLU B 174 6.64 24.42 17.25
N ASP B 175 5.48 23.97 17.75
CA ASP B 175 4.49 23.24 16.97
C ASP B 175 3.92 24.08 15.83
N SER B 176 3.66 25.36 16.12
CA SER B 176 3.16 26.32 15.15
C SER B 176 4.16 26.50 14.00
N LEU B 177 5.46 26.56 14.30
CA LEU B 177 6.44 26.72 13.22
C LEU B 177 6.36 25.48 12.33
N ASN B 178 6.29 24.30 12.94
CA ASN B 178 6.25 23.03 12.22
C ASN B 178 5.00 22.91 11.31
N MET B 179 3.81 23.09 11.92
CA MET B 179 2.54 22.95 11.23
C MET B 179 2.43 23.99 10.11
N LEU B 180 2.73 25.28 10.40
CA LEU B 180 2.61 26.30 9.37
C LEU B 180 3.50 25.91 8.17
N ALA B 181 4.72 25.48 8.47
CA ALA B 181 5.63 25.09 7.41
C ALA B 181 5.01 23.98 6.55
N ALA B 182 4.21 23.13 7.20
CA ALA B 182 3.62 21.95 6.58
C ALA B 182 2.45 22.32 5.69
N LEU B 183 1.64 23.31 6.12
CA LEU B 183 0.35 23.53 5.50
C LEU B 183 0.54 23.73 3.99
N PRO B 184 1.53 24.52 3.48
CA PRO B 184 1.70 24.70 2.03
C PRO B 184 1.97 23.39 1.30
N VAL B 185 2.69 22.49 1.96
CA VAL B 185 3.04 21.20 1.38
C VAL B 185 1.79 20.33 1.31
N ILE B 186 1.02 20.29 2.40
CA ILE B 186 -0.17 19.46 2.46
C ILE B 186 -1.19 19.94 1.43
N ALA B 187 -1.44 21.25 1.42
CA ALA B 187 -2.40 21.84 0.50
C ALA B 187 -2.02 21.52 -0.95
N ALA B 188 -0.76 21.75 -1.29
CA ALA B 188 -0.32 21.58 -2.67
C ALA B 188 -0.48 20.11 -3.08
N TYR B 189 -0.13 19.19 -2.16
CA TYR B 189 -0.26 17.76 -2.39
C TYR B 189 -1.70 17.45 -2.83
N ILE B 190 -2.65 17.94 -2.02
CA ILE B 190 -4.06 17.81 -2.29
C ILE B 190 -4.42 18.40 -3.66
N TYR B 191 -3.89 19.59 -3.97
CA TYR B 191 -4.21 20.28 -5.21
C TYR B 191 -3.72 19.45 -6.39
N ARG B 192 -2.49 18.95 -6.24
CA ARG B 192 -1.82 18.33 -7.38
C ARG B 192 -2.45 16.98 -7.67
N ARG B 193 -2.77 16.25 -6.58
CA ARG B 193 -3.35 14.93 -6.74
C ARG B 193 -4.75 15.09 -7.35
N LYS B 194 -5.56 16.00 -6.79
CA LYS B 194 -6.94 16.08 -7.18
C LYS B 194 -7.07 16.69 -8.59
N TYR B 195 -6.31 17.72 -8.91
CA TYR B 195 -6.68 18.56 -10.02
C TYR B 195 -5.61 18.67 -11.10
N LYS B 196 -4.36 18.24 -10.84
CA LYS B 196 -3.32 18.48 -11.82
C LYS B 196 -2.60 17.20 -12.24
N GLY B 197 -3.27 16.05 -12.17
CA GLY B 197 -2.72 14.84 -12.75
C GLY B 197 -1.69 14.16 -11.85
N ASP B 198 -1.73 14.43 -10.53
CA ASP B 198 -0.98 13.64 -9.56
C ASP B 198 0.53 13.64 -9.86
N THR B 199 1.01 14.78 -10.36
CA THR B 199 2.41 15.15 -10.52
C THR B 199 2.77 16.11 -9.38
N HIS B 200 3.98 16.00 -8.79
CA HIS B 200 4.27 16.57 -7.47
C HIS B 200 5.50 17.48 -7.51
N ILE B 201 5.37 18.73 -7.08
CA ILE B 201 6.44 19.70 -7.19
C ILE B 201 6.95 20.04 -5.79
N ALA B 202 8.28 19.93 -5.64
CA ALA B 202 8.93 20.04 -4.35
C ALA B 202 9.07 21.50 -3.96
N PRO B 203 9.26 21.77 -2.65
CA PRO B 203 9.55 23.13 -2.16
C PRO B 203 10.78 23.72 -2.84
N ASP B 204 10.76 25.04 -3.09
CA ASP B 204 11.95 25.76 -3.51
C ASP B 204 12.52 26.51 -2.31
N PRO B 205 13.72 26.15 -1.83
CA PRO B 205 14.24 26.74 -0.59
C PRO B 205 14.60 28.22 -0.66
N ASN B 206 14.56 28.80 -1.86
CA ASN B 206 14.82 30.22 -2.06
C ASN B 206 13.55 31.08 -2.06
N LEU B 207 12.35 30.45 -1.97
CA LEU B 207 11.09 31.18 -2.02
C LEU B 207 10.52 31.34 -0.61
N ASP B 208 9.76 32.42 -0.44
CA ASP B 208 9.01 32.67 0.78
C ASP B 208 7.80 31.72 0.87
N TRP B 209 7.14 31.72 2.03
CA TRP B 209 6.07 30.78 2.32
C TRP B 209 4.95 30.84 1.28
N SER B 210 4.36 32.04 1.09
CA SER B 210 3.26 32.24 0.17
C SER B 210 3.59 31.70 -1.22
N ALA B 211 4.75 32.04 -1.73
CA ALA B 211 5.11 31.72 -3.10
C ALA B 211 5.44 30.25 -3.27
N ASN B 212 6.01 29.61 -2.23
CA ASN B 212 6.21 28.15 -2.29
C ASN B 212 4.87 27.46 -2.55
N LEU B 213 3.81 27.95 -1.88
CA LEU B 213 2.49 27.36 -2.05
C LEU B 213 2.14 27.47 -3.53
N ALA B 214 2.38 28.63 -4.11
CA ALA B 214 2.02 28.83 -5.48
C ALA B 214 2.87 27.93 -6.35
N HIS B 215 4.18 27.88 -6.01
CA HIS B 215 5.16 27.12 -6.77
C HIS B 215 4.79 25.64 -6.80
N MET B 216 4.47 25.10 -5.61
CA MET B 216 4.14 23.68 -5.43
C MET B 216 2.77 23.34 -6.01
N MET B 217 1.94 24.36 -6.25
CA MET B 217 0.67 24.17 -6.94
C MET B 217 0.85 24.21 -8.45
N GLY B 218 1.93 24.83 -8.96
CA GLY B 218 2.19 24.87 -10.40
C GLY B 218 2.15 26.27 -11.02
N PHE B 219 2.10 27.34 -10.22
CA PHE B 219 2.11 28.71 -10.71
C PHE B 219 3.37 29.40 -10.22
N ASP B 220 4.16 29.93 -11.16
CA ASP B 220 5.45 30.53 -10.84
C ASP B 220 5.53 31.98 -11.30
N ASP B 221 4.46 32.56 -11.86
CA ASP B 221 4.50 33.97 -12.25
C ASP B 221 4.62 34.85 -11.01
N PHE B 222 5.39 35.94 -11.19
CA PHE B 222 5.67 36.90 -10.14
C PHE B 222 4.38 37.50 -9.58
N GLU B 223 3.45 37.85 -10.45
CA GLU B 223 2.18 38.42 -10.02
C GLU B 223 1.41 37.40 -9.18
N VAL B 224 1.50 36.11 -9.53
CA VAL B 224 0.80 35.10 -8.73
C VAL B 224 1.47 35.03 -7.36
N TYR B 225 2.82 35.04 -7.30
CA TYR B 225 3.46 35.07 -6.01
C TYR B 225 2.92 36.27 -5.22
N GLU B 226 2.80 37.43 -5.89
CA GLU B 226 2.33 38.67 -5.24
C GLU B 226 0.89 38.49 -4.74
N LEU B 227 0.02 37.93 -5.58
CA LEU B 227 -1.33 37.61 -5.18
C LEU B 227 -1.31 36.77 -3.90
N PHE B 228 -0.50 35.71 -3.92
CA PHE B 228 -0.55 34.75 -2.82
C PHE B 228 -0.12 35.45 -1.51
N ARG B 229 0.90 36.30 -1.63
CA ARG B 229 1.40 37.07 -0.48
C ARG B 229 0.26 37.87 0.14
N LEU B 230 -0.40 38.68 -0.69
CA LEU B 230 -1.52 39.50 -0.28
C LEU B 230 -2.68 38.65 0.25
N TYR B 231 -2.99 37.57 -0.48
CA TYR B 231 -4.08 36.71 -0.06
C TYR B 231 -3.82 36.26 1.37
N MET B 232 -2.62 35.75 1.60
CA MET B 232 -2.28 35.14 2.86
C MET B 232 -2.32 36.20 3.95
N PHE B 233 -1.88 37.42 3.58
CA PHE B 233 -1.88 38.58 4.46
C PHE B 233 -3.29 38.92 4.89
N LEU B 234 -4.16 39.09 3.88
CA LEU B 234 -5.49 39.64 4.06
C LEU B 234 -6.38 38.72 4.89
N HIS B 235 -6.28 37.40 4.65
CA HIS B 235 -7.16 36.39 5.21
C HIS B 235 -6.59 35.81 6.51
N SER B 236 -5.57 36.46 7.05
CA SER B 236 -4.77 35.92 8.14
C SER B 236 -5.56 35.74 9.43
N ASP B 237 -6.41 36.73 9.76
CA ASP B 237 -7.01 36.84 11.08
C ASP B 237 -8.21 37.77 11.01
N HIS B 238 -9.20 37.56 11.88
CA HIS B 238 -10.39 38.39 11.94
C HIS B 238 -11.12 38.10 13.23
N GLU B 239 -10.53 38.55 14.35
CA GLU B 239 -11.11 38.36 15.67
C GLU B 239 -11.12 36.86 15.99
N GLY B 240 -11.77 36.49 17.10
CA GLY B 240 -11.79 35.11 17.54
C GLY B 240 -13.19 34.54 17.57
N GLY B 241 -14.17 35.36 17.16
CA GLY B 241 -15.57 34.99 17.31
C GLY B 241 -16.06 34.04 16.22
N ASN B 242 -15.45 34.08 15.03
CA ASN B 242 -15.81 33.22 13.92
C ASN B 242 -15.55 31.75 14.33
N VAL B 243 -16.25 30.84 13.63
CA VAL B 243 -16.35 29.42 13.97
C VAL B 243 -14.97 28.78 13.96
N SER B 244 -14.19 29.03 12.91
CA SER B 244 -12.87 28.44 12.77
C SER B 244 -11.98 28.92 13.90
N ALA B 245 -11.91 30.23 14.12
CA ALA B 245 -10.99 30.77 15.13
C ALA B 245 -11.48 30.40 16.53
N HIS B 246 -12.80 30.30 16.71
CA HIS B 246 -13.40 29.94 17.98
C HIS B 246 -13.17 28.45 18.26
N THR B 247 -13.37 27.62 17.23
CA THR B 247 -13.11 26.20 17.35
C THR B 247 -11.70 25.97 17.91
N ASN B 248 -10.71 26.59 17.23
CA ASN B 248 -9.29 26.51 17.60
C ASN B 248 -9.09 26.84 19.09
N LEU B 249 -9.76 27.89 19.56
CA LEU B 249 -9.61 28.38 20.92
C LEU B 249 -10.22 27.36 21.88
N LEU B 250 -11.44 26.90 21.54
CA LEU B 250 -12.20 25.98 22.37
C LEU B 250 -11.42 24.68 22.57
N VAL B 251 -10.82 24.13 21.50
CA VAL B 251 -10.13 22.86 21.62
C VAL B 251 -8.77 23.10 22.27
N ASN B 252 -8.21 24.29 22.08
CA ASN B 252 -6.90 24.60 22.66
C ASN B 252 -7.00 24.83 24.16
N SER B 253 -8.22 25.17 24.65
CA SER B 253 -8.44 25.56 26.03
C SER B 253 -8.44 24.32 26.90
N ALA B 254 -8.44 23.14 26.26
CA ALA B 254 -8.45 21.89 26.99
C ALA B 254 -7.04 21.30 27.03
N TYR B 255 -6.10 22.03 26.43
CA TYR B 255 -4.68 21.70 26.34
C TYR B 255 -4.45 20.72 25.19
N SER B 256 -5.38 20.66 24.24
CA SER B 256 -5.09 19.97 22.99
C SER B 256 -4.12 20.79 22.18
N ASP B 257 -3.14 20.13 21.56
CA ASP B 257 -2.11 20.80 20.80
C ASP B 257 -2.69 21.37 19.51
N ILE B 258 -1.86 22.07 18.72
CA ILE B 258 -2.29 22.86 17.58
C ILE B 258 -2.73 21.99 16.39
N TYR B 259 -2.21 20.77 16.26
CA TYR B 259 -2.65 19.88 15.18
C TYR B 259 -4.10 19.48 15.43
N ARG B 260 -4.43 19.26 16.70
CA ARG B 260 -5.78 18.97 17.12
C ARG B 260 -6.72 20.17 17.04
N SER B 261 -6.28 21.35 17.51
CA SER B 261 -7.17 22.52 17.52
C SER B 261 -7.32 23.09 16.12
N PHE B 262 -6.26 23.18 15.33
CA PHE B 262 -6.37 23.76 14.02
C PHE B 262 -7.12 22.82 13.08
N SER B 263 -6.93 21.49 13.19
CA SER B 263 -7.65 20.54 12.31
C SER B 263 -9.14 20.58 12.62
N ALA B 264 -9.50 20.66 13.90
CA ALA B 264 -10.89 20.93 14.27
C ALA B 264 -11.41 22.22 13.63
N ALA B 265 -10.63 23.29 13.69
CA ALA B 265 -11.04 24.57 13.11
C ALA B 265 -11.36 24.40 11.62
N MET B 266 -10.54 23.61 10.92
CA MET B 266 -10.74 23.42 9.50
C MET B 266 -12.05 22.67 9.30
N ASN B 267 -12.39 21.76 10.22
CA ASN B 267 -13.66 21.07 10.11
C ASN B 267 -14.81 22.08 10.13
N GLY B 268 -14.66 23.14 10.93
CA GLY B 268 -15.65 24.20 11.04
C GLY B 268 -15.67 25.13 9.84
N LEU B 269 -14.48 25.46 9.31
CA LEU B 269 -14.33 26.23 8.09
C LEU B 269 -14.90 25.50 6.88
N ALA B 270 -14.86 24.17 6.89
CA ALA B 270 -15.44 23.39 5.81
C ALA B 270 -16.97 23.55 5.75
N GLY B 271 -17.59 24.00 6.84
CA GLY B 271 -19.05 24.16 6.88
C GLY B 271 -19.53 25.13 5.82
N PRO B 272 -20.62 24.81 5.07
CA PRO B 272 -21.10 25.70 4.02
C PRO B 272 -21.49 27.14 4.40
N LEU B 273 -21.70 27.37 5.71
CA LEU B 273 -22.00 28.72 6.22
C LEU B 273 -20.76 29.52 6.60
N HIS B 274 -19.55 28.96 6.48
CA HIS B 274 -18.36 29.62 6.98
C HIS B 274 -17.30 29.83 5.88
N GLY B 275 -17.28 28.97 4.87
CA GLY B 275 -16.07 28.84 4.07
C GLY B 275 -16.30 28.91 2.55
N LEU B 276 -17.55 29.13 2.10
CA LEU B 276 -17.87 29.08 0.68
C LEU B 276 -18.05 30.46 0.02
N ALA B 277 -18.19 31.55 0.80
CA ALA B 277 -18.75 32.80 0.29
C ALA B 277 -18.01 33.29 -0.97
N ASN B 278 -16.68 33.28 -0.94
CA ASN B 278 -15.85 33.73 -2.06
C ASN B 278 -16.22 33.02 -3.37
N GLN B 279 -16.71 31.78 -3.25
CA GLN B 279 -17.09 30.92 -4.36
C GLN B 279 -18.47 31.31 -4.86
N GLU B 280 -19.36 31.55 -3.88
CA GLU B 280 -20.71 31.96 -4.20
C GLU B 280 -20.66 33.25 -5.00
N VAL B 281 -19.70 34.10 -4.68
CA VAL B 281 -19.55 35.37 -5.36
C VAL B 281 -19.05 35.11 -6.78
N LEU B 282 -17.95 34.39 -6.91
CA LEU B 282 -17.36 34.20 -8.24
C LEU B 282 -18.43 33.64 -9.21
N ARG B 283 -19.18 32.62 -8.76
CA ARG B 283 -20.23 31.98 -9.54
C ARG B 283 -21.28 33.00 -10.00
N TRP B 284 -21.70 33.87 -9.06
CA TRP B 284 -22.59 35.00 -9.32
C TRP B 284 -22.03 35.98 -10.34
N ILE B 285 -20.77 36.38 -10.20
CA ILE B 285 -20.14 37.19 -11.23
C ILE B 285 -20.22 36.46 -12.57
N GLN B 286 -19.99 35.14 -12.56
CA GLN B 286 -19.94 34.36 -13.79
C GLN B 286 -21.33 34.24 -14.40
N MET B 287 -22.35 34.08 -13.53
CA MET B 287 -23.74 34.04 -13.99
C MET B 287 -24.08 35.35 -14.69
N LEU B 288 -23.63 36.49 -14.14
CA LEU B 288 -23.89 37.81 -14.71
C LEU B 288 -23.29 37.90 -16.10
N TYR B 289 -22.06 37.42 -16.26
CA TYR B 289 -21.35 37.54 -17.51
C TYR B 289 -22.03 36.71 -18.60
N LYS B 290 -22.59 35.56 -18.21
CA LYS B 290 -23.28 34.71 -19.16
C LYS B 290 -24.64 35.30 -19.53
N LYS B 291 -25.33 35.87 -18.53
CA LYS B 291 -26.70 36.34 -18.69
C LYS B 291 -26.73 37.53 -19.66
N PHE B 292 -25.73 38.41 -19.54
CA PHE B 292 -25.68 39.63 -20.33
C PHE B 292 -24.71 39.53 -21.51
N GLY B 293 -24.21 38.34 -21.87
CA GLY B 293 -23.27 38.20 -22.98
C GLY B 293 -22.00 39.04 -22.80
N GLY B 294 -21.64 39.37 -21.55
CA GLY B 294 -20.50 40.23 -21.28
C GLY B 294 -20.72 41.08 -20.03
N VAL B 295 -19.93 42.14 -19.92
CA VAL B 295 -20.05 43.07 -18.81
C VAL B 295 -21.40 43.76 -18.92
N PRO B 296 -22.31 43.71 -17.94
CA PRO B 296 -23.54 44.48 -18.06
C PRO B 296 -23.18 45.96 -18.06
N THR B 297 -24.07 46.78 -18.62
CA THR B 297 -24.00 48.23 -18.42
C THR B 297 -24.56 48.57 -17.03
N LYS B 298 -24.24 49.81 -16.64
CA LYS B 298 -24.64 50.36 -15.37
C LYS B 298 -26.14 50.18 -15.23
N GLU B 299 -26.87 50.46 -16.32
CA GLU B 299 -28.32 50.41 -16.31
C GLU B 299 -28.82 48.97 -16.10
N GLN B 300 -28.21 47.99 -16.76
CA GLN B 300 -28.69 46.60 -16.71
C GLN B 300 -28.46 45.96 -15.33
N LEU B 301 -27.31 46.25 -14.71
CA LEU B 301 -26.95 45.70 -13.40
C LEU B 301 -27.85 46.29 -12.31
N GLU B 302 -28.12 47.60 -12.44
CA GLU B 302 -29.03 48.34 -11.58
C GLU B 302 -30.39 47.64 -11.51
N ARG B 303 -30.91 47.33 -12.71
CA ARG B 303 -32.20 46.71 -12.89
C ARG B 303 -32.14 45.30 -12.29
N PHE B 304 -31.11 44.55 -12.68
CA PHE B 304 -30.91 43.20 -12.15
C PHE B 304 -30.79 43.21 -10.64
N ALA B 305 -30.13 44.21 -10.08
CA ALA B 305 -29.95 44.28 -8.64
C ALA B 305 -31.28 44.55 -7.92
N TRP B 306 -32.14 45.42 -8.52
CA TRP B 306 -33.46 45.74 -7.96
C TRP B 306 -34.41 44.54 -8.05
N ASP B 307 -34.41 43.85 -9.18
CA ASP B 307 -35.21 42.64 -9.32
C ASP B 307 -34.80 41.62 -8.26
N THR B 308 -33.49 41.39 -8.14
CA THR B 308 -32.91 40.43 -7.19
C THR B 308 -33.41 40.73 -5.78
N LEU B 309 -33.22 41.97 -5.35
CA LEU B 309 -33.53 42.34 -3.98
C LEU B 309 -35.05 42.33 -3.79
N ASN B 310 -35.79 42.86 -4.77
CA ASN B 310 -37.24 42.84 -4.68
C ASN B 310 -37.81 41.42 -4.68
N SER B 311 -37.08 40.44 -5.23
CA SER B 311 -37.54 39.06 -5.13
C SER B 311 -37.03 38.42 -3.82
N GLY B 312 -36.46 39.22 -2.91
CA GLY B 312 -36.14 38.77 -1.56
C GLY B 312 -34.83 37.98 -1.49
N GLN B 313 -33.97 38.10 -2.52
CA GLN B 313 -32.64 37.52 -2.53
C GLN B 313 -31.62 38.52 -1.98
N VAL B 314 -30.45 38.01 -1.54
CA VAL B 314 -29.33 38.86 -1.16
C VAL B 314 -28.39 38.99 -2.35
N ILE B 315 -27.55 40.02 -2.33
CA ILE B 315 -26.46 40.14 -3.27
C ILE B 315 -25.19 39.60 -2.64
N PRO B 316 -24.56 38.55 -3.20
CA PRO B 316 -23.40 37.94 -2.56
C PRO B 316 -22.22 38.90 -2.50
N GLY B 317 -21.57 38.93 -1.33
CA GLY B 317 -20.39 39.75 -1.12
C GLY B 317 -20.70 41.11 -0.51
N TYR B 318 -21.98 41.49 -0.43
CA TYR B 318 -22.41 42.82 0.02
C TYR B 318 -23.40 42.72 1.17
N GLY B 319 -23.29 43.65 2.12
CA GLY B 319 -24.38 43.93 3.02
C GLY B 319 -24.35 43.08 4.29
N HIS B 320 -23.18 42.56 4.69
CA HIS B 320 -23.06 41.87 5.97
C HIS B 320 -23.13 42.90 7.08
N ALA B 321 -23.41 42.49 8.32
CA ALA B 321 -24.08 43.35 9.29
C ALA B 321 -23.15 44.12 10.23
N VAL B 322 -21.89 43.69 10.41
CA VAL B 322 -21.08 44.30 11.47
C VAL B 322 -20.57 45.65 10.96
N LEU B 323 -19.82 45.65 9.85
CA LEU B 323 -19.23 46.85 9.27
C LEU B 323 -20.31 47.84 8.88
N ARG B 324 -19.91 49.12 8.85
CA ARG B 324 -20.70 50.17 8.22
C ARG B 324 -19.89 50.83 7.10
N VAL B 325 -18.73 50.23 6.75
CA VAL B 325 -17.88 50.75 5.67
C VAL B 325 -17.45 49.58 4.79
N THR B 326 -16.98 49.91 3.59
CA THR B 326 -16.24 48.96 2.78
C THR B 326 -15.16 48.33 3.65
N ASP B 327 -15.00 47.01 3.48
CA ASP B 327 -13.95 46.19 4.08
C ASP B 327 -12.60 46.59 3.49
N PRO B 328 -11.64 46.99 4.35
CA PRO B 328 -10.33 47.37 3.87
C PRO B 328 -9.67 46.22 3.11
N ARG B 329 -10.05 44.99 3.46
CA ARG B 329 -9.54 43.83 2.73
C ARG B 329 -10.05 43.86 1.29
N TYR B 330 -11.30 44.31 1.10
CA TYR B 330 -11.81 44.47 -0.24
C TYR B 330 -10.95 45.51 -0.99
N VAL B 331 -10.66 46.67 -0.38
CA VAL B 331 -9.97 47.79 -1.04
C VAL B 331 -8.58 47.33 -1.48
N ALA B 332 -7.89 46.59 -0.60
CA ALA B 332 -6.55 46.14 -0.94
C ALA B 332 -6.61 45.29 -2.21
N GLN B 333 -7.66 44.47 -2.35
CA GLN B 333 -7.78 43.58 -3.50
C GLN B 333 -8.12 44.34 -4.77
N ARG B 334 -9.03 45.30 -4.64
CA ARG B 334 -9.35 46.23 -5.71
C ARG B 334 -8.07 46.87 -6.22
N ASP B 335 -7.23 47.35 -5.28
CA ASP B 335 -5.99 47.99 -5.67
C ASP B 335 -5.11 47.03 -6.43
N PHE B 336 -5.00 45.78 -5.97
CA PHE B 336 -4.18 44.81 -6.68
C PHE B 336 -4.71 44.64 -8.11
N ALA B 337 -6.04 44.55 -8.24
CA ALA B 337 -6.65 44.27 -9.52
C ALA B 337 -6.43 45.41 -10.51
N LEU B 338 -6.61 46.66 -10.03
CA LEU B 338 -6.45 47.82 -10.89
C LEU B 338 -5.00 47.86 -11.39
N LYS B 339 -4.08 47.57 -10.48
CA LYS B 339 -2.67 47.55 -10.78
C LYS B 339 -2.31 46.47 -11.80
N HIS B 340 -2.86 45.25 -11.67
CA HIS B 340 -2.28 44.09 -12.35
C HIS B 340 -3.19 43.39 -13.36
N LEU B 341 -4.52 43.54 -13.28
CA LEU B 341 -5.42 42.93 -14.25
C LEU B 341 -6.64 43.80 -14.55
N PRO B 342 -6.49 45.12 -14.81
CA PRO B 342 -7.67 45.98 -14.99
C PRO B 342 -8.61 45.65 -16.15
N ASP B 343 -8.14 44.89 -17.15
CA ASP B 343 -8.96 44.60 -18.32
C ASP B 343 -9.67 43.25 -18.24
N ASP B 344 -9.49 42.52 -17.14
CA ASP B 344 -10.17 41.25 -16.98
C ASP B 344 -11.68 41.50 -16.94
N GLU B 345 -12.43 40.73 -17.71
CA GLU B 345 -13.84 41.00 -17.85
C GLU B 345 -14.61 40.65 -16.57
N LEU B 346 -14.20 39.60 -15.85
CA LEU B 346 -14.85 39.29 -14.59
C LEU B 346 -14.51 40.39 -13.58
N PHE B 347 -13.30 40.92 -13.63
CA PHE B 347 -12.96 42.00 -12.73
C PHE B 347 -13.88 43.21 -12.99
N LYS B 348 -14.08 43.51 -14.28
CA LYS B 348 -14.88 44.64 -14.72
C LYS B 348 -16.25 44.62 -14.08
N ILE B 349 -16.76 43.42 -13.83
CA ILE B 349 -18.09 43.27 -13.26
C ILE B 349 -18.03 43.53 -11.77
N VAL B 350 -17.01 42.97 -11.12
CA VAL B 350 -16.74 43.22 -9.71
C VAL B 350 -16.56 44.72 -9.49
N SER B 351 -15.87 45.39 -10.42
CA SER B 351 -15.63 46.83 -10.30
C SER B 351 -16.93 47.62 -10.45
N LEU B 352 -17.71 47.29 -11.50
CA LEU B 352 -18.98 47.94 -11.73
C LEU B 352 -19.94 47.79 -10.53
N CYS B 353 -19.96 46.59 -9.94
CA CYS B 353 -20.76 46.35 -8.74
C CYS B 353 -20.36 47.28 -7.59
N TYR B 354 -19.05 47.54 -7.43
CA TYR B 354 -18.58 48.44 -6.37
C TYR B 354 -19.23 49.82 -6.51
N GLU B 355 -19.39 50.29 -7.75
CA GLU B 355 -20.05 51.56 -8.05
C GLU B 355 -21.56 51.44 -7.82
N VAL B 356 -22.19 50.36 -8.29
CA VAL B 356 -23.62 50.37 -8.46
C VAL B 356 -24.33 49.85 -7.23
N ILE B 357 -23.88 48.71 -6.71
CA ILE B 357 -24.66 47.94 -5.76
C ILE B 357 -24.83 48.72 -4.45
N PRO B 358 -23.79 49.38 -3.89
CA PRO B 358 -23.98 50.20 -2.70
C PRO B 358 -24.99 51.34 -2.85
N GLU B 359 -25.22 51.85 -4.06
CA GLU B 359 -26.25 52.88 -4.28
C GLU B 359 -27.63 52.22 -4.20
N VAL B 360 -27.80 51.12 -4.94
CA VAL B 360 -29.03 50.36 -4.92
C VAL B 360 -29.36 49.93 -3.50
N LEU B 361 -28.37 49.49 -2.72
CA LEU B 361 -28.64 48.94 -1.40
C LEU B 361 -29.07 50.02 -0.40
N LYS B 362 -28.51 51.24 -0.52
CA LYS B 362 -28.90 52.37 0.33
C LYS B 362 -30.34 52.75 0.03
N LYS B 363 -30.66 52.83 -1.27
CA LYS B 363 -31.97 53.23 -1.76
C LYS B 363 -33.00 52.13 -1.56
N HIS B 364 -32.57 50.86 -1.43
CA HIS B 364 -33.49 49.78 -1.12
C HIS B 364 -33.94 49.93 0.33
N GLY B 365 -33.10 50.58 1.15
CA GLY B 365 -33.50 51.04 2.48
C GLY B 365 -33.28 49.98 3.56
N LYS B 366 -32.94 48.75 3.13
CA LYS B 366 -32.85 47.59 4.02
C LYS B 366 -31.59 47.68 4.88
N ALA B 367 -30.43 47.70 4.23
CA ALA B 367 -29.16 47.41 4.90
C ALA B 367 -28.50 48.70 5.43
N LYS B 368 -28.01 48.64 6.68
CA LYS B 368 -27.24 49.72 7.31
C LYS B 368 -25.79 49.66 6.83
N ASN B 369 -25.38 48.49 6.32
CA ASN B 369 -24.17 48.34 5.55
C ASN B 369 -24.51 48.03 4.09
N PRO B 370 -24.37 48.97 3.16
CA PRO B 370 -24.50 48.63 1.74
C PRO B 370 -23.24 48.12 1.07
N TRP B 371 -22.17 47.88 1.86
CA TRP B 371 -20.82 47.81 1.30
C TRP B 371 -20.30 46.37 1.24
N PRO B 372 -19.31 46.10 0.33
CA PRO B 372 -18.80 44.74 0.09
C PRO B 372 -17.82 44.26 1.14
N ASN B 373 -17.56 42.94 1.20
CA ASN B 373 -16.50 42.43 2.06
C ASN B 373 -15.46 41.69 1.22
N VAL B 374 -14.51 41.03 1.91
CA VAL B 374 -13.30 40.52 1.28
C VAL B 374 -13.67 39.48 0.23
N ASP B 375 -14.79 38.79 0.48
CA ASP B 375 -15.19 37.64 -0.31
C ASP B 375 -15.74 38.08 -1.68
N ALA B 376 -16.07 39.38 -1.77
CA ALA B 376 -16.57 39.92 -3.00
C ALA B 376 -15.47 39.98 -4.05
N HIS B 377 -14.20 40.04 -3.63
CA HIS B 377 -13.11 40.34 -4.55
C HIS B 377 -12.14 39.17 -4.79
N SER B 378 -12.07 38.18 -3.89
CA SER B 378 -10.97 37.21 -3.90
C SER B 378 -11.08 36.20 -5.04
N GLY B 379 -12.29 35.75 -5.38
CA GLY B 379 -12.51 34.78 -6.45
C GLY B 379 -12.01 35.20 -7.84
N VAL B 380 -12.31 36.43 -8.27
CA VAL B 380 -11.91 36.92 -9.58
C VAL B 380 -10.38 36.96 -9.68
N LEU B 381 -9.71 37.22 -8.56
CA LEU B 381 -8.26 37.26 -8.57
C LEU B 381 -7.71 35.85 -8.81
N LEU B 382 -8.20 34.89 -8.04
CA LEU B 382 -7.77 33.51 -8.22
C LEU B 382 -8.03 33.08 -9.66
N TRP B 383 -9.22 33.40 -10.17
CA TRP B 383 -9.69 32.83 -11.43
C TRP B 383 -8.85 33.37 -12.57
N HIS B 384 -8.58 34.69 -12.45
CA HIS B 384 -7.80 35.41 -13.45
C HIS B 384 -6.46 34.67 -13.67
N TYR B 385 -5.86 34.10 -12.61
CA TYR B 385 -4.51 33.54 -12.73
C TYR B 385 -4.55 32.02 -12.98
N GLY B 386 -5.74 31.46 -13.19
CA GLY B 386 -5.87 30.05 -13.52
C GLY B 386 -6.15 29.16 -12.31
N ILE B 387 -6.35 29.73 -11.10
CA ILE B 387 -6.80 28.95 -9.95
C ILE B 387 -8.32 28.89 -9.99
N ARG B 388 -8.83 27.80 -10.57
CA ARG B 388 -10.23 27.69 -10.96
C ARG B 388 -11.01 26.68 -10.12
N GLU B 389 -10.35 25.98 -9.19
CA GLU B 389 -10.96 24.83 -8.53
C GLU B 389 -11.68 25.31 -7.29
N TYR B 390 -12.96 25.67 -7.48
CA TYR B 390 -13.76 26.33 -6.48
C TYR B 390 -13.55 25.68 -5.11
N ASP B 391 -13.82 24.39 -5.00
CA ASP B 391 -13.77 23.70 -3.70
C ASP B 391 -12.47 24.01 -2.96
N PHE B 392 -11.37 24.08 -3.72
CA PHE B 392 -10.03 24.32 -3.17
C PHE B 392 -9.94 25.71 -2.52
N TYR B 393 -10.81 26.64 -2.86
CA TYR B 393 -10.69 28.01 -2.35
C TYR B 393 -10.71 27.99 -0.83
N THR B 394 -11.51 27.10 -0.23
CA THR B 394 -11.58 27.10 1.23
C THR B 394 -10.25 26.69 1.86
N VAL B 395 -9.43 25.93 1.12
CA VAL B 395 -8.14 25.46 1.63
C VAL B 395 -7.14 26.61 1.66
N LEU B 396 -7.08 27.38 0.57
CA LEU B 396 -6.27 28.58 0.55
C LEU B 396 -6.65 29.46 1.75
N PHE B 397 -7.95 29.60 1.98
CA PHE B 397 -8.41 30.39 3.12
C PHE B 397 -7.81 29.80 4.40
N GLY B 398 -7.86 28.47 4.54
CA GLY B 398 -7.42 27.79 5.76
C GLY B 398 -5.91 27.98 6.00
N VAL B 399 -5.12 27.84 4.94
CA VAL B 399 -3.68 28.09 5.03
C VAL B 399 -3.45 29.47 5.65
N SER B 400 -4.12 30.52 5.13
CA SER B 400 -3.95 31.90 5.59
C SER B 400 -4.31 32.01 7.07
N ARG B 401 -5.51 31.53 7.39
CA ARG B 401 -6.10 31.71 8.69
C ARG B 401 -5.35 30.94 9.77
N ALA B 402 -4.50 29.97 9.36
CA ALA B 402 -3.53 29.37 10.27
C ALA B 402 -2.64 30.42 10.97
N LEU B 403 -2.27 31.48 10.26
CA LEU B 403 -1.37 32.48 10.82
C LEU B 403 -1.99 33.10 12.08
N GLY B 404 -3.25 33.48 11.97
CA GLY B 404 -3.95 34.04 13.10
C GLY B 404 -4.28 32.99 14.16
N CYS B 405 -4.70 31.79 13.71
CA CYS B 405 -5.07 30.68 14.61
C CYS B 405 -3.87 30.31 15.49
N THR B 406 -2.66 30.23 14.92
CA THR B 406 -1.48 29.88 15.66
C THR B 406 -1.11 30.99 16.63
N ALA B 407 -1.08 32.22 16.14
CA ALA B 407 -0.75 33.35 16.98
C ALA B 407 -1.66 33.42 18.18
N GLN B 408 -2.95 33.25 17.96
CA GLN B 408 -3.94 33.36 19.03
C GLN B 408 -3.72 32.23 20.04
N ALA B 409 -3.35 31.05 19.53
CA ALA B 409 -3.25 29.85 20.33
C ALA B 409 -2.05 29.96 21.25
N ILE B 410 -0.95 30.47 20.69
CA ILE B 410 0.25 30.75 21.45
C ILE B 410 -0.09 31.72 22.58
N LEU B 411 -0.85 32.76 22.24
CA LEU B 411 -0.93 33.91 23.11
C LEU B 411 -1.75 33.53 24.33
N VAL B 412 -2.83 32.78 24.10
CA VAL B 412 -3.75 32.52 25.20
C VAL B 412 -3.13 31.49 26.13
N ARG B 413 -2.19 30.66 25.64
CA ARG B 413 -1.47 29.74 26.51
C ARG B 413 -0.40 30.53 27.25
N GLY B 414 0.11 31.59 26.62
CA GLY B 414 0.89 32.57 27.34
C GLY B 414 0.10 33.15 28.50
N TYR B 415 -1.17 33.48 28.24
CA TYR B 415 -2.03 34.16 29.21
C TYR B 415 -2.49 33.18 30.27
N MET B 416 -2.53 31.89 29.91
CA MET B 416 -3.04 30.82 30.74
C MET B 416 -4.55 30.94 30.95
N LEU B 417 -5.30 31.32 29.90
CA LEU B 417 -6.76 31.36 30.04
C LEU B 417 -7.26 29.96 30.38
N PRO B 418 -8.34 29.86 31.19
CA PRO B 418 -8.86 28.57 31.61
C PRO B 418 -9.63 27.87 30.50
N ILE B 419 -10.15 26.67 30.79
CA ILE B 419 -10.91 25.88 29.81
C ILE B 419 -12.19 26.62 29.44
N GLU B 420 -12.67 26.45 28.19
CA GLU B 420 -13.94 27.01 27.73
C GLU B 420 -15.08 26.04 28.03
N ARG B 421 -15.94 26.45 28.99
CA ARG B 421 -17.07 25.66 29.48
C ARG B 421 -18.22 26.59 29.86
N PRO B 422 -18.97 27.13 28.88
CA PRO B 422 -20.21 27.85 29.16
C PRO B 422 -21.24 26.88 29.71
N LYS B 423 -22.41 27.40 30.04
CA LYS B 423 -23.49 26.64 30.65
C LYS B 423 -24.64 26.60 29.66
N SER B 424 -25.20 25.41 29.47
CA SER B 424 -26.34 25.23 28.57
C SER B 424 -27.64 25.39 29.36
N ILE B 425 -28.74 25.73 28.67
CA ILE B 425 -30.08 25.83 29.26
C ILE B 425 -31.02 24.93 28.49
N THR B 426 -32.12 24.53 29.14
CA THR B 426 -33.12 23.67 28.55
C THR B 426 -34.29 24.53 28.11
N THR B 427 -34.96 24.11 27.05
CA THR B 427 -36.17 24.77 26.59
C THR B 427 -37.26 24.65 27.66
N ARG B 428 -37.28 23.55 28.41
CA ARG B 428 -38.29 23.37 29.45
C ARG B 428 -38.14 24.49 30.48
N TRP B 429 -36.89 24.69 30.94
CA TRP B 429 -36.59 25.68 31.95
C TRP B 429 -37.04 27.06 31.50
N VAL B 430 -36.67 27.41 30.26
CA VAL B 430 -37.01 28.66 29.60
C VAL B 430 -38.52 28.87 29.71
N LYS B 431 -39.31 27.86 29.27
CA LYS B 431 -40.75 27.97 29.09
C LYS B 431 -41.44 28.24 30.43
N GLU B 432 -40.83 27.73 31.52
CA GLU B 432 -41.34 27.85 32.87
C GLU B 432 -41.09 29.25 33.42
N VAL B 433 -39.94 29.80 33.04
CA VAL B 433 -39.32 30.95 33.69
C VAL B 433 -39.45 32.25 32.88
N ALA B 434 -39.73 32.14 31.58
CA ALA B 434 -39.46 33.24 30.67
C ALA B 434 -40.33 34.45 31.00
N GLU B 435 -41.59 34.18 31.44
CA GLU B 435 -42.54 35.25 31.73
C GLU B 435 -42.09 36.07 32.94
N SER B 436 -41.40 35.42 33.89
CA SER B 436 -40.82 36.03 35.08
C SER B 436 -39.63 36.92 34.75
N LEU B 437 -39.04 36.74 33.57
CA LEU B 437 -37.74 37.32 33.28
C LEU B 437 -37.91 38.78 32.90
N PRO B 438 -37.09 39.71 33.43
CA PRO B 438 -37.06 41.10 32.96
C PRO B 438 -36.63 41.18 31.50
N VAL B 439 -37.10 42.19 30.76
CA VAL B 439 -36.69 42.39 29.37
C VAL B 439 -35.43 43.26 29.37
N ALA B 440 -34.43 42.81 28.60
CA ALA B 440 -33.12 43.42 28.59
C ALA B 440 -33.23 44.90 28.23
N GLY B 441 -32.62 45.76 29.06
CA GLY B 441 -32.60 47.20 28.81
C GLY B 441 -33.75 47.99 29.45
N SER B 442 -34.82 47.31 29.87
CA SER B 442 -36.07 47.98 30.25
C SER B 442 -35.96 48.62 31.63
N LYS B 443 -36.94 49.47 31.98
CA LYS B 443 -37.02 50.13 33.27
C LYS B 443 -37.10 49.07 34.37
N LEU B 444 -37.87 48.00 34.13
CA LEU B 444 -38.10 46.96 35.12
C LEU B 444 -36.80 46.22 35.45
N ALA B 445 -36.06 45.79 34.41
CA ALA B 445 -34.76 45.12 34.55
C ALA B 445 -33.76 45.94 35.36
N ALA B 446 -33.70 47.26 35.08
CA ALA B 446 -32.79 48.17 35.76
C ALA B 446 -33.14 48.26 37.25
N ALA B 447 -34.42 48.07 37.57
CA ALA B 447 -34.90 48.19 38.95
C ALA B 447 -34.65 46.90 39.73
N LEU B 448 -34.40 45.78 39.03
CA LEU B 448 -33.98 44.54 39.64
C LEU B 448 -32.46 44.35 39.51
N GLU B 449 -31.67 45.41 39.76
CA GLU B 449 -30.24 45.45 39.48
C GLU B 449 -30.04 45.63 37.96
N MET C 1 39.63 -2.44 -9.93
CA MET C 1 39.62 -2.05 -8.49
C MET C 1 40.75 -2.80 -7.82
N LYS C 2 41.64 -2.04 -7.16
CA LYS C 2 42.85 -2.56 -6.57
C LYS C 2 42.50 -3.71 -5.63
N LEU C 3 41.51 -3.50 -4.78
CA LEU C 3 41.11 -4.49 -3.79
C LEU C 3 40.84 -5.85 -4.46
N LYS C 4 40.27 -5.86 -5.67
CA LYS C 4 39.91 -7.12 -6.30
C LYS C 4 41.13 -7.72 -7.00
N GLU C 5 41.83 -6.90 -7.80
CA GLU C 5 42.99 -7.36 -8.54
C GLU C 5 43.98 -8.00 -7.57
N ARG C 6 44.10 -7.39 -6.40
CA ARG C 6 44.94 -7.93 -5.34
C ARG C 6 44.41 -9.27 -4.88
N LEU C 7 43.12 -9.36 -4.48
CA LEU C 7 42.54 -10.61 -4.01
C LEU C 7 42.58 -11.68 -5.09
N ALA C 8 42.54 -11.29 -6.37
CA ALA C 8 42.72 -12.23 -7.46
C ALA C 8 44.09 -12.90 -7.41
N GLU C 9 45.10 -12.29 -6.77
CA GLU C 9 46.44 -12.86 -6.68
C GLU C 9 46.62 -13.64 -5.38
N LEU C 10 46.14 -13.08 -4.26
CA LEU C 10 46.41 -13.64 -2.95
C LEU C 10 45.56 -14.85 -2.64
N ILE C 11 44.29 -14.85 -3.09
CA ILE C 11 43.35 -15.87 -2.63
C ILE C 11 43.75 -17.24 -3.18
N PRO C 12 44.17 -17.40 -4.45
CA PRO C 12 44.66 -18.71 -4.92
C PRO C 12 45.89 -19.19 -4.18
N GLN C 13 46.78 -18.28 -3.76
CA GLN C 13 47.89 -18.70 -2.93
C GLN C 13 47.40 -19.26 -1.61
N TRP C 14 46.50 -18.50 -0.96
CA TRP C 14 45.99 -18.86 0.35
C TRP C 14 45.26 -20.18 0.29
N ARG C 15 44.49 -20.38 -0.79
CA ARG C 15 43.77 -21.61 -1.00
C ARG C 15 44.74 -22.79 -1.06
N ALA C 16 45.81 -22.65 -1.86
CA ALA C 16 46.84 -23.69 -1.95
C ALA C 16 47.47 -23.98 -0.59
N GLU C 17 47.66 -22.94 0.23
CA GLU C 17 48.34 -23.05 1.52
C GLU C 17 47.46 -23.80 2.52
N VAL C 18 46.14 -23.58 2.41
CA VAL C 18 45.16 -24.17 3.31
C VAL C 18 44.97 -25.63 2.93
N ALA C 19 44.94 -25.91 1.63
CA ALA C 19 44.97 -27.29 1.15
C ALA C 19 46.20 -27.99 1.71
N GLU C 20 47.38 -27.35 1.62
CA GLU C 20 48.60 -27.93 2.20
C GLU C 20 48.46 -28.15 3.71
N ILE C 21 47.84 -27.20 4.42
CA ILE C 21 47.77 -27.30 5.87
C ILE C 21 46.86 -28.47 6.24
N ARG C 22 45.78 -28.65 5.48
CA ARG C 22 44.84 -29.73 5.78
C ARG C 22 45.48 -31.11 5.58
N LYS C 23 46.11 -31.31 4.42
CA LYS C 23 46.72 -32.59 4.07
C LYS C 23 47.82 -32.95 5.08
N LYS C 24 48.74 -32.01 5.30
CA LYS C 24 50.00 -32.26 5.97
C LYS C 24 49.83 -32.28 7.49
N TYR C 25 49.01 -31.36 8.02
CA TYR C 25 48.92 -31.15 9.46
C TYR C 25 47.49 -31.26 9.96
N GLY C 26 46.58 -31.82 9.14
CA GLY C 26 45.20 -32.05 9.58
C GLY C 26 45.14 -32.80 10.91
N ASN C 27 45.97 -33.85 11.06
CA ASN C 27 45.99 -34.70 12.26
C ASN C 27 46.84 -34.14 13.41
N ARG C 28 47.32 -32.89 13.32
CA ARG C 28 47.99 -32.35 14.49
C ARG C 28 46.93 -31.99 15.52
N LYS C 29 47.16 -32.39 16.77
CA LYS C 29 46.25 -32.14 17.87
C LYS C 29 46.58 -30.80 18.53
N THR C 30 45.55 -29.99 18.79
CA THR C 30 45.70 -28.71 19.49
C THR C 30 45.26 -28.85 20.95
N MET C 31 44.32 -29.75 21.22
CA MET C 31 43.79 -29.87 22.58
C MET C 31 42.85 -31.08 22.66
N ASP C 32 42.46 -31.37 23.90
CA ASP C 32 41.42 -32.35 24.18
C ASP C 32 40.04 -31.69 24.14
N CYS C 33 39.08 -32.42 23.54
CA CYS C 33 37.68 -32.06 23.54
C CYS C 33 36.99 -32.80 24.69
N THR C 34 36.33 -32.08 25.58
CA THR C 34 35.74 -32.72 26.74
C THR C 34 34.21 -32.62 26.71
N ILE C 35 33.56 -33.52 27.47
CA ILE C 35 32.19 -33.36 27.90
C ILE C 35 31.94 -31.89 28.23
N GLY C 36 32.84 -31.31 29.05
CA GLY C 36 32.68 -29.94 29.49
C GLY C 36 32.41 -28.97 28.33
N HIS C 37 33.14 -29.14 27.22
CA HIS C 37 33.04 -28.29 26.04
C HIS C 37 31.63 -28.34 25.44
N ALA C 38 31.00 -29.53 25.45
CA ALA C 38 29.70 -29.75 24.82
C ALA C 38 28.60 -29.06 25.62
N TYR C 39 28.70 -29.16 26.95
CA TYR C 39 27.73 -28.56 27.85
C TYR C 39 28.08 -27.12 28.20
N GLY C 40 29.24 -26.64 27.70
CA GLY C 40 29.81 -25.36 28.12
C GLY C 40 30.03 -24.43 26.93
N GLY C 41 29.19 -24.57 25.90
CA GLY C 41 29.20 -23.61 24.81
C GLY C 41 30.51 -23.65 24.03
N MET C 42 31.14 -24.81 24.01
CA MET C 42 32.38 -24.96 23.29
C MET C 42 33.46 -24.00 23.81
N ARG C 43 33.35 -23.48 25.03
CA ARG C 43 34.25 -22.45 25.53
C ARG C 43 35.68 -22.98 25.59
N GLY C 44 36.57 -22.31 24.83
CA GLY C 44 37.98 -22.71 24.78
C GLY C 44 38.28 -23.53 23.55
N LEU C 45 37.29 -24.21 22.96
CA LEU C 45 37.57 -25.22 21.95
C LEU C 45 38.00 -24.59 20.63
N LYS C 46 39.17 -24.99 20.11
CA LYS C 46 39.73 -24.43 18.89
C LYS C 46 39.09 -25.05 17.64
N ALA C 47 37.92 -24.50 17.26
CA ALA C 47 37.06 -25.13 16.28
C ALA C 47 36.93 -24.32 14.98
N LEU C 48 37.41 -23.06 14.98
CA LEU C 48 37.15 -22.11 13.90
C LEU C 48 38.45 -21.48 13.42
N VAL C 49 38.48 -21.12 12.14
CA VAL C 49 39.54 -20.33 11.57
C VAL C 49 39.08 -18.88 11.34
N CYS C 50 39.96 -17.91 11.68
CA CYS C 50 39.75 -16.50 11.36
C CYS C 50 41.09 -15.78 11.27
N ASP C 51 41.30 -15.12 10.13
CA ASP C 51 42.58 -14.59 9.71
C ASP C 51 42.59 -13.06 9.69
N THR C 52 41.45 -12.45 10.02
CA THR C 52 41.24 -11.01 9.92
C THR C 52 41.63 -10.35 11.23
N SER C 53 41.41 -11.00 12.35
CA SER C 53 41.75 -10.40 13.62
C SER C 53 42.08 -11.54 14.59
N GLU C 54 42.85 -11.19 15.62
CA GLU C 54 43.43 -12.12 16.56
C GLU C 54 43.57 -11.37 17.88
N VAL C 55 43.14 -12.00 18.98
CA VAL C 55 43.29 -11.37 20.28
C VAL C 55 44.58 -11.90 20.90
N PHE C 56 45.54 -11.00 21.19
CA PHE C 56 46.71 -11.31 22.01
C PHE C 56 46.39 -10.92 23.45
N PRO C 57 46.39 -11.83 24.46
CA PRO C 57 45.84 -11.49 25.77
C PRO C 57 46.66 -10.45 26.56
N ASP C 58 47.91 -10.25 26.13
CA ASP C 58 48.77 -9.15 26.55
C ASP C 58 48.36 -7.79 25.97
N GLU C 59 48.29 -7.68 24.62
CA GLU C 59 48.26 -6.42 23.88
C GLU C 59 46.85 -5.93 23.52
N GLY C 60 45.96 -6.83 23.09
CA GLY C 60 44.58 -6.51 22.69
C GLY C 60 44.29 -7.07 21.30
N VAL C 61 43.14 -6.71 20.71
CA VAL C 61 42.83 -7.21 19.36
C VAL C 61 43.79 -6.56 18.37
N LYS C 62 44.22 -7.31 17.36
CA LYS C 62 44.98 -6.74 16.27
C LYS C 62 44.36 -7.16 14.94
N PHE C 63 44.35 -6.21 13.98
CA PHE C 63 43.78 -6.42 12.66
C PHE C 63 44.92 -6.80 11.73
N ARG C 64 44.91 -8.03 11.22
CA ARG C 64 45.97 -8.54 10.36
C ARG C 64 47.39 -8.21 10.86
N GLY C 65 47.63 -8.29 12.18
CA GLY C 65 48.98 -8.13 12.72
C GLY C 65 49.24 -6.77 13.35
N TYR C 66 48.43 -5.76 12.95
CA TYR C 66 48.64 -4.36 13.31
C TYR C 66 47.82 -3.97 14.54
N THR C 67 48.41 -3.18 15.43
CA THR C 67 47.67 -2.69 16.58
C THR C 67 46.77 -1.55 16.14
N ILE C 68 45.84 -1.25 17.04
CA ILE C 68 44.88 -0.21 16.81
C ILE C 68 45.56 1.15 16.80
N PRO C 69 46.33 1.51 17.85
CA PRO C 69 47.08 2.76 17.82
C PRO C 69 47.84 2.97 16.51
N GLU C 70 48.66 1.98 16.13
CA GLU C 70 49.45 2.01 14.90
C GLU C 70 48.69 2.50 13.68
N LEU C 71 47.40 2.12 13.62
CA LEU C 71 46.56 2.33 12.45
C LEU C 71 45.81 3.67 12.60
N ARG C 72 45.71 4.17 13.82
CA ARG C 72 45.06 5.44 14.10
C ARG C 72 46.02 6.64 14.04
N GLU C 73 47.34 6.43 14.23
CA GLU C 73 48.29 7.54 14.27
C GLU C 73 49.71 7.06 13.98
N GLY C 74 50.45 7.79 13.15
CA GLY C 74 51.87 7.48 12.94
C GLY C 74 52.10 6.92 11.54
N PRO C 75 53.29 6.37 11.23
CA PRO C 75 53.57 5.95 9.85
C PRO C 75 52.70 4.80 9.34
N HIS C 76 51.98 4.11 10.24
CA HIS C 76 51.13 2.99 9.87
C HIS C 76 49.66 3.42 9.77
N LYS C 77 49.41 4.74 9.82
CA LYS C 77 48.06 5.31 9.86
C LYS C 77 47.29 4.97 8.59
N LEU C 78 46.03 4.51 8.77
CA LEU C 78 45.13 4.27 7.64
C LEU C 78 44.64 5.61 7.10
N PRO C 79 44.46 5.75 5.77
CA PRO C 79 43.94 6.99 5.19
C PRO C 79 42.68 7.57 5.83
N THR C 80 42.63 8.90 5.95
CA THR C 80 41.55 9.62 6.60
C THR C 80 40.64 10.25 5.54
N ALA C 81 39.59 10.94 6.01
CA ALA C 81 38.86 11.84 5.13
C ALA C 81 39.74 13.06 4.90
N GLU C 82 39.53 13.78 3.77
CA GLU C 82 40.22 15.05 3.58
C GLU C 82 40.03 15.96 4.79
N GLY C 83 41.12 16.33 5.46
CA GLY C 83 41.08 17.23 6.60
C GLY C 83 40.70 16.52 7.89
N GLY C 84 40.77 15.18 7.89
CA GLY C 84 40.36 14.38 9.03
C GLY C 84 41.55 13.76 9.77
N PHE C 85 41.24 13.23 10.95
CA PHE C 85 42.21 12.54 11.80
C PHE C 85 41.91 11.03 11.86
N GLU C 86 40.63 10.67 12.04
CA GLU C 86 40.26 9.30 12.35
C GLU C 86 40.38 8.45 11.09
N PRO C 87 40.82 7.18 11.23
CA PRO C 87 40.97 6.30 10.08
C PRO C 87 39.59 5.85 9.58
N LEU C 88 39.46 5.87 8.24
CA LEU C 88 38.27 5.45 7.54
C LEU C 88 38.16 3.94 7.61
N PRO C 89 36.96 3.45 7.98
CA PRO C 89 36.67 2.01 7.90
C PRO C 89 36.94 1.41 6.53
N GLU C 90 36.74 2.19 5.47
CA GLU C 90 36.96 1.72 4.10
C GLU C 90 38.37 1.12 3.99
N GLY C 91 39.38 1.79 4.55
CA GLY C 91 40.77 1.33 4.44
C GLY C 91 41.05 0.14 5.37
N LEU C 92 40.51 0.22 6.59
CA LEU C 92 40.44 -0.93 7.48
C LEU C 92 40.00 -2.18 6.73
N TRP C 93 38.91 -2.07 5.95
CA TRP C 93 38.35 -3.21 5.25
C TRP C 93 39.35 -3.79 4.24
N TYR C 94 39.97 -2.91 3.45
CA TYR C 94 41.06 -3.31 2.54
C TYR C 94 42.11 -4.15 3.29
N LEU C 95 42.42 -3.77 4.53
CA LEU C 95 43.44 -4.44 5.31
C LEU C 95 43.00 -5.84 5.73
N LEU C 96 41.77 -5.94 6.26
CA LEU C 96 41.23 -7.23 6.68
C LEU C 96 41.23 -8.21 5.52
N LEU C 97 40.91 -7.72 4.31
CA LEU C 97 40.85 -8.59 3.16
C LEU C 97 42.23 -8.96 2.62
N THR C 98 43.18 -8.01 2.55
CA THR C 98 44.41 -8.32 1.82
C THR C 98 45.54 -8.72 2.75
N GLY C 99 45.38 -8.45 4.06
CA GLY C 99 46.50 -8.38 4.99
C GLY C 99 47.51 -7.26 4.69
N GLU C 100 47.22 -6.34 3.77
CA GLU C 100 48.14 -5.28 3.37
C GLU C 100 47.54 -3.90 3.67
N LEU C 101 48.44 -2.91 3.91
CA LEU C 101 48.02 -1.54 4.16
C LEU C 101 47.66 -0.88 2.84
N PRO C 102 46.51 -0.16 2.80
CA PRO C 102 46.02 0.46 1.57
C PRO C 102 46.68 1.82 1.42
N THR C 103 46.89 2.23 0.15
CA THR C 103 47.23 3.59 -0.21
C THR C 103 45.99 4.47 -0.13
N GLU C 104 46.22 5.78 -0.36
CA GLU C 104 45.19 6.80 -0.38
C GLU C 104 44.17 6.50 -1.46
N GLU C 105 44.67 6.14 -2.64
CA GLU C 105 43.88 5.81 -3.82
C GLU C 105 43.07 4.56 -3.56
N ASP C 106 43.70 3.56 -2.89
CA ASP C 106 43.05 2.28 -2.62
C ASP C 106 41.75 2.55 -1.88
N VAL C 107 41.81 3.48 -0.92
CA VAL C 107 40.65 3.79 -0.08
C VAL C 107 39.62 4.63 -0.82
N LYS C 108 40.07 5.55 -1.68
CA LYS C 108 39.15 6.38 -2.44
C LYS C 108 38.36 5.51 -3.42
N GLU C 109 38.96 4.41 -3.91
CA GLU C 109 38.27 3.47 -4.77
C GLU C 109 37.15 2.75 -3.99
N ILE C 110 37.39 2.36 -2.73
CA ILE C 110 36.39 1.67 -1.95
C ILE C 110 35.26 2.65 -1.62
N SER C 111 35.62 3.86 -1.20
CA SER C 111 34.63 4.88 -0.88
C SER C 111 33.71 5.16 -2.07
N ALA C 112 34.29 5.17 -3.28
CA ALA C 112 33.52 5.43 -4.50
C ALA C 112 32.60 4.24 -4.77
N GLU C 113 33.12 3.03 -4.57
CA GLU C 113 32.35 1.83 -4.83
C GLU C 113 31.14 1.84 -3.87
N PHE C 114 31.36 2.13 -2.58
CA PHE C 114 30.27 2.17 -1.62
C PHE C 114 29.28 3.29 -1.95
N THR C 115 29.79 4.43 -2.44
CA THR C 115 28.95 5.60 -2.73
C THR C 115 28.04 5.31 -3.93
N LYS C 116 28.60 4.82 -5.04
CA LYS C 116 27.80 4.49 -6.21
C LYS C 116 26.70 3.47 -5.88
N ARG C 117 27.00 2.45 -5.06
CA ARG C 117 26.07 1.36 -4.82
C ARG C 117 25.06 1.73 -3.74
N MET C 118 25.37 2.81 -3.02
CA MET C 118 24.53 3.30 -1.96
C MET C 118 23.24 3.80 -2.59
N GLN C 119 23.24 4.08 -3.91
CA GLN C 119 22.09 4.56 -4.66
C GLN C 119 21.18 3.42 -5.13
N ASN C 120 21.65 2.16 -4.98
CA ASN C 120 21.01 1.00 -5.58
C ASN C 120 20.30 0.15 -4.55
N VAL C 121 19.84 0.75 -3.46
CA VAL C 121 18.96 -0.01 -2.59
C VAL C 121 17.59 -0.09 -3.28
N PRO C 122 17.01 -1.31 -3.46
CA PRO C 122 15.71 -1.46 -4.12
C PRO C 122 14.58 -0.82 -3.33
N GLN C 123 13.62 -0.27 -4.07
CA GLN C 123 12.47 0.37 -3.46
C GLN C 123 11.75 -0.62 -2.56
N TYR C 124 11.68 -1.90 -2.99
CA TYR C 124 10.93 -2.91 -2.28
C TYR C 124 11.52 -3.12 -0.89
N VAL C 125 12.83 -2.85 -0.68
CA VAL C 125 13.41 -2.98 0.64
C VAL C 125 12.76 -1.98 1.58
N PHE C 126 12.46 -0.77 1.09
CA PHE C 126 11.78 0.23 1.89
C PHE C 126 10.31 -0.16 2.09
N ASP C 127 9.66 -0.68 1.04
CA ASP C 127 8.30 -1.17 1.19
C ASP C 127 8.24 -2.16 2.34
N VAL C 128 9.25 -3.04 2.43
CA VAL C 128 9.30 -4.07 3.46
C VAL C 128 9.47 -3.41 4.83
N LEU C 129 10.41 -2.46 4.91
CA LEU C 129 10.64 -1.74 6.15
C LEU C 129 9.39 -1.00 6.64
N ARG C 130 8.63 -0.37 5.72
CA ARG C 130 7.39 0.33 6.05
C ARG C 130 6.27 -0.62 6.47
N ALA C 131 6.31 -1.87 6.01
CA ALA C 131 5.27 -2.83 6.37
C ALA C 131 5.37 -3.22 7.86
N MET C 132 6.56 -3.13 8.44
CA MET C 132 6.77 -3.50 9.84
C MET C 132 6.22 -2.41 10.75
N PRO C 133 5.41 -2.75 11.74
CA PRO C 133 4.97 -1.75 12.70
C PRO C 133 6.21 -1.00 13.14
N VAL C 134 6.01 0.30 13.44
CA VAL C 134 7.09 1.25 13.68
C VAL C 134 7.74 0.99 15.03
N ASP C 135 6.97 0.40 15.94
CA ASP C 135 7.49 0.05 17.25
C ASP C 135 8.22 -1.31 17.23
N THR C 136 8.41 -1.96 16.07
CA THR C 136 9.29 -3.12 15.98
C THR C 136 10.71 -2.73 16.43
N HIS C 137 11.44 -3.66 17.04
CA HIS C 137 12.76 -3.37 17.54
C HIS C 137 13.67 -3.08 16.36
N PRO C 138 14.61 -2.11 16.48
CA PRO C 138 15.44 -1.75 15.34
C PRO C 138 16.29 -2.89 14.79
N MET C 139 16.63 -3.88 15.62
CA MET C 139 17.51 -4.95 15.15
C MET C 139 16.72 -5.97 14.31
N THR C 140 15.41 -6.10 14.60
CA THR C 140 14.49 -6.91 13.80
C THR C 140 14.30 -6.27 12.44
N MET C 141 13.99 -4.96 12.44
CA MET C 141 13.84 -4.20 11.21
C MET C 141 15.10 -4.25 10.35
N PHE C 142 16.27 -4.14 11.01
CA PHE C 142 17.56 -4.13 10.33
C PHE C 142 17.78 -5.45 9.60
N ALA C 143 17.65 -6.56 10.36
CA ALA C 143 17.90 -7.88 9.81
C ALA C 143 16.88 -8.19 8.72
N ALA C 144 15.61 -7.82 8.93
CA ALA C 144 14.60 -8.08 7.95
C ALA C 144 14.91 -7.34 6.63
N GLY C 145 15.25 -6.05 6.74
CA GLY C 145 15.59 -5.27 5.56
C GLY C 145 16.77 -5.88 4.82
N ILE C 146 17.80 -6.35 5.55
CA ILE C 146 18.94 -6.99 4.90
C ILE C 146 18.49 -8.25 4.15
N LEU C 147 17.63 -9.05 4.82
CA LEU C 147 17.20 -10.31 4.26
C LEU C 147 16.41 -10.10 2.96
N ALA C 148 15.54 -9.10 2.92
CA ALA C 148 14.72 -8.86 1.74
C ALA C 148 15.59 -8.59 0.52
N MET C 149 16.77 -7.96 0.72
CA MET C 149 17.69 -7.62 -0.37
C MET C 149 18.34 -8.88 -0.96
N GLN C 150 18.05 -10.04 -0.38
CA GLN C 150 18.60 -11.31 -0.84
C GLN C 150 18.24 -11.61 -2.28
N ARG C 151 17.14 -11.01 -2.76
CA ARG C 151 16.72 -11.20 -4.15
C ARG C 151 17.77 -10.68 -5.12
N GLU C 152 18.59 -9.73 -4.68
CA GLU C 152 19.62 -9.17 -5.54
C GLU C 152 20.96 -9.91 -5.42
N SER C 153 21.03 -11.02 -4.65
CA SER C 153 22.27 -11.74 -4.41
C SER C 153 22.86 -12.25 -5.72
N VAL C 154 24.09 -11.85 -6.03
CA VAL C 154 24.80 -12.31 -7.21
C VAL C 154 25.32 -13.73 -6.97
N PHE C 155 25.65 -14.04 -5.71
CA PHE C 155 26.12 -15.37 -5.37
C PHE C 155 25.03 -16.41 -5.64
N ALA C 156 23.80 -16.14 -5.17
CA ALA C 156 22.71 -17.08 -5.32
C ALA C 156 22.46 -17.27 -6.81
N LYS C 157 22.42 -16.15 -7.52
CA LYS C 157 22.11 -16.22 -8.93
C LYS C 157 23.15 -17.11 -9.59
N ARG C 158 24.43 -16.79 -9.35
CA ARG C 158 25.52 -17.43 -10.08
C ARG C 158 25.60 -18.88 -9.62
N TYR C 159 25.37 -19.16 -8.33
CA TYR C 159 25.44 -20.52 -7.84
C TYR C 159 24.46 -21.40 -8.64
N GLU C 160 23.26 -20.85 -8.85
CA GLU C 160 22.16 -21.57 -9.48
C GLU C 160 22.48 -21.75 -10.97
N GLU C 161 23.05 -20.72 -11.62
CA GLU C 161 23.41 -20.82 -13.03
C GLU C 161 24.55 -21.84 -13.23
N GLY C 162 25.35 -22.09 -12.19
CA GLY C 162 26.51 -22.95 -12.35
C GLY C 162 27.79 -22.13 -12.33
N MET C 163 28.54 -22.24 -11.25
CA MET C 163 29.77 -21.48 -11.13
C MET C 163 30.77 -22.37 -10.39
N ARG C 164 32.04 -22.23 -10.74
CA ARG C 164 33.11 -22.93 -10.08
C ARG C 164 33.24 -22.42 -8.64
N ARG C 165 33.77 -23.27 -7.76
CA ARG C 165 34.07 -22.93 -6.37
C ARG C 165 35.12 -21.82 -6.34
N GLU C 166 35.98 -21.79 -7.38
CA GLU C 166 37.05 -20.82 -7.61
C GLU C 166 36.53 -19.39 -7.72
N GLU C 167 35.28 -19.20 -8.19
CA GLU C 167 34.66 -17.89 -8.39
C GLU C 167 33.78 -17.50 -7.19
N HIS C 168 33.66 -18.33 -6.18
CA HIS C 168 32.79 -18.04 -5.04
C HIS C 168 33.12 -16.66 -4.46
N TRP C 169 34.44 -16.37 -4.31
CA TRP C 169 34.89 -15.22 -3.51
C TRP C 169 34.57 -13.92 -4.25
N GLU C 170 34.63 -14.00 -5.59
CA GLU C 170 34.29 -12.89 -6.48
C GLU C 170 32.83 -12.48 -6.31
N ALA C 171 31.93 -13.46 -6.32
CA ALA C 171 30.51 -13.18 -6.18
C ALA C 171 30.23 -12.67 -4.78
N MET C 172 30.96 -13.17 -3.77
CA MET C 172 30.86 -12.76 -2.37
C MET C 172 31.37 -11.32 -2.16
N LEU C 173 32.35 -10.95 -2.98
CA LEU C 173 32.90 -9.61 -2.91
C LEU C 173 31.86 -8.65 -3.46
N GLU C 174 31.30 -9.01 -4.62
CA GLU C 174 30.27 -8.21 -5.29
C GLU C 174 29.03 -8.01 -4.42
N ASP C 175 28.58 -9.09 -3.77
CA ASP C 175 27.43 -8.99 -2.89
C ASP C 175 27.76 -8.16 -1.66
N SER C 176 29.02 -8.26 -1.20
CA SER C 176 29.47 -7.55 0.00
C SER C 176 29.57 -6.06 -0.28
N LEU C 177 30.08 -5.69 -1.46
CA LEU C 177 30.06 -4.31 -1.89
C LEU C 177 28.61 -3.80 -1.83
N ASN C 178 27.68 -4.54 -2.45
CA ASN C 178 26.29 -4.09 -2.50
C ASN C 178 25.67 -3.97 -1.11
N MET C 179 25.89 -4.97 -0.25
CA MET C 179 25.22 -5.01 1.04
C MET C 179 25.81 -3.98 2.00
N LEU C 180 27.14 -3.80 1.96
CA LEU C 180 27.80 -2.80 2.80
C LEU C 180 27.30 -1.40 2.45
N ALA C 181 27.18 -1.15 1.14
CA ALA C 181 26.65 0.11 0.64
C ALA C 181 25.22 0.30 1.15
N ALA C 182 24.44 -0.78 1.21
CA ALA C 182 23.06 -0.71 1.65
C ALA C 182 22.91 -0.42 3.13
N LEU C 183 23.86 -0.80 3.99
CA LEU C 183 23.58 -0.86 5.42
C LEU C 183 23.35 0.52 6.03
N PRO C 184 24.14 1.56 5.72
CA PRO C 184 23.88 2.88 6.25
C PRO C 184 22.49 3.37 5.85
N VAL C 185 22.10 3.08 4.61
CA VAL C 185 20.80 3.48 4.06
C VAL C 185 19.65 2.83 4.82
N ILE C 186 19.75 1.53 5.06
CA ILE C 186 18.71 0.79 5.76
C ILE C 186 18.65 1.29 7.21
N ALA C 187 19.85 1.40 7.80
CA ALA C 187 19.97 1.76 9.19
C ALA C 187 19.40 3.16 9.39
N ALA C 188 19.73 4.06 8.47
CA ALA C 188 19.29 5.45 8.58
C ALA C 188 17.77 5.51 8.44
N TYR C 189 17.25 4.78 7.44
CA TYR C 189 15.82 4.66 7.19
C TYR C 189 15.11 4.30 8.49
N ILE C 190 15.64 3.29 9.19
CA ILE C 190 15.04 2.83 10.44
C ILE C 190 15.12 3.93 11.49
N TYR C 191 16.30 4.55 11.62
CA TYR C 191 16.51 5.65 12.57
C TYR C 191 15.50 6.79 12.32
N ARG C 192 15.44 7.25 11.06
CA ARG C 192 14.58 8.38 10.72
C ARG C 192 13.12 8.01 11.01
N ARG C 193 12.68 6.81 10.59
CA ARG C 193 11.27 6.46 10.70
C ARG C 193 10.87 6.33 12.16
N LYS C 194 11.74 5.75 12.99
CA LYS C 194 11.36 5.47 14.36
C LYS C 194 11.46 6.72 15.22
N TYR C 195 12.49 7.54 15.00
CA TYR C 195 12.97 8.48 16.02
C TYR C 195 12.86 9.95 15.59
N LYS C 196 12.77 10.24 14.29
CA LYS C 196 12.91 11.61 13.80
C LYS C 196 11.81 11.97 12.78
N GLY C 197 10.57 11.62 13.10
CA GLY C 197 9.43 12.11 12.35
C GLY C 197 9.39 11.65 10.89
N ASP C 198 10.02 10.53 10.54
CA ASP C 198 9.76 9.89 9.25
C ASP C 198 10.05 10.85 8.10
N THR C 199 11.09 11.65 8.29
CA THR C 199 11.66 12.54 7.29
C THR C 199 12.93 11.86 6.78
N HIS C 200 13.16 11.82 5.47
CA HIS C 200 14.26 10.99 4.98
C HIS C 200 15.30 11.85 4.29
N ILE C 201 16.59 11.61 4.64
CA ILE C 201 17.69 12.34 4.07
C ILE C 201 18.45 11.39 3.18
N ALA C 202 18.72 11.83 1.96
CA ALA C 202 19.38 11.01 0.96
C ALA C 202 20.89 10.96 1.21
N PRO C 203 21.60 10.00 0.63
CA PRO C 203 23.06 9.97 0.68
C PRO C 203 23.60 11.24 0.06
N ASP C 204 24.66 11.82 0.64
CA ASP C 204 25.48 12.81 -0.04
C ASP C 204 26.56 12.05 -0.78
N PRO C 205 26.69 12.21 -2.12
CA PRO C 205 27.68 11.46 -2.91
C PRO C 205 29.13 11.94 -2.74
N ASN C 206 29.33 13.04 -1.97
CA ASN C 206 30.66 13.52 -1.63
C ASN C 206 31.16 12.97 -0.28
N LEU C 207 30.34 12.30 0.52
CA LEU C 207 30.83 11.81 1.81
C LEU C 207 31.31 10.36 1.73
N ASP C 208 32.27 10.04 2.60
CA ASP C 208 32.64 8.66 2.87
C ASP C 208 31.49 7.94 3.57
N TRP C 209 31.61 6.60 3.57
CA TRP C 209 30.64 5.66 4.10
C TRP C 209 30.07 6.02 5.48
N SER C 210 30.95 6.11 6.50
CA SER C 210 30.56 6.38 7.89
C SER C 210 29.88 7.76 8.02
N ALA C 211 30.39 8.74 7.27
CA ALA C 211 29.89 10.10 7.36
C ALA C 211 28.49 10.15 6.77
N ASN C 212 28.32 9.47 5.63
CA ASN C 212 27.00 9.35 5.04
C ASN C 212 26.02 8.74 6.02
N LEU C 213 26.45 7.76 6.85
CA LEU C 213 25.53 7.16 7.81
C LEU C 213 25.05 8.27 8.74
N ALA C 214 26.00 9.13 9.13
CA ALA C 214 25.72 10.23 10.05
C ALA C 214 24.81 11.27 9.40
N HIS C 215 25.19 11.72 8.20
CA HIS C 215 24.38 12.61 7.38
C HIS C 215 22.96 12.09 7.22
N MET C 216 22.78 10.81 6.91
CA MET C 216 21.45 10.27 6.63
C MET C 216 20.65 10.11 7.93
N MET C 217 21.32 10.06 9.07
CA MET C 217 20.62 10.04 10.35
C MET C 217 20.26 11.44 10.80
N GLY C 218 20.99 12.44 10.25
CA GLY C 218 20.70 13.86 10.47
C GLY C 218 21.78 14.59 11.27
N PHE C 219 23.01 14.07 11.33
CA PHE C 219 24.12 14.72 12.04
C PHE C 219 25.20 15.09 11.03
N ASP C 220 25.59 16.38 10.98
CA ASP C 220 26.52 16.85 9.96
C ASP C 220 27.80 17.51 10.52
N ASP C 221 27.90 17.75 11.82
CA ASP C 221 29.15 18.19 12.42
C ASP C 221 30.34 17.31 12.06
N PHE C 222 31.45 17.98 11.76
CA PHE C 222 32.71 17.31 11.53
C PHE C 222 33.04 16.30 12.61
N GLU C 223 32.82 16.65 13.89
CA GLU C 223 33.23 15.80 15.01
C GLU C 223 32.45 14.48 14.97
N VAL C 224 31.15 14.55 14.62
CA VAL C 224 30.30 13.37 14.53
C VAL C 224 30.77 12.47 13.38
N TYR C 225 31.09 13.04 12.23
CA TYR C 225 31.69 12.25 11.17
C TYR C 225 32.93 11.53 11.70
N GLU C 226 33.78 12.28 12.43
CA GLU C 226 35.01 11.69 12.93
C GLU C 226 34.69 10.57 13.92
N LEU C 227 33.71 10.79 14.79
CA LEU C 227 33.28 9.77 15.75
C LEU C 227 32.79 8.54 14.98
N PHE C 228 31.98 8.77 13.97
CA PHE C 228 31.41 7.64 13.26
C PHE C 228 32.54 6.83 12.65
N ARG C 229 33.52 7.51 12.04
CA ARG C 229 34.61 6.82 11.38
C ARG C 229 35.37 5.97 12.38
N LEU C 230 35.67 6.53 13.56
CA LEU C 230 36.45 5.82 14.58
C LEU C 230 35.64 4.60 15.04
N TYR C 231 34.37 4.85 15.39
CA TYR C 231 33.44 3.84 15.87
C TYR C 231 33.48 2.63 14.94
N MET C 232 33.38 2.89 13.64
CA MET C 232 33.23 1.86 12.65
C MET C 232 34.54 1.09 12.52
N PHE C 233 35.66 1.81 12.66
CA PHE C 233 36.97 1.18 12.66
C PHE C 233 37.11 0.20 13.84
N LEU C 234 36.88 0.71 15.05
CA LEU C 234 37.12 -0.04 16.28
C LEU C 234 36.23 -1.28 16.39
N HIS C 235 35.00 -1.19 15.92
CA HIS C 235 34.06 -2.26 16.17
C HIS C 235 33.99 -3.23 14.99
N SER C 236 34.93 -3.13 14.06
CA SER C 236 34.73 -3.78 12.77
C SER C 236 34.78 -5.31 12.89
N ASP C 237 35.54 -5.82 13.85
CA ASP C 237 35.92 -7.23 13.86
C ASP C 237 36.57 -7.55 15.20
N HIS C 238 36.44 -8.82 15.61
CA HIS C 238 36.97 -9.33 16.89
C HIS C 238 36.96 -10.85 16.85
N GLU C 239 37.79 -11.43 15.99
CA GLU C 239 37.85 -12.89 15.84
C GLU C 239 36.53 -13.39 15.27
N GLY C 240 36.39 -14.72 15.23
CA GLY C 240 35.26 -15.37 14.56
C GLY C 240 34.39 -16.18 15.51
N GLY C 241 34.67 -16.12 16.81
CA GLY C 241 34.02 -17.01 17.76
C GLY C 241 32.82 -16.37 18.46
N ASN C 242 32.73 -15.04 18.45
CA ASN C 242 31.55 -14.37 18.96
C ASN C 242 30.29 -14.83 18.19
N VAL C 243 29.11 -14.72 18.82
CA VAL C 243 27.91 -15.32 18.25
C VAL C 243 27.65 -14.79 16.84
N SER C 244 27.70 -13.47 16.65
CA SER C 244 27.37 -12.86 15.38
C SER C 244 28.37 -13.26 14.30
N ALA C 245 29.67 -13.27 14.61
CA ALA C 245 30.67 -13.64 13.61
C ALA C 245 30.55 -15.11 13.27
N HIS C 246 30.28 -15.93 14.30
CA HIS C 246 30.12 -17.38 14.15
C HIS C 246 28.89 -17.70 13.30
N THR C 247 27.75 -17.06 13.61
CA THR C 247 26.51 -17.30 12.90
C THR C 247 26.75 -17.04 11.42
N ASN C 248 27.43 -15.92 11.15
CA ASN C 248 27.80 -15.55 9.80
C ASN C 248 28.54 -16.69 9.13
N LEU C 249 29.58 -17.21 9.77
CA LEU C 249 30.37 -18.27 9.14
C LEU C 249 29.55 -19.54 8.93
N LEU C 250 28.77 -19.90 9.95
CA LEU C 250 27.96 -21.11 9.96
C LEU C 250 26.99 -21.13 8.78
N VAL C 251 26.24 -20.04 8.63
CA VAL C 251 25.22 -20.00 7.61
C VAL C 251 25.88 -19.86 6.27
N ASN C 252 27.03 -19.16 6.23
CA ASN C 252 27.83 -19.02 5.02
C ASN C 252 28.39 -20.37 4.58
N SER C 253 28.70 -21.24 5.56
CA SER C 253 29.33 -22.52 5.26
C SER C 253 28.46 -23.42 4.39
N ALA C 254 27.11 -23.22 4.40
CA ALA C 254 26.20 -24.00 3.56
C ALA C 254 25.97 -23.36 2.19
N TYR C 255 26.76 -22.33 1.84
CA TYR C 255 26.66 -21.63 0.56
C TYR C 255 25.46 -20.70 0.54
N SER C 256 24.99 -20.29 1.72
CA SER C 256 24.00 -19.25 1.84
C SER C 256 24.67 -17.89 1.68
N ASP C 257 24.07 -16.99 0.89
CA ASP C 257 24.69 -15.72 0.56
C ASP C 257 24.80 -14.81 1.79
N ILE C 258 25.53 -13.70 1.58
CA ILE C 258 25.83 -12.72 2.63
C ILE C 258 24.56 -12.07 3.22
N TYR C 259 23.52 -11.91 2.40
CA TYR C 259 22.29 -11.36 2.92
C TYR C 259 21.67 -12.35 3.89
N ARG C 260 21.79 -13.64 3.60
CA ARG C 260 21.25 -14.63 4.52
C ARG C 260 22.15 -14.79 5.74
N SER C 261 23.47 -14.92 5.48
CA SER C 261 24.41 -15.16 6.57
C SER C 261 24.45 -13.93 7.50
N PHE C 262 24.47 -12.73 6.92
CA PHE C 262 24.66 -11.54 7.74
C PHE C 262 23.39 -11.23 8.53
N SER C 263 22.23 -11.42 7.92
CA SER C 263 20.99 -11.11 8.62
C SER C 263 20.79 -12.08 9.77
N ALA C 264 21.13 -13.36 9.53
CA ALA C 264 21.22 -14.36 10.61
C ALA C 264 22.10 -13.84 11.75
N ALA C 265 23.31 -13.40 11.35
CA ALA C 265 24.29 -12.88 12.27
C ALA C 265 23.70 -11.75 13.13
N MET C 266 22.87 -10.89 12.49
CA MET C 266 22.25 -9.78 13.20
C MET C 266 21.22 -10.30 14.22
N ASN C 267 20.52 -11.38 13.87
CA ASN C 267 19.58 -12.02 14.78
C ASN C 267 20.32 -12.45 16.04
N GLY C 268 21.57 -12.87 15.84
CA GLY C 268 22.46 -13.22 16.93
C GLY C 268 22.91 -12.01 17.74
N LEU C 269 23.37 -10.96 17.01
CA LEU C 269 23.83 -9.74 17.64
C LEU C 269 22.70 -9.11 18.44
N ALA C 270 21.45 -9.32 18.03
CA ALA C 270 20.30 -8.79 18.75
C ALA C 270 20.08 -9.43 20.11
N GLY C 271 20.74 -10.55 20.39
CA GLY C 271 20.56 -11.24 21.66
C GLY C 271 21.07 -10.39 22.82
N PRO C 272 20.34 -10.31 23.96
CA PRO C 272 20.80 -9.60 25.15
C PRO C 272 22.17 -9.90 25.71
N LEU C 273 22.76 -11.05 25.34
CA LEU C 273 24.06 -11.43 25.88
C LEU C 273 25.20 -11.00 24.95
N HIS C 274 24.84 -10.71 23.68
CA HIS C 274 25.81 -10.30 22.66
C HIS C 274 25.85 -8.79 22.40
N GLY C 275 24.72 -8.06 22.53
CA GLY C 275 24.55 -6.80 21.81
C GLY C 275 24.21 -5.56 22.66
N LEU C 276 24.25 -5.67 24.00
CA LEU C 276 23.66 -4.64 24.86
C LEU C 276 24.66 -3.91 25.78
N ALA C 277 25.92 -4.38 25.84
CA ALA C 277 26.82 -3.93 26.89
C ALA C 277 26.96 -2.40 26.88
N ASN C 278 27.32 -1.85 25.70
CA ASN C 278 27.39 -0.43 25.39
C ASN C 278 26.31 0.34 26.16
N GLN C 279 25.07 -0.14 26.06
CA GLN C 279 23.86 0.55 26.54
C GLN C 279 23.77 0.45 28.06
N GLU C 280 24.05 -0.73 28.61
CA GLU C 280 23.98 -0.96 30.04
C GLU C 280 25.00 -0.05 30.73
N VAL C 281 26.24 0.00 30.19
CA VAL C 281 27.26 0.88 30.71
C VAL C 281 26.73 2.32 30.77
N LEU C 282 26.22 2.80 29.64
CA LEU C 282 25.75 4.16 29.56
C LEU C 282 24.67 4.40 30.60
N ARG C 283 23.77 3.42 30.78
CA ARG C 283 22.59 3.62 31.62
C ARG C 283 23.04 3.79 33.07
N TRP C 284 24.08 3.02 33.39
CA TRP C 284 24.75 3.02 34.68
C TRP C 284 25.35 4.38 34.97
N ILE C 285 26.32 4.78 34.12
CA ILE C 285 26.89 6.11 34.15
C ILE C 285 25.81 7.16 34.43
N GLN C 286 24.70 7.11 33.70
CA GLN C 286 23.70 8.15 33.88
C GLN C 286 23.02 8.01 35.23
N MET C 287 22.92 6.79 35.77
CA MET C 287 22.33 6.54 37.08
C MET C 287 23.21 7.18 38.17
N LEU C 288 24.54 7.00 38.04
CA LEU C 288 25.55 7.65 38.88
C LEU C 288 25.28 9.16 38.90
N TYR C 289 25.24 9.75 37.70
CA TYR C 289 24.99 11.17 37.57
C TYR C 289 23.71 11.58 38.32
N LYS C 290 22.63 10.78 38.23
CA LYS C 290 21.37 11.15 38.86
C LYS C 290 21.48 10.99 40.37
N LYS C 291 22.12 9.90 40.81
CA LYS C 291 22.30 9.58 42.21
C LYS C 291 22.98 10.74 42.94
N PHE C 292 24.17 11.13 42.46
CA PHE C 292 24.99 12.13 43.13
C PHE C 292 24.72 13.56 42.69
N GLY C 293 23.58 13.83 42.03
CA GLY C 293 23.27 15.16 41.50
C GLY C 293 24.43 15.82 40.75
N GLY C 294 25.35 15.01 40.20
CA GLY C 294 26.48 15.51 39.44
C GLY C 294 27.60 14.47 39.39
N VAL C 295 28.81 14.90 39.05
CA VAL C 295 29.94 14.01 39.05
C VAL C 295 30.23 13.71 40.52
N PRO C 296 30.45 12.42 40.89
CA PRO C 296 30.88 12.08 42.24
C PRO C 296 32.35 12.36 42.48
N THR C 297 32.76 12.45 43.75
CA THR C 297 34.18 12.52 44.09
C THR C 297 34.78 11.11 44.06
N LYS C 298 36.10 11.07 43.91
CA LYS C 298 36.90 9.86 44.01
C LYS C 298 36.45 8.99 45.19
N GLU C 299 36.07 9.62 46.30
CA GLU C 299 35.69 8.88 47.48
C GLU C 299 34.31 8.27 47.27
N GLN C 300 33.33 9.10 46.87
CA GLN C 300 31.96 8.63 46.69
C GLN C 300 31.92 7.47 45.68
N LEU C 301 32.79 7.51 44.66
CA LEU C 301 32.78 6.50 43.61
C LEU C 301 33.44 5.21 44.08
N GLU C 302 34.33 5.31 45.08
CA GLU C 302 34.91 4.11 45.68
C GLU C 302 33.86 3.44 46.55
N ARG C 303 33.11 4.25 47.31
CA ARG C 303 32.11 3.74 48.22
C ARG C 303 31.01 3.01 47.45
N PHE C 304 30.65 3.54 46.28
CA PHE C 304 29.61 2.97 45.44
C PHE C 304 30.08 1.65 44.79
N ALA C 305 31.29 1.66 44.24
CA ALA C 305 31.88 0.48 43.64
C ALA C 305 32.00 -0.65 44.65
N TRP C 306 32.37 -0.32 45.89
CA TRP C 306 32.49 -1.33 46.94
C TRP C 306 31.11 -1.92 47.25
N ASP C 307 30.10 -1.07 47.41
CA ASP C 307 28.74 -1.55 47.66
C ASP C 307 28.18 -2.34 46.49
N THR C 308 28.56 -2.00 45.25
CA THR C 308 28.05 -2.75 44.12
C THR C 308 28.58 -4.18 44.22
N LEU C 309 29.90 -4.30 44.35
CA LEU C 309 30.61 -5.58 44.30
C LEU C 309 30.30 -6.47 45.51
N ASN C 310 29.92 -5.84 46.63
CA ASN C 310 29.64 -6.54 47.87
C ASN C 310 28.21 -7.07 47.89
N SER C 311 27.30 -6.51 47.09
CA SER C 311 26.01 -7.16 46.92
C SER C 311 26.04 -8.04 45.67
N GLY C 312 27.25 -8.43 45.21
CA GLY C 312 27.44 -9.49 44.22
C GLY C 312 27.12 -9.05 42.80
N GLN C 313 27.10 -7.74 42.55
CA GLN C 313 26.83 -7.20 41.23
C GLN C 313 28.15 -7.01 40.49
N VAL C 314 28.03 -6.74 39.19
CA VAL C 314 29.18 -6.47 38.34
C VAL C 314 29.25 -4.95 38.09
N ILE C 315 30.46 -4.49 37.80
CA ILE C 315 30.68 -3.16 37.28
C ILE C 315 30.68 -3.27 35.77
N PRO C 316 29.72 -2.60 35.08
CA PRO C 316 29.63 -2.74 33.62
C PRO C 316 30.86 -2.28 32.85
N GLY C 317 31.26 -3.10 31.87
CA GLY C 317 32.28 -2.71 30.92
C GLY C 317 33.68 -2.95 31.49
N TYR C 318 33.76 -3.36 32.76
CA TYR C 318 35.02 -3.71 33.38
C TYR C 318 35.08 -5.21 33.68
N GLY C 319 36.27 -5.81 33.49
CA GLY C 319 36.57 -7.12 34.02
C GLY C 319 36.00 -8.25 33.17
N HIS C 320 36.48 -8.36 31.94
CA HIS C 320 36.15 -9.49 31.08
C HIS C 320 37.42 -10.32 30.91
N ALA C 321 37.26 -11.64 30.78
CA ALA C 321 38.30 -12.60 31.09
C ALA C 321 39.52 -12.47 30.18
N VAL C 322 39.31 -12.38 28.86
CA VAL C 322 40.30 -12.80 27.87
C VAL C 322 41.57 -11.95 27.95
N LEU C 323 41.42 -10.63 28.15
CA LEU C 323 42.56 -9.72 28.18
C LEU C 323 43.22 -9.73 29.56
N ARG C 324 44.40 -9.09 29.64
CA ARG C 324 45.00 -8.76 30.92
C ARG C 324 45.50 -7.32 30.93
N VAL C 325 45.18 -6.53 29.90
CA VAL C 325 45.52 -5.12 29.84
C VAL C 325 44.26 -4.31 29.48
N THR C 326 44.42 -2.98 29.36
CA THR C 326 43.31 -2.14 28.92
C THR C 326 43.09 -2.32 27.42
N ASP C 327 41.82 -2.44 27.03
CA ASP C 327 41.43 -2.62 25.64
C ASP C 327 41.93 -1.43 24.82
N PRO C 328 42.77 -1.63 23.79
CA PRO C 328 43.19 -0.52 22.93
C PRO C 328 42.00 0.25 22.35
N ARG C 329 40.86 -0.44 22.19
CA ARG C 329 39.67 0.16 21.61
C ARG C 329 39.07 1.15 22.61
N TYR C 330 39.26 0.88 23.90
CA TYR C 330 38.88 1.83 24.94
C TYR C 330 39.81 3.04 24.87
N VAL C 331 41.12 2.75 24.75
CA VAL C 331 42.14 3.78 24.81
C VAL C 331 41.90 4.74 23.64
N ALA C 332 41.73 4.21 22.44
CA ALA C 332 41.43 5.03 21.28
C ALA C 332 40.27 5.99 21.53
N GLN C 333 39.24 5.55 22.24
CA GLN C 333 38.06 6.38 22.44
C GLN C 333 38.23 7.38 23.57
N ARG C 334 39.02 7.02 24.60
CA ARG C 334 39.43 7.95 25.63
C ARG C 334 40.18 9.09 24.97
N ASP C 335 41.16 8.75 24.10
CA ASP C 335 41.93 9.72 23.34
C ASP C 335 41.01 10.72 22.64
N PHE C 336 39.89 10.21 22.11
CA PHE C 336 38.98 11.02 21.32
C PHE C 336 38.19 11.96 22.21
N ALA C 337 37.71 11.45 23.35
CA ALA C 337 36.96 12.27 24.30
C ALA C 337 37.84 13.39 24.87
N LEU C 338 39.11 13.09 25.16
CA LEU C 338 40.01 14.05 25.77
C LEU C 338 40.23 15.21 24.81
N LYS C 339 40.28 14.90 23.51
CA LYS C 339 40.44 15.88 22.44
C LYS C 339 39.16 16.70 22.22
N HIS C 340 37.97 16.10 22.20
CA HIS C 340 36.81 16.81 21.64
C HIS C 340 35.68 17.06 22.63
N LEU C 341 35.70 16.45 23.82
CA LEU C 341 34.63 16.70 24.78
C LEU C 341 35.13 16.46 26.21
N PRO C 342 36.19 17.15 26.68
CA PRO C 342 36.79 16.79 27.96
C PRO C 342 35.93 17.24 29.13
N ASP C 343 35.08 18.25 28.89
CA ASP C 343 34.30 18.86 29.96
C ASP C 343 32.86 18.31 29.94
N ASP C 344 32.64 17.15 29.32
CA ASP C 344 31.33 16.53 29.31
C ASP C 344 31.15 15.76 30.61
N GLU C 345 30.03 15.99 31.29
CA GLU C 345 29.86 15.49 32.64
C GLU C 345 29.93 13.96 32.62
N LEU C 346 29.14 13.34 31.74
CA LEU C 346 29.07 11.88 31.71
C LEU C 346 30.43 11.30 31.35
N PHE C 347 31.23 12.01 30.55
CA PHE C 347 32.55 11.50 30.21
C PHE C 347 33.50 11.64 31.40
N LYS C 348 33.29 12.69 32.22
CA LYS C 348 34.09 12.91 33.43
C LYS C 348 33.95 11.68 34.34
N ILE C 349 32.71 11.21 34.52
CA ILE C 349 32.43 10.00 35.28
C ILE C 349 33.16 8.79 34.68
N VAL C 350 33.11 8.63 33.35
CA VAL C 350 33.83 7.55 32.68
C VAL C 350 35.34 7.68 32.94
N SER C 351 35.84 8.93 33.04
CA SER C 351 37.25 9.20 33.26
C SER C 351 37.61 8.87 34.71
N LEU C 352 36.75 9.32 35.63
CA LEU C 352 36.89 8.98 37.04
C LEU C 352 36.89 7.46 37.19
N CYS C 353 36.00 6.77 36.46
CA CYS C 353 35.92 5.32 36.54
C CYS C 353 37.26 4.70 36.16
N TYR C 354 37.89 5.16 35.07
CA TYR C 354 39.13 4.56 34.58
C TYR C 354 40.22 4.66 35.66
N GLU C 355 40.10 5.64 36.55
CA GLU C 355 41.08 5.82 37.59
C GLU C 355 40.74 4.90 38.76
N VAL C 356 39.49 4.99 39.23
CA VAL C 356 39.06 4.37 40.47
C VAL C 356 38.88 2.86 40.36
N ILE C 357 38.05 2.44 39.38
CA ILE C 357 37.43 1.11 39.32
C ILE C 357 38.47 -0.02 39.29
N PRO C 358 39.53 0.00 38.45
CA PRO C 358 40.54 -1.08 38.48
C PRO C 358 41.31 -1.20 39.81
N GLU C 359 41.34 -0.11 40.60
CA GLU C 359 41.98 -0.13 41.90
C GLU C 359 41.08 -0.85 42.91
N VAL C 360 39.76 -0.68 42.71
CA VAL C 360 38.75 -1.36 43.49
C VAL C 360 38.62 -2.82 43.03
N LEU C 361 38.72 -3.09 41.74
CA LEU C 361 38.67 -4.47 41.28
C LEU C 361 39.95 -5.22 41.69
N LYS C 362 41.06 -4.52 41.94
CA LYS C 362 42.29 -5.21 42.30
C LYS C 362 42.24 -5.63 43.78
N LYS C 363 41.71 -4.73 44.65
CA LYS C 363 41.68 -4.92 46.10
C LYS C 363 40.51 -5.80 46.54
N HIS C 364 39.47 -5.88 45.71
CA HIS C 364 38.41 -6.86 45.83
C HIS C 364 38.94 -8.22 45.37
N GLY C 365 39.74 -8.24 44.30
CA GLY C 365 40.57 -9.38 43.93
C GLY C 365 39.76 -10.56 43.37
N LYS C 366 38.62 -10.27 42.72
CA LYS C 366 37.73 -11.27 42.15
C LYS C 366 37.85 -11.35 40.62
N ALA C 367 38.62 -10.42 40.01
CA ALA C 367 38.78 -10.35 38.56
C ALA C 367 40.26 -10.42 38.19
N LYS C 368 40.62 -11.44 37.38
CA LYS C 368 42.00 -11.64 36.96
C LYS C 368 42.42 -10.54 35.98
N ASN C 369 41.43 -9.92 35.32
CA ASN C 369 41.61 -8.70 34.55
C ASN C 369 40.70 -7.61 35.14
N PRO C 370 41.23 -6.47 35.65
CA PRO C 370 40.40 -5.37 36.14
C PRO C 370 40.18 -4.16 35.22
N TRP C 371 40.53 -4.31 33.93
CA TRP C 371 40.59 -3.20 32.99
C TRP C 371 39.39 -3.18 32.04
N PRO C 372 39.00 -2.01 31.50
CA PRO C 372 37.79 -1.88 30.70
C PRO C 372 37.95 -2.34 29.24
N ASN C 373 36.78 -2.53 28.59
CA ASN C 373 36.73 -2.87 27.19
C ASN C 373 36.00 -1.76 26.43
N VAL C 374 36.08 -1.89 25.09
CA VAL C 374 35.54 -0.95 24.13
C VAL C 374 34.15 -0.46 24.52
N ASP C 375 33.33 -1.34 25.15
CA ASP C 375 31.92 -1.01 25.41
C ASP C 375 31.78 -0.09 26.62
N ALA C 376 32.90 0.13 27.33
CA ALA C 376 32.93 1.03 28.47
C ALA C 376 32.91 2.49 28.02
N HIS C 377 33.29 2.75 26.76
CA HIS C 377 33.51 4.12 26.33
C HIS C 377 32.48 4.59 25.30
N SER C 378 31.94 3.71 24.46
CA SER C 378 31.18 4.13 23.28
C SER C 378 29.92 4.93 23.63
N GLY C 379 29.19 4.51 24.65
CA GLY C 379 27.88 5.12 24.91
C GLY C 379 27.95 6.63 25.13
N VAL C 380 28.84 7.08 26.00
CA VAL C 380 28.93 8.50 26.33
C VAL C 380 29.24 9.29 25.07
N LEU C 381 30.02 8.70 24.15
CA LEU C 381 30.41 9.38 22.92
C LEU C 381 29.18 9.68 22.08
N LEU C 382 28.36 8.66 21.83
CA LEU C 382 27.14 8.81 21.04
C LEU C 382 26.20 9.82 21.68
N TRP C 383 25.99 9.65 22.98
CA TRP C 383 25.05 10.43 23.76
C TRP C 383 25.43 11.91 23.72
N HIS C 384 26.73 12.20 23.88
CA HIS C 384 27.20 13.58 23.84
C HIS C 384 26.77 14.28 22.56
N TYR C 385 26.83 13.60 21.42
CA TYR C 385 26.52 14.24 20.16
C TYR C 385 25.06 14.04 19.78
N GLY C 386 24.20 13.59 20.72
CA GLY C 386 22.75 13.62 20.52
C GLY C 386 22.16 12.35 19.87
N ILE C 387 22.97 11.30 19.66
CA ILE C 387 22.47 9.96 19.37
C ILE C 387 22.18 9.28 20.69
N ARG C 388 20.90 9.28 21.09
CA ARG C 388 20.45 8.96 22.43
C ARG C 388 19.50 7.77 22.46
N GLU C 389 19.38 7.07 21.34
CA GLU C 389 18.37 6.03 21.15
C GLU C 389 19.01 4.67 21.37
N TYR C 390 19.06 4.27 22.65
CA TYR C 390 19.77 3.11 23.14
C TYR C 390 19.56 1.90 22.24
N ASP C 391 18.31 1.60 21.87
CA ASP C 391 18.01 0.34 21.21
C ASP C 391 18.81 0.31 19.91
N PHE C 392 18.98 1.48 19.31
CA PHE C 392 19.58 1.62 17.99
C PHE C 392 21.10 1.39 18.07
N TYR C 393 21.66 1.52 19.27
CA TYR C 393 23.10 1.37 19.44
C TYR C 393 23.53 0.04 18.83
N THR C 394 22.75 -1.04 19.04
CA THR C 394 23.14 -2.35 18.52
C THR C 394 23.13 -2.35 16.99
N VAL C 395 22.33 -1.47 16.36
CA VAL C 395 22.33 -1.38 14.91
C VAL C 395 23.67 -0.79 14.44
N LEU C 396 24.15 0.25 15.13
CA LEU C 396 25.42 0.89 14.79
C LEU C 396 26.55 -0.14 14.83
N PHE C 397 26.51 -0.94 15.91
CA PHE C 397 27.44 -2.03 16.13
C PHE C 397 27.41 -2.98 14.94
N GLY C 398 26.20 -3.36 14.58
CA GLY C 398 26.00 -4.28 13.49
C GLY C 398 26.56 -3.72 12.20
N VAL C 399 26.40 -2.41 11.99
CA VAL C 399 26.86 -1.77 10.75
C VAL C 399 28.38 -1.93 10.66
N SER C 400 29.06 -1.68 11.78
CA SER C 400 30.50 -1.80 11.83
C SER C 400 30.97 -3.25 11.59
N ARG C 401 30.31 -4.19 12.29
CA ARG C 401 30.79 -5.56 12.36
C ARG C 401 30.58 -6.25 11.02
N ALA C 402 29.73 -5.67 10.15
CA ALA C 402 29.61 -6.14 8.78
C ALA C 402 30.94 -6.07 8.03
N LEU C 403 31.85 -5.20 8.47
CA LEU C 403 33.14 -5.09 7.82
C LEU C 403 33.88 -6.42 8.06
N GLY C 404 33.90 -6.80 9.33
CA GLY C 404 34.52 -8.05 9.72
C GLY C 404 33.87 -9.25 9.06
N CYS C 405 32.54 -9.38 9.24
CA CYS C 405 31.76 -10.49 8.72
C CYS C 405 31.90 -10.67 7.21
N THR C 406 31.77 -9.59 6.42
CA THR C 406 31.91 -9.73 4.97
C THR C 406 33.34 -10.14 4.62
N ALA C 407 34.34 -9.50 5.23
CA ALA C 407 35.72 -9.85 4.93
C ALA C 407 35.96 -11.32 5.21
N GLN C 408 35.49 -11.78 6.37
CA GLN C 408 35.68 -13.16 6.81
C GLN C 408 35.04 -14.11 5.79
N ALA C 409 33.79 -13.82 5.43
CA ALA C 409 33.02 -14.70 4.56
C ALA C 409 33.63 -14.77 3.17
N ILE C 410 34.08 -13.62 2.61
CA ILE C 410 34.78 -13.63 1.33
C ILE C 410 35.98 -14.58 1.39
N LEU C 411 36.71 -14.59 2.52
CA LEU C 411 37.98 -15.30 2.63
C LEU C 411 37.79 -16.81 2.74
N VAL C 412 36.91 -17.24 3.67
CA VAL C 412 36.67 -18.66 3.93
C VAL C 412 36.09 -19.29 2.67
N ARG C 413 35.24 -18.55 1.93
CA ARG C 413 34.79 -19.01 0.61
C ARG C 413 35.93 -19.00 -0.41
N GLY C 414 36.88 -18.09 -0.28
CA GLY C 414 38.06 -18.10 -1.14
C GLY C 414 38.95 -19.32 -0.85
N TYR C 415 39.08 -19.64 0.45
CA TYR C 415 39.84 -20.78 0.94
C TYR C 415 39.16 -22.11 0.59
N MET C 416 37.83 -22.06 0.44
CA MET C 416 36.93 -23.17 0.14
C MET C 416 36.74 -24.08 1.35
N LEU C 417 36.70 -23.51 2.56
CA LEU C 417 36.39 -24.28 3.76
C LEU C 417 35.03 -24.96 3.59
N PRO C 418 34.86 -26.19 4.11
CA PRO C 418 33.63 -26.97 3.93
C PRO C 418 32.56 -26.57 4.95
N ILE C 419 31.43 -27.29 4.85
CA ILE C 419 30.26 -27.01 5.66
C ILE C 419 30.55 -27.23 7.15
N GLU C 420 29.97 -26.37 7.99
CA GLU C 420 30.15 -26.46 9.43
C GLU C 420 29.14 -27.47 9.96
N ARG C 421 29.67 -28.58 10.51
CA ARG C 421 28.89 -29.78 10.82
C ARG C 421 29.54 -30.45 12.03
N PRO C 422 29.50 -29.86 13.24
CA PRO C 422 29.94 -30.57 14.43
C PRO C 422 29.03 -31.76 14.66
N LYS C 423 29.34 -32.51 15.72
CA LYS C 423 28.57 -33.66 16.15
C LYS C 423 27.95 -33.34 17.50
N SER C 424 26.64 -33.49 17.61
CA SER C 424 26.02 -33.36 18.90
C SER C 424 25.99 -34.72 19.58
N ILE C 425 25.88 -34.67 20.91
CA ILE C 425 25.84 -35.82 21.80
C ILE C 425 24.66 -35.69 22.75
N THR C 426 24.16 -36.83 23.20
CA THR C 426 23.01 -36.87 24.09
C THR C 426 23.53 -37.10 25.50
N THR C 427 22.74 -36.65 26.47
CA THR C 427 22.99 -36.94 27.87
C THR C 427 22.91 -38.45 28.11
N ARG C 428 22.04 -39.14 27.37
CA ARG C 428 21.94 -40.59 27.45
C ARG C 428 23.34 -41.19 27.32
N TRP C 429 24.03 -40.77 26.26
CA TRP C 429 25.34 -41.30 25.92
C TRP C 429 26.39 -40.84 26.93
N VAL C 430 26.31 -39.58 27.36
CA VAL C 430 27.24 -39.11 28.37
C VAL C 430 27.15 -40.06 29.57
N LYS C 431 25.93 -40.35 30.05
CA LYS C 431 25.69 -41.15 31.24
C LYS C 431 26.15 -42.59 31.05
N GLU C 432 26.02 -43.12 29.84
CA GLU C 432 26.51 -44.46 29.53
C GLU C 432 28.04 -44.55 29.71
N VAL C 433 28.78 -43.54 29.26
CA VAL C 433 30.17 -43.69 28.83
C VAL C 433 31.16 -42.97 29.74
N ALA C 434 30.67 -42.00 30.52
CA ALA C 434 31.47 -41.01 31.22
C ALA C 434 32.49 -41.64 32.14
N GLU C 435 32.08 -42.67 32.89
CA GLU C 435 32.95 -43.42 33.78
C GLU C 435 34.08 -44.05 32.99
N SER C 436 33.77 -44.65 31.85
CA SER C 436 34.77 -45.37 31.10
C SER C 436 35.80 -44.43 30.47
N LEU C 437 35.54 -43.12 30.53
CA LEU C 437 36.28 -42.17 29.70
C LEU C 437 37.54 -41.69 30.41
N PRO C 438 38.64 -41.50 29.65
CA PRO C 438 39.86 -40.90 30.19
C PRO C 438 39.65 -39.48 30.71
N VAL C 439 40.39 -39.10 31.75
CA VAL C 439 40.43 -37.72 32.20
C VAL C 439 41.20 -36.91 31.15
N ALA C 440 40.98 -35.59 31.12
CA ALA C 440 41.67 -34.73 30.15
C ALA C 440 43.19 -34.75 30.40
N GLY C 441 43.96 -35.01 29.33
CA GLY C 441 45.28 -35.63 29.40
C GLY C 441 45.25 -37.11 28.98
N SER C 442 45.86 -37.98 29.81
CA SER C 442 46.23 -39.35 29.46
C SER C 442 45.86 -39.74 28.03
N MET D 1 -17.83 -31.92 -17.14
CA MET D 1 -18.75 -30.87 -17.68
C MET D 1 -19.22 -31.29 -19.08
N LYS D 2 -20.53 -31.45 -19.23
CA LYS D 2 -21.15 -31.84 -20.50
C LYS D 2 -20.73 -30.86 -21.61
N LEU D 3 -20.60 -29.57 -21.28
CA LEU D 3 -20.25 -28.58 -22.28
C LEU D 3 -18.95 -28.99 -22.95
N LYS D 4 -17.95 -29.37 -22.14
CA LYS D 4 -16.64 -29.76 -22.65
C LYS D 4 -16.73 -31.05 -23.45
N GLU D 5 -17.41 -32.06 -22.90
CA GLU D 5 -17.51 -33.36 -23.57
C GLU D 5 -18.11 -33.20 -24.97
N ARG D 6 -19.02 -32.25 -25.06
CA ARG D 6 -19.70 -31.96 -26.31
C ARG D 6 -18.77 -31.25 -27.28
N LEU D 7 -18.10 -30.19 -26.82
CA LEU D 7 -17.16 -29.48 -27.66
C LEU D 7 -16.04 -30.40 -28.13
N ALA D 8 -15.69 -31.38 -27.28
CA ALA D 8 -14.67 -32.36 -27.64
C ALA D 8 -15.08 -33.17 -28.86
N GLU D 9 -16.38 -33.41 -29.04
CA GLU D 9 -16.87 -34.05 -30.25
C GLU D 9 -17.01 -33.04 -31.39
N LEU D 10 -17.62 -31.89 -31.11
CA LEU D 10 -18.08 -31.01 -32.17
C LEU D 10 -16.93 -30.28 -32.87
N ILE D 11 -15.95 -29.77 -32.10
CA ILE D 11 -14.94 -28.90 -32.67
C ILE D 11 -14.10 -29.67 -33.69
N PRO D 12 -13.65 -30.91 -33.41
CA PRO D 12 -12.93 -31.68 -34.43
C PRO D 12 -13.73 -31.77 -35.73
N GLN D 13 -15.04 -31.99 -35.60
CA GLN D 13 -15.91 -32.03 -36.76
C GLN D 13 -15.92 -30.72 -37.54
N TRP D 14 -16.17 -29.61 -36.81
CA TRP D 14 -16.27 -28.27 -37.36
C TRP D 14 -14.95 -27.83 -37.97
N ARG D 15 -13.83 -28.17 -37.32
CA ARG D 15 -12.51 -27.88 -37.83
C ARG D 15 -12.33 -28.51 -39.22
N ALA D 16 -12.81 -29.75 -39.41
CA ALA D 16 -12.63 -30.45 -40.68
C ALA D 16 -13.51 -29.83 -41.75
N GLU D 17 -14.74 -29.48 -41.38
CA GLU D 17 -15.69 -28.78 -42.24
C GLU D 17 -15.11 -27.44 -42.73
N VAL D 18 -14.50 -26.68 -41.82
CA VAL D 18 -13.90 -25.39 -42.16
C VAL D 18 -12.69 -25.62 -43.08
N ALA D 19 -11.84 -26.60 -42.77
CA ALA D 19 -10.75 -26.97 -43.67
C ALA D 19 -11.27 -27.15 -45.10
N GLU D 20 -12.35 -27.96 -45.18
CA GLU D 20 -12.95 -28.38 -46.43
C GLU D 20 -13.47 -27.14 -47.17
N ILE D 21 -14.09 -26.23 -46.42
CA ILE D 21 -14.61 -25.01 -47.02
C ILE D 21 -13.48 -24.18 -47.62
N ARG D 22 -12.40 -23.98 -46.86
CA ARG D 22 -11.30 -23.15 -47.35
C ARG D 22 -10.66 -23.76 -48.60
N LYS D 23 -10.49 -25.08 -48.62
CA LYS D 23 -9.92 -25.78 -49.77
C LYS D 23 -10.83 -25.71 -50.99
N LYS D 24 -12.13 -26.01 -50.82
CA LYS D 24 -12.99 -26.32 -51.94
C LYS D 24 -13.68 -25.06 -52.46
N TYR D 25 -13.85 -24.08 -51.57
CA TYR D 25 -14.64 -22.90 -51.90
C TYR D 25 -13.88 -21.60 -51.67
N GLY D 26 -12.58 -21.66 -51.40
CA GLY D 26 -11.85 -20.48 -51.00
C GLY D 26 -11.98 -19.33 -52.01
N ASN D 27 -12.00 -19.67 -53.31
CA ASN D 27 -12.03 -18.69 -54.41
C ASN D 27 -13.46 -18.36 -54.85
N ARG D 28 -14.48 -18.69 -54.05
CA ARG D 28 -15.87 -18.36 -54.32
C ARG D 28 -16.19 -16.94 -53.86
N LYS D 29 -16.63 -16.11 -54.81
CA LYS D 29 -16.85 -14.69 -54.57
C LYS D 29 -18.18 -14.44 -53.87
N THR D 30 -18.15 -13.56 -52.86
CA THR D 30 -19.34 -13.19 -52.10
C THR D 30 -19.84 -11.82 -52.52
N MET D 31 -18.91 -10.92 -52.86
CA MET D 31 -19.27 -9.54 -53.14
C MET D 31 -18.06 -8.84 -53.72
N ASP D 32 -18.29 -7.61 -54.21
CA ASP D 32 -17.22 -6.74 -54.66
C ASP D 32 -16.70 -5.98 -53.44
N CYS D 33 -15.36 -5.92 -53.31
CA CYS D 33 -14.69 -5.00 -52.40
C CYS D 33 -14.46 -3.68 -53.12
N THR D 34 -14.84 -2.58 -52.48
CA THR D 34 -14.85 -1.27 -53.11
C THR D 34 -14.04 -0.29 -52.29
N ILE D 35 -13.87 0.88 -52.90
CA ILE D 35 -13.16 1.97 -52.27
C ILE D 35 -13.97 2.48 -51.09
N GLY D 36 -15.30 2.36 -51.18
CA GLY D 36 -16.18 2.80 -50.11
C GLY D 36 -16.01 1.94 -48.85
N HIS D 37 -15.70 0.65 -49.05
CA HIS D 37 -15.45 -0.28 -47.97
C HIS D 37 -14.24 0.16 -47.12
N ALA D 38 -13.18 0.63 -47.80
CA ALA D 38 -11.91 0.95 -47.17
C ALA D 38 -12.00 2.25 -46.38
N TYR D 39 -12.64 3.28 -46.95
CA TYR D 39 -12.89 4.54 -46.26
C TYR D 39 -14.19 4.53 -45.45
N GLY D 40 -14.96 3.42 -45.49
CA GLY D 40 -16.27 3.41 -44.84
C GLY D 40 -16.41 2.35 -43.73
N GLY D 41 -15.36 2.12 -42.95
CA GLY D 41 -15.43 1.20 -41.83
C GLY D 41 -15.91 -0.20 -42.20
N MET D 42 -15.71 -0.60 -43.47
CA MET D 42 -16.01 -1.94 -43.94
C MET D 42 -17.51 -2.23 -43.99
N ARG D 43 -18.38 -1.24 -43.82
CA ARG D 43 -19.82 -1.45 -43.88
C ARG D 43 -20.17 -2.43 -45.02
N GLY D 44 -20.68 -3.62 -44.65
CA GLY D 44 -21.26 -4.55 -45.61
C GLY D 44 -20.27 -5.64 -46.07
N LEU D 45 -19.00 -5.47 -45.73
CA LEU D 45 -17.96 -6.34 -46.27
C LEU D 45 -17.94 -7.67 -45.51
N LYS D 46 -18.05 -8.77 -46.26
CA LYS D 46 -18.13 -10.10 -45.67
C LYS D 46 -16.73 -10.59 -45.35
N ALA D 47 -16.16 -10.04 -44.27
CA ALA D 47 -14.73 -10.10 -44.01
C ALA D 47 -14.40 -11.06 -42.87
N LEU D 48 -15.43 -11.53 -42.17
CA LEU D 48 -15.32 -12.17 -40.86
C LEU D 48 -16.20 -13.42 -40.84
N VAL D 49 -15.92 -14.31 -39.88
CA VAL D 49 -16.73 -15.48 -39.63
C VAL D 49 -17.22 -15.46 -38.17
N CYS D 50 -18.53 -15.70 -37.99
CA CYS D 50 -19.11 -15.85 -36.66
C CYS D 50 -20.22 -16.88 -36.74
N ASP D 51 -20.11 -17.94 -35.96
CA ASP D 51 -21.12 -18.96 -35.93
C ASP D 51 -22.00 -18.84 -34.68
N THR D 52 -21.68 -17.89 -33.79
CA THR D 52 -22.45 -17.78 -32.56
C THR D 52 -23.82 -17.17 -32.84
N SER D 53 -23.84 -16.13 -33.70
CA SER D 53 -25.05 -15.34 -33.94
C SER D 53 -24.96 -14.68 -35.32
N GLU D 54 -26.15 -14.36 -35.84
CA GLU D 54 -26.31 -13.70 -37.13
C GLU D 54 -27.39 -12.61 -37.04
N VAL D 55 -27.13 -11.44 -37.62
CA VAL D 55 -28.06 -10.34 -37.48
C VAL D 55 -28.75 -10.15 -38.81
N PHE D 56 -30.02 -10.57 -38.87
CA PHE D 56 -30.85 -10.50 -40.06
C PHE D 56 -31.46 -9.11 -40.19
N PRO D 57 -31.29 -8.37 -41.32
CA PRO D 57 -31.80 -7.00 -41.39
C PRO D 57 -33.30 -6.90 -41.08
N ASP D 58 -34.08 -7.88 -41.53
CA ASP D 58 -35.53 -7.79 -41.45
C ASP D 58 -36.08 -8.64 -40.30
N GLU D 59 -35.22 -9.21 -39.43
CA GLU D 59 -35.73 -10.06 -38.34
C GLU D 59 -35.06 -9.78 -36.98
N GLY D 60 -33.75 -9.48 -37.03
CA GLY D 60 -33.00 -9.22 -35.82
C GLY D 60 -31.97 -10.33 -35.58
N VAL D 61 -31.49 -10.40 -34.35
CA VAL D 61 -30.40 -11.32 -34.07
C VAL D 61 -30.97 -12.73 -33.96
N LYS D 62 -30.18 -13.71 -34.43
CA LYS D 62 -30.50 -15.10 -34.11
C LYS D 62 -29.27 -15.75 -33.52
N PHE D 63 -29.51 -16.40 -32.38
CA PHE D 63 -28.50 -17.15 -31.65
C PHE D 63 -28.52 -18.60 -32.09
N ARG D 64 -27.53 -19.02 -32.89
CA ARG D 64 -27.44 -20.36 -33.44
C ARG D 64 -28.78 -20.76 -34.06
N GLY D 65 -29.35 -19.87 -34.88
CA GLY D 65 -30.57 -20.16 -35.62
C GLY D 65 -31.85 -19.84 -34.85
N TYR D 66 -31.74 -19.51 -33.56
CA TYR D 66 -32.90 -19.36 -32.70
C TYR D 66 -33.16 -17.89 -32.37
N THR D 67 -34.44 -17.49 -32.45
CA THR D 67 -34.84 -16.12 -32.19
C THR D 67 -34.91 -15.94 -30.68
N ILE D 68 -34.91 -14.68 -30.25
CA ILE D 68 -35.13 -14.31 -28.86
C ILE D 68 -36.47 -14.82 -28.33
N PRO D 69 -37.62 -14.57 -29.04
CA PRO D 69 -38.91 -15.11 -28.60
C PRO D 69 -38.88 -16.63 -28.46
N GLU D 70 -38.32 -17.31 -29.46
CA GLU D 70 -38.15 -18.76 -29.40
C GLU D 70 -37.48 -19.20 -28.09
N LEU D 71 -36.47 -18.44 -27.58
CA LEU D 71 -35.67 -18.85 -26.43
C LEU D 71 -36.15 -18.26 -25.12
N ARG D 72 -36.90 -17.16 -25.19
CA ARG D 72 -37.44 -16.55 -23.98
C ARG D 72 -38.89 -16.98 -23.69
N GLU D 73 -39.68 -17.22 -24.73
CA GLU D 73 -41.12 -17.44 -24.61
C GLU D 73 -41.49 -18.89 -24.95
N GLY D 74 -40.84 -19.41 -26.00
CA GLY D 74 -41.08 -20.75 -26.54
C GLY D 74 -41.21 -20.69 -28.07
N PRO D 75 -41.26 -21.84 -28.75
CA PRO D 75 -41.29 -23.16 -28.10
C PRO D 75 -39.96 -23.85 -27.79
N HIS D 76 -38.83 -23.13 -27.85
CA HIS D 76 -37.52 -23.63 -27.49
C HIS D 76 -36.97 -22.89 -26.28
N LYS D 77 -37.79 -22.68 -25.25
CA LYS D 77 -37.47 -21.82 -24.11
C LYS D 77 -36.28 -22.36 -23.30
N LEU D 78 -35.25 -21.53 -23.07
CA LEU D 78 -34.08 -21.94 -22.32
C LEU D 78 -34.44 -22.12 -20.87
N PRO D 79 -33.58 -22.81 -20.07
CA PRO D 79 -33.80 -22.88 -18.63
C PRO D 79 -33.74 -21.56 -17.89
N THR D 80 -34.43 -21.51 -16.75
CA THR D 80 -34.60 -20.30 -15.99
C THR D 80 -33.97 -20.55 -14.65
N ALA D 81 -33.93 -19.51 -13.81
CA ALA D 81 -33.78 -19.72 -12.39
C ALA D 81 -35.04 -20.39 -11.85
N GLU D 82 -34.89 -21.11 -10.73
CA GLU D 82 -36.02 -21.74 -10.08
C GLU D 82 -37.03 -20.66 -9.71
N GLY D 83 -38.24 -20.78 -10.28
CA GLY D 83 -39.30 -19.81 -10.04
C GLY D 83 -39.15 -18.57 -10.91
N GLY D 84 -38.18 -18.55 -11.81
CA GLY D 84 -37.95 -17.40 -12.64
C GLY D 84 -38.64 -17.61 -13.98
N PHE D 85 -38.73 -16.54 -14.77
CA PHE D 85 -39.27 -16.61 -16.12
C PHE D 85 -38.15 -16.36 -17.13
N GLU D 86 -37.17 -15.52 -16.79
CA GLU D 86 -36.20 -15.03 -17.76
C GLU D 86 -35.10 -16.08 -18.01
N PRO D 87 -34.65 -16.20 -19.27
CA PRO D 87 -33.60 -17.15 -19.60
C PRO D 87 -32.28 -16.81 -18.88
N LEU D 88 -31.62 -17.85 -18.37
CA LEU D 88 -30.33 -17.66 -17.76
C LEU D 88 -29.29 -17.60 -18.88
N PRO D 89 -28.37 -16.62 -18.80
CA PRO D 89 -27.30 -16.53 -19.78
C PRO D 89 -26.36 -17.74 -19.81
N GLU D 90 -26.17 -18.40 -18.66
CA GLU D 90 -25.43 -19.67 -18.60
C GLU D 90 -25.89 -20.62 -19.71
N GLY D 91 -27.22 -20.78 -19.85
CA GLY D 91 -27.84 -21.58 -20.90
C GLY D 91 -27.59 -21.02 -22.29
N LEU D 92 -27.61 -19.70 -22.40
CA LEU D 92 -27.38 -19.09 -23.71
C LEU D 92 -25.94 -19.39 -24.14
N TRP D 93 -25.01 -19.35 -23.17
CA TRP D 93 -23.58 -19.51 -23.46
C TRP D 93 -23.35 -20.92 -23.96
N TYR D 94 -24.00 -21.90 -23.29
CA TYR D 94 -23.95 -23.31 -23.69
C TYR D 94 -24.36 -23.42 -25.15
N LEU D 95 -25.43 -22.69 -25.53
CA LEU D 95 -26.01 -22.83 -26.85
C LEU D 95 -25.09 -22.18 -27.87
N LEU D 96 -24.55 -21.00 -27.54
CA LEU D 96 -23.62 -20.30 -28.42
C LEU D 96 -22.45 -21.21 -28.76
N LEU D 97 -21.96 -21.96 -27.77
CA LEU D 97 -20.78 -22.80 -27.99
C LEU D 97 -21.08 -24.06 -28.83
N THR D 98 -22.14 -24.81 -28.46
CA THR D 98 -22.43 -26.12 -29.03
C THR D 98 -23.36 -26.04 -30.24
N GLY D 99 -24.23 -25.03 -30.26
CA GLY D 99 -25.30 -24.99 -31.26
C GLY D 99 -26.46 -25.90 -30.84
N GLU D 100 -26.43 -26.36 -29.58
CA GLU D 100 -27.42 -27.27 -29.05
C GLU D 100 -28.13 -26.64 -27.84
N LEU D 101 -29.42 -26.94 -27.66
CA LEU D 101 -30.21 -26.39 -26.58
C LEU D 101 -29.85 -27.10 -25.29
N PRO D 102 -29.50 -26.38 -24.20
CA PRO D 102 -29.07 -27.03 -22.95
C PRO D 102 -30.23 -27.63 -22.19
N THR D 103 -29.98 -28.76 -21.52
CA THR D 103 -30.90 -29.23 -20.49
C THR D 103 -30.69 -28.39 -19.23
N GLU D 104 -31.72 -28.41 -18.38
CA GLU D 104 -31.66 -27.93 -17.01
C GLU D 104 -30.32 -28.26 -16.36
N GLU D 105 -29.88 -29.51 -16.50
CA GLU D 105 -28.72 -30.00 -15.76
C GLU D 105 -27.46 -29.39 -16.39
N ASP D 106 -27.43 -29.26 -17.72
CA ASP D 106 -26.30 -28.61 -18.37
C ASP D 106 -26.11 -27.16 -17.87
N VAL D 107 -27.22 -26.47 -17.60
CA VAL D 107 -27.15 -25.10 -17.14
C VAL D 107 -26.69 -25.05 -15.67
N LYS D 108 -27.08 -26.01 -14.82
CA LYS D 108 -26.64 -25.99 -13.42
C LYS D 108 -25.14 -26.23 -13.33
N GLU D 109 -24.60 -27.04 -14.25
CA GLU D 109 -23.18 -27.33 -14.30
C GLU D 109 -22.41 -26.02 -14.48
N ILE D 110 -22.82 -25.25 -15.48
CA ILE D 110 -22.16 -24.01 -15.80
C ILE D 110 -22.31 -23.02 -14.64
N SER D 111 -23.52 -22.91 -14.06
CA SER D 111 -23.74 -22.03 -12.92
C SER D 111 -22.79 -22.39 -11.78
N ALA D 112 -22.61 -23.69 -11.55
CA ALA D 112 -21.82 -24.20 -10.45
C ALA D 112 -20.33 -23.95 -10.74
N GLU D 113 -19.96 -24.01 -12.02
CA GLU D 113 -18.60 -23.74 -12.43
C GLU D 113 -18.30 -22.24 -12.27
N PHE D 114 -19.26 -21.37 -12.58
CA PHE D 114 -19.03 -19.95 -12.41
C PHE D 114 -18.93 -19.64 -10.92
N THR D 115 -19.88 -20.17 -10.15
CA THR D 115 -19.86 -19.98 -8.71
C THR D 115 -18.54 -20.46 -8.10
N LYS D 116 -17.98 -21.59 -8.55
CA LYS D 116 -16.79 -22.14 -7.93
C LYS D 116 -15.63 -21.20 -8.21
N ARG D 117 -15.43 -20.89 -9.50
CA ARG D 117 -14.33 -20.08 -9.99
C ARG D 117 -14.46 -18.61 -9.59
N MET D 118 -15.61 -18.20 -9.06
CA MET D 118 -15.81 -16.83 -8.60
C MET D 118 -14.91 -16.55 -7.40
N GLN D 119 -14.62 -17.59 -6.61
CA GLN D 119 -13.78 -17.49 -5.45
C GLN D 119 -12.30 -17.39 -5.83
N ASN D 120 -11.96 -17.41 -7.13
CA ASN D 120 -10.58 -17.52 -7.55
C ASN D 120 -10.03 -16.24 -8.21
N VAL D 121 -10.65 -15.09 -7.90
CA VAL D 121 -10.09 -13.84 -8.39
C VAL D 121 -8.89 -13.52 -7.51
N PRO D 122 -7.70 -13.35 -8.11
CA PRO D 122 -6.48 -13.04 -7.35
C PRO D 122 -6.57 -11.76 -6.52
N GLN D 123 -5.95 -11.78 -5.32
CA GLN D 123 -5.89 -10.59 -4.48
C GLN D 123 -5.26 -9.41 -5.21
N TYR D 124 -4.31 -9.64 -6.15
CA TYR D 124 -3.54 -8.56 -6.73
C TYR D 124 -4.42 -7.76 -7.71
N VAL D 125 -5.47 -8.40 -8.23
CA VAL D 125 -6.44 -7.73 -9.07
C VAL D 125 -7.11 -6.63 -8.26
N PHE D 126 -7.45 -6.90 -7.02
CA PHE D 126 -8.04 -5.86 -6.22
C PHE D 126 -6.99 -4.81 -5.96
N ASP D 127 -5.73 -5.26 -5.73
CA ASP D 127 -4.68 -4.32 -5.40
C ASP D 127 -4.60 -3.31 -6.54
N VAL D 128 -4.70 -3.84 -7.78
CA VAL D 128 -4.54 -3.01 -8.96
C VAL D 128 -5.70 -2.02 -9.02
N LEU D 129 -6.91 -2.52 -8.81
CA LEU D 129 -8.08 -1.66 -8.93
C LEU D 129 -8.04 -0.54 -7.89
N ARG D 130 -7.55 -0.83 -6.68
CA ARG D 130 -7.51 0.16 -5.61
C ARG D 130 -6.44 1.23 -5.90
N ALA D 131 -5.42 0.88 -6.69
CA ALA D 131 -4.34 1.81 -7.04
C ALA D 131 -4.85 2.80 -8.08
N MET D 132 -5.84 2.39 -8.88
CA MET D 132 -6.50 3.35 -9.75
C MET D 132 -7.25 4.36 -8.89
N PRO D 133 -7.13 5.67 -9.20
CA PRO D 133 -7.87 6.68 -8.46
C PRO D 133 -9.36 6.43 -8.72
N VAL D 134 -10.17 6.68 -7.68
CA VAL D 134 -11.55 6.27 -7.65
C VAL D 134 -12.40 7.04 -8.67
N ASP D 135 -11.93 8.20 -9.18
CA ASP D 135 -12.68 8.95 -10.19
C ASP D 135 -12.36 8.45 -11.59
N THR D 136 -11.56 7.38 -11.70
CA THR D 136 -11.24 6.82 -12.99
C THR D 136 -12.53 6.29 -13.58
N HIS D 137 -12.75 6.52 -14.89
CA HIS D 137 -13.91 5.96 -15.58
C HIS D 137 -14.00 4.44 -15.29
N PRO D 138 -15.19 3.89 -15.00
CA PRO D 138 -15.33 2.48 -14.66
C PRO D 138 -15.04 1.48 -15.78
N MET D 139 -15.10 1.89 -17.04
CA MET D 139 -14.71 0.99 -18.10
C MET D 139 -13.19 0.94 -18.15
N THR D 140 -12.53 2.02 -17.72
CA THR D 140 -11.08 1.99 -17.59
C THR D 140 -10.71 1.01 -16.49
N MET D 141 -11.41 1.09 -15.36
CA MET D 141 -11.13 0.20 -14.25
C MET D 141 -11.35 -1.25 -14.66
N PHE D 142 -12.48 -1.50 -15.33
CA PHE D 142 -12.87 -2.84 -15.72
C PHE D 142 -11.81 -3.50 -16.61
N ALA D 143 -11.46 -2.85 -17.72
CA ALA D 143 -10.48 -3.43 -18.64
C ALA D 143 -9.15 -3.66 -17.93
N ALA D 144 -8.70 -2.74 -17.07
CA ALA D 144 -7.44 -2.89 -16.34
C ALA D 144 -7.48 -4.11 -15.44
N GLY D 145 -8.59 -4.30 -14.72
CA GLY D 145 -8.73 -5.43 -13.81
C GLY D 145 -8.62 -6.76 -14.54
N ILE D 146 -9.29 -6.85 -15.68
CA ILE D 146 -9.26 -8.03 -16.52
C ILE D 146 -7.84 -8.28 -17.01
N LEU D 147 -7.18 -7.23 -17.49
CA LEU D 147 -5.86 -7.36 -18.09
C LEU D 147 -4.83 -7.84 -17.06
N ALA D 148 -4.91 -7.32 -15.84
CA ALA D 148 -4.02 -7.73 -14.78
C ALA D 148 -4.14 -9.22 -14.53
N MET D 149 -5.30 -9.80 -14.83
CA MET D 149 -5.54 -11.20 -14.53
C MET D 149 -4.89 -12.07 -15.60
N GLN D 150 -4.34 -11.45 -16.63
CA GLN D 150 -3.64 -12.15 -17.69
C GLN D 150 -2.50 -13.02 -17.15
N ARG D 151 -1.96 -12.69 -15.96
CA ARG D 151 -0.91 -13.51 -15.35
C ARG D 151 -1.37 -14.95 -15.08
N GLU D 152 -2.68 -15.17 -14.84
CA GLU D 152 -3.20 -16.52 -14.64
C GLU D 152 -3.67 -17.17 -15.95
N SER D 153 -3.27 -16.63 -17.11
CA SER D 153 -3.73 -17.18 -18.38
C SER D 153 -3.14 -18.57 -18.61
N VAL D 154 -3.99 -19.53 -18.92
CA VAL D 154 -3.58 -20.90 -19.18
C VAL D 154 -3.13 -21.00 -20.63
N PHE D 155 -3.85 -20.34 -21.52
CA PHE D 155 -3.42 -20.29 -22.91
C PHE D 155 -1.99 -19.76 -23.01
N ALA D 156 -1.67 -18.70 -22.25
CA ALA D 156 -0.37 -18.06 -22.40
C ALA D 156 0.71 -19.00 -21.94
N LYS D 157 0.51 -19.63 -20.78
CA LYS D 157 1.48 -20.56 -20.20
C LYS D 157 1.68 -21.77 -21.12
N ARG D 158 0.57 -22.40 -21.53
CA ARG D 158 0.61 -23.58 -22.40
C ARG D 158 1.23 -23.23 -23.75
N TYR D 159 0.99 -22.02 -24.25
CA TYR D 159 1.54 -21.66 -25.54
C TYR D 159 3.06 -21.76 -25.46
N GLU D 160 3.63 -21.21 -24.38
CA GLU D 160 5.08 -21.15 -24.17
C GLU D 160 5.68 -22.54 -23.93
N GLU D 161 5.00 -23.39 -23.15
CA GLU D 161 5.42 -24.77 -22.91
C GLU D 161 5.44 -25.55 -24.22
N GLY D 162 4.52 -25.26 -25.11
CA GLY D 162 4.45 -25.93 -26.41
C GLY D 162 3.15 -26.68 -26.52
N MET D 163 2.28 -26.28 -27.45
CA MET D 163 1.02 -26.98 -27.67
C MET D 163 0.67 -26.83 -29.13
N ARG D 164 -0.02 -27.81 -29.68
CA ARG D 164 -0.40 -27.77 -31.09
C ARG D 164 -1.71 -26.98 -31.18
N ARG D 165 -2.04 -26.55 -32.40
CA ARG D 165 -3.22 -25.74 -32.61
C ARG D 165 -4.51 -26.42 -32.12
N GLU D 166 -4.58 -27.76 -32.24
CA GLU D 166 -5.76 -28.55 -31.88
C GLU D 166 -6.12 -28.35 -30.40
N GLU D 167 -5.10 -28.03 -29.57
CA GLU D 167 -5.34 -27.93 -28.14
C GLU D 167 -5.77 -26.52 -27.76
N HIS D 168 -5.78 -25.56 -28.70
CA HIS D 168 -6.03 -24.18 -28.33
C HIS D 168 -7.41 -23.99 -27.65
N TRP D 169 -8.43 -24.66 -28.20
CA TRP D 169 -9.78 -24.40 -27.73
C TRP D 169 -9.89 -24.77 -26.26
N GLU D 170 -9.16 -25.80 -25.82
CA GLU D 170 -9.28 -26.27 -24.45
C GLU D 170 -8.70 -25.25 -23.47
N ALA D 171 -7.56 -24.68 -23.85
CA ALA D 171 -6.98 -23.61 -23.08
C ALA D 171 -7.88 -22.37 -23.09
N MET D 172 -8.44 -22.04 -24.25
CA MET D 172 -9.35 -20.90 -24.33
C MET D 172 -10.60 -21.12 -23.48
N LEU D 173 -11.07 -22.35 -23.39
CA LEU D 173 -12.25 -22.63 -22.57
C LEU D 173 -11.92 -22.41 -21.09
N GLU D 174 -10.76 -22.91 -20.65
CA GLU D 174 -10.39 -22.86 -19.24
C GLU D 174 -10.26 -21.42 -18.76
N ASP D 175 -9.63 -20.58 -19.57
CA ASP D 175 -9.44 -19.16 -19.29
C ASP D 175 -10.78 -18.45 -19.28
N SER D 176 -11.67 -18.84 -20.20
CA SER D 176 -12.97 -18.18 -20.35
C SER D 176 -13.86 -18.45 -19.13
N LEU D 177 -13.86 -19.71 -18.63
CA LEU D 177 -14.54 -20.08 -17.41
C LEU D 177 -14.03 -19.23 -16.27
N ASN D 178 -12.71 -19.08 -16.13
CA ASN D 178 -12.10 -18.32 -15.05
C ASN D 178 -12.47 -16.83 -15.13
N MET D 179 -12.31 -16.25 -16.33
CA MET D 179 -12.57 -14.83 -16.55
C MET D 179 -14.04 -14.52 -16.38
N LEU D 180 -14.93 -15.33 -16.99
CA LEU D 180 -16.36 -15.09 -16.87
C LEU D 180 -16.77 -15.13 -15.40
N ALA D 181 -16.25 -16.10 -14.66
CA ALA D 181 -16.53 -16.14 -13.24
C ALA D 181 -16.04 -14.85 -12.56
N ALA D 182 -14.96 -14.29 -13.08
CA ALA D 182 -14.32 -13.15 -12.44
C ALA D 182 -15.07 -11.84 -12.71
N LEU D 183 -15.67 -11.71 -13.90
CA LEU D 183 -16.14 -10.42 -14.32
C LEU D 183 -17.15 -9.86 -13.31
N PRO D 184 -18.15 -10.63 -12.82
CA PRO D 184 -19.10 -10.09 -11.87
C PRO D 184 -18.41 -9.63 -10.59
N VAL D 185 -17.36 -10.34 -10.18
CA VAL D 185 -16.63 -9.93 -8.99
C VAL D 185 -15.93 -8.59 -9.21
N ILE D 186 -15.30 -8.42 -10.37
CA ILE D 186 -14.53 -7.21 -10.65
C ILE D 186 -15.47 -6.02 -10.84
N ALA D 187 -16.59 -6.25 -11.57
CA ALA D 187 -17.58 -5.23 -11.82
C ALA D 187 -18.14 -4.75 -10.48
N ALA D 188 -18.57 -5.71 -9.65
CA ALA D 188 -19.16 -5.32 -8.39
C ALA D 188 -18.17 -4.50 -7.59
N TYR D 189 -16.88 -4.87 -7.68
CA TYR D 189 -15.90 -4.24 -6.81
C TYR D 189 -15.81 -2.77 -7.20
N ILE D 190 -15.76 -2.52 -8.51
CA ILE D 190 -15.73 -1.18 -9.07
C ILE D 190 -16.98 -0.40 -8.64
N TYR D 191 -18.15 -1.02 -8.80
CA TYR D 191 -19.41 -0.39 -8.43
C TYR D 191 -19.39 0.02 -6.97
N ARG D 192 -19.00 -0.93 -6.10
CA ARG D 192 -19.08 -0.73 -4.67
C ARG D 192 -18.04 0.29 -4.23
N ARG D 193 -16.87 0.32 -4.89
CA ARG D 193 -15.85 1.29 -4.52
C ARG D 193 -16.23 2.69 -5.00
N LYS D 194 -16.72 2.81 -6.24
CA LYS D 194 -17.09 4.10 -6.80
C LYS D 194 -18.31 4.73 -6.13
N TYR D 195 -19.35 3.95 -5.87
CA TYR D 195 -20.69 4.51 -5.75
C TYR D 195 -21.36 4.15 -4.43
N LYS D 196 -20.87 3.13 -3.72
CA LYS D 196 -21.51 2.63 -2.51
C LYS D 196 -20.51 2.59 -1.35
N GLY D 197 -19.63 3.60 -1.27
CA GLY D 197 -18.89 3.83 -0.03
C GLY D 197 -17.93 2.70 0.34
N ASP D 198 -17.49 1.91 -0.66
CA ASP D 198 -16.32 1.05 -0.53
C ASP D 198 -16.54 -0.04 0.52
N THR D 199 -17.79 -0.50 0.67
CA THR D 199 -18.11 -1.72 1.40
C THR D 199 -18.42 -2.85 0.40
N HIS D 200 -17.97 -4.06 0.73
CA HIS D 200 -17.81 -5.10 -0.27
C HIS D 200 -18.59 -6.33 0.16
N ILE D 201 -19.36 -6.90 -0.79
CA ILE D 201 -20.33 -7.97 -0.56
C ILE D 201 -19.88 -9.18 -1.36
N ALA D 202 -19.73 -10.33 -0.67
CA ALA D 202 -19.21 -11.56 -1.26
C ALA D 202 -20.24 -12.23 -2.16
N PRO D 203 -19.80 -13.14 -3.05
CA PRO D 203 -20.72 -13.99 -3.82
C PRO D 203 -21.58 -14.77 -2.83
N ASP D 204 -22.86 -14.90 -3.18
CA ASP D 204 -23.74 -15.82 -2.50
C ASP D 204 -23.65 -17.13 -3.28
N PRO D 205 -23.34 -18.28 -2.64
CA PRO D 205 -22.96 -19.47 -3.40
C PRO D 205 -24.15 -20.25 -3.96
N ASN D 206 -25.37 -19.80 -3.66
CA ASN D 206 -26.56 -20.42 -4.21
C ASN D 206 -27.30 -19.46 -5.15
N LEU D 207 -26.58 -18.52 -5.80
CA LEU D 207 -27.16 -17.62 -6.80
C LEU D 207 -26.51 -17.93 -8.15
N ASP D 208 -27.29 -17.83 -9.22
CA ASP D 208 -26.72 -17.86 -10.56
C ASP D 208 -25.90 -16.60 -10.82
N TRP D 209 -25.16 -16.61 -11.94
CA TRP D 209 -24.16 -15.61 -12.31
C TRP D 209 -24.74 -14.20 -12.31
N SER D 210 -25.88 -14.03 -12.99
CA SER D 210 -26.46 -12.71 -13.18
C SER D 210 -26.92 -12.14 -11.85
N ALA D 211 -27.56 -13.01 -11.08
CA ALA D 211 -28.12 -12.59 -9.82
C ALA D 211 -27.01 -12.38 -8.80
N ASN D 212 -25.85 -13.01 -9.02
CA ASN D 212 -24.74 -12.75 -8.12
C ASN D 212 -24.19 -11.35 -8.35
N LEU D 213 -24.20 -10.88 -9.61
CA LEU D 213 -23.78 -9.53 -9.91
C LEU D 213 -24.68 -8.56 -9.17
N ALA D 214 -25.99 -8.75 -9.30
CA ALA D 214 -26.94 -7.90 -8.57
C ALA D 214 -26.65 -7.95 -7.07
N HIS D 215 -26.54 -9.17 -6.53
CA HIS D 215 -26.30 -9.32 -5.10
C HIS D 215 -25.06 -8.57 -4.63
N MET D 216 -23.97 -8.71 -5.39
CA MET D 216 -22.71 -8.16 -4.94
C MET D 216 -22.72 -6.63 -5.14
N MET D 217 -23.59 -6.16 -6.05
CA MET D 217 -23.74 -4.74 -6.30
C MET D 217 -24.62 -4.12 -5.23
N GLY D 218 -25.38 -4.98 -4.53
CA GLY D 218 -26.22 -4.55 -3.41
C GLY D 218 -27.72 -4.69 -3.66
N PHE D 219 -28.14 -5.37 -4.73
CA PHE D 219 -29.56 -5.42 -5.04
C PHE D 219 -30.04 -6.86 -4.93
N ASP D 220 -30.83 -7.15 -3.89
CA ASP D 220 -31.35 -8.46 -3.63
C ASP D 220 -32.86 -8.44 -3.81
N ASP D 221 -33.32 -8.71 -5.03
CA ASP D 221 -34.72 -8.54 -5.34
C ASP D 221 -35.06 -9.40 -6.54
N PHE D 222 -36.17 -10.11 -6.46
CA PHE D 222 -36.48 -11.06 -7.50
C PHE D 222 -36.56 -10.37 -8.87
N GLU D 223 -37.27 -9.27 -8.95
CA GLU D 223 -37.45 -8.56 -10.21
C GLU D 223 -36.08 -8.14 -10.74
N VAL D 224 -35.17 -7.71 -9.83
CA VAL D 224 -33.85 -7.23 -10.21
C VAL D 224 -33.06 -8.42 -10.76
N TYR D 225 -33.11 -9.55 -10.06
CA TYR D 225 -32.45 -10.76 -10.52
C TYR D 225 -32.96 -11.09 -11.91
N GLU D 226 -34.27 -10.94 -12.09
CA GLU D 226 -34.88 -11.29 -13.36
C GLU D 226 -34.39 -10.34 -14.46
N LEU D 227 -34.34 -9.03 -14.12
CA LEU D 227 -33.89 -8.02 -15.05
C LEU D 227 -32.47 -8.32 -15.51
N PHE D 228 -31.58 -8.67 -14.58
CA PHE D 228 -30.17 -8.88 -14.88
C PHE D 228 -30.01 -10.10 -15.78
N ARG D 229 -30.86 -11.11 -15.54
CA ARG D 229 -30.79 -12.35 -16.28
C ARG D 229 -31.14 -12.02 -17.72
N LEU D 230 -32.25 -11.30 -17.87
CA LEU D 230 -32.66 -10.89 -19.19
C LEU D 230 -31.61 -10.01 -19.86
N TYR D 231 -31.16 -8.99 -19.11
CA TYR D 231 -30.17 -8.04 -19.59
C TYR D 231 -28.96 -8.77 -20.18
N MET D 232 -28.44 -9.79 -19.44
CA MET D 232 -27.23 -10.50 -19.81
C MET D 232 -27.45 -11.42 -21.01
N PHE D 233 -28.62 -12.06 -21.03
CA PHE D 233 -29.10 -12.75 -22.21
C PHE D 233 -29.02 -11.85 -23.43
N LEU D 234 -29.57 -10.63 -23.34
CA LEU D 234 -29.86 -9.84 -24.53
C LEU D 234 -28.61 -9.22 -25.16
N HIS D 235 -27.64 -8.80 -24.34
CA HIS D 235 -26.45 -8.08 -24.81
C HIS D 235 -25.28 -9.04 -25.08
N SER D 236 -25.54 -10.34 -24.88
CA SER D 236 -24.55 -11.40 -25.00
C SER D 236 -23.75 -11.33 -26.30
N ASP D 237 -24.46 -11.16 -27.41
CA ASP D 237 -23.80 -11.35 -28.69
C ASP D 237 -24.65 -10.73 -29.78
N HIS D 238 -23.99 -10.30 -30.87
CA HIS D 238 -24.63 -9.60 -31.98
C HIS D 238 -23.67 -9.60 -33.17
N GLU D 239 -23.40 -10.82 -33.68
CA GLU D 239 -22.49 -11.07 -34.79
C GLU D 239 -21.03 -10.86 -34.39
N GLY D 240 -20.14 -11.01 -35.39
CA GLY D 240 -18.70 -10.88 -35.22
C GLY D 240 -18.17 -9.46 -35.48
N GLY D 241 -18.98 -8.61 -36.11
CA GLY D 241 -18.53 -7.39 -36.77
C GLY D 241 -18.60 -6.12 -35.92
N ASN D 242 -19.36 -6.12 -34.81
CA ASN D 242 -19.36 -4.97 -33.91
C ASN D 242 -17.94 -4.81 -33.36
N VAL D 243 -17.68 -3.61 -32.85
CA VAL D 243 -16.34 -3.19 -32.44
C VAL D 243 -15.80 -4.10 -31.34
N SER D 244 -16.61 -4.43 -30.31
CA SER D 244 -16.12 -5.22 -29.19
C SER D 244 -15.82 -6.65 -29.63
N ALA D 245 -16.76 -7.30 -30.34
CA ALA D 245 -16.60 -8.64 -30.85
C ALA D 245 -15.45 -8.69 -31.84
N HIS D 246 -15.34 -7.69 -32.70
CA HIS D 246 -14.29 -7.72 -33.70
C HIS D 246 -12.93 -7.50 -33.01
N THR D 247 -12.87 -6.59 -32.02
CA THR D 247 -11.60 -6.35 -31.34
C THR D 247 -11.13 -7.67 -30.73
N ASN D 248 -12.06 -8.39 -30.13
CA ASN D 248 -11.76 -9.67 -29.50
C ASN D 248 -11.19 -10.65 -30.53
N LEU D 249 -11.78 -10.70 -31.74
CA LEU D 249 -11.34 -11.67 -32.73
C LEU D 249 -9.94 -11.33 -33.21
N LEU D 250 -9.73 -10.03 -33.43
CA LEU D 250 -8.50 -9.46 -33.96
C LEU D 250 -7.33 -9.77 -33.05
N VAL D 251 -7.42 -9.40 -31.78
CA VAL D 251 -6.32 -9.62 -30.87
C VAL D 251 -6.13 -11.13 -30.63
N ASN D 252 -7.25 -11.88 -30.60
CA ASN D 252 -7.24 -13.33 -30.47
C ASN D 252 -6.50 -13.92 -31.66
N SER D 253 -6.60 -13.34 -32.85
CA SER D 253 -6.06 -14.02 -34.02
C SER D 253 -4.53 -14.07 -34.02
N ALA D 254 -3.86 -13.26 -33.16
CA ALA D 254 -2.40 -13.32 -33.05
C ALA D 254 -1.94 -14.24 -31.92
N TYR D 255 -2.87 -15.01 -31.32
CA TYR D 255 -2.64 -15.97 -30.24
C TYR D 255 -2.48 -15.27 -28.89
N SER D 256 -3.04 -14.07 -28.75
CA SER D 256 -3.19 -13.42 -27.46
C SER D 256 -4.38 -14.01 -26.74
N ASP D 257 -4.19 -14.28 -25.44
CA ASP D 257 -5.15 -14.98 -24.60
C ASP D 257 -6.36 -14.10 -24.31
N ILE D 258 -7.36 -14.66 -23.62
CA ILE D 258 -8.68 -14.04 -23.53
C ILE D 258 -8.61 -12.78 -22.67
N TYR D 259 -7.67 -12.72 -21.70
CA TYR D 259 -7.59 -11.54 -20.85
C TYR D 259 -7.14 -10.35 -21.72
N ARG D 260 -6.20 -10.61 -22.62
CA ARG D 260 -5.73 -9.58 -23.53
C ARG D 260 -6.82 -9.19 -24.53
N SER D 261 -7.40 -10.20 -25.21
CA SER D 261 -8.36 -9.91 -26.27
C SER D 261 -9.64 -9.28 -25.69
N PHE D 262 -10.09 -9.73 -24.51
CA PHE D 262 -11.33 -9.21 -23.95
C PHE D 262 -11.12 -7.80 -23.38
N SER D 263 -10.06 -7.55 -22.60
CA SER D 263 -9.76 -6.21 -22.12
C SER D 263 -9.64 -5.21 -23.29
N ALA D 264 -8.94 -5.59 -24.37
CA ALA D 264 -8.97 -4.80 -25.58
C ALA D 264 -10.42 -4.46 -25.99
N ALA D 265 -11.27 -5.48 -26.03
CA ALA D 265 -12.64 -5.30 -26.48
C ALA D 265 -13.37 -4.29 -25.62
N MET D 266 -13.22 -4.39 -24.30
CA MET D 266 -13.84 -3.44 -23.40
C MET D 266 -13.31 -2.02 -23.65
N ASN D 267 -12.04 -1.88 -24.05
CA ASN D 267 -11.53 -0.57 -24.48
C ASN D 267 -12.35 -0.03 -25.66
N GLY D 268 -12.80 -0.91 -26.56
CA GLY D 268 -13.64 -0.54 -27.70
C GLY D 268 -15.10 -0.23 -27.30
N LEU D 269 -15.64 -1.02 -26.37
CA LEU D 269 -17.00 -0.86 -25.88
C LEU D 269 -17.09 0.44 -25.08
N ALA D 270 -15.97 0.87 -24.48
CA ALA D 270 -15.93 2.13 -23.73
C ALA D 270 -16.13 3.32 -24.66
N GLY D 271 -15.99 3.11 -25.98
CA GLY D 271 -16.09 4.16 -26.99
C GLY D 271 -17.52 4.70 -27.17
N PRO D 272 -17.70 6.04 -27.30
CA PRO D 272 -19.03 6.64 -27.44
C PRO D 272 -19.92 6.16 -28.58
N LEU D 273 -19.35 5.68 -29.69
CA LEU D 273 -20.16 5.13 -30.75
C LEU D 273 -20.48 3.65 -30.56
N HIS D 274 -20.07 3.03 -29.45
CA HIS D 274 -20.30 1.60 -29.31
C HIS D 274 -21.05 1.24 -28.04
N GLY D 275 -20.80 1.95 -26.94
CA GLY D 275 -21.25 1.49 -25.65
C GLY D 275 -21.98 2.52 -24.81
N LEU D 276 -22.20 3.77 -25.30
CA LEU D 276 -22.74 4.82 -24.44
C LEU D 276 -24.24 5.09 -24.67
N ALA D 277 -24.85 4.41 -25.65
CA ALA D 277 -26.14 4.83 -26.17
C ALA D 277 -27.23 4.63 -25.13
N ASN D 278 -27.16 3.53 -24.38
CA ASN D 278 -28.08 3.30 -23.26
C ASN D 278 -28.24 4.62 -22.47
N GLN D 279 -27.11 5.18 -22.05
CA GLN D 279 -27.03 6.33 -21.18
C GLN D 279 -27.64 7.56 -21.85
N GLU D 280 -27.36 7.74 -23.13
CA GLU D 280 -27.75 8.96 -23.82
C GLU D 280 -29.27 8.94 -23.98
N VAL D 281 -29.82 7.74 -24.15
CA VAL D 281 -31.27 7.56 -24.18
C VAL D 281 -31.86 7.99 -22.84
N LEU D 282 -31.34 7.45 -21.73
CA LEU D 282 -31.93 7.76 -20.44
C LEU D 282 -31.93 9.27 -20.24
N ARG D 283 -30.80 9.92 -20.55
CA ARG D 283 -30.62 11.33 -20.20
C ARG D 283 -31.62 12.16 -21.00
N TRP D 284 -31.78 11.76 -22.27
CA TRP D 284 -32.73 12.36 -23.19
C TRP D 284 -34.18 12.13 -22.73
N ILE D 285 -34.48 10.93 -22.22
CA ILE D 285 -35.81 10.67 -21.63
C ILE D 285 -36.02 11.55 -20.39
N GLN D 286 -35.00 11.66 -19.52
CA GLN D 286 -35.08 12.48 -18.32
C GLN D 286 -35.22 13.98 -18.66
N MET D 287 -34.61 14.42 -19.76
CA MET D 287 -34.72 15.79 -20.22
C MET D 287 -36.17 16.11 -20.58
N LEU D 288 -36.82 15.23 -21.35
CA LEU D 288 -38.24 15.34 -21.69
C LEU D 288 -39.13 15.44 -20.45
N TYR D 289 -38.88 14.60 -19.47
CA TYR D 289 -39.73 14.53 -18.30
C TYR D 289 -39.60 15.81 -17.49
N LYS D 290 -38.40 16.39 -17.46
CA LYS D 290 -38.13 17.60 -16.69
C LYS D 290 -38.89 18.77 -17.32
N LYS D 291 -38.70 18.92 -18.64
CA LYS D 291 -39.22 20.03 -19.43
C LYS D 291 -40.73 20.14 -19.26
N PHE D 292 -41.41 18.99 -19.40
CA PHE D 292 -42.87 18.90 -19.42
C PHE D 292 -43.45 18.43 -18.08
N GLY D 293 -42.68 18.43 -17.00
CA GLY D 293 -43.25 18.17 -15.68
C GLY D 293 -44.01 16.84 -15.63
N GLY D 294 -43.57 15.87 -16.46
CA GLY D 294 -44.15 14.54 -16.46
C GLY D 294 -44.10 13.91 -17.86
N VAL D 295 -45.04 12.99 -18.11
CA VAL D 295 -45.16 12.34 -19.41
C VAL D 295 -45.69 13.35 -20.42
N PRO D 296 -44.99 13.61 -21.54
CA PRO D 296 -45.50 14.53 -22.56
C PRO D 296 -46.67 13.97 -23.36
N THR D 297 -47.39 14.89 -23.99
CA THR D 297 -48.37 14.56 -25.01
C THR D 297 -47.61 14.17 -26.27
N LYS D 298 -48.33 13.58 -27.23
CA LYS D 298 -47.71 13.16 -28.47
C LYS D 298 -47.19 14.37 -29.22
N GLU D 299 -47.84 15.52 -29.00
CA GLU D 299 -47.46 16.76 -29.64
C GLU D 299 -46.15 17.25 -29.03
N GLN D 300 -46.09 17.29 -27.70
CA GLN D 300 -44.93 17.80 -26.99
C GLN D 300 -43.70 16.98 -27.35
N LEU D 301 -43.85 15.65 -27.39
CA LEU D 301 -42.78 14.73 -27.75
C LEU D 301 -42.29 14.96 -29.19
N GLU D 302 -43.20 15.13 -30.15
CA GLU D 302 -42.82 15.35 -31.54
C GLU D 302 -41.99 16.62 -31.70
N ARG D 303 -42.43 17.72 -31.08
CA ARG D 303 -41.70 18.99 -31.07
C ARG D 303 -40.27 18.76 -30.55
N PHE D 304 -40.16 18.14 -29.36
CA PHE D 304 -38.87 17.90 -28.72
C PHE D 304 -37.98 17.02 -29.61
N ALA D 305 -38.58 16.11 -30.36
CA ALA D 305 -37.84 15.26 -31.30
C ALA D 305 -37.32 16.11 -32.47
N TRP D 306 -38.19 16.96 -33.03
CA TRP D 306 -37.78 17.84 -34.11
C TRP D 306 -36.67 18.80 -33.64
N ASP D 307 -36.84 19.43 -32.46
CA ASP D 307 -35.82 20.28 -31.83
C ASP D 307 -34.49 19.55 -31.61
N THR D 308 -34.53 18.23 -31.29
CA THR D 308 -33.34 17.41 -31.19
C THR D 308 -32.64 17.34 -32.55
N LEU D 309 -33.37 16.99 -33.61
CA LEU D 309 -32.76 16.87 -34.94
C LEU D 309 -32.28 18.21 -35.51
N ASN D 310 -32.99 19.33 -35.28
CA ASN D 310 -32.62 20.63 -35.85
C ASN D 310 -31.35 21.17 -35.21
N SER D 311 -31.11 20.80 -33.94
CA SER D 311 -29.91 21.22 -33.24
C SER D 311 -28.74 20.30 -33.59
N GLY D 312 -28.92 19.43 -34.60
CA GLY D 312 -27.84 18.64 -35.19
C GLY D 312 -27.56 17.32 -34.46
N GLN D 313 -28.53 16.84 -33.69
CA GLN D 313 -28.34 15.66 -32.86
C GLN D 313 -29.12 14.51 -33.46
N VAL D 314 -28.64 13.32 -33.14
CA VAL D 314 -29.39 12.08 -33.33
C VAL D 314 -30.42 11.95 -32.21
N ILE D 315 -31.56 11.34 -32.54
CA ILE D 315 -32.47 10.82 -31.55
C ILE D 315 -31.91 9.48 -31.06
N PRO D 316 -31.51 9.40 -29.77
CA PRO D 316 -30.79 8.24 -29.28
C PRO D 316 -31.72 7.03 -29.15
N GLY D 317 -31.14 5.84 -29.32
CA GLY D 317 -31.88 4.58 -29.14
C GLY D 317 -32.66 4.16 -30.39
N TYR D 318 -32.50 4.91 -31.48
CA TYR D 318 -33.19 4.61 -32.71
C TYR D 318 -32.15 4.45 -33.81
N GLY D 319 -32.45 3.59 -34.77
CA GLY D 319 -31.56 3.38 -35.90
C GLY D 319 -30.56 2.28 -35.58
N HIS D 320 -29.97 1.71 -36.63
CA HIS D 320 -28.95 0.69 -36.48
C HIS D 320 -28.15 0.53 -37.79
N ALA D 321 -26.91 0.06 -37.67
CA ALA D 321 -26.05 -0.25 -38.80
C ALA D 321 -26.71 -1.19 -39.79
N VAL D 322 -27.37 -2.25 -39.30
CA VAL D 322 -27.81 -3.31 -40.20
C VAL D 322 -29.29 -3.62 -40.00
N LEU D 323 -29.78 -3.48 -38.77
CA LEU D 323 -31.18 -3.76 -38.47
C LEU D 323 -32.04 -2.79 -39.27
N ARG D 324 -33.21 -3.24 -39.70
CA ARG D 324 -34.13 -2.41 -40.44
C ARG D 324 -35.56 -2.59 -39.92
N VAL D 325 -35.70 -3.30 -38.79
CA VAL D 325 -36.98 -3.50 -38.13
C VAL D 325 -36.77 -3.29 -36.63
N THR D 326 -37.87 -3.25 -35.88
CA THR D 326 -37.76 -3.15 -34.45
C THR D 326 -36.81 -4.25 -33.97
N ASP D 327 -35.88 -3.86 -33.09
CA ASP D 327 -34.90 -4.79 -32.55
C ASP D 327 -35.60 -5.73 -31.58
N PRO D 328 -35.47 -7.07 -31.79
CA PRO D 328 -36.14 -8.03 -30.90
C PRO D 328 -35.62 -7.88 -29.48
N ARG D 329 -34.40 -7.33 -29.33
CA ARG D 329 -33.82 -7.09 -28.02
C ARG D 329 -34.60 -5.98 -27.32
N TYR D 330 -35.20 -5.07 -28.10
CA TYR D 330 -36.02 -4.01 -27.55
C TYR D 330 -37.33 -4.59 -27.07
N VAL D 331 -37.94 -5.40 -27.94
CA VAL D 331 -39.27 -5.95 -27.71
C VAL D 331 -39.27 -6.76 -26.42
N ALA D 332 -38.22 -7.56 -26.23
CA ALA D 332 -38.10 -8.36 -25.02
C ALA D 332 -38.10 -7.51 -23.75
N GLN D 333 -37.47 -6.34 -23.78
CA GLN D 333 -37.45 -5.46 -22.61
C GLN D 333 -38.78 -4.72 -22.44
N ARG D 334 -39.44 -4.42 -23.56
CA ARG D 334 -40.80 -3.93 -23.53
C ARG D 334 -41.70 -4.93 -22.79
N ASP D 335 -41.61 -6.23 -23.12
CA ASP D 335 -42.44 -7.23 -22.45
C ASP D 335 -42.15 -7.25 -20.94
N PHE D 336 -40.86 -7.16 -20.59
CA PHE D 336 -40.48 -7.09 -19.18
C PHE D 336 -41.14 -5.90 -18.49
N ALA D 337 -41.10 -4.74 -19.14
CA ALA D 337 -41.59 -3.53 -18.50
C ALA D 337 -43.12 -3.54 -18.39
N LEU D 338 -43.82 -3.91 -19.48
CA LEU D 338 -45.28 -4.10 -19.46
C LEU D 338 -45.71 -4.97 -18.28
N LYS D 339 -44.95 -6.05 -18.07
CA LYS D 339 -45.24 -6.99 -17.01
C LYS D 339 -44.94 -6.34 -15.65
N HIS D 340 -43.73 -5.77 -15.44
CA HIS D 340 -43.29 -5.47 -14.09
C HIS D 340 -43.37 -3.99 -13.66
N LEU D 341 -43.49 -3.01 -14.57
CA LEU D 341 -43.53 -1.60 -14.18
C LEU D 341 -44.29 -0.75 -15.20
N PRO D 342 -45.55 -1.04 -15.53
CA PRO D 342 -46.23 -0.34 -16.63
C PRO D 342 -46.68 1.08 -16.33
N ASP D 343 -46.67 1.46 -15.04
CA ASP D 343 -47.11 2.77 -14.60
C ASP D 343 -45.94 3.72 -14.36
N ASP D 344 -44.69 3.21 -14.49
CA ASP D 344 -43.45 3.99 -14.38
C ASP D 344 -43.39 5.02 -15.49
N GLU D 345 -43.15 6.28 -15.11
CA GLU D 345 -43.37 7.41 -16.01
C GLU D 345 -42.28 7.49 -17.10
N LEU D 346 -41.01 7.21 -16.74
CA LEU D 346 -39.95 7.15 -17.72
C LEU D 346 -40.29 6.05 -18.73
N PHE D 347 -40.80 4.92 -18.23
CA PHE D 347 -41.16 3.84 -19.12
C PHE D 347 -42.25 4.34 -20.08
N LYS D 348 -43.21 5.08 -19.52
CA LYS D 348 -44.33 5.62 -20.29
C LYS D 348 -43.81 6.46 -21.45
N ILE D 349 -42.75 7.23 -21.21
CA ILE D 349 -42.15 8.05 -22.26
C ILE D 349 -41.49 7.17 -23.32
N VAL D 350 -40.86 6.07 -22.90
CA VAL D 350 -40.16 5.17 -23.79
C VAL D 350 -41.21 4.54 -24.69
N SER D 351 -42.32 4.07 -24.08
CA SER D 351 -43.45 3.47 -24.79
C SER D 351 -44.08 4.45 -25.78
N LEU D 352 -44.30 5.69 -25.34
CA LEU D 352 -44.85 6.71 -26.21
C LEU D 352 -43.94 6.96 -27.41
N CYS D 353 -42.61 6.99 -27.18
CA CYS D 353 -41.66 7.16 -28.27
C CYS D 353 -41.80 6.07 -29.35
N TYR D 354 -42.25 4.87 -28.96
CA TYR D 354 -42.33 3.74 -29.89
C TYR D 354 -43.43 4.02 -30.93
N GLU D 355 -44.47 4.76 -30.50
CA GLU D 355 -45.58 5.14 -31.35
C GLU D 355 -45.22 6.37 -32.19
N VAL D 356 -44.41 7.30 -31.66
CA VAL D 356 -44.25 8.61 -32.27
C VAL D 356 -42.95 8.78 -33.07
N ILE D 357 -41.80 8.33 -32.53
CA ILE D 357 -40.50 8.68 -33.07
C ILE D 357 -40.29 8.08 -34.46
N PRO D 358 -40.73 6.83 -34.72
CA PRO D 358 -40.53 6.25 -36.05
C PRO D 358 -41.15 7.06 -37.20
N GLU D 359 -42.31 7.67 -36.93
CA GLU D 359 -42.95 8.55 -37.90
C GLU D 359 -42.03 9.76 -38.15
N VAL D 360 -41.57 10.40 -37.08
CA VAL D 360 -40.68 11.54 -37.20
C VAL D 360 -39.48 11.20 -38.07
N LEU D 361 -38.85 10.04 -37.81
CA LEU D 361 -37.58 9.68 -38.43
C LEU D 361 -37.78 9.28 -39.89
N LYS D 362 -38.97 8.74 -40.20
CA LYS D 362 -39.35 8.37 -41.55
C LYS D 362 -39.48 9.61 -42.44
N LYS D 363 -40.13 10.66 -41.90
CA LYS D 363 -40.35 11.91 -42.60
C LYS D 363 -39.04 12.66 -42.75
N HIS D 364 -38.33 12.82 -41.63
CA HIS D 364 -36.97 13.33 -41.63
C HIS D 364 -36.21 12.71 -42.80
N GLY D 365 -36.38 11.39 -42.98
CA GLY D 365 -36.00 10.72 -44.22
C GLY D 365 -34.49 10.48 -44.34
N LYS D 366 -33.75 10.53 -43.22
CA LYS D 366 -32.31 10.28 -43.23
C LYS D 366 -32.00 8.84 -42.79
N ALA D 367 -32.51 8.47 -41.60
CA ALA D 367 -32.22 7.19 -40.99
C ALA D 367 -32.76 6.04 -41.85
N LYS D 368 -31.93 5.02 -42.11
CA LYS D 368 -32.32 3.83 -42.87
C LYS D 368 -33.17 2.90 -42.01
N ASN D 369 -33.01 3.00 -40.69
CA ASN D 369 -33.83 2.27 -39.75
C ASN D 369 -34.50 3.31 -38.85
N PRO D 370 -35.84 3.49 -38.93
CA PRO D 370 -36.54 4.40 -38.03
C PRO D 370 -37.01 3.81 -36.70
N TRP D 371 -36.69 2.52 -36.46
CA TRP D 371 -37.24 1.76 -35.33
C TRP D 371 -36.25 1.71 -34.16
N PRO D 372 -36.73 1.40 -32.93
CA PRO D 372 -35.88 1.37 -31.74
C PRO D 372 -34.88 0.22 -31.80
N ASN D 373 -33.70 0.44 -31.24
CA ASN D 373 -32.77 -0.63 -30.89
C ASN D 373 -32.74 -0.83 -29.36
N VAL D 374 -31.93 -1.81 -28.93
CA VAL D 374 -31.87 -2.28 -27.54
C VAL D 374 -31.64 -1.14 -26.56
N ASP D 375 -30.79 -0.20 -26.96
CA ASP D 375 -30.32 0.86 -26.09
C ASP D 375 -31.48 1.80 -25.76
N ALA D 376 -32.57 1.74 -26.54
CA ALA D 376 -33.72 2.60 -26.29
C ALA D 376 -34.44 2.23 -24.98
N HIS D 377 -34.27 0.99 -24.50
CA HIS D 377 -35.16 0.46 -23.46
C HIS D 377 -34.47 0.13 -22.13
N SER D 378 -33.13 -0.01 -22.13
CA SER D 378 -32.41 -0.63 -21.02
C SER D 378 -32.30 0.31 -19.82
N GLY D 379 -32.05 1.59 -20.09
CA GLY D 379 -31.77 2.58 -19.06
C GLY D 379 -32.92 2.76 -18.08
N VAL D 380 -34.15 2.76 -18.62
CA VAL D 380 -35.30 3.11 -17.79
C VAL D 380 -35.61 1.93 -16.87
N LEU D 381 -35.23 0.72 -17.31
CA LEU D 381 -35.35 -0.46 -16.47
C LEU D 381 -34.36 -0.39 -15.31
N LEU D 382 -33.08 -0.10 -15.62
CA LEU D 382 -32.06 -0.05 -14.58
C LEU D 382 -32.40 1.07 -13.58
N TRP D 383 -32.72 2.25 -14.13
CA TRP D 383 -33.07 3.40 -13.31
C TRP D 383 -34.25 3.05 -12.40
N HIS D 384 -35.28 2.38 -12.93
CA HIS D 384 -36.44 2.02 -12.12
C HIS D 384 -36.04 1.26 -10.86
N TYR D 385 -35.05 0.36 -10.94
CA TYR D 385 -34.76 -0.50 -9.80
C TYR D 385 -33.66 0.06 -8.89
N GLY D 386 -33.10 1.22 -9.23
CA GLY D 386 -32.18 1.93 -8.35
C GLY D 386 -30.72 1.86 -8.80
N ILE D 387 -30.49 1.38 -10.03
CA ILE D 387 -29.18 1.43 -10.67
C ILE D 387 -29.13 2.67 -11.57
N ARG D 388 -28.50 3.72 -11.03
CA ARG D 388 -28.55 5.06 -11.61
C ARG D 388 -27.16 5.59 -11.94
N GLU D 389 -26.15 4.73 -11.85
CA GLU D 389 -24.79 5.15 -12.13
C GLU D 389 -24.55 5.03 -13.62
N TYR D 390 -24.92 6.09 -14.35
CA TYR D 390 -24.95 6.06 -15.81
C TYR D 390 -23.69 5.40 -16.39
N ASP D 391 -22.50 5.87 -16.00
CA ASP D 391 -21.26 5.44 -16.65
C ASP D 391 -21.05 3.93 -16.49
N PHE D 392 -21.57 3.39 -15.39
CA PHE D 392 -21.41 1.99 -15.05
C PHE D 392 -22.25 1.10 -15.98
N TYR D 393 -23.25 1.67 -16.69
CA TYR D 393 -24.16 0.86 -17.53
C TYR D 393 -23.35 0.04 -18.54
N THR D 394 -22.28 0.66 -19.08
CA THR D 394 -21.47 0.04 -20.10
C THR D 394 -20.68 -1.14 -19.51
N VAL D 395 -20.47 -1.15 -18.19
CA VAL D 395 -19.82 -2.29 -17.54
C VAL D 395 -20.77 -3.48 -17.57
N LEU D 396 -22.02 -3.27 -17.12
CA LEU D 396 -23.02 -4.32 -17.28
C LEU D 396 -22.98 -4.82 -18.73
N PHE D 397 -22.93 -3.92 -19.69
CA PHE D 397 -22.90 -4.36 -21.07
C PHE D 397 -21.71 -5.29 -21.25
N GLY D 398 -20.56 -4.84 -20.73
CA GLY D 398 -19.30 -5.55 -20.87
C GLY D 398 -19.37 -6.96 -20.32
N VAL D 399 -19.93 -7.09 -19.09
CA VAL D 399 -20.09 -8.38 -18.48
C VAL D 399 -20.92 -9.29 -19.40
N SER D 400 -22.00 -8.77 -20.00
CA SER D 400 -22.85 -9.60 -20.86
C SER D 400 -22.10 -10.00 -22.12
N ARG D 401 -21.52 -9.01 -22.79
CA ARG D 401 -20.87 -9.19 -24.08
C ARG D 401 -19.69 -10.15 -24.00
N ALA D 402 -19.11 -10.30 -22.79
CA ALA D 402 -18.12 -11.35 -22.51
C ALA D 402 -18.61 -12.74 -22.93
N LEU D 403 -19.94 -12.95 -22.83
CA LEU D 403 -20.54 -14.25 -23.13
C LEU D 403 -20.29 -14.62 -24.59
N GLY D 404 -20.50 -13.68 -25.48
CA GLY D 404 -20.34 -13.91 -26.90
C GLY D 404 -18.87 -13.86 -27.30
N CYS D 405 -18.09 -13.04 -26.59
CA CYS D 405 -16.68 -12.88 -26.92
C CYS D 405 -15.92 -14.16 -26.61
N THR D 406 -16.21 -14.74 -25.44
CA THR D 406 -15.57 -15.98 -25.04
C THR D 406 -15.94 -17.09 -26.03
N ALA D 407 -17.25 -17.24 -26.31
CA ALA D 407 -17.71 -18.32 -27.16
C ALA D 407 -17.05 -18.29 -28.55
N GLN D 408 -17.01 -17.08 -29.16
CA GLN D 408 -16.43 -16.87 -30.48
C GLN D 408 -14.92 -17.16 -30.49
N ALA D 409 -14.21 -16.73 -29.44
CA ALA D 409 -12.75 -16.91 -29.41
C ALA D 409 -12.42 -18.39 -29.27
N ILE D 410 -13.24 -19.09 -28.48
CA ILE D 410 -13.06 -20.52 -28.30
C ILE D 410 -13.26 -21.22 -29.63
N LEU D 411 -14.31 -20.82 -30.34
CA LEU D 411 -14.71 -21.50 -31.58
C LEU D 411 -13.66 -21.28 -32.66
N VAL D 412 -13.28 -20.03 -32.87
CA VAL D 412 -12.36 -19.64 -33.92
C VAL D 412 -10.96 -20.23 -33.68
N ARG D 413 -10.62 -20.52 -32.42
CA ARG D 413 -9.37 -21.24 -32.13
C ARG D 413 -9.54 -22.73 -32.39
N GLY D 414 -10.78 -23.22 -32.18
CA GLY D 414 -11.15 -24.57 -32.53
C GLY D 414 -11.02 -24.76 -34.04
N TYR D 415 -11.46 -23.75 -34.79
CA TYR D 415 -11.44 -23.85 -36.25
C TYR D 415 -10.00 -23.75 -36.77
N MET D 416 -9.15 -23.03 -35.99
CA MET D 416 -7.76 -22.72 -36.32
C MET D 416 -7.70 -21.70 -37.46
N LEU D 417 -8.51 -20.65 -37.36
CA LEU D 417 -8.44 -19.56 -38.31
C LEU D 417 -7.15 -18.78 -38.09
N PRO D 418 -6.54 -18.24 -39.18
CA PRO D 418 -5.25 -17.57 -39.06
C PRO D 418 -5.43 -16.14 -38.57
N ILE D 419 -4.30 -15.43 -38.55
CA ILE D 419 -4.20 -14.06 -38.10
C ILE D 419 -5.00 -13.20 -39.06
N GLU D 420 -5.72 -12.23 -38.47
CA GLU D 420 -6.43 -11.21 -39.20
C GLU D 420 -5.44 -10.10 -39.55
N ARG D 421 -5.19 -9.92 -40.85
CA ARG D 421 -4.22 -8.97 -41.36
C ARG D 421 -4.63 -8.59 -42.78
N PRO D 422 -5.57 -7.63 -42.92
CA PRO D 422 -6.02 -7.21 -44.24
C PRO D 422 -4.94 -6.30 -44.77
N LYS D 423 -5.11 -5.85 -46.02
CA LYS D 423 -4.20 -4.93 -46.69
C LYS D 423 -4.78 -3.54 -46.63
N SER D 424 -3.92 -2.55 -46.37
CA SER D 424 -4.32 -1.15 -46.40
C SER D 424 -3.96 -0.52 -47.74
N ILE D 425 -4.55 0.66 -48.00
CA ILE D 425 -4.35 1.39 -49.25
C ILE D 425 -4.18 2.84 -48.88
N THR D 426 -3.56 3.61 -49.78
CA THR D 426 -3.27 5.01 -49.56
C THR D 426 -4.21 5.87 -50.41
N THR D 427 -4.44 7.11 -49.95
CA THR D 427 -5.24 8.06 -50.68
C THR D 427 -4.53 8.45 -51.98
N ARG D 428 -3.18 8.39 -52.00
CA ARG D 428 -2.41 8.70 -53.20
CA ARG D 428 -2.45 8.74 -53.20
C ARG D 428 -2.69 7.67 -54.28
N TRP D 429 -2.67 6.40 -53.92
CA TRP D 429 -2.97 5.30 -54.85
C TRP D 429 -4.40 5.44 -55.37
N VAL D 430 -5.35 5.69 -54.45
CA VAL D 430 -6.76 5.77 -54.79
C VAL D 430 -6.93 6.86 -55.85
N LYS D 431 -6.39 8.05 -55.56
CA LYS D 431 -6.56 9.19 -56.45
C LYS D 431 -6.00 8.86 -57.84
N GLU D 432 -4.93 8.07 -57.89
CA GLU D 432 -4.29 7.81 -59.16
C GLU D 432 -5.11 6.83 -59.99
N VAL D 433 -5.77 5.85 -59.36
CA VAL D 433 -6.32 4.71 -60.08
C VAL D 433 -7.84 4.73 -60.12
N ALA D 434 -8.50 5.63 -59.37
CA ALA D 434 -9.93 5.54 -59.13
C ALA D 434 -10.74 5.59 -60.43
N GLU D 435 -10.30 6.42 -61.39
CA GLU D 435 -11.00 6.60 -62.66
C GLU D 435 -10.98 5.31 -63.49
N SER D 436 -9.89 4.52 -63.39
CA SER D 436 -9.67 3.33 -64.20
C SER D 436 -10.39 2.10 -63.64
N LEU D 437 -10.91 2.19 -62.41
CA LEU D 437 -11.48 1.02 -61.78
C LEU D 437 -12.87 0.79 -62.36
N PRO D 438 -13.34 -0.47 -62.44
CA PRO D 438 -14.73 -0.78 -62.74
C PRO D 438 -15.65 -0.32 -61.60
N VAL D 439 -16.93 -0.14 -61.92
CA VAL D 439 -17.94 0.08 -60.91
C VAL D 439 -18.50 -1.27 -60.45
N ALA D 440 -19.12 -1.28 -59.27
CA ALA D 440 -19.44 -2.50 -58.55
C ALA D 440 -20.76 -3.13 -59.02
N MET E 1 -2.50 -27.36 30.26
CA MET E 1 -1.85 -28.26 29.27
C MET E 1 -0.92 -29.23 29.98
N LYS E 2 -1.13 -30.54 29.77
CA LYS E 2 -0.34 -31.55 30.45
C LYS E 2 1.13 -31.34 30.13
N LEU E 3 1.45 -31.07 28.86
CA LEU E 3 2.82 -30.87 28.41
C LEU E 3 3.53 -29.85 29.33
N LYS E 4 2.85 -28.76 29.69
CA LYS E 4 3.50 -27.76 30.51
C LYS E 4 3.70 -28.31 31.93
N GLU E 5 2.62 -28.77 32.59
CA GLU E 5 2.69 -29.33 33.93
C GLU E 5 3.82 -30.36 34.03
N ARG E 6 4.06 -31.07 32.92
CA ARG E 6 5.03 -32.15 32.86
C ARG E 6 6.44 -31.57 32.82
N LEU E 7 6.64 -30.61 31.91
CA LEU E 7 7.91 -29.90 31.79
C LEU E 7 8.21 -29.15 33.08
N ALA E 8 7.17 -28.68 33.78
CA ALA E 8 7.39 -28.08 35.10
C ALA E 8 8.08 -29.07 36.03
N GLU E 9 7.67 -30.35 36.05
CA GLU E 9 8.30 -31.35 36.91
C GLU E 9 9.65 -31.77 36.36
N LEU E 10 9.78 -31.94 35.04
CA LEU E 10 10.96 -32.59 34.48
C LEU E 10 12.17 -31.67 34.40
N ILE E 11 11.96 -30.41 34.04
CA ILE E 11 13.06 -29.54 33.63
C ILE E 11 13.96 -29.18 34.81
N PRO E 12 13.42 -28.83 36.00
CA PRO E 12 14.24 -28.75 37.22
C PRO E 12 15.10 -29.99 37.50
N GLN E 13 14.53 -31.18 37.32
CA GLN E 13 15.29 -32.41 37.46
C GLN E 13 16.44 -32.40 36.44
N TRP E 14 16.14 -32.10 35.18
CA TRP E 14 17.16 -32.15 34.14
C TRP E 14 18.21 -31.08 34.36
N ARG E 15 17.80 -29.97 34.96
CA ARG E 15 18.70 -28.86 35.16
C ARG E 15 19.72 -29.29 36.22
N ALA E 16 19.23 -29.90 37.31
CA ALA E 16 20.09 -30.35 38.39
C ALA E 16 21.02 -31.49 37.91
N GLU E 17 20.47 -32.43 37.12
CA GLU E 17 21.25 -33.52 36.57
C GLU E 17 22.42 -32.99 35.73
N VAL E 18 22.16 -31.99 34.87
CA VAL E 18 23.15 -31.44 33.94
C VAL E 18 24.23 -30.67 34.70
N ALA E 19 23.84 -29.94 35.74
CA ALA E 19 24.78 -29.32 36.64
C ALA E 19 25.75 -30.37 37.20
N GLU E 20 25.19 -31.44 37.79
CA GLU E 20 25.95 -32.57 38.31
C GLU E 20 26.86 -33.19 37.25
N ILE E 21 26.37 -33.38 36.03
CA ILE E 21 27.17 -34.01 35.00
C ILE E 21 28.36 -33.12 34.62
N ARG E 22 28.20 -31.80 34.76
CA ARG E 22 29.25 -30.88 34.35
C ARG E 22 30.34 -30.87 35.40
N LYS E 23 29.91 -30.78 36.66
CA LYS E 23 30.78 -30.83 37.82
C LYS E 23 31.60 -32.12 37.80
N LYS E 24 30.93 -33.27 37.68
CA LYS E 24 31.54 -34.56 37.95
C LYS E 24 32.29 -35.15 36.75
N TYR E 25 31.94 -34.74 35.51
CA TYR E 25 32.48 -35.36 34.31
C TYR E 25 32.88 -34.34 33.24
N GLY E 26 32.84 -33.04 33.57
CA GLY E 26 33.28 -32.02 32.65
C GLY E 26 34.67 -32.30 32.09
N ASN E 27 35.57 -32.77 32.98
CA ASN E 27 36.97 -32.98 32.62
C ASN E 27 37.18 -34.26 31.82
N ARG E 28 36.12 -35.00 31.50
CA ARG E 28 36.31 -36.24 30.74
C ARG E 28 36.53 -35.93 29.26
N LYS E 29 37.59 -36.52 28.70
CA LYS E 29 37.97 -36.31 27.31
C LYS E 29 37.18 -37.25 26.40
N THR E 30 36.58 -36.69 25.34
CA THR E 30 35.79 -37.47 24.38
C THR E 30 36.61 -37.76 23.13
N MET E 31 37.54 -36.89 22.77
CA MET E 31 38.32 -37.04 21.55
C MET E 31 39.40 -35.96 21.43
N ASP E 32 40.27 -36.10 20.42
CA ASP E 32 41.28 -35.12 20.14
C ASP E 32 40.66 -34.04 19.26
N CYS E 33 40.88 -32.76 19.62
CA CYS E 33 40.62 -31.64 18.72
C CYS E 33 41.87 -31.39 17.88
N THR E 34 41.70 -31.28 16.55
CA THR E 34 42.82 -31.15 15.64
C THR E 34 42.74 -29.88 14.80
N ILE E 35 43.88 -29.51 14.22
CA ILE E 35 43.91 -28.56 13.12
C ILE E 35 42.77 -28.91 12.18
N GLY E 36 42.59 -30.20 11.91
CA GLY E 36 41.71 -30.69 10.86
C GLY E 36 40.26 -30.28 11.11
N HIS E 37 39.81 -30.37 12.37
CA HIS E 37 38.52 -29.83 12.77
C HIS E 37 38.42 -28.34 12.38
N ALA E 38 39.41 -27.49 12.73
CA ALA E 38 39.24 -26.05 12.51
C ALA E 38 39.08 -25.72 11.02
N TYR E 39 39.89 -26.32 10.15
CA TYR E 39 39.74 -26.12 8.72
C TYR E 39 38.73 -27.09 8.07
N GLY E 40 38.04 -27.93 8.85
CA GLY E 40 37.17 -28.95 8.28
C GLY E 40 35.74 -28.87 8.81
N GLY E 41 35.31 -27.64 9.12
CA GLY E 41 33.95 -27.37 9.51
C GLY E 41 33.57 -28.17 10.74
N MET E 42 34.55 -28.48 11.59
CA MET E 42 34.33 -29.19 12.84
C MET E 42 33.82 -30.63 12.67
N ARG E 43 34.05 -31.25 11.50
CA ARG E 43 33.54 -32.58 11.21
C ARG E 43 33.90 -33.57 12.32
N GLY E 44 32.91 -34.03 13.09
CA GLY E 44 33.09 -35.10 14.05
C GLY E 44 33.25 -34.56 15.47
N LEU E 45 33.40 -33.24 15.60
CA LEU E 45 33.85 -32.69 16.87
C LEU E 45 32.65 -32.65 17.83
N LYS E 46 32.70 -33.48 18.86
CA LYS E 46 31.59 -33.56 19.78
C LYS E 46 31.52 -32.29 20.59
N ALA E 47 30.92 -31.23 20.00
CA ALA E 47 30.89 -29.89 20.57
C ALA E 47 29.52 -29.41 21.06
N LEU E 48 28.44 -30.17 20.80
CA LEU E 48 27.07 -29.71 21.07
C LEU E 48 26.33 -30.77 21.86
N VAL E 49 25.29 -30.36 22.59
CA VAL E 49 24.36 -31.27 23.25
C VAL E 49 22.98 -31.15 22.61
N CYS E 50 22.40 -32.32 22.28
CA CYS E 50 21.06 -32.44 21.75
C CYS E 50 20.42 -33.71 22.26
N ASP E 51 19.37 -33.56 23.07
CA ASP E 51 18.72 -34.69 23.70
C ASP E 51 17.40 -35.05 23.04
N THR E 52 17.10 -34.48 21.86
CA THR E 52 15.80 -34.74 21.23
C THR E 52 15.91 -35.94 20.30
N SER E 53 17.04 -36.10 19.60
CA SER E 53 17.23 -37.25 18.70
C SER E 53 18.71 -37.64 18.62
N GLU E 54 18.99 -38.90 18.24
CA GLU E 54 20.32 -39.46 18.18
C GLU E 54 20.41 -40.40 17.00
N VAL E 55 21.51 -40.39 16.27
CA VAL E 55 21.65 -41.23 15.09
C VAL E 55 22.43 -42.48 15.48
N PHE E 56 21.91 -43.69 15.18
CA PHE E 56 22.67 -44.93 15.40
C PHE E 56 23.05 -45.49 14.03
N PRO E 57 24.36 -45.62 13.72
CA PRO E 57 24.81 -46.02 12.39
C PRO E 57 24.22 -47.31 11.86
N ASP E 58 23.84 -48.20 12.77
CA ASP E 58 23.33 -49.51 12.39
C ASP E 58 21.79 -49.62 12.47
N GLU E 59 21.09 -48.54 12.86
CA GLU E 59 19.64 -48.58 13.00
C GLU E 59 18.98 -47.39 12.31
N GLY E 60 19.52 -46.19 12.60
CA GLY E 60 19.11 -44.92 12.01
C GLY E 60 18.78 -43.92 13.13
N VAL E 61 18.13 -42.82 12.80
CA VAL E 61 17.77 -41.87 13.86
C VAL E 61 16.71 -42.45 14.78
N LYS E 62 16.74 -42.02 16.04
CA LYS E 62 15.75 -42.40 17.04
C LYS E 62 15.27 -41.13 17.75
N PHE E 63 13.98 -41.04 18.04
CA PHE E 63 13.42 -39.89 18.74
C PHE E 63 13.20 -40.27 20.21
N ARG E 64 14.02 -39.70 21.09
CA ARG E 64 13.91 -39.93 22.52
C ARG E 64 13.96 -41.42 22.85
N GLY E 65 14.82 -42.13 22.13
CA GLY E 65 15.08 -43.55 22.39
C GLY E 65 14.31 -44.47 21.45
N TYR E 66 13.25 -43.96 20.82
CA TYR E 66 12.27 -44.77 20.09
C TYR E 66 12.53 -44.75 18.59
N THR E 67 12.43 -45.92 17.97
CA THR E 67 12.72 -46.02 16.54
C THR E 67 11.51 -45.50 15.80
N ILE E 68 11.67 -45.28 14.51
CA ILE E 68 10.55 -44.86 13.70
C ILE E 68 9.52 -45.98 13.61
N PRO E 69 9.88 -47.27 13.35
CA PRO E 69 8.93 -48.38 13.47
C PRO E 69 8.14 -48.41 14.77
N GLU E 70 8.80 -48.21 15.91
CA GLU E 70 8.10 -48.21 17.18
C GLU E 70 6.95 -47.22 17.21
N LEU E 71 7.12 -46.05 16.57
CA LEU E 71 6.23 -44.91 16.73
C LEU E 71 5.16 -44.91 15.65
N ARG E 72 5.54 -45.42 14.47
CA ARG E 72 4.67 -45.35 13.32
C ARG E 72 3.78 -46.58 13.31
N GLU E 73 4.36 -47.76 13.56
CA GLU E 73 3.66 -49.04 13.51
C GLU E 73 3.65 -49.73 14.87
N GLY E 74 4.85 -49.76 15.45
CA GLY E 74 5.39 -50.78 16.33
C GLY E 74 4.67 -50.70 17.65
N PRO E 75 5.26 -51.18 18.75
CA PRO E 75 4.49 -51.35 19.98
C PRO E 75 4.22 -50.05 20.73
N HIS E 76 4.80 -48.94 20.27
CA HIS E 76 4.63 -47.63 20.92
C HIS E 76 4.04 -46.60 19.95
N LYS E 77 3.00 -46.98 19.20
CA LYS E 77 2.50 -46.17 18.11
C LYS E 77 1.89 -44.89 18.64
N LEU E 78 2.30 -43.77 18.01
CA LEU E 78 1.82 -42.44 18.32
C LEU E 78 0.40 -42.25 17.80
N PRO E 79 -0.41 -41.41 18.50
CA PRO E 79 -1.79 -41.10 18.07
C PRO E 79 -1.87 -40.57 16.66
N THR E 80 -2.92 -41.03 15.96
CA THR E 80 -3.21 -40.63 14.59
C THR E 80 -4.39 -39.68 14.59
N ALA E 81 -4.68 -39.06 13.43
CA ALA E 81 -5.98 -38.45 13.21
C ALA E 81 -7.04 -39.55 13.28
N GLU E 82 -8.27 -39.14 13.64
CA GLU E 82 -9.42 -40.04 13.58
C GLU E 82 -9.55 -40.59 12.15
N GLY E 83 -9.46 -41.91 11.99
CA GLY E 83 -9.59 -42.54 10.69
C GLY E 83 -8.23 -42.75 10.06
N GLY E 84 -7.16 -42.23 10.71
CA GLY E 84 -5.85 -42.15 10.07
C GLY E 84 -4.88 -43.25 10.50
N PHE E 85 -3.78 -43.35 9.77
CA PHE E 85 -2.73 -44.33 10.07
C PHE E 85 -1.44 -43.61 10.48
N GLU E 86 -1.10 -42.52 9.79
CA GLU E 86 0.19 -41.89 9.95
C GLU E 86 0.25 -41.14 11.28
N PRO E 87 1.43 -41.16 11.97
CA PRO E 87 1.59 -40.45 13.24
C PRO E 87 1.53 -38.92 13.14
N LEU E 88 0.85 -38.32 14.12
CA LEU E 88 0.71 -36.88 14.21
C LEU E 88 2.00 -36.28 14.79
N PRO E 89 2.59 -35.28 14.09
CA PRO E 89 3.69 -34.48 14.63
C PRO E 89 3.36 -33.90 16.00
N GLU E 90 2.09 -33.59 16.24
CA GLU E 90 1.71 -33.00 17.51
C GLU E 90 2.16 -33.87 18.67
N GLY E 91 2.05 -35.21 18.53
CA GLY E 91 2.45 -36.15 19.58
C GLY E 91 3.96 -36.40 19.57
N LEU E 92 4.55 -36.45 18.37
CA LEU E 92 5.99 -36.51 18.28
C LEU E 92 6.61 -35.34 19.03
N TRP E 93 6.07 -34.12 18.84
CA TRP E 93 6.55 -32.93 19.52
C TRP E 93 6.51 -33.11 21.05
N TYR E 94 5.38 -33.62 21.56
CA TYR E 94 5.20 -33.92 22.99
C TYR E 94 6.33 -34.81 23.49
N LEU E 95 6.69 -35.81 22.68
CA LEU E 95 7.71 -36.78 23.02
C LEU E 95 9.09 -36.12 23.05
N LEU E 96 9.38 -35.28 22.04
CA LEU E 96 10.68 -34.61 21.94
C LEU E 96 10.92 -33.75 23.17
N LEU E 97 9.86 -33.07 23.62
CA LEU E 97 9.97 -32.21 24.78
C LEU E 97 10.06 -33.00 26.08
N THR E 98 9.20 -34.00 26.32
CA THR E 98 9.12 -34.61 27.65
C THR E 98 9.95 -35.89 27.74
N GLY E 99 10.27 -36.51 26.61
CA GLY E 99 10.90 -37.82 26.60
C GLY E 99 9.91 -38.94 26.90
N GLU E 100 8.62 -38.61 27.04
CA GLU E 100 7.56 -39.55 27.34
C GLU E 100 6.51 -39.59 26.22
N LEU E 101 5.79 -40.72 26.13
CA LEU E 101 4.85 -40.97 25.04
C LEU E 101 3.53 -40.29 25.37
N PRO E 102 2.89 -39.57 24.41
CA PRO E 102 1.62 -38.89 24.71
C PRO E 102 0.46 -39.86 24.79
N THR E 103 -0.58 -39.49 25.56
CA THR E 103 -1.92 -40.06 25.47
C THR E 103 -2.71 -39.37 24.35
N GLU E 104 -3.88 -39.94 24.01
CA GLU E 104 -4.74 -39.32 23.00
C GLU E 104 -5.12 -37.92 23.47
N GLU E 105 -5.44 -37.76 24.75
CA GLU E 105 -5.72 -36.44 25.29
C GLU E 105 -4.55 -35.48 25.06
N ASP E 106 -3.28 -35.91 25.32
CA ASP E 106 -2.14 -35.01 25.23
C ASP E 106 -2.05 -34.42 23.82
N VAL E 107 -2.29 -35.25 22.80
CA VAL E 107 -2.13 -34.82 21.42
C VAL E 107 -3.21 -33.82 21.06
N LYS E 108 -4.40 -34.02 21.61
CA LYS E 108 -5.54 -33.17 21.28
C LYS E 108 -5.33 -31.79 21.88
N GLU E 109 -4.71 -31.73 23.06
CA GLU E 109 -4.42 -30.47 23.71
C GLU E 109 -3.47 -29.63 22.85
N ILE E 110 -2.48 -30.30 22.21
CA ILE E 110 -1.48 -29.63 21.39
C ILE E 110 -2.12 -29.21 20.07
N SER E 111 -2.77 -30.17 19.38
CA SER E 111 -3.59 -29.86 18.23
C SER E 111 -4.49 -28.63 18.50
N ALA E 112 -5.14 -28.56 19.67
CA ALA E 112 -6.09 -27.49 19.97
C ALA E 112 -5.37 -26.16 20.20
N GLU E 113 -4.15 -26.22 20.72
CA GLU E 113 -3.37 -25.02 20.97
C GLU E 113 -2.85 -24.47 19.65
N PHE E 114 -2.36 -25.35 18.78
CA PHE E 114 -1.95 -24.93 17.44
C PHE E 114 -3.10 -24.36 16.62
N THR E 115 -4.34 -24.78 16.86
CA THR E 115 -5.48 -24.38 16.05
C THR E 115 -5.96 -22.98 16.47
N LYS E 116 -6.29 -22.83 17.75
CA LYS E 116 -6.52 -21.52 18.33
C LYS E 116 -5.48 -20.49 17.86
N ARG E 117 -4.17 -20.83 17.92
CA ARG E 117 -3.10 -19.87 17.76
C ARG E 117 -2.87 -19.54 16.28
N MET E 118 -3.42 -20.39 15.42
CA MET E 118 -3.30 -20.24 13.98
C MET E 118 -4.12 -19.03 13.52
N GLN E 119 -5.02 -18.53 14.38
CA GLN E 119 -5.83 -17.36 14.09
C GLN E 119 -5.13 -16.07 14.47
N ASN E 120 -3.93 -16.15 15.07
CA ASN E 120 -3.29 -15.00 15.70
C ASN E 120 -2.04 -14.54 14.94
N VAL E 121 -1.95 -14.88 13.64
CA VAL E 121 -0.90 -14.31 12.83
C VAL E 121 -1.21 -12.83 12.57
N PRO E 122 -0.39 -11.88 13.06
CA PRO E 122 -0.64 -10.46 12.83
C PRO E 122 -0.84 -10.08 11.37
N GLN E 123 -1.67 -9.05 11.14
CA GLN E 123 -1.89 -8.53 9.80
C GLN E 123 -0.58 -8.04 9.17
N TYR E 124 0.28 -7.38 9.98
CA TYR E 124 1.51 -6.84 9.44
C TYR E 124 2.42 -7.93 8.86
N VAL E 125 2.30 -9.16 9.33
CA VAL E 125 3.13 -10.24 8.79
C VAL E 125 2.78 -10.39 7.30
N PHE E 126 1.48 -10.35 6.97
CA PHE E 126 1.04 -10.47 5.58
C PHE E 126 1.53 -9.25 4.79
N ASP E 127 1.39 -8.04 5.38
CA ASP E 127 1.90 -6.83 4.77
C ASP E 127 3.36 -6.98 4.36
N VAL E 128 4.19 -7.54 5.26
CA VAL E 128 5.60 -7.71 4.98
C VAL E 128 5.75 -8.69 3.81
N LEU E 129 5.10 -9.85 3.91
CA LEU E 129 5.19 -10.85 2.87
C LEU E 129 4.82 -10.24 1.50
N ARG E 130 3.73 -9.48 1.45
CA ARG E 130 3.26 -8.84 0.23
C ARG E 130 4.21 -7.75 -0.27
N ALA E 131 4.94 -7.08 0.64
CA ALA E 131 5.87 -6.05 0.21
C ALA E 131 7.06 -6.65 -0.53
N MET E 132 7.41 -7.92 -0.24
CA MET E 132 8.45 -8.65 -0.97
C MET E 132 8.00 -8.97 -2.40
N PRO E 133 8.78 -8.68 -3.45
CA PRO E 133 8.41 -9.06 -4.79
C PRO E 133 8.08 -10.55 -4.83
N VAL E 134 7.15 -10.93 -5.71
CA VAL E 134 6.59 -12.27 -5.73
C VAL E 134 7.62 -13.29 -6.21
N ASP E 135 8.67 -12.88 -6.92
CA ASP E 135 9.70 -13.80 -7.41
C ASP E 135 10.88 -13.94 -6.42
N THR E 136 10.73 -13.40 -5.21
CA THR E 136 11.69 -13.65 -4.14
C THR E 136 11.67 -15.13 -3.77
N HIS E 137 12.85 -15.71 -3.51
CA HIS E 137 12.94 -17.12 -3.14
C HIS E 137 11.99 -17.37 -1.96
N PRO E 138 11.21 -18.49 -1.94
CA PRO E 138 10.25 -18.74 -0.85
C PRO E 138 10.85 -18.94 0.55
N MET E 139 12.14 -19.31 0.61
CA MET E 139 12.82 -19.50 1.89
C MET E 139 13.25 -18.15 2.47
N THR E 140 13.53 -17.17 1.60
CA THR E 140 13.70 -15.78 2.01
C THR E 140 12.37 -15.24 2.54
N MET E 141 11.28 -15.42 1.78
CA MET E 141 9.97 -14.98 2.26
C MET E 141 9.66 -15.66 3.61
N PHE E 142 9.89 -16.98 3.71
CA PHE E 142 9.54 -17.74 4.90
C PHE E 142 10.27 -17.16 6.11
N ALA E 143 11.60 -17.00 5.97
CA ALA E 143 12.41 -16.50 7.08
C ALA E 143 12.03 -15.05 7.39
N ALA E 144 11.77 -14.21 6.38
CA ALA E 144 11.41 -12.83 6.65
C ALA E 144 10.08 -12.68 7.38
N GLY E 145 9.08 -13.50 7.02
CA GLY E 145 7.79 -13.43 7.69
C GLY E 145 7.91 -13.87 9.15
N ILE E 146 8.67 -14.93 9.39
CA ILE E 146 8.88 -15.41 10.75
C ILE E 146 9.56 -14.31 11.56
N LEU E 147 10.60 -13.70 10.98
CA LEU E 147 11.36 -12.66 11.65
C LEU E 147 10.47 -11.46 11.99
N ALA E 148 9.60 -11.06 11.07
CA ALA E 148 8.70 -9.95 11.31
C ALA E 148 7.85 -10.21 12.55
N MET E 149 7.55 -11.51 12.81
CA MET E 149 6.65 -11.84 13.90
C MET E 149 7.36 -11.72 15.23
N GLN E 150 8.66 -11.40 15.22
CA GLN E 150 9.46 -11.23 16.43
C GLN E 150 8.86 -10.19 17.38
N ARG E 151 7.98 -9.31 16.89
CA ARG E 151 7.44 -8.23 17.71
C ARG E 151 6.50 -8.80 18.75
N GLU E 152 5.93 -9.98 18.48
CA GLU E 152 4.99 -10.60 19.41
C GLU E 152 5.69 -11.51 20.42
N SER E 153 7.03 -11.51 20.45
CA SER E 153 7.80 -12.46 21.23
C SER E 153 7.55 -12.22 22.71
N VAL E 154 7.19 -13.28 23.42
CA VAL E 154 6.96 -13.23 24.85
C VAL E 154 8.29 -13.26 25.58
N PHE E 155 9.20 -14.10 25.08
CA PHE E 155 10.55 -14.12 25.61
C PHE E 155 11.14 -12.72 25.57
N ALA E 156 11.20 -12.09 24.40
CA ALA E 156 11.80 -10.78 24.26
C ALA E 156 11.28 -9.83 25.31
N LYS E 157 9.94 -9.71 25.36
CA LYS E 157 9.28 -8.77 26.24
C LYS E 157 9.54 -9.05 27.72
N ARG E 158 9.42 -10.32 28.13
CA ARG E 158 9.65 -10.73 29.52
C ARG E 158 11.12 -10.56 29.91
N TYR E 159 12.05 -10.72 28.98
CA TYR E 159 13.46 -10.51 29.28
C TYR E 159 13.73 -9.05 29.65
N GLU E 160 13.00 -8.12 29.04
CA GLU E 160 13.23 -6.71 29.30
C GLU E 160 12.43 -6.26 30.52
N GLU E 161 11.33 -6.94 30.82
CA GLU E 161 10.63 -6.71 32.07
C GLU E 161 11.48 -7.23 33.23
N GLY E 162 12.47 -8.08 32.93
CA GLY E 162 13.30 -8.69 33.96
C GLY E 162 12.68 -9.99 34.45
N MET E 163 13.33 -11.11 34.13
CA MET E 163 12.80 -12.42 34.43
C MET E 163 13.97 -13.35 34.75
N ARG E 164 13.76 -14.26 35.71
CA ARG E 164 14.79 -15.18 36.15
C ARG E 164 15.06 -16.21 35.04
N ARG E 165 16.31 -16.67 34.94
CA ARG E 165 16.69 -17.70 33.98
C ARG E 165 15.78 -18.92 34.16
N GLU E 166 15.38 -19.19 35.41
CA GLU E 166 14.54 -20.32 35.80
C GLU E 166 13.26 -20.37 34.98
N GLU E 167 12.76 -19.21 34.51
CA GLU E 167 11.50 -19.14 33.76
C GLU E 167 11.71 -19.08 32.24
N HIS E 168 12.94 -19.07 31.75
CA HIS E 168 13.21 -19.03 30.31
C HIS E 168 12.40 -20.04 29.48
N TRP E 169 12.25 -21.27 30.00
CA TRP E 169 11.71 -22.34 29.21
C TRP E 169 10.23 -22.07 28.96
N GLU E 170 9.56 -21.45 29.95
CA GLU E 170 8.14 -21.13 29.87
C GLU E 170 7.81 -20.14 28.75
N ALA E 171 8.64 -19.09 28.63
CA ALA E 171 8.51 -18.08 27.60
C ALA E 171 8.85 -18.66 26.23
N MET E 172 9.88 -19.50 26.22
CA MET E 172 10.29 -20.21 25.02
C MET E 172 9.15 -21.11 24.54
N LEU E 173 8.42 -21.71 25.50
CA LEU E 173 7.35 -22.64 25.18
C LEU E 173 6.18 -21.86 24.57
N GLU E 174 5.80 -20.78 25.25
CA GLU E 174 4.75 -19.89 24.79
C GLU E 174 5.01 -19.39 23.38
N ASP E 175 6.21 -18.86 23.14
CA ASP E 175 6.54 -18.39 21.81
C ASP E 175 6.54 -19.56 20.81
N SER E 176 7.01 -20.72 21.26
CA SER E 176 7.09 -21.88 20.39
C SER E 176 5.70 -22.32 19.92
N LEU E 177 4.69 -22.25 20.80
CA LEU E 177 3.32 -22.56 20.40
C LEU E 177 2.82 -21.54 19.40
N ASN E 178 3.08 -20.25 19.63
CA ASN E 178 2.60 -19.21 18.73
C ASN E 178 3.23 -19.38 17.35
N MET E 179 4.56 -19.56 17.32
CA MET E 179 5.29 -19.61 16.07
C MET E 179 4.89 -20.84 15.28
N LEU E 180 4.87 -22.00 15.94
CA LEU E 180 4.56 -23.24 15.26
C LEU E 180 3.17 -23.14 14.64
N ALA E 181 2.21 -22.59 15.41
CA ALA E 181 0.89 -22.35 14.86
C ALA E 181 0.99 -21.46 13.62
N ALA E 182 1.87 -20.45 13.63
CA ALA E 182 1.95 -19.52 12.52
C ALA E 182 2.63 -20.12 11.27
N LEU E 183 3.46 -21.16 11.43
CA LEU E 183 4.33 -21.53 10.32
C LEU E 183 3.51 -21.97 9.13
N PRO E 184 2.49 -22.82 9.33
CA PRO E 184 1.63 -23.29 8.22
C PRO E 184 0.94 -22.15 7.48
N VAL E 185 0.53 -21.12 8.23
CA VAL E 185 -0.18 -19.98 7.67
C VAL E 185 0.77 -19.17 6.76
N ILE E 186 1.99 -18.91 7.26
CA ILE E 186 2.99 -18.15 6.53
C ILE E 186 3.37 -18.96 5.29
N ALA E 187 3.66 -20.24 5.48
CA ALA E 187 4.08 -21.10 4.37
C ALA E 187 2.99 -21.19 3.29
N ALA E 188 1.73 -21.40 3.71
CA ALA E 188 0.60 -21.44 2.81
C ALA E 188 0.49 -20.13 2.04
N TYR E 189 0.55 -19.00 2.78
CA TYR E 189 0.40 -17.69 2.16
C TYR E 189 1.40 -17.56 1.01
N ILE E 190 2.64 -17.97 1.25
CA ILE E 190 3.70 -17.92 0.25
C ILE E 190 3.36 -18.81 -0.94
N TYR E 191 2.86 -20.01 -0.66
CA TYR E 191 2.53 -20.96 -1.70
C TYR E 191 1.40 -20.40 -2.59
N ARG E 192 0.37 -19.86 -1.94
CA ARG E 192 -0.80 -19.43 -2.67
C ARG E 192 -0.44 -18.24 -3.56
N ARG E 193 0.34 -17.29 -3.02
CA ARG E 193 0.72 -16.07 -3.73
C ARG E 193 1.66 -16.38 -4.90
N LYS E 194 2.59 -17.30 -4.70
CA LYS E 194 3.58 -17.53 -5.73
C LYS E 194 3.04 -18.42 -6.84
N TYR E 195 2.29 -19.48 -6.47
CA TYR E 195 2.07 -20.62 -7.35
C TYR E 195 0.59 -20.85 -7.66
N LYS E 196 -0.32 -20.26 -6.87
CA LYS E 196 -1.72 -20.63 -7.02
C LYS E 196 -2.62 -19.42 -7.23
N GLY E 197 -2.13 -18.41 -7.96
CA GLY E 197 -2.95 -17.27 -8.36
C GLY E 197 -3.43 -16.39 -7.20
N ASP E 198 -2.70 -16.35 -6.10
CA ASP E 198 -2.87 -15.32 -5.10
C ASP E 198 -4.29 -15.34 -4.54
N THR E 199 -4.80 -16.55 -4.31
CA THR E 199 -6.09 -16.80 -3.70
C THR E 199 -5.80 -17.43 -2.34
N HIS E 200 -6.52 -17.07 -1.27
CA HIS E 200 -6.07 -17.41 0.07
C HIS E 200 -7.11 -18.24 0.81
N ILE E 201 -6.68 -19.40 1.32
CA ILE E 201 -7.55 -20.35 2.01
C ILE E 201 -7.25 -20.31 3.49
N ALA E 202 -8.29 -20.10 4.28
CA ALA E 202 -8.18 -19.90 5.71
C ALA E 202 -7.99 -21.25 6.41
N PRO E 203 -7.41 -21.23 7.63
CA PRO E 203 -7.35 -22.42 8.47
C PRO E 203 -8.73 -23.02 8.65
N ASP E 204 -8.79 -24.36 8.65
CA ASP E 204 -9.94 -25.11 9.09
C ASP E 204 -9.74 -25.43 10.57
N PRO E 205 -10.61 -24.93 11.47
CA PRO E 205 -10.48 -25.25 12.89
C PRO E 205 -10.69 -26.71 13.31
N ASN E 206 -11.06 -27.59 12.38
CA ASN E 206 -11.23 -29.01 12.71
C ASN E 206 -10.11 -29.89 12.18
N LEU E 207 -9.10 -29.30 11.55
CA LEU E 207 -7.99 -30.09 11.03
C LEU E 207 -6.82 -30.01 12.01
N ASP E 208 -6.05 -31.09 12.09
CA ASP E 208 -4.76 -31.06 12.75
C ASP E 208 -3.77 -30.16 11.99
N TRP E 209 -2.62 -29.90 12.61
CA TRP E 209 -1.60 -28.96 12.17
C TRP E 209 -1.13 -29.28 10.75
N SER E 210 -0.82 -30.55 10.47
CA SER E 210 -0.25 -30.96 9.18
C SER E 210 -1.27 -30.78 8.06
N ALA E 211 -2.46 -31.33 8.33
CA ALA E 211 -3.58 -31.29 7.40
C ALA E 211 -3.92 -29.85 7.03
N ASN E 212 -3.92 -28.95 8.03
CA ASN E 212 -4.24 -27.56 7.79
C ASN E 212 -3.26 -26.95 6.81
N LEU E 213 -1.99 -27.34 6.86
CA LEU E 213 -1.04 -26.84 5.90
C LEU E 213 -1.49 -27.25 4.49
N ALA E 214 -1.75 -28.54 4.33
CA ALA E 214 -2.26 -29.02 3.05
C ALA E 214 -3.54 -28.27 2.66
N HIS E 215 -4.44 -28.06 3.63
CA HIS E 215 -5.71 -27.43 3.34
C HIS E 215 -5.46 -26.02 2.81
N MET E 216 -4.61 -25.29 3.52
CA MET E 216 -4.33 -23.91 3.18
C MET E 216 -3.53 -23.80 1.87
N MET E 217 -2.81 -24.86 1.48
CA MET E 217 -2.15 -24.88 0.19
C MET E 217 -3.11 -25.35 -0.92
N GLY E 218 -4.27 -25.90 -0.55
CA GLY E 218 -5.34 -26.17 -1.51
C GLY E 218 -5.47 -27.65 -1.85
N PHE E 219 -5.10 -28.53 -0.91
CA PHE E 219 -5.14 -29.98 -1.06
C PHE E 219 -5.96 -30.59 0.08
N ASP E 220 -7.08 -31.28 -0.25
CA ASP E 220 -7.92 -31.79 0.83
C ASP E 220 -8.14 -33.31 0.79
N ASP E 221 -7.49 -34.04 -0.13
CA ASP E 221 -7.55 -35.49 -0.11
C ASP E 221 -6.96 -36.08 1.16
N PHE E 222 -7.67 -37.04 1.75
CA PHE E 222 -7.23 -37.70 2.97
C PHE E 222 -5.80 -38.27 2.86
N GLU E 223 -5.44 -38.80 1.68
CA GLU E 223 -4.11 -39.33 1.46
C GLU E 223 -3.06 -38.21 1.61
N VAL E 224 -3.38 -37.02 1.10
CA VAL E 224 -2.47 -35.91 1.14
C VAL E 224 -2.29 -35.48 2.59
N TYR E 225 -3.41 -35.38 3.33
CA TYR E 225 -3.29 -35.10 4.74
C TYR E 225 -2.35 -36.14 5.36
N GLU E 226 -2.55 -37.41 5.00
CA GLU E 226 -1.77 -38.48 5.60
C GLU E 226 -0.31 -38.34 5.21
N LEU E 227 -0.03 -37.94 3.95
CA LEU E 227 1.33 -37.70 3.53
C LEU E 227 1.96 -36.57 4.36
N PHE E 228 1.20 -35.49 4.54
CA PHE E 228 1.72 -34.32 5.22
C PHE E 228 2.04 -34.71 6.65
N ARG E 229 1.19 -35.50 7.31
CA ARG E 229 1.43 -35.87 8.69
C ARG E 229 2.71 -36.70 8.79
N LEU E 230 2.86 -37.67 7.90
CA LEU E 230 4.05 -38.51 7.93
C LEU E 230 5.31 -37.66 7.70
N TYR E 231 5.25 -36.79 6.71
CA TYR E 231 6.39 -36.01 6.25
C TYR E 231 6.87 -35.17 7.41
N MET E 232 5.91 -34.51 8.06
CA MET E 232 6.21 -33.62 9.15
C MET E 232 6.85 -34.42 10.28
N PHE E 233 6.45 -35.68 10.40
CA PHE E 233 6.96 -36.54 11.47
C PHE E 233 8.41 -36.93 11.17
N LEU E 234 8.67 -37.36 9.91
CA LEU E 234 9.96 -37.97 9.61
C LEU E 234 11.06 -36.92 9.67
N HIS E 235 10.70 -35.68 9.30
CA HIS E 235 11.65 -34.62 9.02
C HIS E 235 11.84 -33.76 10.26
N SER E 236 11.18 -34.10 11.37
CA SER E 236 11.06 -33.17 12.48
C SER E 236 12.43 -32.82 13.08
N ASP E 237 13.35 -33.81 13.17
CA ASP E 237 14.58 -33.68 13.95
C ASP E 237 15.64 -34.66 13.42
N HIS E 238 16.90 -34.23 13.51
CA HIS E 238 18.05 -35.05 13.15
C HIS E 238 19.29 -34.52 13.88
N GLU E 239 19.31 -34.65 15.21
CA GLU E 239 20.44 -34.20 16.04
C GLU E 239 20.50 -32.67 15.98
N GLY E 240 21.53 -32.09 16.61
CA GLY E 240 21.73 -30.65 16.69
C GLY E 240 22.95 -30.13 15.90
N GLY E 241 23.65 -30.98 15.15
CA GLY E 241 24.93 -30.60 14.57
C GLY E 241 24.79 -30.03 13.17
N ASN E 242 23.66 -30.33 12.51
CA ASN E 242 23.33 -29.79 11.19
C ASN E 242 23.19 -28.26 11.26
N VAL E 243 23.44 -27.63 10.11
CA VAL E 243 23.55 -26.18 10.06
C VAL E 243 22.33 -25.52 10.70
N SER E 244 21.11 -25.93 10.28
CA SER E 244 19.90 -25.27 10.72
C SER E 244 19.68 -25.46 12.22
N ALA E 245 19.82 -26.69 12.71
CA ALA E 245 19.55 -26.91 14.11
C ALA E 245 20.63 -26.22 14.95
N HIS E 246 21.88 -26.19 14.42
CA HIS E 246 23.00 -25.55 15.07
C HIS E 246 22.83 -24.02 15.09
N THR E 247 22.48 -23.43 13.94
CA THR E 247 22.15 -22.02 13.86
C THR E 247 21.08 -21.70 14.91
N ASN E 248 19.98 -22.45 14.93
CA ASN E 248 18.97 -22.25 15.95
C ASN E 248 19.59 -22.17 17.36
N LEU E 249 20.34 -23.21 17.74
CA LEU E 249 20.95 -23.27 19.07
C LEU E 249 21.89 -22.08 19.30
N LEU E 250 22.71 -21.73 18.28
CA LEU E 250 23.76 -20.72 18.40
C LEU E 250 23.17 -19.35 18.77
N VAL E 251 22.20 -18.91 17.96
CA VAL E 251 21.54 -17.63 18.16
C VAL E 251 20.71 -17.68 19.44
N ASN E 252 20.14 -18.83 19.77
CA ASN E 252 19.41 -19.02 21.02
C ASN E 252 20.35 -18.81 22.22
N SER E 253 21.62 -19.22 22.06
CA SER E 253 22.56 -19.14 23.17
C SER E 253 22.80 -17.69 23.59
N ALA E 254 22.40 -16.69 22.78
CA ALA E 254 22.54 -15.28 23.15
C ALA E 254 21.28 -14.72 23.78
N TYR E 255 20.30 -15.58 24.06
CA TYR E 255 18.99 -15.18 24.53
C TYR E 255 18.18 -14.44 23.46
N SER E 256 18.50 -14.62 22.18
CA SER E 256 17.58 -14.24 21.13
C SER E 256 16.40 -15.21 21.08
N ASP E 257 15.18 -14.70 20.95
CA ASP E 257 13.95 -15.48 21.01
C ASP E 257 13.82 -16.41 19.81
N ILE E 258 12.76 -17.23 19.81
CA ILE E 258 12.57 -18.29 18.82
C ILE E 258 12.38 -17.74 17.40
N TYR E 259 11.79 -16.54 17.27
CA TYR E 259 11.58 -15.94 15.97
C TYR E 259 12.91 -15.55 15.35
N ARG E 260 13.85 -15.03 16.15
CA ARG E 260 15.16 -14.69 15.63
C ARG E 260 15.99 -15.94 15.35
N SER E 261 15.93 -16.94 16.25
CA SER E 261 16.78 -18.13 16.10
C SER E 261 16.29 -19.01 14.96
N PHE E 262 14.96 -19.14 14.89
CA PHE E 262 14.38 -20.01 13.91
C PHE E 262 14.49 -19.31 12.55
N SER E 263 14.25 -18.00 12.45
CA SER E 263 14.39 -17.35 11.13
C SER E 263 15.84 -17.49 10.63
N ALA E 264 16.79 -17.29 11.54
CA ALA E 264 18.22 -17.51 11.30
C ALA E 264 18.50 -18.94 10.87
N ALA E 265 17.90 -19.91 11.56
CA ALA E 265 18.10 -21.30 11.16
C ALA E 265 17.63 -21.54 9.72
N MET E 266 16.46 -20.95 9.37
CA MET E 266 15.93 -21.07 8.03
C MET E 266 16.87 -20.44 7.00
N ASN E 267 17.66 -19.42 7.36
CA ASN E 267 18.60 -18.84 6.39
C ASN E 267 19.68 -19.85 6.04
N GLY E 268 20.05 -20.65 7.04
CA GLY E 268 20.98 -21.75 6.85
C GLY E 268 20.36 -22.89 6.05
N LEU E 269 19.09 -23.21 6.31
CA LEU E 269 18.42 -24.23 5.53
C LEU E 269 18.38 -23.81 4.07
N ALA E 270 18.26 -22.52 3.81
CA ALA E 270 18.15 -22.05 2.43
C ALA E 270 19.41 -22.33 1.63
N GLY E 271 20.50 -22.71 2.33
CA GLY E 271 21.78 -22.96 1.70
C GLY E 271 21.79 -24.18 0.79
N PRO E 272 22.32 -24.03 -0.44
CA PRO E 272 22.40 -25.14 -1.38
C PRO E 272 22.93 -26.48 -0.87
N LEU E 273 23.74 -26.46 0.20
CA LEU E 273 24.43 -27.65 0.68
C LEU E 273 23.61 -28.31 1.79
N HIS E 274 22.54 -27.62 2.22
CA HIS E 274 21.74 -28.09 3.33
C HIS E 274 20.30 -28.42 2.88
N GLY E 275 19.73 -27.73 1.88
CA GLY E 275 18.26 -27.69 1.78
C GLY E 275 17.64 -28.31 0.52
N LEU E 276 18.47 -28.77 -0.42
CA LEU E 276 18.05 -29.04 -1.79
C LEU E 276 17.97 -30.54 -2.13
N ALA E 277 18.44 -31.44 -1.26
CA ALA E 277 18.72 -32.82 -1.68
C ALA E 277 17.49 -33.55 -2.27
N ASN E 278 16.27 -33.41 -1.71
CA ASN E 278 15.12 -34.14 -2.24
C ASN E 278 14.71 -33.62 -3.61
N GLN E 279 14.92 -32.33 -3.88
CA GLN E 279 14.66 -31.77 -5.19
C GLN E 279 15.62 -32.38 -6.20
N GLU E 280 16.91 -32.47 -5.82
CA GLU E 280 17.95 -32.98 -6.70
C GLU E 280 17.62 -34.41 -7.08
N VAL E 281 17.16 -35.18 -6.09
CA VAL E 281 16.79 -36.56 -6.32
C VAL E 281 15.63 -36.60 -7.30
N LEU E 282 14.59 -35.82 -7.03
CA LEU E 282 13.40 -35.89 -7.86
C LEU E 282 13.72 -35.53 -9.30
N ARG E 283 14.52 -34.49 -9.52
CA ARG E 283 14.87 -34.11 -10.88
C ARG E 283 15.68 -35.22 -11.51
N TRP E 284 16.46 -35.94 -10.69
CA TRP E 284 17.25 -37.04 -11.19
C TRP E 284 16.29 -38.12 -11.70
N ILE E 285 15.27 -38.46 -10.88
CA ILE E 285 14.33 -39.49 -11.26
C ILE E 285 13.60 -39.02 -12.54
N GLN E 286 13.33 -37.72 -12.60
CA GLN E 286 12.57 -37.14 -13.71
C GLN E 286 13.35 -37.22 -15.02
N MET E 287 14.68 -37.02 -14.93
CA MET E 287 15.59 -37.12 -16.06
C MET E 287 15.67 -38.56 -16.58
N LEU E 288 15.74 -39.54 -15.66
CA LEU E 288 15.74 -40.96 -16.04
C LEU E 288 14.49 -41.28 -16.86
N TYR E 289 13.32 -40.82 -16.40
CA TYR E 289 12.06 -41.12 -17.08
C TYR E 289 12.02 -40.47 -18.46
N LYS E 290 12.65 -39.31 -18.60
CA LYS E 290 12.70 -38.63 -19.88
C LYS E 290 13.60 -39.43 -20.81
N LYS E 291 14.74 -39.86 -20.26
CA LYS E 291 15.83 -40.44 -21.05
C LYS E 291 15.44 -41.81 -21.62
N PHE E 292 14.67 -42.60 -20.87
CA PHE E 292 14.27 -43.94 -21.29
C PHE E 292 12.85 -43.95 -21.83
N GLY E 293 12.22 -42.78 -22.00
CA GLY E 293 10.85 -42.69 -22.50
C GLY E 293 9.86 -43.50 -21.67
N GLY E 294 10.14 -43.63 -20.37
CA GLY E 294 9.36 -44.36 -19.40
C GLY E 294 10.26 -44.94 -18.30
N VAL E 295 9.73 -45.90 -17.54
CA VAL E 295 10.49 -46.60 -16.51
C VAL E 295 11.60 -47.41 -17.19
N PRO E 296 12.90 -47.17 -16.87
CA PRO E 296 13.95 -48.05 -17.36
C PRO E 296 13.80 -49.49 -16.84
N THR E 297 14.42 -50.42 -17.56
CA THR E 297 14.55 -51.79 -17.13
C THR E 297 15.72 -51.88 -16.18
N LYS E 298 15.77 -52.98 -15.43
CA LYS E 298 16.92 -53.31 -14.59
C LYS E 298 18.21 -52.96 -15.33
N GLU E 299 18.32 -53.43 -16.58
CA GLU E 299 19.57 -53.39 -17.31
C GLU E 299 19.93 -51.95 -17.72
N GLN E 300 18.95 -51.16 -18.19
CA GLN E 300 19.19 -49.76 -18.53
C GLN E 300 19.67 -48.97 -17.31
N LEU E 301 19.02 -49.22 -16.16
CA LEU E 301 19.33 -48.50 -14.95
C LEU E 301 20.75 -48.80 -14.47
N GLU E 302 21.12 -50.09 -14.43
CA GLU E 302 22.47 -50.54 -14.08
C GLU E 302 23.54 -49.91 -14.94
N ARG E 303 23.34 -49.90 -16.27
CA ARG E 303 24.32 -49.31 -17.17
C ARG E 303 24.49 -47.82 -16.83
N PHE E 304 23.35 -47.13 -16.66
CA PHE E 304 23.35 -45.70 -16.38
C PHE E 304 24.02 -45.39 -15.04
N ALA E 305 23.82 -46.25 -14.03
CA ALA E 305 24.45 -46.11 -12.72
C ALA E 305 25.96 -46.29 -12.82
N TRP E 306 26.39 -47.34 -13.53
CA TRP E 306 27.81 -47.64 -13.67
C TRP E 306 28.51 -46.53 -14.44
N ASP E 307 27.87 -46.10 -15.55
CA ASP E 307 28.26 -44.90 -16.29
C ASP E 307 28.42 -43.69 -15.37
N THR E 308 27.40 -43.45 -14.52
CA THR E 308 27.44 -42.38 -13.53
C THR E 308 28.70 -42.53 -12.67
N LEU E 309 28.84 -43.66 -11.98
CA LEU E 309 29.95 -43.91 -11.08
C LEU E 309 31.31 -43.85 -11.78
N ASN E 310 31.37 -44.23 -13.07
CA ASN E 310 32.60 -44.25 -13.85
C ASN E 310 32.95 -42.90 -14.47
N SER E 311 32.10 -41.88 -14.28
CA SER E 311 32.47 -40.51 -14.63
C SER E 311 32.64 -39.67 -13.35
N GLY E 312 32.77 -40.36 -12.21
CA GLY E 312 33.11 -39.74 -10.92
C GLY E 312 31.92 -39.08 -10.23
N GLN E 313 30.70 -39.32 -10.72
CA GLN E 313 29.50 -38.78 -10.09
C GLN E 313 29.09 -39.65 -8.91
N VAL E 314 28.10 -39.16 -8.16
CA VAL E 314 27.39 -39.93 -7.14
C VAL E 314 25.96 -40.13 -7.62
N ILE E 315 25.32 -41.13 -7.03
CA ILE E 315 23.91 -41.33 -7.24
C ILE E 315 23.16 -40.58 -6.15
N PRO E 316 22.27 -39.63 -6.51
CA PRO E 316 21.61 -38.78 -5.52
C PRO E 316 20.70 -39.62 -4.65
N GLY E 317 20.67 -39.32 -3.35
CA GLY E 317 19.83 -40.03 -2.41
C GLY E 317 20.51 -41.27 -1.82
N TYR E 318 21.68 -41.64 -2.35
CA TYR E 318 22.37 -42.85 -1.91
C TYR E 318 23.79 -42.57 -1.45
N GLY E 319 24.22 -43.35 -0.45
CA GLY E 319 25.63 -43.51 -0.15
C GLY E 319 26.15 -42.43 0.78
N HIS E 320 25.36 -42.10 1.81
CA HIS E 320 25.79 -41.12 2.79
C HIS E 320 26.59 -41.81 3.91
N ALA E 321 27.48 -41.05 4.54
CA ALA E 321 28.58 -41.63 5.31
C ALA E 321 28.17 -42.12 6.71
N VAL E 322 27.08 -41.60 7.32
CA VAL E 322 26.81 -41.86 8.74
C VAL E 322 26.11 -43.21 8.93
N LEU E 323 25.10 -43.53 8.10
CA LEU E 323 24.36 -44.79 8.25
C LEU E 323 25.10 -45.94 7.56
N ARG E 324 24.82 -47.17 8.00
CA ARG E 324 25.34 -48.34 7.30
C ARG E 324 24.19 -49.27 6.93
N VAL E 325 22.97 -48.82 7.17
CA VAL E 325 21.76 -49.53 6.78
C VAL E 325 20.82 -48.54 6.09
N THR E 326 19.76 -49.04 5.49
CA THR E 326 18.76 -48.18 4.88
C THR E 326 18.13 -47.27 5.94
N ASP E 327 18.02 -45.97 5.61
CA ASP E 327 17.42 -44.98 6.50
C ASP E 327 15.97 -45.39 6.80
N PRO E 328 15.55 -45.49 8.07
CA PRO E 328 14.16 -45.86 8.36
C PRO E 328 13.13 -44.83 7.89
N ARG E 329 13.53 -43.57 7.81
CA ARG E 329 12.69 -42.52 7.22
C ARG E 329 12.39 -42.84 5.75
N TYR E 330 13.35 -43.44 5.02
CA TYR E 330 13.12 -43.91 3.66
C TYR E 330 12.15 -45.07 3.67
N VAL E 331 12.32 -45.97 4.65
CA VAL E 331 11.52 -47.19 4.69
C VAL E 331 10.04 -46.81 4.88
N ALA E 332 9.77 -45.99 5.90
CA ALA E 332 8.42 -45.51 6.16
C ALA E 332 7.78 -44.90 4.91
N GLN E 333 8.56 -44.18 4.10
CA GLN E 333 8.01 -43.49 2.94
C GLN E 333 7.76 -44.49 1.82
N ARG E 334 8.69 -45.44 1.63
CA ARG E 334 8.45 -46.55 0.73
C ARG E 334 7.18 -47.30 1.15
N ASP E 335 7.00 -47.52 2.45
CA ASP E 335 5.81 -48.23 2.88
C ASP E 335 4.57 -47.47 2.46
N PHE E 336 4.64 -46.13 2.49
CA PHE E 336 3.50 -45.29 2.18
C PHE E 336 3.18 -45.38 0.69
N ALA E 337 4.21 -45.31 -0.15
CA ALA E 337 4.03 -45.37 -1.59
C ALA E 337 3.42 -46.70 -2.01
N LEU E 338 4.02 -47.81 -1.54
CA LEU E 338 3.61 -49.18 -1.90
C LEU E 338 2.12 -49.34 -1.62
N LYS E 339 1.69 -48.73 -0.52
CA LYS E 339 0.34 -48.77 -0.02
C LYS E 339 -0.59 -47.77 -0.75
N HIS E 340 -0.10 -46.58 -1.19
CA HIS E 340 -1.05 -45.57 -1.66
C HIS E 340 -0.89 -45.15 -3.12
N LEU E 341 0.25 -45.44 -3.73
CA LEU E 341 0.49 -44.95 -5.08
C LEU E 341 1.46 -45.89 -5.81
N PRO E 342 1.24 -47.22 -5.81
CA PRO E 342 2.27 -48.16 -6.31
C PRO E 342 2.46 -48.15 -7.81
N ASP E 343 1.54 -47.51 -8.55
CA ASP E 343 1.62 -47.51 -10.01
C ASP E 343 2.10 -46.16 -10.51
N ASP E 344 2.35 -45.23 -9.59
CA ASP E 344 2.96 -43.97 -9.99
C ASP E 344 4.32 -44.28 -10.61
N GLU E 345 4.57 -43.72 -11.79
CA GLU E 345 5.68 -44.13 -12.62
C GLU E 345 7.00 -43.67 -12.01
N LEU E 346 7.03 -42.46 -11.44
CA LEU E 346 8.28 -41.94 -10.89
C LEU E 346 8.60 -42.76 -9.65
N PHE E 347 7.54 -43.19 -8.94
CA PHE E 347 7.71 -44.13 -7.83
C PHE E 347 8.35 -45.45 -8.31
N LYS E 348 7.88 -45.97 -9.45
CA LYS E 348 8.41 -47.21 -9.99
C LYS E 348 9.91 -47.12 -10.23
N ILE E 349 10.41 -45.93 -10.60
CA ILE E 349 11.83 -45.75 -10.81
C ILE E 349 12.52 -45.76 -9.44
N VAL E 350 11.94 -45.05 -8.48
CA VAL E 350 12.51 -44.93 -7.16
C VAL E 350 12.61 -46.33 -6.55
N SER E 351 11.56 -47.14 -6.70
CA SER E 351 11.51 -48.51 -6.17
C SER E 351 12.55 -49.40 -6.86
N LEU E 352 12.62 -49.28 -8.18
CA LEU E 352 13.64 -49.99 -8.92
C LEU E 352 15.02 -49.62 -8.41
N CYS E 353 15.25 -48.32 -8.19
CA CYS E 353 16.52 -47.84 -7.66
C CYS E 353 16.86 -48.57 -6.36
N TYR E 354 15.84 -48.80 -5.49
CA TYR E 354 16.03 -49.47 -4.20
C TYR E 354 16.63 -50.86 -4.37
N GLU E 355 16.24 -51.57 -5.43
CA GLU E 355 16.80 -52.87 -5.74
C GLU E 355 18.22 -52.75 -6.33
N VAL E 356 18.41 -51.86 -7.30
CA VAL E 356 19.54 -51.94 -8.22
C VAL E 356 20.76 -51.18 -7.74
N ILE E 357 20.54 -50.01 -7.14
CA ILE E 357 21.62 -49.09 -6.88
C ILE E 357 22.49 -49.68 -5.77
N PRO E 358 21.91 -50.24 -4.68
CA PRO E 358 22.72 -50.82 -3.61
C PRO E 358 23.68 -51.92 -4.11
N GLU E 359 23.21 -52.74 -5.07
CA GLU E 359 24.03 -53.82 -5.63
C GLU E 359 25.19 -53.21 -6.42
N VAL E 360 24.88 -52.20 -7.24
CA VAL E 360 25.91 -51.53 -8.02
C VAL E 360 26.86 -50.82 -7.06
N LEU E 361 26.34 -50.25 -5.97
CA LEU E 361 27.24 -49.58 -5.03
C LEU E 361 28.07 -50.59 -4.24
N LYS E 362 27.62 -51.84 -4.05
CA LYS E 362 28.43 -52.83 -3.34
C LYS E 362 29.62 -53.24 -4.21
N LYS E 363 29.31 -53.69 -5.44
CA LYS E 363 30.32 -54.08 -6.41
C LYS E 363 31.34 -52.97 -6.62
N HIS E 364 30.88 -51.74 -6.88
CA HIS E 364 31.79 -50.61 -7.10
C HIS E 364 32.68 -50.40 -5.87
N GLY E 365 32.16 -50.75 -4.68
CA GLY E 365 32.97 -50.96 -3.49
C GLY E 365 33.55 -49.68 -2.89
N LYS E 366 33.24 -48.51 -3.47
CA LYS E 366 33.74 -47.21 -3.02
C LYS E 366 32.91 -46.67 -1.86
N ALA E 367 31.62 -47.03 -1.82
CA ALA E 367 30.73 -46.57 -0.77
C ALA E 367 30.87 -47.47 0.46
N LYS E 368 31.09 -46.84 1.63
CA LYS E 368 31.01 -47.51 2.92
C LYS E 368 29.55 -47.71 3.32
N ASN E 369 28.64 -47.08 2.54
CA ASN E 369 27.20 -47.29 2.66
C ASN E 369 26.58 -47.33 1.26
N PRO E 370 25.94 -48.44 0.85
CA PRO E 370 25.19 -48.48 -0.42
C PRO E 370 23.70 -48.14 -0.41
N TRP E 371 23.22 -47.65 0.73
CA TRP E 371 21.80 -47.55 0.99
C TRP E 371 21.30 -46.10 0.91
N PRO E 372 19.97 -45.88 0.66
CA PRO E 372 19.42 -44.54 0.57
C PRO E 372 18.97 -43.94 1.90
N ASN E 373 18.71 -42.63 1.83
CA ASN E 373 18.23 -41.82 2.93
C ASN E 373 16.86 -41.26 2.56
N VAL E 374 16.29 -40.52 3.51
CA VAL E 374 14.97 -39.92 3.40
C VAL E 374 14.81 -39.18 2.07
N ASP E 375 15.86 -38.47 1.66
CA ASP E 375 15.75 -37.52 0.56
C ASP E 375 15.59 -38.27 -0.76
N ALA E 376 15.84 -39.57 -0.76
CA ALA E 376 15.73 -40.35 -2.00
C ALA E 376 14.26 -40.69 -2.26
N HIS E 377 13.37 -40.51 -1.27
CA HIS E 377 11.99 -40.94 -1.42
C HIS E 377 10.98 -39.78 -1.42
N SER E 378 11.31 -38.65 -0.76
CA SER E 378 10.32 -37.63 -0.42
C SER E 378 9.76 -36.87 -1.64
N GLY E 379 10.58 -36.64 -2.67
CA GLY E 379 10.16 -35.91 -3.86
C GLY E 379 8.97 -36.54 -4.59
N VAL E 380 9.07 -37.82 -4.97
CA VAL E 380 8.06 -38.47 -5.79
C VAL E 380 6.74 -38.51 -5.03
N LEU E 381 6.77 -38.55 -3.69
CA LEU E 381 5.54 -38.51 -2.91
C LEU E 381 4.84 -37.16 -3.08
N LEU E 382 5.59 -36.07 -2.88
CA LEU E 382 5.07 -34.72 -3.05
C LEU E 382 4.56 -34.52 -4.48
N TRP E 383 5.38 -34.88 -5.47
CA TRP E 383 5.04 -34.70 -6.87
C TRP E 383 3.80 -35.51 -7.23
N HIS E 384 3.67 -36.71 -6.68
CA HIS E 384 2.52 -37.54 -6.94
C HIS E 384 1.22 -36.79 -6.72
N TYR E 385 1.15 -36.01 -5.64
CA TYR E 385 -0.08 -35.39 -5.21
C TYR E 385 -0.20 -33.96 -5.74
N GLY E 386 0.74 -33.49 -6.56
CA GLY E 386 0.59 -32.19 -7.20
C GLY E 386 1.25 -31.03 -6.47
N ILE E 387 2.17 -31.31 -5.53
CA ILE E 387 3.09 -30.33 -4.98
C ILE E 387 4.38 -30.42 -5.79
N ARG E 388 4.49 -29.57 -6.82
CA ARG E 388 5.48 -29.71 -7.87
C ARG E 388 6.45 -28.53 -7.89
N GLU E 389 6.32 -27.63 -6.92
CA GLU E 389 7.09 -26.40 -6.87
C GLU E 389 8.42 -26.62 -6.12
N TYR E 390 9.44 -27.08 -6.87
CA TYR E 390 10.66 -27.58 -6.26
C TYR E 390 11.15 -26.68 -5.13
N ASP E 391 11.33 -25.37 -5.44
CA ASP E 391 11.91 -24.40 -4.50
C ASP E 391 11.15 -24.43 -3.18
N PHE E 392 9.84 -24.74 -3.19
CA PHE E 392 9.01 -24.71 -1.99
C PHE E 392 9.28 -25.94 -1.13
N TYR E 393 9.89 -26.99 -1.69
CA TYR E 393 10.15 -28.21 -0.91
C TYR E 393 10.96 -27.90 0.35
N THR E 394 11.91 -26.95 0.27
CA THR E 394 12.75 -26.60 1.41
C THR E 394 11.91 -25.94 2.50
N VAL E 395 10.79 -25.30 2.13
CA VAL E 395 9.91 -24.66 3.10
C VAL E 395 9.17 -25.73 3.87
N LEU E 396 8.67 -26.77 3.19
CA LEU E 396 8.03 -27.89 3.89
C LEU E 396 9.00 -28.49 4.91
N PHE E 397 10.24 -28.73 4.46
CA PHE E 397 11.32 -29.20 5.31
C PHE E 397 11.42 -28.32 6.55
N GLY E 398 11.52 -27.02 6.31
CA GLY E 398 11.65 -26.04 7.37
C GLY E 398 10.50 -26.13 8.36
N VAL E 399 9.26 -26.26 7.84
CA VAL E 399 8.08 -26.36 8.70
C VAL E 399 8.24 -27.56 9.63
N SER E 400 8.64 -28.71 9.06
CA SER E 400 8.79 -29.91 9.88
C SER E 400 9.84 -29.67 10.94
N ARG E 401 10.95 -29.09 10.52
CA ARG E 401 12.17 -29.09 11.30
C ARG E 401 12.03 -28.08 12.45
N ALA E 402 10.95 -27.27 12.39
CA ALA E 402 10.66 -26.38 13.49
C ALA E 402 10.20 -27.14 14.74
N LEU E 403 9.71 -28.35 14.55
CA LEU E 403 9.28 -29.17 15.67
C LEU E 403 10.51 -29.45 16.54
N GLY E 404 11.60 -29.84 15.87
CA GLY E 404 12.83 -30.18 16.56
C GLY E 404 13.54 -28.94 17.11
N CYS E 405 13.63 -27.88 16.29
CA CYS E 405 14.32 -26.66 16.70
C CYS E 405 13.66 -26.04 17.92
N THR E 406 12.34 -26.00 17.95
CA THR E 406 11.62 -25.45 19.09
C THR E 406 11.90 -26.31 20.32
N ALA E 407 11.91 -27.63 20.12
CA ALA E 407 11.98 -28.52 21.26
C ALA E 407 13.37 -28.35 21.86
N GLN E 408 14.37 -28.33 21.00
CA GLN E 408 15.75 -28.23 21.43
C GLN E 408 15.99 -26.87 22.11
N ALA E 409 15.36 -25.82 21.59
CA ALA E 409 15.54 -24.49 22.15
C ALA E 409 14.87 -24.35 23.51
N ILE E 410 13.71 -25.00 23.69
CA ILE E 410 12.99 -24.97 24.95
C ILE E 410 13.83 -25.67 26.00
N LEU E 411 14.44 -26.79 25.57
CA LEU E 411 15.17 -27.68 26.46
C LEU E 411 16.44 -27.00 26.99
N VAL E 412 17.27 -26.43 26.08
CA VAL E 412 18.61 -26.00 26.45
C VAL E 412 18.48 -24.75 27.31
N ARG E 413 17.37 -24.02 27.16
CA ARG E 413 17.05 -22.85 27.99
C ARG E 413 16.50 -23.30 29.33
N GLY E 414 15.93 -24.50 29.37
CA GLY E 414 15.58 -25.12 30.63
C GLY E 414 16.86 -25.55 31.35
N TYR E 415 17.80 -26.11 30.57
CA TYR E 415 19.06 -26.57 31.12
C TYR E 415 19.89 -25.36 31.58
N MET E 416 19.72 -24.22 30.90
CA MET E 416 20.47 -23.01 31.17
C MET E 416 21.91 -23.25 30.73
N LEU E 417 22.07 -23.90 29.58
CA LEU E 417 23.36 -23.97 28.93
C LEU E 417 23.79 -22.53 28.65
N PRO E 418 25.11 -22.26 28.62
CA PRO E 418 25.60 -20.90 28.39
C PRO E 418 25.77 -20.57 26.92
N ILE E 419 26.26 -19.37 26.65
CA ILE E 419 26.44 -18.87 25.30
C ILE E 419 27.44 -19.74 24.56
N GLU E 420 27.29 -19.87 23.24
CA GLU E 420 28.20 -20.66 22.42
C GLU E 420 29.28 -19.72 21.90
N ARG E 421 30.49 -19.88 22.46
CA ARG E 421 31.65 -19.02 22.22
C ARG E 421 32.88 -19.93 22.02
N PRO E 422 33.02 -20.63 20.88
CA PRO E 422 34.26 -21.35 20.56
C PRO E 422 35.42 -20.38 20.36
N LYS E 423 36.63 -20.92 20.20
CA LYS E 423 37.81 -20.10 19.96
C LYS E 423 38.20 -20.26 18.50
N SER E 424 38.49 -19.13 17.82
CA SER E 424 39.03 -19.18 16.47
C SER E 424 40.56 -19.11 16.53
N ILE E 425 41.20 -19.57 15.44
CA ILE E 425 42.64 -19.68 15.37
C ILE E 425 43.07 -19.14 14.02
N THR E 426 44.33 -18.68 13.96
CA THR E 426 44.87 -18.03 12.78
C THR E 426 45.73 -19.01 11.99
N THR E 427 45.60 -18.95 10.67
CA THR E 427 46.52 -19.64 9.79
C THR E 427 47.96 -19.25 10.18
N ARG E 428 48.19 -18.01 10.62
CA ARG E 428 49.53 -17.55 10.97
C ARG E 428 50.07 -18.43 12.11
N TRP E 429 49.25 -18.69 13.12
CA TRP E 429 49.65 -19.51 14.26
C TRP E 429 49.85 -20.97 13.86
N VAL E 430 48.97 -21.49 13.02
CA VAL E 430 49.04 -22.85 12.57
C VAL E 430 50.33 -23.06 11.79
N LYS E 431 50.66 -22.13 10.87
CA LYS E 431 51.82 -22.30 10.00
C LYS E 431 53.11 -22.27 10.83
N GLU E 432 53.05 -21.55 11.96
CA GLU E 432 54.20 -21.40 12.84
C GLU E 432 54.38 -22.71 13.59
N VAL E 433 53.30 -23.20 14.23
CA VAL E 433 53.35 -24.16 15.33
C VAL E 433 53.06 -25.61 14.90
N ALA E 434 52.51 -25.80 13.70
CA ALA E 434 52.01 -27.11 13.29
C ALA E 434 53.09 -28.17 13.45
N GLU E 435 54.30 -27.90 12.94
CA GLU E 435 55.38 -28.88 12.95
C GLU E 435 55.68 -29.34 14.38
N SER E 436 55.40 -28.50 15.39
CA SER E 436 55.78 -28.80 16.76
C SER E 436 54.62 -29.39 17.56
N LEU E 437 53.50 -29.65 16.88
CA LEU E 437 52.33 -30.21 17.52
C LEU E 437 52.44 -31.73 17.49
N PRO E 438 51.91 -32.43 18.51
CA PRO E 438 51.83 -33.90 18.46
C PRO E 438 50.78 -34.32 17.43
N VAL E 439 50.90 -35.54 16.91
CA VAL E 439 49.87 -36.11 16.04
C VAL E 439 48.83 -36.83 16.89
N ALA E 440 47.55 -36.73 16.49
CA ALA E 440 46.42 -37.28 17.24
C ALA E 440 46.52 -38.80 17.36
N GLY E 441 46.37 -39.29 18.61
CA GLY E 441 46.66 -40.67 18.98
C GLY E 441 47.13 -40.76 20.43
N MET F 1 4.46 25.24 -32.17
CA MET F 1 5.01 24.00 -32.77
C MET F 1 4.73 24.01 -34.28
N LYS F 2 5.75 23.84 -35.12
CA LYS F 2 5.54 23.77 -36.57
C LYS F 2 4.56 22.64 -36.92
N LEU F 3 4.75 21.48 -36.29
CA LEU F 3 3.95 20.29 -36.58
C LEU F 3 2.45 20.61 -36.55
N LYS F 4 2.02 21.30 -35.50
CA LYS F 4 0.62 21.61 -35.36
C LYS F 4 0.20 22.65 -36.41
N GLU F 5 1.00 23.70 -36.60
CA GLU F 5 0.65 24.76 -37.53
C GLU F 5 0.37 24.14 -38.90
N ARG F 6 1.23 23.19 -39.27
CA ARG F 6 1.17 22.50 -40.54
C ARG F 6 -0.05 21.57 -40.62
N LEU F 7 -0.35 20.89 -39.52
CA LEU F 7 -1.49 20.01 -39.52
C LEU F 7 -2.79 20.79 -39.68
N ALA F 8 -2.81 22.03 -39.15
CA ALA F 8 -4.00 22.86 -39.15
C ALA F 8 -4.40 23.26 -40.57
N GLU F 9 -3.44 23.34 -41.50
CA GLU F 9 -3.75 23.59 -42.89
C GLU F 9 -3.98 22.29 -43.64
N LEU F 10 -3.17 21.27 -43.36
CA LEU F 10 -3.21 20.08 -44.19
C LEU F 10 -4.46 19.24 -43.88
N ILE F 11 -4.82 19.11 -42.61
CA ILE F 11 -5.89 18.18 -42.29
C ILE F 11 -7.21 18.60 -42.94
N PRO F 12 -7.65 19.87 -42.87
CA PRO F 12 -8.86 20.27 -43.62
C PRO F 12 -8.82 19.94 -45.11
N GLN F 13 -7.65 20.05 -45.75
CA GLN F 13 -7.55 19.68 -47.15
C GLN F 13 -7.81 18.20 -47.30
N TRP F 14 -7.16 17.41 -46.45
CA TRP F 14 -7.28 15.98 -46.56
C TRP F 14 -8.72 15.56 -46.26
N ARG F 15 -9.32 16.14 -45.20
CA ARG F 15 -10.71 15.85 -44.85
C ARG F 15 -11.59 15.97 -46.11
N ALA F 16 -11.50 17.11 -46.82
CA ALA F 16 -12.34 17.42 -47.97
C ALA F 16 -12.04 16.46 -49.13
N GLU F 17 -10.77 16.19 -49.39
CA GLU F 17 -10.38 15.22 -50.41
C GLU F 17 -11.03 13.86 -50.13
N VAL F 18 -11.06 13.45 -48.86
CA VAL F 18 -11.58 12.14 -48.50
C VAL F 18 -13.07 12.13 -48.79
N ALA F 19 -13.77 13.17 -48.33
CA ALA F 19 -15.22 13.26 -48.45
C ALA F 19 -15.61 13.13 -49.91
N GLU F 20 -14.89 13.88 -50.76
CA GLU F 20 -15.05 13.84 -52.21
C GLU F 20 -14.84 12.43 -52.73
N ILE F 21 -13.77 11.75 -52.28
CA ILE F 21 -13.44 10.42 -52.76
C ILE F 21 -14.57 9.46 -52.41
N ARG F 22 -15.05 9.52 -51.15
CA ARG F 22 -16.13 8.67 -50.71
C ARG F 22 -17.35 8.86 -51.62
N LYS F 23 -17.65 10.13 -51.91
CA LYS F 23 -18.79 10.54 -52.71
C LYS F 23 -18.59 10.16 -54.17
N LYS F 24 -17.41 10.42 -54.73
CA LYS F 24 -17.20 10.27 -56.16
C LYS F 24 -16.77 8.83 -56.52
N TYR F 25 -16.06 8.13 -55.64
CA TYR F 25 -15.45 6.85 -56.02
C TYR F 25 -15.81 5.73 -55.04
N GLY F 26 -16.86 5.95 -54.22
CA GLY F 26 -17.40 4.92 -53.33
C GLY F 26 -17.63 3.56 -54.00
N ASN F 27 -18.28 3.52 -55.18
CA ASN F 27 -18.62 2.29 -55.87
C ASN F 27 -17.51 1.83 -56.82
N ARG F 28 -16.30 2.38 -56.71
CA ARG F 28 -15.19 1.82 -57.47
C ARG F 28 -14.77 0.49 -56.84
N LYS F 29 -14.67 -0.57 -57.67
CA LYS F 29 -14.25 -1.89 -57.21
C LYS F 29 -12.73 -2.00 -57.21
N THR F 30 -12.16 -2.60 -56.15
CA THR F 30 -10.71 -2.81 -56.07
C THR F 30 -10.38 -4.28 -56.27
N MET F 31 -11.32 -5.18 -55.96
CA MET F 31 -11.06 -6.61 -55.99
C MET F 31 -12.32 -7.36 -55.56
N ASP F 32 -12.28 -8.69 -55.76
CA ASP F 32 -13.33 -9.60 -55.33
C ASP F 32 -13.10 -9.90 -53.85
N CYS F 33 -14.19 -9.94 -53.05
CA CYS F 33 -14.20 -10.50 -51.70
C CYS F 33 -14.70 -11.95 -51.74
N THR F 34 -13.96 -12.86 -51.08
CA THR F 34 -14.11 -14.29 -51.23
C THR F 34 -14.36 -14.93 -49.87
N ILE F 35 -14.88 -16.16 -49.92
CA ILE F 35 -15.02 -17.04 -48.77
C ILE F 35 -13.65 -17.17 -48.10
N GLY F 36 -12.61 -17.32 -48.93
CA GLY F 36 -11.22 -17.33 -48.53
C GLY F 36 -10.85 -16.17 -47.61
N HIS F 37 -11.28 -14.95 -47.98
CA HIS F 37 -11.06 -13.77 -47.14
C HIS F 37 -11.68 -13.91 -45.75
N ALA F 38 -12.91 -14.44 -45.68
CA ALA F 38 -13.59 -14.50 -44.39
C ALA F 38 -12.95 -15.53 -43.48
N TYR F 39 -12.50 -16.66 -44.07
CA TYR F 39 -11.93 -17.76 -43.32
C TYR F 39 -10.41 -17.66 -43.21
N GLY F 40 -9.77 -16.67 -43.89
CA GLY F 40 -8.32 -16.59 -44.05
C GLY F 40 -7.73 -15.27 -43.51
N GLY F 41 -8.47 -14.56 -42.66
CA GLY F 41 -7.95 -13.45 -41.90
C GLY F 41 -7.86 -12.21 -42.78
N MET F 42 -8.72 -12.20 -43.80
CA MET F 42 -8.84 -11.06 -44.69
C MET F 42 -7.58 -10.92 -45.55
N ARG F 43 -6.80 -11.99 -45.72
CA ARG F 43 -5.48 -11.81 -46.33
C ARG F 43 -5.63 -11.27 -47.74
N GLY F 44 -5.03 -10.11 -48.02
CA GLY F 44 -5.03 -9.50 -49.34
C GLY F 44 -6.19 -8.53 -49.57
N LEU F 45 -7.19 -8.54 -48.68
CA LEU F 45 -8.40 -7.78 -48.87
C LEU F 45 -8.13 -6.31 -48.52
N LYS F 46 -8.44 -5.41 -49.46
CA LYS F 46 -8.14 -3.99 -49.30
C LYS F 46 -9.24 -3.31 -48.49
N ALA F 47 -9.19 -3.52 -47.17
CA ALA F 47 -10.31 -3.21 -46.29
C ALA F 47 -10.05 -2.00 -45.39
N LEU F 48 -8.86 -1.42 -45.50
CA LEU F 48 -8.42 -0.36 -44.60
C LEU F 48 -7.68 0.71 -45.40
N VAL F 49 -7.72 1.94 -44.87
CA VAL F 49 -6.96 3.07 -45.39
C VAL F 49 -5.83 3.39 -44.42
N CYS F 50 -4.62 3.56 -44.96
CA CYS F 50 -3.52 4.11 -44.19
C CYS F 50 -2.66 5.02 -45.06
N ASP F 51 -2.33 6.22 -44.56
CA ASP F 51 -1.56 7.19 -45.33
C ASP F 51 -0.16 7.43 -44.75
N THR F 52 0.09 6.93 -43.53
CA THR F 52 1.42 7.05 -42.95
C THR F 52 2.43 6.18 -43.71
N SER F 53 2.02 4.96 -44.01
CA SER F 53 2.93 4.00 -44.62
C SER F 53 2.17 2.95 -45.44
N GLU F 54 2.94 2.23 -46.26
CA GLU F 54 2.42 1.29 -47.23
C GLU F 54 3.46 0.19 -47.37
N VAL F 55 3.02 -1.07 -47.23
CA VAL F 55 3.95 -2.18 -47.31
C VAL F 55 3.76 -2.84 -48.67
N PHE F 56 4.85 -2.86 -49.45
CA PHE F 56 4.86 -3.48 -50.76
C PHE F 56 5.31 -4.93 -50.60
N PRO F 57 4.55 -5.89 -51.15
CA PRO F 57 4.95 -7.29 -51.04
C PRO F 57 6.42 -7.48 -51.47
N ASP F 58 6.84 -6.85 -52.58
CA ASP F 58 8.15 -7.13 -53.17
C ASP F 58 9.25 -6.13 -52.78
N GLU F 59 8.95 -5.08 -52.01
CA GLU F 59 9.97 -4.13 -51.62
C GLU F 59 9.96 -3.85 -50.11
N GLY F 60 8.82 -4.00 -49.45
CA GLY F 60 8.75 -3.76 -48.03
C GLY F 60 8.14 -2.39 -47.79
N VAL F 61 8.48 -1.74 -46.67
CA VAL F 61 7.75 -0.56 -46.26
C VAL F 61 8.28 0.73 -46.92
N LYS F 62 7.34 1.65 -47.21
CA LYS F 62 7.66 3.04 -47.51
C LYS F 62 6.92 3.95 -46.55
N PHE F 63 7.63 4.89 -45.93
CA PHE F 63 7.04 5.92 -45.11
C PHE F 63 6.77 7.16 -45.97
N ARG F 64 5.49 7.42 -46.26
CA ARG F 64 5.09 8.56 -47.07
C ARG F 64 5.87 8.58 -48.39
N GLY F 65 6.08 7.38 -48.95
CA GLY F 65 6.70 7.22 -50.25
C GLY F 65 8.20 6.93 -50.18
N TYR F 66 8.85 7.27 -49.05
CA TYR F 66 10.30 7.14 -48.90
C TYR F 66 10.64 5.75 -48.37
N THR F 67 11.70 5.13 -48.93
CA THR F 67 12.24 3.88 -48.40
C THR F 67 13.06 4.14 -47.13
N ILE F 68 13.44 3.05 -46.47
CA ILE F 68 14.30 3.11 -45.30
C ILE F 68 15.70 3.64 -45.68
N PRO F 69 16.39 3.07 -46.71
CA PRO F 69 17.67 3.60 -47.15
C PRO F 69 17.57 5.09 -47.43
N GLU F 70 16.54 5.51 -48.16
CA GLU F 70 16.37 6.91 -48.48
C GLU F 70 16.40 7.79 -47.23
N LEU F 71 15.84 7.33 -46.10
CA LEU F 71 15.68 8.20 -44.93
C LEU F 71 16.84 8.04 -43.94
N ARG F 72 17.58 6.95 -44.10
CA ARG F 72 18.62 6.54 -43.17
C ARG F 72 20.00 7.00 -43.67
N GLU F 73 20.26 6.86 -44.97
CA GLU F 73 21.51 7.26 -45.60
C GLU F 73 21.24 8.17 -46.80
N GLY F 74 20.17 7.85 -47.54
CA GLY F 74 20.01 8.22 -48.94
C GLY F 74 19.87 9.72 -49.10
N PRO F 75 19.39 10.20 -50.27
CA PRO F 75 19.36 11.64 -50.55
C PRO F 75 18.47 12.42 -49.58
N HIS F 76 17.53 11.73 -48.92
CA HIS F 76 16.52 12.34 -48.06
C HIS F 76 16.72 11.93 -46.60
N LYS F 77 17.96 11.98 -46.11
CA LYS F 77 18.31 11.49 -44.79
C LYS F 77 17.73 12.37 -43.70
N LEU F 78 17.04 11.73 -42.76
CA LEU F 78 16.37 12.46 -41.68
C LEU F 78 17.43 13.00 -40.74
N PRO F 79 17.08 14.00 -39.91
CA PRO F 79 18.01 14.47 -38.89
C PRO F 79 18.33 13.39 -37.85
N THR F 80 19.61 13.41 -37.42
CA THR F 80 20.16 12.52 -36.40
C THR F 80 20.32 13.31 -35.10
N ALA F 81 20.76 12.64 -34.03
CA ALA F 81 21.36 13.33 -32.88
C ALA F 81 22.68 14.01 -33.28
N GLU F 82 23.13 14.98 -32.47
CA GLU F 82 24.46 15.58 -32.60
C GLU F 82 25.56 14.51 -32.65
N GLY F 83 26.29 14.43 -33.77
CA GLY F 83 27.38 13.49 -33.90
C GLY F 83 26.89 12.08 -34.22
N GLY F 84 25.58 11.96 -34.47
CA GLY F 84 24.92 10.68 -34.73
C GLY F 84 24.94 10.30 -36.20
N PHE F 85 24.56 9.04 -36.49
CA PHE F 85 24.29 8.56 -37.83
C PHE F 85 22.81 8.14 -37.97
N GLU F 86 22.29 7.42 -36.95
CA GLU F 86 20.99 6.79 -37.05
C GLU F 86 19.91 7.88 -37.02
N PRO F 87 18.85 7.76 -37.85
CA PRO F 87 17.76 8.74 -37.87
C PRO F 87 16.89 8.76 -36.62
N LEU F 88 16.48 9.95 -36.21
CA LEU F 88 15.71 10.05 -34.99
C LEU F 88 14.25 9.75 -35.29
N PRO F 89 13.57 8.97 -34.41
CA PRO F 89 12.13 8.73 -34.58
C PRO F 89 11.29 10.00 -34.58
N GLU F 90 11.72 11.03 -33.83
CA GLU F 90 11.01 12.30 -33.77
C GLU F 90 10.77 12.87 -35.18
N GLY F 91 11.76 12.78 -36.05
CA GLY F 91 11.63 13.29 -37.41
C GLY F 91 10.76 12.42 -38.31
N LEU F 92 10.87 11.09 -38.15
CA LEU F 92 10.02 10.14 -38.86
C LEU F 92 8.56 10.40 -38.53
N TRP F 93 8.27 10.62 -37.24
CA TRP F 93 6.92 10.94 -36.82
C TRP F 93 6.38 12.18 -37.56
N TYR F 94 7.21 13.23 -37.65
CA TYR F 94 6.80 14.46 -38.33
C TYR F 94 6.45 14.17 -39.79
N LEU F 95 7.25 13.30 -40.43
CA LEU F 95 6.97 12.85 -41.78
C LEU F 95 5.62 12.12 -41.85
N LEU F 96 5.40 11.16 -40.93
CA LEU F 96 4.19 10.35 -40.89
C LEU F 96 2.96 11.25 -40.84
N LEU F 97 2.93 12.25 -39.98
CA LEU F 97 1.77 13.13 -39.86
C LEU F 97 1.58 14.02 -41.10
N THR F 98 2.63 14.72 -41.56
CA THR F 98 2.49 15.82 -42.51
C THR F 98 2.67 15.35 -43.95
N GLY F 99 3.37 14.25 -44.19
CA GLY F 99 3.84 13.96 -45.54
C GLY F 99 5.10 14.77 -45.91
N GLU F 100 5.55 15.69 -45.06
CA GLU F 100 6.69 16.55 -45.37
C GLU F 100 7.92 16.17 -44.54
N LEU F 101 9.11 16.22 -45.17
CA LEU F 101 10.37 15.95 -44.49
C LEU F 101 10.68 17.07 -43.52
N PRO F 102 11.00 16.76 -42.25
CA PRO F 102 11.27 17.80 -41.25
C PRO F 102 12.66 18.41 -41.40
N THR F 103 12.81 19.67 -40.95
CA THR F 103 14.09 20.32 -40.72
C THR F 103 14.67 19.87 -39.38
N GLU F 104 15.93 20.25 -39.19
CA GLU F 104 16.60 20.19 -37.90
C GLU F 104 15.68 20.78 -36.84
N GLU F 105 15.19 22.01 -37.09
CA GLU F 105 14.48 22.75 -36.08
C GLU F 105 13.17 22.03 -35.75
N ASP F 106 12.46 21.49 -36.77
CA ASP F 106 11.19 20.82 -36.53
C ASP F 106 11.34 19.59 -35.62
N VAL F 107 12.48 18.87 -35.75
CA VAL F 107 12.76 17.69 -34.95
C VAL F 107 13.05 18.09 -33.50
N LYS F 108 13.79 19.18 -33.31
CA LYS F 108 14.08 19.69 -31.97
C LYS F 108 12.81 20.21 -31.29
N GLU F 109 11.83 20.64 -32.07
CA GLU F 109 10.56 21.06 -31.50
C GLU F 109 9.85 19.87 -30.87
N ILE F 110 9.90 18.71 -31.54
CA ILE F 110 9.23 17.50 -31.08
C ILE F 110 9.97 16.87 -29.91
N SER F 111 11.31 16.79 -30.03
CA SER F 111 12.14 16.24 -28.96
C SER F 111 11.88 16.97 -27.65
N ALA F 112 11.73 18.29 -27.74
CA ALA F 112 11.57 19.16 -26.58
C ALA F 112 10.19 18.95 -25.96
N GLU F 113 9.20 18.73 -26.85
CA GLU F 113 7.84 18.49 -26.43
C GLU F 113 7.75 17.14 -25.69
N PHE F 114 8.46 16.11 -26.19
CA PHE F 114 8.57 14.82 -25.52
C PHE F 114 9.27 14.99 -24.17
N THR F 115 10.35 15.77 -24.16
CA THR F 115 11.14 15.94 -22.94
C THR F 115 10.29 16.60 -21.84
N LYS F 116 9.62 17.69 -22.19
CA LYS F 116 8.86 18.46 -21.23
C LYS F 116 7.79 17.55 -20.58
N ARG F 117 7.03 16.80 -21.40
CA ARG F 117 5.88 16.05 -20.92
C ARG F 117 6.28 14.71 -20.29
N MET F 118 7.54 14.32 -20.44
CA MET F 118 8.12 13.18 -19.76
C MET F 118 7.99 13.30 -18.23
N GLN F 119 7.84 14.54 -17.74
CA GLN F 119 7.82 14.77 -16.30
C GLN F 119 6.40 14.62 -15.76
N ASN F 120 5.41 14.45 -16.65
CA ASN F 120 4.03 14.55 -16.22
C ASN F 120 3.33 13.19 -16.14
N VAL F 121 4.08 12.10 -15.90
CA VAL F 121 3.42 10.82 -15.71
C VAL F 121 2.90 10.79 -14.30
N PRO F 122 1.59 10.59 -14.07
CA PRO F 122 1.01 10.64 -12.73
C PRO F 122 1.59 9.61 -11.79
N GLN F 123 1.60 9.91 -10.50
CA GLN F 123 2.11 8.99 -9.49
C GLN F 123 1.29 7.70 -9.52
N TYR F 124 -0.04 7.77 -9.69
CA TYR F 124 -0.92 6.61 -9.67
C TYR F 124 -0.57 5.57 -10.75
N VAL F 125 0.02 5.95 -11.87
CA VAL F 125 0.42 4.94 -12.85
C VAL F 125 1.46 4.01 -12.23
N PHE F 126 2.42 4.60 -11.50
CA PHE F 126 3.47 3.84 -10.85
C PHE F 126 2.86 2.98 -9.73
N ASP F 127 1.87 3.51 -9.03
CA ASP F 127 1.12 2.70 -8.09
C ASP F 127 0.44 1.51 -8.78
N VAL F 128 -0.16 1.72 -9.97
CA VAL F 128 -0.80 0.61 -10.66
C VAL F 128 0.25 -0.45 -11.01
N LEU F 129 1.37 -0.01 -11.59
CA LEU F 129 2.44 -0.89 -12.00
C LEU F 129 2.94 -1.75 -10.84
N ARG F 130 3.06 -1.15 -9.65
CA ARG F 130 3.65 -1.83 -8.51
C ARG F 130 2.63 -2.78 -7.92
N ALA F 131 1.35 -2.44 -8.07
CA ALA F 131 0.28 -3.32 -7.61
C ALA F 131 0.30 -4.65 -8.35
N MET F 132 0.84 -4.64 -9.58
CA MET F 132 0.98 -5.86 -10.35
C MET F 132 2.11 -6.72 -9.81
N PRO F 133 1.96 -8.06 -9.69
CA PRO F 133 3.07 -8.90 -9.24
C PRO F 133 4.24 -8.79 -10.20
N VAL F 134 5.45 -8.77 -9.66
CA VAL F 134 6.62 -8.43 -10.43
C VAL F 134 6.86 -9.45 -11.53
N ASP F 135 6.33 -10.67 -11.42
CA ASP F 135 6.57 -11.69 -12.46
C ASP F 135 5.53 -11.60 -13.58
N THR F 136 4.71 -10.55 -13.59
CA THR F 136 3.79 -10.30 -14.68
C THR F 136 4.61 -9.99 -15.94
N HIS F 137 4.16 -10.52 -17.07
CA HIS F 137 4.82 -10.29 -18.34
C HIS F 137 4.86 -8.79 -18.64
N PRO F 138 6.00 -8.29 -19.17
CA PRO F 138 6.15 -6.87 -19.42
C PRO F 138 5.05 -6.25 -20.27
N MET F 139 4.54 -7.01 -21.25
CA MET F 139 3.60 -6.45 -22.21
C MET F 139 2.26 -6.21 -21.52
N THR F 140 1.93 -7.03 -20.52
CA THR F 140 0.74 -6.82 -19.70
C THR F 140 0.91 -5.58 -18.81
N MET F 141 2.10 -5.43 -18.20
CA MET F 141 2.44 -4.28 -17.38
C MET F 141 2.35 -3.01 -18.21
N PHE F 142 2.93 -3.04 -19.43
CA PHE F 142 2.97 -1.90 -20.31
C PHE F 142 1.55 -1.45 -20.65
N ALA F 143 0.76 -2.38 -21.15
CA ALA F 143 -0.62 -2.08 -21.53
C ALA F 143 -1.42 -1.52 -20.33
N ALA F 144 -1.25 -2.12 -19.16
CA ALA F 144 -2.03 -1.70 -18.01
C ALA F 144 -1.68 -0.28 -17.57
N GLY F 145 -0.40 0.07 -17.62
CA GLY F 145 -0.01 1.39 -17.17
C GLY F 145 -0.56 2.44 -18.12
N ILE F 146 -0.41 2.15 -19.42
CA ILE F 146 -0.92 3.02 -20.44
C ILE F 146 -2.41 3.20 -20.16
N LEU F 147 -3.08 2.09 -19.90
CA LEU F 147 -4.52 2.17 -19.71
C LEU F 147 -4.85 3.02 -18.47
N ALA F 148 -4.10 2.90 -17.39
CA ALA F 148 -4.44 3.62 -16.17
C ALA F 148 -4.45 5.12 -16.43
N MET F 149 -3.55 5.55 -17.32
CA MET F 149 -3.35 6.95 -17.60
C MET F 149 -4.49 7.54 -18.45
N GLN F 150 -5.41 6.69 -18.93
CA GLN F 150 -6.62 7.13 -19.61
C GLN F 150 -7.32 8.23 -18.79
N ARG F 151 -7.21 8.17 -17.46
CA ARG F 151 -7.80 9.19 -16.61
C ARG F 151 -7.41 10.61 -17.06
N GLU F 152 -6.23 10.79 -17.65
CA GLU F 152 -5.74 12.11 -18.03
C GLU F 152 -6.06 12.44 -19.51
N SER F 153 -6.96 11.70 -20.16
CA SER F 153 -7.20 11.93 -21.58
C SER F 153 -7.93 13.26 -21.76
N VAL F 154 -7.36 14.09 -22.64
CA VAL F 154 -7.97 15.32 -23.05
C VAL F 154 -9.11 14.98 -24.01
N PHE F 155 -8.93 13.95 -24.84
CA PHE F 155 -9.98 13.69 -25.82
C PHE F 155 -11.23 13.23 -25.10
N ALA F 156 -11.09 12.37 -24.09
CA ALA F 156 -12.27 11.83 -23.45
C ALA F 156 -12.93 12.93 -22.62
N LYS F 157 -12.15 13.83 -22.02
CA LYS F 157 -12.74 14.93 -21.26
C LYS F 157 -13.46 15.90 -22.20
N ARG F 158 -12.85 16.22 -23.36
CA ARG F 158 -13.40 17.18 -24.29
C ARG F 158 -14.62 16.55 -24.97
N TYR F 159 -14.60 15.24 -25.21
CA TYR F 159 -15.74 14.61 -25.85
C TYR F 159 -16.96 14.64 -24.94
N GLU F 160 -16.76 14.40 -23.64
CA GLU F 160 -17.81 14.36 -22.65
C GLU F 160 -18.42 15.75 -22.49
N GLU F 161 -17.61 16.80 -22.66
CA GLU F 161 -18.07 18.18 -22.46
C GLU F 161 -18.90 18.64 -23.65
N GLY F 162 -18.73 17.99 -24.80
CA GLY F 162 -19.24 18.49 -26.06
C GLY F 162 -18.12 19.19 -26.83
N MET F 163 -17.74 18.64 -27.97
CA MET F 163 -16.71 19.26 -28.81
C MET F 163 -17.07 18.90 -30.25
N ARG F 164 -16.74 19.77 -31.21
CA ARG F 164 -17.11 19.50 -32.58
C ARG F 164 -16.16 18.44 -33.13
N ARG F 165 -16.59 17.75 -34.18
CA ARG F 165 -15.79 16.72 -34.83
C ARG F 165 -14.47 17.33 -35.35
N GLU F 166 -14.46 18.64 -35.62
CA GLU F 166 -13.34 19.34 -36.25
C GLU F 166 -12.18 19.52 -35.27
N GLU F 167 -12.48 19.52 -33.96
CA GLU F 167 -11.44 19.63 -32.94
C GLU F 167 -10.88 18.27 -32.53
N HIS F 168 -11.38 17.17 -33.11
CA HIS F 168 -10.98 15.82 -32.74
C HIS F 168 -9.47 15.62 -32.89
N TRP F 169 -8.91 15.96 -34.05
CA TRP F 169 -7.51 15.70 -34.35
C TRP F 169 -6.63 16.46 -33.36
N GLU F 170 -7.09 17.63 -32.89
CA GLU F 170 -6.36 18.47 -31.95
C GLU F 170 -6.27 17.76 -30.60
N ALA F 171 -7.37 17.21 -30.13
CA ALA F 171 -7.36 16.53 -28.83
C ALA F 171 -6.54 15.24 -28.93
N MET F 172 -6.53 14.62 -30.10
CA MET F 172 -5.81 13.39 -30.32
C MET F 172 -4.30 13.67 -30.31
N LEU F 173 -3.91 14.84 -30.85
CA LEU F 173 -2.51 15.25 -30.93
C LEU F 173 -2.00 15.55 -29.54
N GLU F 174 -2.79 16.29 -28.75
CA GLU F 174 -2.40 16.66 -27.40
C GLU F 174 -2.15 15.39 -26.58
N ASP F 175 -3.03 14.39 -26.76
CA ASP F 175 -2.99 13.17 -25.97
C ASP F 175 -1.80 12.31 -26.40
N SER F 176 -1.60 12.20 -27.72
CA SER F 176 -0.48 11.51 -28.31
C SER F 176 0.86 12.05 -27.76
N LEU F 177 1.01 13.38 -27.71
CA LEU F 177 2.21 14.02 -27.22
C LEU F 177 2.40 13.56 -25.77
N ASN F 178 1.35 13.57 -24.98
CA ASN F 178 1.48 13.20 -23.57
C ASN F 178 1.81 11.72 -23.47
N MET F 179 1.13 10.89 -24.27
CA MET F 179 1.29 9.46 -24.11
C MET F 179 2.68 9.07 -24.60
N LEU F 180 3.12 9.62 -25.73
CA LEU F 180 4.41 9.24 -26.28
C LEU F 180 5.51 9.59 -25.27
N ALA F 181 5.40 10.76 -24.63
CA ALA F 181 6.33 11.14 -23.57
C ALA F 181 6.37 10.12 -22.45
N ALA F 182 5.20 9.50 -22.18
CA ALA F 182 5.05 8.63 -21.04
C ALA F 182 5.63 7.25 -21.31
N LEU F 183 5.66 6.83 -22.56
CA LEU F 183 5.91 5.41 -22.82
C LEU F 183 7.32 5.04 -22.38
N PRO F 184 8.40 5.79 -22.73
CA PRO F 184 9.74 5.49 -22.22
C PRO F 184 9.84 5.40 -20.69
N VAL F 185 9.19 6.31 -19.99
CA VAL F 185 9.17 6.29 -18.54
C VAL F 185 8.51 5.03 -18.04
N ILE F 186 7.36 4.69 -18.63
CA ILE F 186 6.60 3.53 -18.22
C ILE F 186 7.39 2.27 -18.53
N ALA F 187 7.94 2.19 -19.74
CA ALA F 187 8.70 1.04 -20.17
C ALA F 187 9.94 0.85 -19.29
N ALA F 188 10.65 1.95 -19.01
CA ALA F 188 11.84 1.88 -18.17
C ALA F 188 11.47 1.53 -16.74
N TYR F 189 10.31 1.93 -16.22
CA TYR F 189 9.95 1.54 -14.87
C TYR F 189 9.83 0.01 -14.78
N ILE F 190 9.27 -0.57 -15.84
CA ILE F 190 9.01 -2.01 -15.87
C ILE F 190 10.34 -2.75 -15.95
N TYR F 191 11.21 -2.28 -16.85
CA TYR F 191 12.55 -2.84 -16.98
C TYR F 191 13.31 -2.82 -15.67
N ARG F 192 13.34 -1.67 -14.99
CA ARG F 192 14.10 -1.50 -13.75
C ARG F 192 13.55 -2.39 -12.62
N ARG F 193 12.24 -2.33 -12.41
CA ARG F 193 11.61 -3.09 -11.36
C ARG F 193 11.88 -4.58 -11.54
N LYS F 194 11.74 -5.08 -12.78
CA LYS F 194 11.79 -6.52 -13.01
C LYS F 194 13.23 -7.02 -13.03
N TYR F 195 14.10 -6.27 -13.72
CA TYR F 195 15.38 -6.82 -14.14
C TYR F 195 16.60 -6.12 -13.55
N LYS F 196 16.44 -4.92 -12.98
CA LYS F 196 17.60 -4.20 -12.43
C LYS F 196 17.36 -3.76 -10.99
N GLY F 197 16.87 -4.64 -10.12
CA GLY F 197 16.87 -4.38 -8.69
C GLY F 197 15.94 -3.24 -8.22
N ASP F 198 14.96 -2.83 -9.03
CA ASP F 198 13.96 -1.88 -8.54
C ASP F 198 14.63 -0.60 -8.02
N THR F 199 15.63 -0.12 -8.80
CA THR F 199 16.12 1.25 -8.67
C THR F 199 15.79 1.99 -9.95
N HIS F 200 15.55 3.29 -9.80
CA HIS F 200 14.92 4.07 -10.85
C HIS F 200 15.76 5.30 -11.16
N ILE F 201 15.96 5.49 -12.47
CA ILE F 201 16.71 6.57 -13.06
C ILE F 201 15.69 7.51 -13.69
N ALA F 202 15.78 8.79 -13.30
CA ALA F 202 14.98 9.88 -13.85
C ALA F 202 15.37 10.19 -15.30
N PRO F 203 14.45 10.77 -16.09
CA PRO F 203 14.81 11.32 -17.40
C PRO F 203 15.92 12.35 -17.31
N ASP F 204 16.74 12.36 -18.37
CA ASP F 204 17.75 13.38 -18.61
C ASP F 204 17.18 14.35 -19.64
N PRO F 205 16.96 15.63 -19.28
CA PRO F 205 16.35 16.57 -20.22
C PRO F 205 17.20 16.93 -21.45
N ASN F 206 18.47 16.56 -21.48
CA ASN F 206 19.33 16.84 -22.62
C ASN F 206 19.33 15.73 -23.66
N LEU F 207 18.56 14.66 -23.43
CA LEU F 207 18.56 13.53 -24.36
C LEU F 207 17.33 13.59 -25.25
N ASP F 208 17.47 13.14 -26.50
CA ASP F 208 16.33 12.78 -27.32
C ASP F 208 15.60 11.58 -26.73
N TRP F 209 14.44 11.26 -27.32
CA TRP F 209 13.45 10.33 -26.78
C TRP F 209 14.01 8.91 -26.64
N SER F 210 14.62 8.40 -27.71
CA SER F 210 15.13 7.02 -27.76
C SER F 210 16.25 6.82 -26.74
N ALA F 211 17.16 7.81 -26.69
CA ALA F 211 18.34 7.75 -25.87
C ALA F 211 17.94 7.76 -24.42
N ASN F 212 16.92 8.54 -24.13
CA ASN F 212 16.42 8.71 -22.77
C ASN F 212 15.86 7.39 -22.28
N LEU F 213 15.29 6.58 -23.18
CA LEU F 213 14.78 5.28 -22.82
C LEU F 213 15.95 4.38 -22.39
N ALA F 214 16.98 4.27 -23.24
CA ALA F 214 18.19 3.58 -22.84
C ALA F 214 18.65 4.12 -21.49
N HIS F 215 18.75 5.45 -21.39
CA HIS F 215 19.30 6.07 -20.20
C HIS F 215 18.58 5.54 -18.98
N MET F 216 17.24 5.52 -19.04
CA MET F 216 16.38 5.22 -17.91
C MET F 216 16.35 3.70 -17.65
N MET F 217 16.67 2.89 -18.68
CA MET F 217 16.92 1.45 -18.54
C MET F 217 18.27 1.18 -17.86
N GLY F 218 19.24 2.09 -18.05
CA GLY F 218 20.56 1.96 -17.42
C GLY F 218 21.71 1.88 -18.43
N PHE F 219 21.52 2.27 -19.69
CA PHE F 219 22.54 2.09 -20.73
C PHE F 219 22.84 3.42 -21.42
N ASP F 220 24.10 3.86 -21.36
CA ASP F 220 24.43 5.23 -21.75
C ASP F 220 25.51 5.26 -22.84
N ASP F 221 25.92 4.11 -23.40
CA ASP F 221 26.86 4.15 -24.51
C ASP F 221 26.18 4.74 -25.74
N PHE F 222 26.94 5.60 -26.42
CA PHE F 222 26.56 6.18 -27.70
C PHE F 222 26.00 5.13 -28.65
N GLU F 223 26.71 4.02 -28.80
CA GLU F 223 26.27 2.98 -29.70
C GLU F 223 24.91 2.45 -29.25
N VAL F 224 24.65 2.39 -27.94
CA VAL F 224 23.36 1.95 -27.48
C VAL F 224 22.32 3.00 -27.86
N TYR F 225 22.65 4.28 -27.67
CA TYR F 225 21.73 5.33 -28.03
C TYR F 225 21.44 5.22 -29.54
N GLU F 226 22.48 5.02 -30.34
CA GLU F 226 22.29 4.81 -31.77
C GLU F 226 21.39 3.60 -32.08
N LEU F 227 21.55 2.49 -31.35
CA LEU F 227 20.74 1.30 -31.58
C LEU F 227 19.26 1.62 -31.32
N PHE F 228 18.97 2.31 -30.21
CA PHE F 228 17.61 2.66 -29.84
C PHE F 228 16.97 3.60 -30.86
N ARG F 229 17.76 4.53 -31.39
CA ARG F 229 17.27 5.47 -32.40
C ARG F 229 16.84 4.69 -33.63
N LEU F 230 17.71 3.80 -34.12
CA LEU F 230 17.40 2.99 -35.27
C LEU F 230 16.19 2.09 -34.97
N TYR F 231 16.17 1.52 -33.76
CA TYR F 231 15.10 0.59 -33.39
C TYR F 231 13.75 1.30 -33.38
N MET F 232 13.70 2.46 -32.72
CA MET F 232 12.45 3.20 -32.63
C MET F 232 12.00 3.62 -34.03
N PHE F 233 12.95 4.00 -34.86
CA PHE F 233 12.63 4.35 -36.24
C PHE F 233 12.05 3.16 -37.01
N LEU F 234 12.73 2.00 -36.95
CA LEU F 234 12.43 0.86 -37.81
C LEU F 234 11.07 0.25 -37.48
N HIS F 235 10.67 0.28 -36.19
CA HIS F 235 9.46 -0.38 -35.74
C HIS F 235 8.27 0.59 -35.63
N SER F 236 8.42 1.81 -36.15
CA SER F 236 7.44 2.88 -35.97
C SER F 236 6.06 2.51 -36.51
N ASP F 237 6.05 1.98 -37.74
CA ASP F 237 4.81 1.91 -38.48
C ASP F 237 4.98 0.88 -39.59
N HIS F 238 3.87 0.28 -40.03
CA HIS F 238 3.89 -0.72 -41.10
C HIS F 238 2.46 -0.86 -41.65
N GLU F 239 1.94 0.17 -42.35
CA GLU F 239 0.61 0.14 -42.92
C GLU F 239 -0.45 0.13 -41.80
N GLY F 240 -1.71 -0.03 -42.24
CA GLY F 240 -2.86 -0.06 -41.36
C GLY F 240 -3.20 -1.46 -40.89
N GLY F 241 -2.81 -2.48 -41.67
CA GLY F 241 -3.36 -3.83 -41.59
C GLY F 241 -2.73 -4.77 -40.54
N ASN F 242 -1.61 -4.40 -39.93
CA ASN F 242 -0.98 -5.24 -38.93
C ASN F 242 -1.86 -5.24 -37.68
N VAL F 243 -1.76 -6.29 -36.84
CA VAL F 243 -2.73 -6.47 -35.78
C VAL F 243 -2.75 -5.28 -34.83
N SER F 244 -1.57 -4.71 -34.55
CA SER F 244 -1.49 -3.63 -33.57
C SER F 244 -2.06 -2.34 -34.17
N ALA F 245 -1.61 -1.95 -35.37
CA ALA F 245 -2.13 -0.77 -36.04
C ALA F 245 -3.64 -0.87 -36.20
N HIS F 246 -4.13 -2.04 -36.57
CA HIS F 246 -5.52 -2.19 -36.94
C HIS F 246 -6.36 -2.17 -35.67
N THR F 247 -5.84 -2.77 -34.59
CA THR F 247 -6.57 -2.80 -33.33
C THR F 247 -6.74 -1.34 -32.88
N ASN F 248 -5.69 -0.55 -33.12
CA ASN F 248 -5.69 0.85 -32.75
C ASN F 248 -6.74 1.62 -33.56
N LEU F 249 -6.83 1.35 -34.87
CA LEU F 249 -7.82 2.01 -35.71
C LEU F 249 -9.23 1.58 -35.32
N LEU F 250 -9.40 0.28 -35.07
CA LEU F 250 -10.69 -0.28 -34.76
C LEU F 250 -11.30 0.38 -33.52
N VAL F 251 -10.51 0.45 -32.45
CA VAL F 251 -10.95 0.98 -31.18
C VAL F 251 -11.08 2.50 -31.28
N ASN F 252 -10.17 3.11 -32.06
CA ASN F 252 -10.23 4.54 -32.33
C ASN F 252 -11.57 4.90 -33.00
N SER F 253 -12.07 4.02 -33.86
CA SER F 253 -13.26 4.28 -34.69
C SER F 253 -14.53 4.46 -33.85
N ALA F 254 -14.56 3.88 -32.65
CA ALA F 254 -15.70 4.10 -31.77
C ALA F 254 -15.55 5.36 -30.92
N TYR F 255 -14.55 6.20 -31.23
CA TYR F 255 -14.20 7.41 -30.49
C TYR F 255 -13.54 7.08 -29.13
N SER F 256 -12.90 5.92 -29.03
CA SER F 256 -12.09 5.69 -27.85
C SER F 256 -10.77 6.46 -27.98
N ASP F 257 -10.28 7.01 -26.84
CA ASP F 257 -9.07 7.82 -26.85
C ASP F 257 -7.83 6.95 -27.03
N ILE F 258 -6.67 7.60 -27.25
CA ILE F 258 -5.43 6.92 -27.62
C ILE F 258 -4.95 5.98 -26.51
N TYR F 259 -5.19 6.35 -25.23
CA TYR F 259 -4.82 5.49 -24.13
C TYR F 259 -5.57 4.16 -24.26
N ARG F 260 -6.86 4.21 -24.61
CA ARG F 260 -7.66 2.99 -24.79
C ARG F 260 -7.26 2.29 -26.09
N SER F 261 -7.17 3.03 -27.20
CA SER F 261 -6.86 2.40 -28.48
C SER F 261 -5.46 1.79 -28.50
N PHE F 262 -4.49 2.44 -27.84
CA PHE F 262 -3.10 2.00 -27.94
C PHE F 262 -2.81 0.86 -26.94
N SER F 263 -3.31 0.93 -25.71
CA SER F 263 -3.19 -0.20 -24.81
C SER F 263 -3.83 -1.43 -25.43
N ALA F 264 -5.00 -1.24 -26.05
CA ALA F 264 -5.64 -2.27 -26.82
C ALA F 264 -4.69 -2.83 -27.88
N ALA F 265 -4.03 -1.95 -28.62
CA ALA F 265 -3.17 -2.40 -29.69
C ALA F 265 -2.00 -3.20 -29.12
N MET F 266 -1.60 -2.87 -27.88
CA MET F 266 -0.46 -3.54 -27.25
C MET F 266 -0.83 -4.96 -26.85
N ASN F 267 -2.08 -5.18 -26.40
CA ASN F 267 -2.58 -6.53 -26.19
C ASN F 267 -2.53 -7.37 -27.48
N GLY F 268 -2.58 -6.71 -28.65
CA GLY F 268 -2.44 -7.43 -29.91
C GLY F 268 -0.99 -7.68 -30.30
N LEU F 269 -0.15 -6.67 -30.08
CA LEU F 269 1.28 -6.79 -30.32
C LEU F 269 1.88 -7.92 -29.48
N ALA F 270 1.33 -8.15 -28.29
CA ALA F 270 1.81 -9.17 -27.36
C ALA F 270 1.56 -10.59 -27.85
N GLY F 271 0.83 -10.76 -28.96
CA GLY F 271 0.56 -12.10 -29.43
C GLY F 271 1.79 -12.74 -30.08
N PRO F 272 2.07 -14.02 -29.79
CA PRO F 272 3.12 -14.78 -30.46
C PRO F 272 3.27 -14.60 -31.97
N LEU F 273 2.18 -14.39 -32.69
CA LEU F 273 2.23 -14.29 -34.15
C LEU F 273 2.51 -12.86 -34.58
N HIS F 274 2.36 -11.89 -33.66
CA HIS F 274 2.61 -10.49 -33.94
C HIS F 274 3.95 -10.10 -33.29
N GLY F 275 3.98 -9.06 -32.45
CA GLY F 275 5.23 -8.49 -31.95
C GLY F 275 6.03 -9.44 -31.05
N LEU F 276 5.36 -10.38 -30.38
CA LEU F 276 5.99 -11.25 -29.38
C LEU F 276 7.00 -12.16 -30.05
N ALA F 277 6.97 -12.23 -31.38
CA ALA F 277 7.95 -13.01 -32.10
C ALA F 277 9.39 -12.53 -31.82
N ASN F 278 9.60 -11.25 -31.47
CA ASN F 278 10.95 -10.77 -31.23
C ASN F 278 11.49 -11.40 -29.96
N GLN F 279 10.58 -11.71 -29.03
CA GLN F 279 10.92 -12.49 -27.84
C GLN F 279 11.13 -13.97 -28.19
N GLU F 280 10.26 -14.47 -29.07
CA GLU F 280 10.16 -15.87 -29.39
C GLU F 280 11.38 -16.26 -30.20
N VAL F 281 11.86 -15.33 -31.05
CA VAL F 281 13.04 -15.58 -31.85
C VAL F 281 14.20 -15.92 -30.92
N LEU F 282 14.38 -15.13 -29.85
CA LEU F 282 15.53 -15.32 -28.97
C LEU F 282 15.37 -16.57 -28.12
N ARG F 283 14.18 -16.83 -27.61
CA ARG F 283 13.95 -18.03 -26.84
C ARG F 283 14.32 -19.25 -27.70
N TRP F 284 14.03 -19.17 -29.00
CA TRP F 284 14.23 -20.28 -29.92
C TRP F 284 15.71 -20.49 -30.21
N ILE F 285 16.44 -19.39 -30.48
CA ILE F 285 17.89 -19.38 -30.65
C ILE F 285 18.56 -19.94 -29.39
N GLN F 286 18.06 -19.57 -28.21
CA GLN F 286 18.60 -20.04 -26.96
C GLN F 286 18.52 -21.58 -26.88
N MET F 287 17.33 -22.15 -27.14
CA MET F 287 17.12 -23.59 -27.08
C MET F 287 18.05 -24.34 -28.06
N LEU F 288 18.17 -23.82 -29.28
CA LEU F 288 19.15 -24.19 -30.29
C LEU F 288 20.54 -24.33 -29.66
N TYR F 289 20.99 -23.22 -29.03
CA TYR F 289 22.37 -23.03 -28.64
C TYR F 289 22.71 -24.02 -27.53
N LYS F 290 21.70 -24.33 -26.70
CA LYS F 290 21.82 -25.26 -25.59
C LYS F 290 21.86 -26.69 -26.11
N LYS F 291 21.04 -26.99 -27.13
CA LYS F 291 20.96 -28.34 -27.65
C LYS F 291 22.28 -28.76 -28.30
N PHE F 292 23.01 -27.83 -28.91
CA PHE F 292 24.22 -28.19 -29.64
C PHE F 292 25.45 -27.57 -28.98
N GLY F 293 25.25 -27.11 -27.72
CA GLY F 293 26.26 -26.44 -26.89
C GLY F 293 27.10 -25.41 -27.64
N GLY F 294 26.49 -24.61 -28.54
CA GLY F 294 27.24 -23.64 -29.31
C GLY F 294 26.63 -23.44 -30.69
N VAL F 295 27.39 -22.79 -31.60
CA VAL F 295 26.94 -22.54 -32.96
C VAL F 295 26.81 -23.87 -33.72
N PRO F 296 25.59 -24.25 -34.16
CA PRO F 296 25.34 -25.57 -34.75
C PRO F 296 25.77 -25.61 -36.21
N THR F 297 25.96 -26.82 -36.73
CA THR F 297 26.26 -27.00 -38.14
C THR F 297 24.98 -26.72 -38.93
N LYS F 298 25.11 -26.64 -40.26
CA LYS F 298 23.97 -26.52 -41.13
C LYS F 298 22.97 -27.65 -40.85
N GLU F 299 23.50 -28.88 -40.81
CA GLU F 299 22.70 -30.08 -40.60
C GLU F 299 21.94 -30.00 -39.26
N GLN F 300 22.61 -29.63 -38.17
CA GLN F 300 21.97 -29.54 -36.86
C GLN F 300 20.84 -28.49 -36.81
N LEU F 301 20.99 -27.37 -37.53
CA LEU F 301 20.01 -26.29 -37.57
C LEU F 301 18.81 -26.74 -38.40
N GLU F 302 19.12 -27.43 -39.51
CA GLU F 302 18.15 -28.01 -40.40
C GLU F 302 17.24 -28.91 -39.57
N ARG F 303 17.86 -29.85 -38.86
CA ARG F 303 17.16 -30.83 -38.06
C ARG F 303 16.28 -30.09 -37.04
N PHE F 304 16.81 -28.99 -36.49
CA PHE F 304 16.15 -28.26 -35.42
C PHE F 304 14.93 -27.49 -35.95
N ALA F 305 15.06 -26.86 -37.11
CA ALA F 305 13.95 -26.17 -37.74
C ALA F 305 12.80 -27.16 -37.93
N TRP F 306 13.10 -28.30 -38.57
CA TRP F 306 12.15 -29.34 -38.90
C TRP F 306 11.45 -29.89 -37.66
N ASP F 307 12.20 -30.09 -36.56
CA ASP F 307 11.62 -30.56 -35.32
C ASP F 307 10.64 -29.55 -34.72
N THR F 308 10.89 -28.26 -34.90
CA THR F 308 9.92 -27.27 -34.45
C THR F 308 8.71 -27.27 -35.39
N LEU F 309 8.92 -27.40 -36.71
CA LEU F 309 7.81 -27.47 -37.64
C LEU F 309 6.94 -28.69 -37.36
N ASN F 310 7.58 -29.84 -37.14
CA ASN F 310 6.88 -31.11 -36.98
C ASN F 310 6.15 -31.20 -35.65
N SER F 311 6.58 -30.39 -34.67
CA SER F 311 5.91 -30.37 -33.38
C SER F 311 4.76 -29.36 -33.43
N GLY F 312 4.45 -28.81 -34.62
CA GLY F 312 3.30 -27.93 -34.79
C GLY F 312 3.55 -26.52 -34.24
N GLN F 313 4.82 -26.10 -34.22
CA GLN F 313 5.19 -24.77 -33.77
C GLN F 313 5.66 -23.94 -34.96
N VAL F 314 5.54 -22.63 -34.81
CA VAL F 314 6.03 -21.70 -35.81
C VAL F 314 7.54 -21.47 -35.62
N ILE F 315 8.31 -21.24 -36.70
CA ILE F 315 9.70 -20.79 -36.56
C ILE F 315 9.68 -19.27 -36.46
N PRO F 316 9.88 -18.63 -35.28
CA PRO F 316 9.72 -17.18 -35.16
C PRO F 316 10.71 -16.43 -36.04
N GLY F 317 10.26 -15.27 -36.54
CA GLY F 317 11.11 -14.30 -37.23
C GLY F 317 11.10 -14.48 -38.75
N TYR F 318 10.35 -15.48 -39.23
CA TYR F 318 10.20 -15.72 -40.65
C TYR F 318 8.72 -15.68 -41.02
N GLY F 319 8.46 -15.23 -42.24
CA GLY F 319 7.08 -15.14 -42.69
C GLY F 319 6.58 -13.71 -42.53
N HIS F 320 5.50 -13.41 -43.26
CA HIS F 320 4.85 -12.14 -43.20
C HIS F 320 3.51 -12.21 -43.93
N ALA F 321 2.57 -11.35 -43.56
CA ALA F 321 1.23 -11.39 -44.13
C ALA F 321 1.20 -10.72 -45.50
N VAL F 322 2.12 -9.78 -45.74
CA VAL F 322 2.19 -9.14 -47.05
C VAL F 322 3.58 -9.28 -47.67
N LEU F 323 4.65 -9.09 -46.90
CA LEU F 323 6.03 -9.25 -47.35
C LEU F 323 6.18 -10.59 -48.08
N ARG F 324 6.82 -10.59 -49.26
CA ARG F 324 7.15 -11.85 -49.94
C ARG F 324 8.65 -11.88 -50.25
N VAL F 325 9.42 -11.10 -49.47
CA VAL F 325 10.86 -10.92 -49.67
C VAL F 325 11.47 -10.55 -48.32
N THR F 326 12.80 -10.68 -48.24
CA THR F 326 13.52 -10.32 -47.04
C THR F 326 13.11 -8.88 -46.68
N ASP F 327 12.78 -8.67 -45.40
CA ASP F 327 12.23 -7.42 -44.85
C ASP F 327 13.32 -6.36 -44.79
N PRO F 328 13.13 -5.19 -45.42
CA PRO F 328 14.17 -4.17 -45.38
C PRO F 328 14.49 -3.66 -43.99
N ARG F 329 13.62 -3.95 -43.01
CA ARG F 329 13.91 -3.58 -41.63
C ARG F 329 14.92 -4.57 -41.08
N TYR F 330 14.86 -5.78 -41.64
CA TYR F 330 15.87 -6.82 -41.37
C TYR F 330 17.21 -6.42 -41.98
N VAL F 331 17.23 -6.11 -43.27
CA VAL F 331 18.44 -5.71 -43.96
C VAL F 331 19.13 -4.54 -43.25
N ALA F 332 18.33 -3.56 -42.80
CA ALA F 332 18.83 -2.42 -42.06
C ALA F 332 19.52 -2.89 -40.77
N GLN F 333 18.97 -3.90 -40.11
CA GLN F 333 19.50 -4.27 -38.82
C GLN F 333 20.76 -5.08 -39.03
N ARG F 334 20.80 -5.81 -40.15
CA ARG F 334 21.98 -6.59 -40.51
C ARG F 334 23.13 -5.62 -40.73
N ASP F 335 22.84 -4.56 -41.49
CA ASP F 335 23.79 -3.49 -41.76
C ASP F 335 24.38 -2.99 -40.45
N PHE F 336 23.51 -2.70 -39.47
CA PHE F 336 23.94 -2.21 -38.17
C PHE F 336 24.88 -3.24 -37.51
N ALA F 337 24.54 -4.54 -37.59
CA ALA F 337 25.37 -5.57 -36.96
C ALA F 337 26.74 -5.67 -37.65
N LEU F 338 26.75 -5.71 -38.99
CA LEU F 338 28.01 -5.82 -39.73
C LEU F 338 28.96 -4.69 -39.35
N LYS F 339 28.42 -3.49 -39.09
CA LYS F 339 29.21 -2.31 -38.81
C LYS F 339 29.72 -2.32 -37.37
N HIS F 340 28.88 -2.79 -36.42
CA HIS F 340 29.07 -2.55 -35.00
C HIS F 340 29.45 -3.82 -34.20
N LEU F 341 29.02 -5.01 -34.65
CA LEU F 341 29.22 -6.23 -33.87
C LEU F 341 29.38 -7.44 -34.79
N PRO F 342 30.30 -7.40 -35.78
CA PRO F 342 30.37 -8.43 -36.81
C PRO F 342 30.80 -9.82 -36.34
N ASP F 343 31.35 -9.89 -35.12
CA ASP F 343 31.99 -11.10 -34.59
C ASP F 343 31.15 -11.71 -33.47
N ASP F 344 29.97 -11.14 -33.17
CA ASP F 344 29.13 -11.64 -32.09
C ASP F 344 28.67 -13.07 -32.37
N GLU F 345 28.62 -13.94 -31.36
CA GLU F 345 28.23 -15.33 -31.55
C GLU F 345 26.79 -15.45 -32.06
N LEU F 346 25.84 -14.82 -31.33
CA LEU F 346 24.43 -14.88 -31.66
C LEU F 346 24.22 -14.34 -33.08
N PHE F 347 24.95 -13.27 -33.44
CA PHE F 347 24.80 -12.67 -34.75
C PHE F 347 25.18 -13.70 -35.82
N LYS F 348 26.22 -14.50 -35.52
CA LYS F 348 26.62 -15.58 -36.41
C LYS F 348 25.47 -16.58 -36.62
N ILE F 349 24.75 -16.92 -35.56
CA ILE F 349 23.62 -17.82 -35.65
C ILE F 349 22.49 -17.21 -36.48
N VAL F 350 22.26 -15.90 -36.32
CA VAL F 350 21.26 -15.19 -37.10
C VAL F 350 21.68 -15.18 -38.57
N SER F 351 22.96 -14.95 -38.85
CA SER F 351 23.44 -14.95 -40.23
C SER F 351 23.23 -16.34 -40.83
N LEU F 352 23.53 -17.37 -40.04
CA LEU F 352 23.38 -18.75 -40.49
C LEU F 352 21.91 -19.01 -40.80
N CYS F 353 21.05 -18.62 -39.85
CA CYS F 353 19.61 -18.77 -40.01
C CYS F 353 19.15 -18.15 -41.34
N TYR F 354 19.81 -17.07 -41.79
CA TYR F 354 19.37 -16.36 -43.00
C TYR F 354 19.61 -17.20 -44.26
N GLU F 355 20.63 -18.06 -44.25
CA GLU F 355 20.89 -19.01 -45.33
C GLU F 355 19.96 -20.22 -45.24
N VAL F 356 19.86 -20.81 -44.03
CA VAL F 356 19.27 -22.12 -43.85
C VAL F 356 17.74 -22.05 -43.77
N ILE F 357 17.18 -21.17 -42.90
CA ILE F 357 15.75 -21.22 -42.56
C ILE F 357 14.88 -21.01 -43.81
N PRO F 358 15.17 -20.03 -44.69
CA PRO F 358 14.42 -19.89 -45.93
C PRO F 358 14.42 -21.20 -46.73
N GLU F 359 15.56 -21.91 -46.69
CA GLU F 359 15.71 -23.12 -47.47
C GLU F 359 14.72 -24.13 -46.90
N VAL F 360 14.74 -24.29 -45.58
CA VAL F 360 13.83 -25.18 -44.89
C VAL F 360 12.36 -24.84 -45.21
N LEU F 361 12.02 -23.53 -45.19
CA LEU F 361 10.63 -23.13 -45.29
C LEU F 361 10.14 -23.32 -46.73
N LYS F 362 11.04 -23.27 -47.71
CA LYS F 362 10.68 -23.54 -49.09
C LYS F 362 10.30 -25.01 -49.24
N LYS F 363 11.09 -25.88 -48.62
CA LYS F 363 10.95 -27.32 -48.77
C LYS F 363 9.73 -27.81 -48.02
N HIS F 364 9.46 -27.18 -46.88
CA HIS F 364 8.31 -27.46 -46.05
C HIS F 364 7.03 -27.06 -46.77
N GLY F 365 7.08 -26.01 -47.59
CA GLY F 365 6.08 -25.80 -48.62
C GLY F 365 4.85 -24.99 -48.21
N LYS F 366 4.74 -24.56 -46.93
CA LYS F 366 3.54 -23.89 -46.43
C LYS F 366 3.66 -22.37 -46.42
N ALA F 367 4.83 -21.80 -46.05
CA ALA F 367 4.91 -20.36 -45.89
C ALA F 367 4.89 -19.66 -47.25
N LYS F 368 4.04 -18.64 -47.39
CA LYS F 368 3.98 -17.86 -48.61
C LYS F 368 5.22 -16.98 -48.71
N ASN F 369 5.80 -16.64 -47.55
CA ASN F 369 7.03 -15.89 -47.49
C ASN F 369 8.05 -16.64 -46.62
N PRO F 370 9.12 -17.22 -47.20
CA PRO F 370 10.13 -17.96 -46.44
C PRO F 370 11.21 -17.10 -45.79
N TRP F 371 11.18 -15.79 -46.06
CA TRP F 371 12.29 -14.93 -45.70
C TRP F 371 12.09 -14.34 -44.31
N PRO F 372 13.18 -13.81 -43.70
CA PRO F 372 13.09 -13.23 -42.36
C PRO F 372 12.39 -11.87 -42.35
N ASN F 373 11.79 -11.59 -41.19
CA ASN F 373 11.10 -10.36 -40.92
C ASN F 373 11.89 -9.65 -39.85
N VAL F 374 11.41 -8.44 -39.50
CA VAL F 374 12.05 -7.54 -38.55
C VAL F 374 12.42 -8.25 -37.24
N ASP F 375 11.66 -9.27 -36.79
CA ASP F 375 11.83 -9.76 -35.43
C ASP F 375 12.92 -10.80 -35.32
N ALA F 376 13.34 -11.34 -36.47
CA ALA F 376 14.50 -12.20 -36.54
C ALA F 376 15.79 -11.51 -36.05
N HIS F 377 15.92 -10.20 -36.32
CA HIS F 377 17.20 -9.51 -36.18
C HIS F 377 17.31 -8.65 -34.91
N SER F 378 16.19 -8.30 -34.27
CA SER F 378 16.23 -7.20 -33.33
C SER F 378 16.83 -7.63 -32.00
N GLY F 379 16.38 -8.78 -31.47
CA GLY F 379 16.85 -9.36 -30.22
C GLY F 379 18.38 -9.44 -30.13
N VAL F 380 19.07 -9.88 -31.19
CA VAL F 380 20.51 -10.11 -31.08
C VAL F 380 21.22 -8.78 -30.87
N LEU F 381 20.72 -7.72 -31.52
CA LEU F 381 21.32 -6.41 -31.37
C LEU F 381 21.28 -5.99 -29.91
N LEU F 382 20.13 -6.12 -29.26
CA LEU F 382 20.00 -5.72 -27.86
C LEU F 382 20.88 -6.57 -26.95
N TRP F 383 20.89 -7.88 -27.21
CA TRP F 383 21.59 -8.84 -26.39
C TRP F 383 23.09 -8.53 -26.30
N HIS F 384 23.66 -8.17 -27.44
CA HIS F 384 25.04 -7.74 -27.54
C HIS F 384 25.37 -6.66 -26.51
N TYR F 385 24.49 -5.65 -26.33
CA TYR F 385 24.78 -4.50 -25.49
C TYR F 385 24.34 -4.79 -24.05
N GLY F 386 24.08 -6.06 -23.73
CA GLY F 386 23.73 -6.40 -22.38
C GLY F 386 22.25 -6.19 -22.07
N ILE F 387 21.37 -6.11 -23.08
CA ILE F 387 19.93 -6.17 -22.80
C ILE F 387 19.50 -7.56 -23.19
N ARG F 388 19.49 -8.47 -22.22
CA ARG F 388 19.35 -9.88 -22.48
C ARG F 388 17.98 -10.40 -22.06
N GLU F 389 17.11 -9.53 -21.53
CA GLU F 389 15.80 -9.94 -21.06
C GLU F 389 14.82 -9.95 -22.23
N TYR F 390 14.67 -11.13 -22.87
CA TYR F 390 13.94 -11.24 -24.12
C TYR F 390 12.43 -11.07 -23.90
N ASP F 391 11.90 -11.25 -22.68
CA ASP F 391 10.49 -11.02 -22.42
C ASP F 391 10.13 -9.54 -22.51
N PHE F 392 11.13 -8.68 -22.55
CA PHE F 392 10.91 -7.24 -22.57
C PHE F 392 10.93 -6.73 -24.00
N TYR F 393 11.35 -7.56 -24.95
CA TYR F 393 11.70 -7.03 -26.25
C TYR F 393 10.48 -6.45 -26.97
N THR F 394 9.28 -7.00 -26.70
CA THR F 394 8.07 -6.55 -27.37
C THR F 394 7.59 -5.22 -26.79
N VAL F 395 7.95 -4.89 -25.55
CA VAL F 395 7.74 -3.55 -25.03
C VAL F 395 8.53 -2.51 -25.82
N LEU F 396 9.78 -2.80 -26.17
CA LEU F 396 10.53 -1.82 -26.94
C LEU F 396 9.81 -1.60 -28.28
N PHE F 397 9.31 -2.68 -28.85
CA PHE F 397 8.58 -2.61 -30.09
C PHE F 397 7.39 -1.68 -29.93
N GLY F 398 6.67 -1.84 -28.81
CA GLY F 398 5.49 -1.04 -28.53
C GLY F 398 5.78 0.46 -28.47
N VAL F 399 6.82 0.85 -27.72
CA VAL F 399 7.22 2.24 -27.62
C VAL F 399 7.36 2.79 -29.03
N SER F 400 8.08 2.08 -29.90
CA SER F 400 8.28 2.53 -31.28
C SER F 400 6.94 2.65 -32.00
N ARG F 401 6.13 1.60 -31.91
CA ARG F 401 4.95 1.44 -32.75
C ARG F 401 3.86 2.44 -32.35
N ALA F 402 3.96 2.99 -31.14
CA ALA F 402 3.10 4.08 -30.73
C ALA F 402 3.20 5.27 -31.69
N LEU F 403 4.39 5.44 -32.31
CA LEU F 403 4.60 6.52 -33.26
C LEU F 403 3.58 6.37 -34.41
N GLY F 404 3.60 5.21 -35.06
CA GLY F 404 2.65 4.94 -36.12
C GLY F 404 1.20 4.99 -35.61
N CYS F 405 0.92 4.39 -34.45
CA CYS F 405 -0.44 4.35 -33.96
C CYS F 405 -0.97 5.76 -33.72
N THR F 406 -0.12 6.64 -33.15
CA THR F 406 -0.54 8.01 -32.87
C THR F 406 -0.73 8.74 -34.20
N ALA F 407 0.17 8.55 -35.16
CA ALA F 407 0.06 9.32 -36.39
C ALA F 407 -1.24 8.95 -37.11
N GLN F 408 -1.57 7.66 -37.20
CA GLN F 408 -2.80 7.18 -37.84
C GLN F 408 -4.07 7.64 -37.12
N ALA F 409 -4.13 7.48 -35.79
CA ALA F 409 -5.32 7.89 -35.05
C ALA F 409 -5.60 9.39 -35.24
N ILE F 410 -4.56 10.24 -35.17
CA ILE F 410 -4.72 11.68 -35.36
C ILE F 410 -5.32 11.96 -36.75
N LEU F 411 -4.76 11.32 -37.77
CA LEU F 411 -5.14 11.61 -39.15
C LEU F 411 -6.57 11.18 -39.40
N VAL F 412 -6.90 9.98 -38.98
CA VAL F 412 -8.18 9.36 -39.30
C VAL F 412 -9.32 10.06 -38.54
N ARG F 413 -9.04 10.66 -37.39
CA ARG F 413 -10.02 11.51 -36.76
C ARG F 413 -10.05 12.88 -37.45
N GLY F 414 -8.98 13.23 -38.17
CA GLY F 414 -8.97 14.46 -38.96
C GLY F 414 -9.86 14.27 -40.18
N TYR F 415 -9.75 13.10 -40.83
CA TYR F 415 -10.53 12.73 -42.01
C TYR F 415 -11.99 12.46 -41.67
N MET F 416 -12.27 12.13 -40.42
CA MET F 416 -13.59 11.80 -39.93
C MET F 416 -14.10 10.50 -40.56
N LEU F 417 -13.27 9.43 -40.50
CA LEU F 417 -13.71 8.12 -40.93
C LEU F 417 -14.68 7.57 -39.89
N PRO F 418 -15.64 6.70 -40.28
CA PRO F 418 -16.66 6.19 -39.37
C PRO F 418 -16.19 4.97 -38.63
N ILE F 419 -17.07 4.47 -37.75
CA ILE F 419 -16.90 3.24 -37.01
C ILE F 419 -16.61 2.09 -37.97
N GLU F 420 -15.70 1.21 -37.57
CA GLU F 420 -15.40 0.01 -38.35
C GLU F 420 -16.39 -1.06 -37.91
N ARG F 421 -17.09 -1.65 -38.90
CA ARG F 421 -18.11 -2.64 -38.66
C ARG F 421 -18.34 -3.46 -39.94
N PRO F 422 -17.46 -4.47 -40.17
CA PRO F 422 -17.63 -5.40 -41.27
C PRO F 422 -18.83 -6.28 -40.96
N LYS F 423 -19.22 -7.08 -41.97
CA LYS F 423 -20.26 -8.09 -41.84
C LYS F 423 -19.64 -9.47 -41.56
N SER F 424 -20.18 -10.19 -40.56
CA SER F 424 -19.79 -11.56 -40.34
C SER F 424 -20.76 -12.48 -41.10
N ILE F 425 -20.26 -13.67 -41.45
CA ILE F 425 -21.06 -14.71 -42.08
C ILE F 425 -20.94 -15.99 -41.24
N THR F 426 -21.94 -16.90 -41.37
CA THR F 426 -21.94 -18.17 -40.67
C THR F 426 -21.48 -19.25 -41.63
N THR F 427 -21.04 -20.37 -41.06
CA THR F 427 -20.58 -21.54 -41.78
C THR F 427 -21.79 -22.24 -42.39
N ARG F 428 -22.93 -22.26 -41.66
CA ARG F 428 -24.20 -22.77 -42.17
C ARG F 428 -24.56 -22.06 -43.48
N TRP F 429 -24.52 -20.73 -43.51
CA TRP F 429 -24.79 -20.00 -44.72
C TRP F 429 -23.84 -20.43 -45.85
N VAL F 430 -22.58 -20.62 -45.51
CA VAL F 430 -21.55 -20.86 -46.51
C VAL F 430 -21.82 -22.21 -47.19
N LYS F 431 -22.15 -23.24 -46.38
CA LYS F 431 -22.49 -24.57 -46.88
C LYS F 431 -23.66 -24.48 -47.89
N GLU F 432 -24.75 -23.82 -47.50
CA GLU F 432 -25.96 -23.77 -48.31
C GLU F 432 -25.69 -23.09 -49.65
N VAL F 433 -24.86 -22.04 -49.63
CA VAL F 433 -24.81 -21.06 -50.70
C VAL F 433 -23.61 -21.29 -51.64
N ALA F 434 -22.57 -21.98 -51.19
CA ALA F 434 -21.27 -21.90 -51.85
C ALA F 434 -21.32 -22.39 -53.29
N GLU F 435 -22.05 -23.48 -53.54
CA GLU F 435 -22.04 -24.08 -54.87
C GLU F 435 -22.54 -23.05 -55.89
N SER F 436 -23.45 -22.18 -55.46
CA SER F 436 -24.10 -21.22 -56.34
C SER F 436 -23.24 -19.98 -56.62
N LEU F 437 -22.15 -19.79 -55.88
CA LEU F 437 -21.41 -18.54 -55.97
C LEU F 437 -20.42 -18.63 -57.13
N PRO F 438 -20.16 -17.52 -57.86
CA PRO F 438 -19.10 -17.50 -58.87
C PRO F 438 -17.69 -17.67 -58.32
N VAL F 439 -16.82 -18.31 -59.12
CA VAL F 439 -15.38 -18.33 -58.87
C VAL F 439 -14.82 -16.96 -59.21
N ALA F 440 -13.89 -16.46 -58.37
CA ALA F 440 -13.29 -15.16 -58.61
C ALA F 440 -12.07 -15.33 -59.51
N GLY F 441 -11.84 -14.34 -60.41
CA GLY F 441 -10.65 -14.32 -61.26
C GLY F 441 -10.11 -12.90 -61.35
O1 OAA G . -19.19 18.44 32.33
O2 OAA G . -17.89 20.13 31.81
O4 OAA G . -18.51 14.71 31.27
O5 OAA G . -17.79 16.04 29.74
O3 OAA G . -17.42 16.17 33.00
C1 OAA G . -18.12 18.92 31.95
C2 OAA G . -17.00 17.94 31.59
C3 OAA G . -17.45 16.55 31.84
C4 OAA G . -17.94 15.75 30.92
N1A ACO H . -6.98 27.54 44.28
C2A ACO H . -8.00 27.13 45.06
N3A ACO H . -8.99 26.28 44.77
C4A ACO H . -8.87 25.82 43.52
C5A ACO H . -7.88 26.15 42.60
C6A ACO H . -6.88 27.05 43.02
N6A ACO H . -5.87 27.45 42.26
N7A ACO H . -8.09 25.46 41.40
C8A ACO H . -9.19 24.75 41.61
N9A ACO H . -9.70 24.95 42.88
C1B ACO H . -10.91 24.34 43.47
C2B ACO H . -11.82 25.34 44.20
O2B ACO H . -11.54 25.27 45.58
C3B ACO H . -13.24 24.93 43.79
O3B ACO H . -13.89 23.92 44.55
P3B ACO H . -15.30 24.30 45.30
O7A ACO H . -15.82 25.61 44.68
O8A ACO H . -14.81 24.47 46.74
O9A ACO H . -16.34 23.18 45.18
C4B ACO H . -13.02 24.33 42.42
O4B ACO H . -11.69 23.79 42.42
C5B ACO H . -13.14 25.28 41.27
O5B ACO H . -12.46 24.66 40.17
P1A ACO H . -12.02 25.55 38.93
O1A ACO H . -10.58 25.25 38.62
O2A ACO H . -12.40 26.97 39.22
O3A ACO H . -13.01 24.92 37.81
P2A ACO H . -13.15 25.00 36.19
O4A ACO H . -12.64 23.74 35.54
O5A ACO H . -14.58 25.35 35.90
O6A ACO H . -12.09 26.20 35.92
CBP ACO H . -12.23 28.71 35.95
CCP ACO H . -12.43 27.41 35.15
CDP ACO H . -12.33 29.93 35.02
CEP ACO H . -13.34 28.81 37.02
CAP ACO H . -10.85 28.63 36.62
OAP ACO H . -10.03 27.86 35.72
C9P ACO H . -10.06 29.87 37.01
O9P ACO H . -10.39 30.57 37.97
N8P ACO H . -8.99 30.13 36.26
C7P ACO H . -7.71 30.30 36.90
C6P ACO H . -7.31 28.95 37.47
C5P ACO H . -6.07 28.91 38.34
O5P ACO H . -6.15 28.81 39.55
N4P ACO H . -4.90 28.93 37.70
C3P ACO H . -4.74 28.96 36.25
C2P ACO H . -4.85 30.36 35.64
S1P ACO H . -3.72 31.69 36.20
C ACO H . -2.99 32.05 37.80
O ACO H . -3.11 31.34 38.77
CH3 ACO H . -2.24 33.35 37.86
O1 OAA I . -17.30 36.87 11.32
O2 OAA I . -15.14 37.16 11.22
O4 OAA I . -15.18 37.61 7.64
O5 OAA I . -13.32 36.52 7.36
O3 OAA I . -13.92 34.96 9.15
C1 OAA I . -16.18 36.67 10.79
C2 OAA I . -16.09 35.75 9.58
C3 OAA I . -14.76 35.80 8.87
C4 OAA I . -14.41 36.68 7.93
O1 OAA J . -24.44 -4.60 -33.53
O2 OAA J . -23.03 -3.31 -34.25
O4 OAA J . -24.84 -5.03 -29.82
O5 OAA J . -22.94 -4.44 -30.66
O3 OAA J . -26.08 -3.25 -31.18
C1 OAA J . -23.88 -3.59 -33.50
C2 OAA J . -24.25 -2.61 -32.41
C3 OAA J . -24.88 -3.40 -31.34
C4 OAA J . -24.18 -4.30 -30.58
N1A COA K . -31.35 10.22 -35.22
C2A COA K . -30.96 11.08 -36.18
N3A COA K . -30.39 10.84 -37.36
C4A COA K . -30.22 9.52 -37.54
C5A COA K . -30.60 8.52 -36.67
C6A COA K . -31.18 8.90 -35.45
N6A COA K . -31.55 8.03 -34.52
N7A COA K . -30.27 7.29 -37.22
C8A COA K . -29.72 7.56 -38.38
N9A COA K . -29.70 8.91 -38.65
C1B COA K . -29.07 9.59 -39.82
C2B COA K . -27.55 9.47 -39.73
O2B COA K . -26.90 10.43 -38.93
C3B COA K . -27.17 9.70 -41.18
O3B COA K . -27.15 11.13 -41.23
P3B COA K . -26.28 11.81 -42.41
O7A COA K . -24.84 11.37 -42.18
O8A COA K . -26.50 13.32 -42.24
O9A COA K . -26.85 11.26 -43.72
C4B COA K . -28.31 9.04 -41.96
O4B COA K . -29.43 8.97 -41.03
C5B COA K . -28.01 7.66 -42.51
O5B COA K . -27.51 6.78 -41.44
P1A COA K . -27.95 5.22 -41.31
O1A COA K . -27.42 4.39 -42.43
O2A COA K . -29.41 5.10 -41.04
O3A COA K . -27.18 4.82 -39.97
P2A COA K . -25.65 4.63 -39.56
O4A COA K . -25.23 3.21 -39.75
O5A COA K . -24.77 5.74 -40.07
O6A COA K . -25.87 4.92 -38.02
CBP COA K . -26.34 4.50 -35.75
CCP COA K . -26.02 3.85 -37.08
CDP COA K . -26.73 3.44 -34.71
CEP COA K . -25.12 5.29 -35.25
CAP COA K . -27.50 5.46 -36.07
OAP COA K . -28.74 4.79 -36.36
C9P COA K . -27.59 6.42 -34.90
O9P COA K . -26.83 7.39 -34.91
N8P COA K . -28.39 6.12 -33.88
C7P COA K . -28.47 6.91 -32.64
C6P COA K . -27.52 6.45 -31.51
C5P COA K . -27.93 5.11 -30.93
O5P COA K . -28.99 5.00 -30.31
N4P COA K . -27.13 4.05 -31.18
C3P COA K . -27.36 2.69 -30.71
C2P COA K . -26.58 1.64 -31.48
S1P COA K . -27.09 -0.05 -31.04
O1 OAA L . 19.28 -34.29 8.17
O2 OAA L . 19.72 -32.17 8.04
O4 OAA L . 23.25 -33.83 11.61
O5 OAA L . 24.09 -34.10 9.62
O3 OAA L . 20.98 -33.97 10.59
C1 OAA L . 20.08 -33.35 8.15
C2 OAA L . 21.57 -33.67 8.33
C3 OAA L . 21.91 -33.89 9.81
C4 OAA L . 23.12 -33.94 10.36
O1 OAA M . 1.26 -7.61 -40.55
O2 OAA M . 2.55 -7.70 -38.80
O4 OAA M . 5.63 -6.68 -39.70
O5 OAA M . 5.20 -5.72 -37.82
O3 OAA M . 3.67 -4.77 -38.34
C1 OAA M . 2.22 -7.20 -39.87
C2 OAA M . 3.00 -5.95 -40.33
C3 OAA M . 3.92 -5.60 -39.20
C4 OAA M . 4.92 -6.09 -38.92
N1A ACO N . 6.95 -21.04 -39.32
C2A ACO N . 6.06 -22.03 -39.54
N3A ACO N . 5.01 -22.06 -40.34
C4A ACO N . 4.87 -20.89 -41.00
C5A ACO N . 5.68 -19.79 -40.86
C6A ACO N . 6.78 -19.88 -39.98
N6A ACO N . 7.64 -18.89 -39.80
N7A ACO N . 5.24 -18.76 -41.69
C8A ACO N . 4.19 -19.27 -42.30
N9A ACO N . 3.91 -20.57 -41.91
C1B ACO N . 2.76 -21.42 -42.31
C2B ACO N . 1.45 -21.00 -41.65
O2B ACO N . 1.26 -21.39 -40.31
C3B ACO N . 0.45 -21.70 -42.58
O3B ACO N . 0.39 -23.07 -42.21
P3B ACO N . -1.13 -23.67 -42.25
O7A ACO N . -2.12 -22.84 -41.47
O8A ACO N . -0.99 -25.07 -41.66
O9A ACO N . -1.48 -23.69 -43.75
C4B ACO N . 1.10 -21.47 -43.94
O4B ACO N . 2.52 -21.29 -43.70
C5B ACO N . 0.56 -20.28 -44.71
O5B ACO N . 0.69 -19.08 -43.90
P1A ACO N . 1.29 -17.76 -44.57
O1A ACO N . 0.39 -17.22 -45.62
O2A ACO N . 2.71 -17.97 -44.98
O3A ACO N . 1.25 -16.85 -43.25
P2A ACO N . 0.19 -15.74 -42.81
O4A ACO N . -0.01 -14.74 -43.90
O5A ACO N . -0.93 -16.44 -42.11
O6A ACO N . 1.09 -14.87 -41.81
CBP ACO N . 2.70 -15.02 -40.00
CCP ACO N . 1.26 -15.30 -40.46
CDP ACO N . 3.31 -13.80 -40.69
CEP ACO N . 2.60 -14.72 -38.51
CAP ACO N . 3.55 -16.27 -40.32
OAP ACO N . 4.54 -15.99 -41.30
C9P ACO N . 4.14 -16.77 -39.02
O9P ACO N . 3.44 -17.45 -38.29
N8P ACO N . 5.36 -16.36 -38.67
C7P ACO N . 5.89 -16.51 -37.32
C6P ACO N . 5.59 -15.29 -36.46
C5P ACO N . 6.61 -14.19 -36.62
O5P ACO N . 7.75 -14.48 -36.96
N4P ACO N . 6.22 -12.92 -36.62
C3P ACO N . 5.18 -12.37 -37.46
C2P ACO N . 5.75 -11.58 -38.63
S1P ACO N . 6.38 -9.90 -38.26
C ACO N . 5.56 -8.83 -36.92
O ACO N . 6.20 -7.89 -36.48
CH3 ACO N . 4.09 -9.10 -36.43
#